data_7M31
#
_entry.id   7M31
#
_cell.length_a   82.040
_cell.length_b   159.560
_cell.length_c   162.950
_cell.angle_alpha   90.000
_cell.angle_beta   95.750
_cell.angle_gamma   90.000
#
_symmetry.space_group_name_H-M   'P 1 21 1'
#
loop_
_entity.id
_entity.type
_entity.pdbx_description
1 polymer 'Dihydropyrimidine dehydrogenase [NADP(+)]'
2 non-polymer 'IRON/SULFUR CLUSTER'
3 non-polymer 'FLAVIN-ADENINE DINUCLEOTIDE'
4 non-polymer 'NADP NICOTINAMIDE-ADENINE-DINUCLEOTIDE PHOSPHATE'
5 non-polymer 'FLAVIN MONONUCLEOTIDE'
6 non-polymer THYMINE
7 non-polymer PROLINE
8 water water
#
_entity_poly.entity_id   1
_entity_poly.type   'polypeptide(L)'
_entity_poly.pdbx_seq_one_letter_code
;MAPVLSKDVADIESILALNPRTQSHAALHSTLAKKLDKKHWKRNPDKNCFHCEKLENNFDDIKHTTLGERGALREAMRCL
KCADAPCQKSCPTHLDIKSFITSISNKNYYGAAKMIFSDNPLGLTCGMVCPTSDLCVGGCNLYATEEGSINIGGLQQFAS
EVFKAMNIPQIRNPCLPSQEKMPEAYSAKIALLGAGPASISCASFLARLGYSDITIFEKQEYVGGLSTSEIPQFRLPYDV
VNFEIELMKDLGVKIICGKSLSENEITLNTLKEEGYKAAFIGIGLPEPKTDDIFQGLTQDQGFYTSKDFLPLVAKSSKAG
MCACHSPLPSIRGAVIVLGAGDTAFDCATSALRCGARRVFLVFRKGFVNIRAVPEEVELAKEEKCEFLPFLSPRKVIVKG
GRIVAVQFVRTEQDETGKWNEDEDQIVHLKADVVISAFGSVLRDPKVKEALSPIKFNRWDLPEVDPETMQTSEPWVFAGG
DIVGMANTTVESVNDGKQASWYIHKYIQAQYGASVSAKPELPLFYTPVDLVDISVEMAGLKFINPFGLASAAPTTSSSMI
RRAFEAGWGFALTKTFSLDKDIVTNVSPRIVRGTTSGPMYGPGQSSFLNIELISEKTAAYWCQSVTELKADFPDNIVIAS
IMCSYNKNDWMELSRKAEASGADALELNLSSPHGMGERGMGLACGQDPELVRNICRWVRQAVQIPFFAKLTPNVTDIVSI
ARAAKEGGADGVTATNTVSGLMGLKADGTPWPAVGAGKRTTYGGVSGTAIRPIALRAVTTIARALPGFPILATGGIDSAE
SGLQFLHSGASVLQVCSAVQNQDFTVIQDYCTGLKALLYLKSIEELQGWDGQSPGTESHQKGKPVPRIAELMGKKLPNFG
PYLEQRKKIIAEEKMRLKEQNAAFPPLERKPFIPKKPIPAIKDVIGKALQYLGTFGELSNIEQVVAVIDEEMCINCGKCY
MTCNDSGYQAIQFDPETHLPTVTDTCTGCTLCLSVCPIIDCIRMVSRTTPYEPKRGLPLAVNPVC
;
_entity_poly.pdbx_strand_id   A,B,C,D
#
# COMPACT_ATOMS: atom_id res chain seq x y z
N PRO A 3 -15.16 -0.05 -54.71
CA PRO A 3 -15.09 1.40 -54.69
C PRO A 3 -13.67 1.91 -54.45
N VAL A 4 -13.44 3.22 -54.60
CA VAL A 4 -12.11 3.78 -54.35
C VAL A 4 -12.00 3.99 -52.84
N LEU A 5 -11.25 3.12 -52.18
CA LEU A 5 -11.16 3.15 -50.72
C LEU A 5 -10.42 4.39 -50.22
N SER A 6 -9.47 4.90 -51.00
CA SER A 6 -8.62 6.00 -50.58
C SER A 6 -9.21 7.37 -50.92
N LYS A 7 -10.51 7.44 -51.18
CA LYS A 7 -11.17 8.71 -51.40
C LYS A 7 -12.31 8.89 -50.41
N ASP A 8 -12.58 10.14 -50.05
CA ASP A 8 -13.69 10.47 -49.18
C ASP A 8 -15.00 10.33 -49.94
N VAL A 9 -15.99 9.70 -49.33
CA VAL A 9 -17.33 9.68 -49.93
C VAL A 9 -17.94 11.06 -49.79
N ALA A 10 -19.07 11.29 -50.46
CA ALA A 10 -19.62 12.62 -50.58
C ALA A 10 -19.90 13.26 -49.21
N ASP A 11 -20.46 12.52 -48.26
CA ASP A 11 -20.81 13.18 -47.01
C ASP A 11 -19.58 13.48 -46.16
N ILE A 12 -18.50 12.74 -46.32
CA ILE A 12 -17.26 13.09 -45.63
C ILE A 12 -16.63 14.31 -46.29
N GLU A 13 -16.73 14.40 -47.62
CA GLU A 13 -16.20 15.57 -48.32
C GLU A 13 -16.88 16.85 -47.83
N SER A 14 -18.19 16.77 -47.55
CA SER A 14 -18.88 17.96 -47.07
C SER A 14 -18.50 18.26 -45.62
N ILE A 15 -18.31 17.24 -44.80
CA ILE A 15 -17.81 17.46 -43.44
C ILE A 15 -16.47 18.19 -43.48
N LEU A 16 -15.63 17.87 -44.45
CA LEU A 16 -14.31 18.47 -44.60
C LEU A 16 -14.33 19.84 -45.27
N ALA A 17 -15.51 20.45 -45.44
CA ALA A 17 -15.62 21.64 -46.28
C ALA A 17 -14.74 22.79 -45.78
N LEU A 18 -14.68 22.98 -44.45
CA LEU A 18 -13.92 24.09 -43.89
C LEU A 18 -12.52 23.67 -43.44
N ASN A 19 -12.09 22.46 -43.76
CA ASN A 19 -10.76 22.02 -43.39
C ASN A 19 -9.71 22.83 -44.16
N PRO A 20 -8.63 23.25 -43.51
CA PRO A 20 -7.60 24.02 -44.22
C PRO A 20 -6.99 23.25 -45.38
N ARG A 21 -6.76 23.95 -46.49
CA ARG A 21 -6.12 23.38 -47.65
C ARG A 21 -5.06 24.36 -48.16
N THR A 22 -4.03 23.82 -48.79
CA THR A 22 -2.98 24.68 -49.35
C THR A 22 -3.51 25.47 -50.54
N GLN A 23 -3.09 26.73 -50.64
CA GLN A 23 -3.54 27.63 -51.67
C GLN A 23 -2.47 27.80 -52.74
N SER A 24 -2.88 27.73 -54.00
CA SER A 24 -1.99 27.91 -55.14
C SER A 24 -2.17 29.25 -55.83
N HIS A 25 -3.14 30.06 -55.38
CA HIS A 25 -3.44 31.34 -56.01
C HIS A 25 -3.83 32.33 -54.93
N ALA A 26 -3.78 33.62 -55.30
CA ALA A 26 -4.26 34.67 -54.42
C ALA A 26 -5.78 34.79 -54.54
N ALA A 27 -6.43 35.11 -53.42
CA ALA A 27 -7.88 35.05 -53.32
C ALA A 27 -8.50 36.41 -53.67
N LEU A 28 -9.60 36.37 -54.42
CA LEU A 28 -10.23 37.58 -54.91
C LEU A 28 -11.50 37.83 -54.10
N HIS A 29 -11.57 38.98 -53.43
CA HIS A 29 -12.71 39.34 -52.58
C HIS A 29 -12.87 40.85 -52.66
N SER A 30 -14.03 41.34 -53.11
CA SER A 30 -14.18 42.77 -53.30
C SER A 30 -14.22 43.51 -51.96
N THR A 31 -13.80 44.77 -52.00
CA THR A 31 -13.81 45.60 -50.79
C THR A 31 -15.23 45.73 -50.24
N LEU A 32 -16.23 45.85 -51.11
CA LEU A 32 -17.61 45.95 -50.66
C LEU A 32 -18.06 44.67 -49.96
N ALA A 33 -17.75 43.51 -50.55
CA ALA A 33 -18.14 42.25 -49.93
C ALA A 33 -17.44 42.07 -48.59
N LYS A 34 -16.18 42.49 -48.50
CA LYS A 34 -15.45 42.41 -47.23
C LYS A 34 -16.10 43.28 -46.17
N LYS A 35 -16.56 44.48 -46.55
CA LYS A 35 -17.20 45.37 -45.59
C LYS A 35 -18.46 44.73 -45.02
N LEU A 36 -19.21 44.02 -45.85
CA LEU A 36 -20.47 43.43 -45.40
C LEU A 36 -20.23 42.19 -44.53
N ASP A 37 -19.15 41.45 -44.80
CA ASP A 37 -18.88 40.21 -44.07
C ASP A 37 -18.25 40.46 -42.71
N LYS A 38 -17.62 41.61 -42.52
CA LYS A 38 -16.87 41.89 -41.30
C LYS A 38 -17.77 41.84 -40.07
N LYS A 39 -19.00 42.32 -40.19
CA LYS A 39 -19.89 42.38 -39.04
C LYS A 39 -20.25 40.99 -38.52
N HIS A 40 -20.19 39.97 -39.39
CA HIS A 40 -20.61 38.64 -38.95
C HIS A 40 -19.69 38.08 -37.87
N TRP A 41 -18.40 38.40 -37.92
CA TRP A 41 -17.39 37.77 -37.07
C TRP A 41 -16.96 38.64 -35.90
N LYS A 42 -17.52 39.83 -35.77
CA LYS A 42 -16.98 40.86 -34.88
C LYS A 42 -17.05 40.42 -33.42
N ARG A 43 -15.90 40.44 -32.75
CA ARG A 43 -15.75 40.02 -31.36
C ARG A 43 -15.70 41.19 -30.38
N ASN A 44 -14.97 42.23 -30.72
CA ASN A 44 -14.64 43.33 -29.82
C ASN A 44 -15.59 44.49 -30.05
N PRO A 45 -15.48 45.60 -29.31
CA PRO A 45 -16.39 46.74 -29.56
C PRO A 45 -16.24 47.29 -30.97
N ASP A 46 -17.37 47.74 -31.52
CA ASP A 46 -17.45 48.37 -32.82
C ASP A 46 -17.21 49.87 -32.64
N LYS A 47 -16.19 50.42 -33.32
CA LYS A 47 -15.89 51.83 -33.13
C LYS A 47 -17.07 52.71 -33.55
N ASN A 48 -17.87 52.22 -34.49
CA ASN A 48 -19.01 52.95 -35.02
C ASN A 48 -20.22 52.89 -34.11
N CYS A 49 -20.13 52.15 -33.00
CA CYS A 49 -21.22 52.00 -32.06
C CYS A 49 -21.30 53.23 -31.17
N PHE A 50 -22.29 54.08 -31.41
CA PHE A 50 -22.54 55.22 -30.55
C PHE A 50 -23.38 54.83 -29.33
N HIS A 51 -23.78 53.58 -29.27
CA HIS A 51 -25.01 53.12 -28.64
C HIS A 51 -24.66 52.11 -27.55
N CYS A 52 -24.69 52.56 -26.28
CA CYS A 52 -24.42 51.65 -25.19
C CYS A 52 -25.50 50.59 -25.11
N GLU A 53 -25.08 49.32 -25.00
CA GLU A 53 -26.07 48.27 -24.77
C GLU A 53 -26.69 48.44 -23.38
N LYS A 54 -27.82 47.74 -23.17
CA LYS A 54 -28.65 47.98 -22.01
C LYS A 54 -28.11 47.27 -20.78
N LEU A 55 -28.06 47.99 -19.65
CA LEU A 55 -27.46 47.47 -18.43
C LEU A 55 -28.36 47.62 -17.21
N GLU A 56 -29.63 47.99 -17.39
CA GLU A 56 -30.52 48.19 -16.25
C GLU A 56 -30.61 46.91 -15.44
N ASN A 57 -30.42 47.03 -14.13
CA ASN A 57 -30.45 45.94 -13.16
C ASN A 57 -29.42 44.84 -13.45
N ASN A 58 -28.37 45.15 -14.21
CA ASN A 58 -27.34 44.16 -14.54
C ASN A 58 -26.13 44.43 -13.65
N PHE A 59 -25.96 43.61 -12.61
CA PHE A 59 -24.86 43.78 -11.68
C PHE A 59 -23.80 42.69 -11.83
N ASP A 60 -23.75 42.06 -13.00
CA ASP A 60 -22.73 41.06 -13.27
C ASP A 60 -21.34 41.71 -13.32
N ASP A 61 -20.34 40.90 -12.99
CA ASP A 61 -18.94 41.30 -12.99
C ASP A 61 -18.54 41.93 -14.32
N ILE A 62 -17.99 43.15 -14.28
CA ILE A 62 -17.47 43.81 -15.48
C ILE A 62 -15.96 43.99 -15.42
N LYS A 63 -15.30 43.44 -14.41
CA LYS A 63 -13.86 43.63 -14.30
C LYS A 63 -13.15 42.97 -15.48
N HIS A 64 -12.23 43.70 -16.09
CA HIS A 64 -11.37 43.17 -17.14
C HIS A 64 -10.30 42.24 -16.61
N THR A 65 -10.07 42.21 -15.29
CA THR A 65 -8.98 41.45 -14.71
C THR A 65 -9.38 40.10 -14.13
N THR A 66 -10.68 39.81 -14.04
CA THR A 66 -11.11 38.51 -13.54
C THR A 66 -10.53 37.38 -14.38
N LEU A 67 -10.06 36.33 -13.72
CA LEU A 67 -9.49 35.17 -14.36
C LEU A 67 -10.21 33.89 -13.91
N GLY A 68 -10.39 32.96 -14.84
CA GLY A 68 -10.67 31.58 -14.50
C GLY A 68 -9.38 30.78 -14.42
N GLU A 69 -9.52 29.48 -14.12
CA GLU A 69 -8.33 28.67 -13.86
C GLU A 69 -7.42 28.60 -15.07
N ARG A 70 -7.99 28.35 -16.25
CA ARG A 70 -7.19 28.26 -17.46
C ARG A 70 -6.38 29.54 -17.67
N GLY A 71 -7.04 30.69 -17.56
CA GLY A 71 -6.32 31.95 -17.74
C GLY A 71 -5.34 32.25 -16.63
N ALA A 72 -5.68 31.89 -15.40
CA ALA A 72 -4.77 32.14 -14.28
C ALA A 72 -3.49 31.33 -14.40
N LEU A 73 -3.60 30.06 -14.78
CA LEU A 73 -2.40 29.25 -14.93
C LEU A 73 -1.50 29.79 -16.03
N ARG A 74 -2.09 30.22 -17.15
CA ARG A 74 -1.28 30.81 -18.22
C ARG A 74 -0.54 32.05 -17.75
N GLU A 75 -1.24 32.95 -17.06
CA GLU A 75 -0.62 34.19 -16.63
C GLU A 75 0.41 33.96 -15.53
N ALA A 76 0.14 33.01 -14.63
CA ALA A 76 1.10 32.73 -13.57
C ALA A 76 2.36 32.08 -14.12
N MET A 77 2.25 31.25 -15.16
CA MET A 77 3.45 30.69 -15.76
C MET A 77 4.26 31.76 -16.49
N ARG A 78 3.59 32.83 -16.94
CA ARG A 78 4.27 33.91 -17.66
C ARG A 78 5.11 34.78 -16.73
N CYS A 79 4.65 34.98 -15.48
CA CYS A 79 5.39 35.79 -14.52
C CYS A 79 6.83 35.30 -14.39
N LEU A 80 7.76 36.24 -14.39
CA LEU A 80 9.17 35.91 -14.28
C LEU A 80 9.56 35.52 -12.86
N LYS A 81 8.71 35.80 -11.87
CA LYS A 81 8.97 35.44 -10.47
C LYS A 81 10.31 36.02 -10.01
N CYS A 82 10.36 37.35 -10.05
CA CYS A 82 11.62 38.09 -10.02
C CYS A 82 12.23 38.14 -8.63
N ALA A 83 13.55 38.31 -8.59
CA ALA A 83 14.22 38.59 -7.34
C ALA A 83 13.93 40.02 -6.89
N ASP A 84 13.78 40.21 -5.57
CA ASP A 84 13.62 41.54 -4.98
C ASP A 84 12.55 42.33 -5.74
N ALA A 85 11.43 41.66 -6.00
CA ALA A 85 10.56 42.03 -7.11
C ALA A 85 10.03 43.46 -6.95
N PRO A 86 10.00 44.25 -8.03
CA PRO A 86 9.50 45.62 -7.92
C PRO A 86 8.00 45.70 -7.73
N CYS A 87 7.23 44.70 -8.18
CA CYS A 87 5.80 44.70 -7.92
C CYS A 87 5.53 44.70 -6.41
N GLN A 88 6.24 43.85 -5.66
CA GLN A 88 6.10 43.83 -4.21
C GLN A 88 6.51 45.17 -3.59
N LYS A 89 7.61 45.75 -4.07
CA LYS A 89 8.01 47.09 -3.61
C LYS A 89 6.87 48.07 -3.76
N SER A 90 6.09 47.93 -4.83
CA SER A 90 5.03 48.85 -5.18
C SER A 90 3.66 48.46 -4.62
N CYS A 91 3.59 47.38 -3.84
CA CYS A 91 2.34 46.99 -3.18
C CYS A 91 2.32 47.58 -1.78
N PRO A 92 1.31 48.38 -1.41
CA PRO A 92 1.31 48.99 -0.07
C PRO A 92 1.30 47.99 1.09
N THR A 93 0.81 46.76 0.91
CA THR A 93 0.90 45.76 1.97
C THR A 93 2.07 44.79 1.81
N HIS A 94 2.97 45.05 0.84
CA HIS A 94 4.20 44.27 0.67
C HIS A 94 3.95 42.78 0.42
N LEU A 95 2.91 42.45 -0.34
CA LEU A 95 2.65 41.05 -0.67
C LEU A 95 3.84 40.43 -1.40
N ASP A 96 4.20 39.20 -1.01
CA ASP A 96 5.21 38.42 -1.73
C ASP A 96 4.57 37.89 -3.01
N ILE A 97 4.50 38.77 -4.01
CA ILE A 97 3.85 38.46 -5.28
C ILE A 97 4.57 37.31 -5.97
N LYS A 98 5.90 37.38 -6.02
CA LYS A 98 6.70 36.29 -6.58
C LYS A 98 6.27 34.94 -6.03
N SER A 99 6.13 34.84 -4.70
CA SER A 99 5.80 33.56 -4.10
C SER A 99 4.36 33.16 -4.40
N PHE A 100 3.40 34.08 -4.28
CA PHE A 100 2.03 33.62 -4.43
C PHE A 100 1.73 33.28 -5.90
N ILE A 101 2.38 33.97 -6.83
CA ILE A 101 2.20 33.65 -8.24
C ILE A 101 2.90 32.34 -8.58
N THR A 102 4.08 32.11 -8.00
CA THR A 102 4.74 30.82 -8.15
C THR A 102 3.81 29.68 -7.71
N SER A 103 3.15 29.86 -6.56
CA SER A 103 2.22 28.84 -6.09
C SER A 103 1.08 28.62 -7.07
N ILE A 104 0.55 29.69 -7.65
CA ILE A 104 -0.54 29.54 -8.62
C ILE A 104 -0.05 28.75 -9.82
N SER A 105 1.14 29.08 -10.32
CA SER A 105 1.70 28.37 -11.46
C SER A 105 1.86 26.87 -11.18
N ASN A 106 2.09 26.51 -9.92
CA ASN A 106 2.25 25.13 -9.49
C ASN A 106 0.92 24.50 -9.04
N LYS A 107 -0.21 25.16 -9.34
CA LYS A 107 -1.55 24.71 -8.99
C LYS A 107 -1.79 24.64 -7.48
N ASN A 108 -0.99 25.35 -6.68
CA ASN A 108 -1.13 25.36 -5.24
C ASN A 108 -1.89 26.62 -4.82
N TYR A 109 -3.20 26.58 -5.00
CA TYR A 109 -4.00 27.78 -4.76
C TYR A 109 -4.12 28.09 -3.28
N TYR A 110 -4.09 27.06 -2.41
CA TYR A 110 -4.09 27.32 -0.98
C TYR A 110 -2.86 28.08 -0.55
N GLY A 111 -1.68 27.60 -0.96
CA GLY A 111 -0.45 28.27 -0.58
C GLY A 111 -0.39 29.70 -1.06
N ALA A 112 -0.94 29.96 -2.25
CA ALA A 112 -1.00 31.33 -2.76
C ALA A 112 -1.90 32.20 -1.89
N ALA A 113 -3.11 31.68 -1.57
CA ALA A 113 -4.02 32.45 -0.73
C ALA A 113 -3.43 32.70 0.65
N LYS A 114 -2.75 31.71 1.22
CA LYS A 114 -2.15 31.90 2.54
C LYS A 114 -1.09 32.99 2.51
N MET A 115 -0.30 33.03 1.45
CA MET A 115 0.70 34.08 1.29
C MET A 115 0.03 35.44 1.12
N ILE A 116 -1.06 35.50 0.34
CA ILE A 116 -1.80 36.75 0.17
C ILE A 116 -2.35 37.22 1.50
N PHE A 117 -3.11 36.37 2.19
CA PHE A 117 -3.78 36.81 3.40
C PHE A 117 -2.80 37.02 4.57
N SER A 118 -1.60 36.44 4.52
CA SER A 118 -0.61 36.72 5.57
C SER A 118 -0.27 38.20 5.63
N ASP A 119 -0.13 38.86 4.48
CA ASP A 119 0.15 40.30 4.52
C ASP A 119 -1.05 41.17 4.25
N ASN A 120 -2.20 40.61 3.86
CA ASN A 120 -3.38 41.42 3.52
C ASN A 120 -4.63 40.64 3.91
N PRO A 121 -5.21 40.92 5.09
CA PRO A 121 -6.44 40.23 5.50
C PRO A 121 -7.65 40.51 4.62
N LEU A 122 -7.59 41.49 3.73
CA LEU A 122 -8.64 41.68 2.73
C LEU A 122 -8.11 41.36 1.34
N GLY A 123 -7.45 40.20 1.22
CA GLY A 123 -6.75 39.87 -0.01
C GLY A 123 -7.67 39.65 -1.19
N LEU A 124 -8.89 39.17 -0.96
CA LEU A 124 -9.81 38.98 -2.08
C LEU A 124 -10.41 40.30 -2.53
N THR A 125 -10.82 41.15 -1.59
CA THR A 125 -11.29 42.49 -1.95
C THR A 125 -10.24 43.24 -2.75
N CYS A 126 -9.00 43.25 -2.27
CA CYS A 126 -7.96 44.04 -2.93
C CYS A 126 -7.63 43.49 -4.31
N GLY A 127 -7.60 42.16 -4.46
CA GLY A 127 -7.43 41.60 -5.78
C GLY A 127 -8.45 42.10 -6.78
N MET A 128 -9.67 42.35 -6.32
CA MET A 128 -10.72 42.85 -7.21
C MET A 128 -10.64 44.36 -7.44
N VAL A 129 -10.26 45.15 -6.45
CA VAL A 129 -10.43 46.59 -6.53
C VAL A 129 -9.13 47.39 -6.54
N CYS A 130 -7.99 46.78 -6.25
CA CYS A 130 -6.74 47.55 -6.26
C CYS A 130 -6.54 48.23 -7.61
N PRO A 131 -6.23 49.52 -7.64
CA PRO A 131 -5.86 50.20 -8.91
C PRO A 131 -4.41 49.85 -9.27
N THR A 132 -4.23 48.62 -9.75
CA THR A 132 -2.88 48.05 -9.84
C THR A 132 -1.97 48.81 -10.79
N SER A 133 -2.54 49.50 -11.79
CA SER A 133 -1.71 50.28 -12.70
C SER A 133 -0.95 51.38 -11.96
N ASP A 134 -1.49 51.83 -10.83
CA ASP A 134 -0.83 52.82 -9.98
C ASP A 134 -0.13 52.18 -8.78
N LEU A 135 -0.11 50.85 -8.70
CA LEU A 135 0.49 50.16 -7.56
C LEU A 135 1.42 49.06 -8.06
N CYS A 136 1.12 47.80 -7.72
CA CYS A 136 2.05 46.69 -8.00
C CYS A 136 2.34 46.54 -9.48
N VAL A 137 1.30 46.55 -10.32
CA VAL A 137 1.48 46.32 -11.75
C VAL A 137 2.30 47.45 -12.37
N GLY A 138 2.22 48.65 -11.82
CA GLY A 138 2.99 49.78 -12.32
C GLY A 138 4.49 49.59 -12.24
N GLY A 139 4.97 48.71 -11.36
CA GLY A 139 6.37 48.39 -11.26
C GLY A 139 6.80 47.09 -11.91
N CYS A 140 5.91 46.40 -12.63
CA CYS A 140 6.21 45.05 -13.09
C CYS A 140 7.27 45.05 -14.20
N ASN A 141 8.29 44.20 -14.03
CA ASN A 141 9.39 44.16 -15.00
C ASN A 141 8.90 43.77 -16.39
N LEU A 142 7.86 42.96 -16.48
CA LEU A 142 7.37 42.55 -17.79
C LEU A 142 6.70 43.68 -18.55
N TYR A 143 6.55 44.87 -17.96
CA TYR A 143 6.18 46.03 -18.76
C TYR A 143 7.20 46.28 -19.87
N ALA A 144 8.44 45.87 -19.66
CA ALA A 144 9.50 46.01 -20.64
C ALA A 144 9.42 44.98 -21.76
N THR A 145 8.34 44.20 -21.84
CA THR A 145 8.11 43.31 -22.98
C THR A 145 6.87 43.76 -23.73
N GLU A 146 6.79 43.33 -24.99
CA GLU A 146 5.65 43.71 -25.83
C GLU A 146 4.34 43.18 -25.26
N GLU A 147 4.35 41.96 -24.72
CA GLU A 147 3.12 41.38 -24.18
C GLU A 147 2.71 42.01 -22.86
N GLY A 148 3.59 42.74 -22.18
CA GLY A 148 3.18 43.60 -21.09
C GLY A 148 3.20 42.98 -19.72
N SER A 149 2.78 43.79 -18.75
CA SER A 149 2.88 43.44 -17.34
C SER A 149 1.88 42.34 -16.97
N ILE A 150 2.13 41.73 -15.81
CA ILE A 150 1.33 40.63 -15.30
C ILE A 150 0.03 41.18 -14.71
N ASN A 151 -1.06 40.43 -14.88
CA ASN A 151 -2.34 40.75 -14.25
C ASN A 151 -2.30 40.25 -12.80
N ILE A 152 -1.60 41.03 -11.97
CA ILE A 152 -1.37 40.62 -10.57
C ILE A 152 -2.68 40.56 -9.81
N GLY A 153 -3.55 41.56 -9.99
CA GLY A 153 -4.79 41.59 -9.24
C GLY A 153 -5.70 40.42 -9.56
N GLY A 154 -5.85 40.11 -10.85
CA GLY A 154 -6.67 38.97 -11.23
C GLY A 154 -6.13 37.66 -10.70
N LEU A 155 -4.80 37.53 -10.63
CA LEU A 155 -4.22 36.31 -10.06
C LEU A 155 -4.49 36.24 -8.56
N GLN A 156 -4.33 37.36 -7.86
CA GLN A 156 -4.67 37.41 -6.44
C GLN A 156 -6.13 37.07 -6.21
N GLN A 157 -7.01 37.61 -7.07
CA GLN A 157 -8.44 37.31 -6.97
C GLN A 157 -8.71 35.82 -7.17
N PHE A 158 -8.07 35.21 -8.18
CA PHE A 158 -8.36 33.81 -8.47
C PHE A 158 -7.97 32.89 -7.32
N ALA A 159 -6.73 33.01 -6.83
CA ALA A 159 -6.30 32.15 -5.73
C ALA A 159 -7.18 32.34 -4.50
N SER A 160 -7.52 33.59 -4.20
CA SER A 160 -8.37 33.86 -3.04
C SER A 160 -9.78 33.33 -3.24
N GLU A 161 -10.29 33.39 -4.48
CA GLU A 161 -11.62 32.84 -4.75
C GLU A 161 -11.63 31.33 -4.57
N VAL A 162 -10.57 30.65 -5.02
CA VAL A 162 -10.49 29.21 -4.81
C VAL A 162 -10.43 28.90 -3.33
N PHE A 163 -9.64 29.67 -2.58
CA PHE A 163 -9.58 29.46 -1.14
C PHE A 163 -10.94 29.66 -0.49
N LYS A 164 -11.65 30.71 -0.91
CA LYS A 164 -13.00 30.95 -0.39
C LYS A 164 -13.90 29.73 -0.62
N ALA A 165 -13.85 29.14 -1.82
CA ALA A 165 -14.67 27.99 -2.13
C ALA A 165 -14.28 26.75 -1.32
N MET A 166 -13.04 26.70 -0.84
CA MET A 166 -12.61 25.60 0.03
C MET A 166 -13.33 25.64 1.36
N ASN A 167 -13.72 26.83 1.80
CA ASN A 167 -14.55 26.98 2.99
C ASN A 167 -13.81 26.40 4.20
N ILE A 168 -12.56 26.83 4.32
CA ILE A 168 -11.65 26.47 5.41
C ILE A 168 -11.52 27.69 6.33
N PRO A 169 -11.59 27.53 7.65
CA PRO A 169 -11.51 28.69 8.53
C PRO A 169 -10.08 29.11 8.82
N GLN A 170 -9.95 30.36 9.27
CA GLN A 170 -8.72 30.82 9.88
C GLN A 170 -8.62 30.28 11.30
N ILE A 171 -7.42 29.93 11.74
CA ILE A 171 -7.22 29.46 13.10
C ILE A 171 -6.38 30.45 13.87
N ARG A 172 -6.53 30.39 15.19
CA ARG A 172 -5.66 31.10 16.10
C ARG A 172 -4.21 30.75 15.78
N ASN A 173 -3.35 31.76 15.84
CA ASN A 173 -1.90 31.64 15.63
C ASN A 173 -1.38 30.43 16.40
N PRO A 174 -0.96 29.38 15.71
CA PRO A 174 -0.54 28.15 16.42
C PRO A 174 0.79 28.27 17.13
N CYS A 175 1.51 29.37 16.96
CA CYS A 175 2.74 29.60 17.70
C CYS A 175 2.48 30.16 19.10
N LEU A 176 1.25 30.57 19.38
CA LEU A 176 0.93 31.15 20.68
C LEU A 176 0.81 30.04 21.73
N PRO A 177 1.14 30.35 22.99
CA PRO A 177 0.75 29.45 24.07
C PRO A 177 -0.76 29.38 24.14
N SER A 178 -1.26 28.37 24.87
CA SER A 178 -2.69 28.27 25.08
C SER A 178 -3.20 29.52 25.79
N GLN A 179 -4.45 29.88 25.52
CA GLN A 179 -4.99 31.16 25.97
C GLN A 179 -5.05 31.26 27.48
N GLU A 180 -5.10 30.13 28.19
CA GLU A 180 -5.06 30.14 29.65
C GLU A 180 -3.72 30.64 30.17
N LYS A 181 -2.65 30.47 29.40
CA LYS A 181 -1.32 30.85 29.86
C LYS A 181 -0.73 32.00 29.05
N MET A 182 -1.59 32.81 28.41
CA MET A 182 -1.13 34.09 27.89
C MET A 182 -0.96 35.10 29.04
N PRO A 183 0.03 35.98 28.93
CA PRO A 183 0.18 37.03 29.94
C PRO A 183 -1.06 37.91 30.02
N GLU A 184 -1.22 38.53 31.19
CA GLU A 184 -2.40 39.37 31.46
C GLU A 184 -2.56 40.48 30.43
N ALA A 185 -1.45 40.99 29.88
CA ALA A 185 -1.50 42.11 28.96
C ALA A 185 -2.36 41.81 27.74
N TYR A 186 -2.41 40.56 27.30
CA TYR A 186 -3.17 40.22 26.11
C TYR A 186 -4.67 40.21 26.35
N SER A 187 -5.12 40.38 27.59
CA SER A 187 -6.53 40.55 27.91
C SER A 187 -6.94 42.01 27.97
N ALA A 188 -6.05 42.93 27.62
CA ALA A 188 -6.40 44.36 27.62
C ALA A 188 -7.57 44.62 26.68
N LYS A 189 -8.53 45.42 27.16
CA LYS A 189 -9.69 45.75 26.35
C LYS A 189 -9.31 46.75 25.27
N ILE A 190 -9.57 46.38 24.01
CA ILE A 190 -9.18 47.17 22.85
C ILE A 190 -10.44 47.55 22.10
N ALA A 191 -10.55 48.82 21.73
CA ALA A 191 -11.69 49.32 20.98
C ALA A 191 -11.23 49.83 19.62
N LEU A 192 -11.98 49.47 18.58
CA LEU A 192 -11.79 50.04 17.25
C LEU A 192 -13.09 50.68 16.81
N LEU A 193 -12.98 51.81 16.13
CA LEU A 193 -14.13 52.61 15.75
C LEU A 193 -14.29 52.54 14.23
N GLY A 194 -15.45 52.05 13.78
CA GLY A 194 -15.72 51.91 12.35
C GLY A 194 -15.29 50.56 11.83
N ALA A 195 -16.18 49.83 11.15
CA ALA A 195 -15.88 48.48 10.69
C ALA A 195 -15.57 48.46 9.19
N GLY A 196 -14.58 49.26 8.79
CA GLY A 196 -14.10 49.28 7.43
C GLY A 196 -12.77 48.57 7.30
N PRO A 197 -12.16 48.64 6.12
CA PRO A 197 -10.89 47.94 5.89
C PRO A 197 -9.80 48.22 6.91
N ALA A 198 -9.65 49.47 7.34
CA ALA A 198 -8.57 49.80 8.27
C ALA A 198 -8.74 49.10 9.62
N SER A 199 -9.95 49.17 10.18
CA SER A 199 -10.18 48.53 11.47
C SER A 199 -10.21 47.02 11.35
N ILE A 200 -10.78 46.50 10.26
CA ILE A 200 -10.79 45.05 10.07
C ILE A 200 -9.35 44.51 10.02
N SER A 201 -8.46 45.24 9.34
CA SER A 201 -7.07 44.82 9.27
C SER A 201 -6.38 44.95 10.62
N CYS A 202 -6.58 46.09 11.29
CA CYS A 202 -5.94 46.29 12.59
C CYS A 202 -6.38 45.23 13.60
N ALA A 203 -7.68 44.98 13.68
CA ALA A 203 -8.20 43.99 14.62
C ALA A 203 -7.68 42.60 14.30
N SER A 204 -7.60 42.26 13.00
CA SER A 204 -7.09 40.95 12.59
C SER A 204 -5.67 40.73 13.07
N PHE A 205 -4.78 41.68 12.82
CA PHE A 205 -3.38 41.50 13.23
C PHE A 205 -3.24 41.51 14.75
N LEU A 206 -4.05 42.31 15.44
CA LEU A 206 -4.01 42.29 16.89
C LEU A 206 -4.44 40.93 17.43
N ALA A 207 -5.47 40.33 16.82
CA ALA A 207 -5.90 39.01 17.24
C ALA A 207 -4.85 37.96 16.90
N ARG A 208 -4.13 38.12 15.78
CA ARG A 208 -3.04 37.21 15.47
C ARG A 208 -1.98 37.22 16.56
N LEU A 209 -1.70 38.40 17.11
CA LEU A 209 -0.73 38.54 18.19
C LEU A 209 -1.20 37.95 19.50
N GLY A 210 -2.48 37.60 19.62
CA GLY A 210 -2.99 36.94 20.80
C GLY A 210 -3.92 37.74 21.68
N TYR A 211 -4.26 38.98 21.30
CA TYR A 211 -5.18 39.76 22.13
C TYR A 211 -6.58 39.18 22.04
N SER A 212 -7.21 38.99 23.21
CA SER A 212 -8.44 38.21 23.31
C SER A 212 -9.68 39.06 23.56
N ASP A 213 -9.55 40.39 23.67
CA ASP A 213 -10.71 41.23 23.95
C ASP A 213 -10.65 42.45 23.01
N ILE A 214 -11.10 42.22 21.78
CA ILE A 214 -11.04 43.21 20.70
C ILE A 214 -12.47 43.46 20.21
N THR A 215 -12.91 44.71 20.23
CA THR A 215 -14.25 45.07 19.80
C THR A 215 -14.20 46.20 18.77
N ILE A 216 -14.86 46.00 17.64
CA ILE A 216 -15.09 47.04 16.65
C ILE A 216 -16.49 47.60 16.87
N PHE A 217 -16.58 48.92 17.08
CA PHE A 217 -17.86 49.60 17.24
C PHE A 217 -18.22 50.29 15.93
N GLU A 218 -19.34 49.90 15.34
CA GLU A 218 -19.75 50.39 14.03
C GLU A 218 -21.05 51.18 14.13
N LYS A 219 -21.07 52.35 13.48
CA LYS A 219 -22.24 53.23 13.47
C LYS A 219 -23.44 52.58 12.79
N GLN A 220 -23.22 51.98 11.62
CA GLN A 220 -24.32 51.49 10.80
C GLN A 220 -24.73 50.09 11.25
N GLU A 221 -25.82 49.60 10.65
CA GLU A 221 -26.27 48.23 10.86
C GLU A 221 -25.53 47.23 9.98
N TYR A 222 -24.80 47.69 8.97
CA TYR A 222 -24.02 46.83 8.10
C TYR A 222 -22.54 47.02 8.41
N VAL A 223 -21.73 46.05 7.99
CA VAL A 223 -20.29 46.08 8.24
C VAL A 223 -19.55 46.02 6.91
N GLY A 224 -18.28 46.45 6.95
CA GLY A 224 -17.43 46.44 5.78
C GLY A 224 -17.06 47.82 5.25
N GLY A 225 -17.68 48.89 5.75
CA GLY A 225 -17.30 50.21 5.32
C GLY A 225 -17.69 50.47 3.86
N LEU A 226 -16.83 51.25 3.17
CA LEU A 226 -17.12 51.60 1.78
C LEU A 226 -17.16 50.38 0.86
N SER A 227 -16.43 49.31 1.22
CA SER A 227 -16.51 48.08 0.44
C SER A 227 -17.95 47.58 0.35
N THR A 228 -18.74 47.85 1.38
CA THR A 228 -20.15 47.48 1.41
C THR A 228 -21.06 48.59 0.91
N SER A 229 -20.84 49.82 1.39
CA SER A 229 -21.84 50.86 1.17
C SER A 229 -21.71 51.56 -0.17
N GLU A 230 -20.56 51.51 -0.85
CA GLU A 230 -20.45 52.32 -2.05
C GLU A 230 -19.78 51.63 -3.24
N ILE A 231 -18.78 50.77 -3.00
CA ILE A 231 -18.17 50.12 -4.18
C ILE A 231 -19.20 49.23 -4.85
N PRO A 232 -19.42 49.36 -6.16
CA PRO A 232 -20.53 48.63 -6.80
C PRO A 232 -20.36 47.13 -6.78
N GLN A 233 -21.51 46.44 -6.73
CA GLN A 233 -21.55 44.98 -6.77
C GLN A 233 -20.91 44.43 -8.03
N PHE A 234 -21.01 45.14 -9.16
CA PHE A 234 -20.44 44.63 -10.40
C PHE A 234 -18.92 44.76 -10.46
N ARG A 235 -18.29 45.33 -9.43
CA ARG A 235 -16.85 45.26 -9.24
C ARG A 235 -16.46 44.45 -8.01
N LEU A 236 -17.22 44.54 -6.93
CA LEU A 236 -16.90 43.85 -5.68
C LEU A 236 -18.17 43.21 -5.11
N PRO A 237 -18.37 41.91 -5.31
CA PRO A 237 -19.57 41.26 -4.78
C PRO A 237 -19.56 41.28 -3.25
N TYR A 238 -20.74 41.53 -2.67
CA TYR A 238 -20.84 41.62 -1.22
C TYR A 238 -20.35 40.36 -0.52
N ASP A 239 -20.50 39.19 -1.15
CA ASP A 239 -20.11 37.96 -0.46
C ASP A 239 -18.59 37.87 -0.25
N VAL A 240 -17.81 38.65 -0.99
CA VAL A 240 -16.38 38.76 -0.70
C VAL A 240 -16.17 39.43 0.66
N VAL A 241 -16.86 40.55 0.89
CA VAL A 241 -16.74 41.29 2.14
C VAL A 241 -17.11 40.39 3.31
N ASN A 242 -18.24 39.68 3.19
CA ASN A 242 -18.68 38.78 4.25
C ASN A 242 -17.64 37.70 4.53
N PHE A 243 -17.04 37.16 3.46
CA PHE A 243 -16.04 36.11 3.61
C PHE A 243 -14.85 36.59 4.44
N GLU A 244 -14.36 37.80 4.16
CA GLU A 244 -13.21 38.33 4.89
C GLU A 244 -13.58 38.70 6.32
N ILE A 245 -14.80 39.22 6.53
CA ILE A 245 -15.26 39.49 7.89
C ILE A 245 -15.30 38.21 8.71
N GLU A 246 -15.84 37.13 8.13
CA GLU A 246 -15.95 35.89 8.89
C GLU A 246 -14.58 35.29 9.17
N LEU A 247 -13.61 35.48 8.28
CA LEU A 247 -12.25 35.05 8.60
C LEU A 247 -11.74 35.77 9.84
N MET A 248 -12.05 37.06 9.95
CA MET A 248 -11.59 37.82 11.11
C MET A 248 -12.32 37.39 12.37
N LYS A 249 -13.62 37.14 12.26
CA LYS A 249 -14.37 36.67 13.43
C LYS A 249 -13.89 35.29 13.90
N ASP A 250 -13.25 34.50 13.03
CA ASP A 250 -12.64 33.25 13.47
C ASP A 250 -11.59 33.48 14.55
N LEU A 251 -10.97 34.66 14.58
CA LEU A 251 -9.95 34.97 15.56
C LEU A 251 -10.52 35.53 16.87
N GLY A 252 -11.83 35.71 16.96
CA GLY A 252 -12.47 36.18 18.18
C GLY A 252 -12.81 37.65 18.21
N VAL A 253 -12.50 38.41 17.16
CA VAL A 253 -12.87 39.81 17.12
C VAL A 253 -14.39 39.94 17.14
N LYS A 254 -14.88 40.82 18.00
CA LYS A 254 -16.31 41.08 18.14
C LYS A 254 -16.66 42.39 17.42
N ILE A 255 -17.85 42.43 16.82
CA ILE A 255 -18.36 43.63 16.17
C ILE A 255 -19.69 43.99 16.81
N ILE A 256 -19.85 45.26 17.17
CA ILE A 256 -21.08 45.76 17.77
C ILE A 256 -21.58 46.93 16.92
N CYS A 257 -22.71 46.73 16.26
CA CYS A 257 -23.30 47.76 15.41
C CYS A 257 -24.28 48.60 16.21
N GLY A 258 -24.46 49.86 15.78
CA GLY A 258 -25.50 50.71 16.31
C GLY A 258 -25.08 51.78 17.30
N LYS A 259 -23.82 51.84 17.71
CA LYS A 259 -23.32 52.90 18.57
C LYS A 259 -22.18 53.61 17.85
N SER A 260 -22.18 54.93 17.91
CA SER A 260 -21.28 55.76 17.14
C SER A 260 -20.23 56.40 18.05
N LEU A 261 -19.06 56.65 17.47
CA LEU A 261 -18.15 57.65 18.02
C LEU A 261 -18.79 59.02 17.83
N SER A 262 -19.26 59.61 18.91
CA SER A 262 -19.97 60.88 18.85
C SER A 262 -20.25 61.34 20.28
N GLU A 263 -20.35 62.64 20.51
CA GLU A 263 -20.84 63.11 21.79
C GLU A 263 -22.14 62.43 22.14
N ASN A 264 -22.36 62.22 23.43
CA ASN A 264 -23.55 61.56 23.96
C ASN A 264 -23.57 60.09 23.59
N GLU A 265 -22.59 59.60 22.82
CA GLU A 265 -22.43 58.17 22.56
C GLU A 265 -21.03 57.76 22.97
N ILE A 266 -20.28 57.09 22.10
CA ILE A 266 -18.90 56.70 22.42
C ILE A 266 -17.99 57.90 22.20
N THR A 267 -17.16 58.20 23.21
CA THR A 267 -16.08 59.16 23.07
C THR A 267 -14.80 58.54 23.59
N LEU A 268 -13.67 59.18 23.29
CA LEU A 268 -12.42 58.72 23.90
C LEU A 268 -12.51 58.76 25.41
N ASN A 269 -13.26 59.72 25.95
CA ASN A 269 -13.39 59.81 27.41
C ASN A 269 -14.24 58.68 27.97
N THR A 270 -15.33 58.30 27.29
CA THR A 270 -16.12 57.17 27.80
C THR A 270 -15.34 55.87 27.68
N LEU A 271 -14.58 55.69 26.59
CA LEU A 271 -13.76 54.49 26.45
C LEU A 271 -12.74 54.39 27.58
N LYS A 272 -12.09 55.51 27.90
CA LYS A 272 -11.10 55.49 28.98
C LYS A 272 -11.74 55.15 30.31
N GLU A 273 -12.90 55.75 30.60
CA GLU A 273 -13.58 55.49 31.86
C GLU A 273 -14.04 54.04 31.97
N GLU A 274 -14.40 53.41 30.86
CA GLU A 274 -14.83 52.01 30.90
C GLU A 274 -13.66 51.02 30.91
N GLY A 275 -12.43 51.49 30.96
CA GLY A 275 -11.30 50.58 31.09
C GLY A 275 -10.70 50.08 29.80
N TYR A 276 -11.01 50.70 28.66
CA TYR A 276 -10.31 50.36 27.44
C TYR A 276 -8.88 50.90 27.51
N LYS A 277 -7.93 50.09 27.07
CA LYS A 277 -6.52 50.47 27.13
C LYS A 277 -5.97 51.03 25.83
N ALA A 278 -6.63 50.79 24.70
CA ALA A 278 -6.16 51.34 23.44
C ALA A 278 -7.35 51.46 22.51
N ALA A 279 -7.27 52.43 21.60
CA ALA A 279 -8.34 52.67 20.64
C ALA A 279 -7.74 52.96 19.28
N PHE A 280 -8.41 52.48 18.24
CA PHE A 280 -8.03 52.75 16.87
C PHE A 280 -9.19 53.42 16.16
N ILE A 281 -8.94 54.58 15.56
CA ILE A 281 -9.97 55.36 14.86
C ILE A 281 -9.91 54.99 13.39
N GLY A 282 -10.95 54.32 12.90
CA GLY A 282 -11.04 53.97 11.49
C GLY A 282 -12.40 54.30 10.88
N ILE A 283 -12.93 55.48 11.20
CA ILE A 283 -14.28 55.85 10.79
C ILE A 283 -14.34 56.45 9.40
N GLY A 284 -13.20 56.60 8.73
CA GLY A 284 -13.24 57.11 7.37
C GLY A 284 -13.70 58.56 7.29
N LEU A 285 -14.23 58.92 6.11
CA LEU A 285 -14.72 60.27 5.84
C LEU A 285 -16.21 60.12 5.60
N PRO A 286 -17.03 60.32 6.63
CA PRO A 286 -18.42 59.82 6.60
C PRO A 286 -19.42 60.71 5.86
N GLU A 287 -19.03 61.89 5.40
CA GLU A 287 -19.97 62.88 4.89
C GLU A 287 -19.55 63.38 3.51
N PRO A 288 -20.49 63.85 2.70
CA PRO A 288 -20.13 64.29 1.35
C PRO A 288 -19.58 65.71 1.34
N LYS A 289 -18.62 65.94 0.44
CA LYS A 289 -18.19 67.30 0.15
C LYS A 289 -19.30 68.03 -0.61
N THR A 290 -19.75 69.15 -0.06
CA THR A 290 -20.91 69.85 -0.58
C THR A 290 -20.51 71.03 -1.45
N ASP A 291 -21.52 71.63 -2.08
CA ASP A 291 -21.36 72.85 -2.87
C ASP A 291 -22.59 73.71 -2.63
N ASP A 292 -22.37 75.00 -2.37
CA ASP A 292 -23.48 75.89 -2.04
C ASP A 292 -24.54 75.93 -3.14
N ILE A 293 -24.13 75.71 -4.38
CA ILE A 293 -25.05 75.76 -5.50
C ILE A 293 -26.14 74.70 -5.41
N PHE A 294 -25.94 73.67 -4.56
CA PHE A 294 -26.90 72.59 -4.43
C PHE A 294 -27.77 72.72 -3.18
N GLN A 295 -27.69 73.84 -2.46
CA GLN A 295 -28.43 74.00 -1.21
C GLN A 295 -29.93 73.79 -1.42
N GLY A 296 -30.53 72.99 -0.54
CA GLY A 296 -31.96 72.75 -0.57
C GLY A 296 -32.45 71.74 -1.59
N LEU A 297 -31.61 71.30 -2.52
CA LEU A 297 -32.07 70.34 -3.52
C LEU A 297 -32.28 68.97 -2.87
N THR A 298 -33.28 68.25 -3.36
CA THR A 298 -33.72 66.99 -2.77
C THR A 298 -33.61 65.85 -3.78
N GLN A 299 -33.63 64.63 -3.25
CA GLN A 299 -33.68 63.45 -4.11
C GLN A 299 -34.94 63.45 -4.96
N ASP A 300 -36.06 63.91 -4.41
CA ASP A 300 -37.30 64.01 -5.17
C ASP A 300 -37.13 64.88 -6.40
N GLN A 301 -36.33 65.94 -6.28
CA GLN A 301 -36.06 66.81 -7.43
C GLN A 301 -35.07 66.18 -8.39
N GLY A 302 -34.30 65.19 -7.95
CA GLY A 302 -33.32 64.53 -8.79
C GLY A 302 -31.87 64.74 -8.39
N PHE A 303 -31.60 65.32 -7.23
CA PHE A 303 -30.23 65.60 -6.81
C PHE A 303 -29.74 64.58 -5.78
N TYR A 304 -28.49 64.16 -5.96
CA TYR A 304 -27.79 63.27 -5.03
C TYR A 304 -26.35 63.71 -4.89
N THR A 305 -25.79 63.57 -3.70
CA THR A 305 -24.35 63.41 -3.62
C THR A 305 -24.01 61.93 -3.78
N SER A 306 -22.73 61.66 -4.03
CA SER A 306 -22.28 60.27 -4.08
C SER A 306 -22.62 59.53 -2.79
N LYS A 307 -22.60 60.24 -1.67
CA LYS A 307 -22.88 59.61 -0.37
C LYS A 307 -24.35 59.27 -0.20
N ASP A 308 -25.23 59.90 -0.97
CA ASP A 308 -26.64 59.51 -1.00
C ASP A 308 -26.91 58.41 -2.03
N PHE A 309 -26.32 58.56 -3.22
CA PHE A 309 -26.70 57.71 -4.34
C PHE A 309 -26.12 56.31 -4.22
N LEU A 310 -24.80 56.20 -4.05
CA LEU A 310 -24.17 54.89 -4.09
C LEU A 310 -24.64 53.95 -2.99
N PRO A 311 -24.85 54.37 -1.74
CA PRO A 311 -25.45 53.45 -0.77
C PRO A 311 -26.87 53.02 -1.12
N LEU A 312 -27.64 53.88 -1.78
CA LEU A 312 -28.97 53.45 -2.23
C LEU A 312 -28.87 52.32 -3.23
N VAL A 313 -27.92 52.42 -4.17
CA VAL A 313 -27.76 51.34 -5.15
C VAL A 313 -27.22 50.09 -4.48
N ALA A 314 -26.30 50.26 -3.52
CA ALA A 314 -25.74 49.11 -2.82
C ALA A 314 -26.83 48.36 -2.04
N LYS A 315 -27.65 49.11 -1.30
CA LYS A 315 -28.67 48.47 -0.47
C LYS A 315 -29.64 47.64 -1.30
N SER A 316 -29.93 48.09 -2.52
CA SER A 316 -30.84 47.36 -3.40
C SER A 316 -30.18 46.16 -4.07
N SER A 317 -28.89 46.25 -4.41
CA SER A 317 -28.24 45.26 -5.25
C SER A 317 -27.41 44.23 -4.49
N LYS A 318 -27.15 44.46 -3.21
CA LYS A 318 -26.30 43.56 -2.42
C LYS A 318 -27.18 42.78 -1.47
N ALA A 319 -27.47 41.52 -1.81
CA ALA A 319 -28.24 40.66 -0.92
C ALA A 319 -27.43 40.39 0.35
N GLY A 320 -28.04 40.68 1.49
CA GLY A 320 -27.39 40.48 2.78
C GLY A 320 -26.93 41.75 3.46
N MET A 321 -27.01 42.89 2.77
CA MET A 321 -26.64 44.15 3.40
C MET A 321 -27.70 44.62 4.37
N CYS A 322 -28.97 44.59 3.95
CA CYS A 322 -30.07 45.08 4.74
C CYS A 322 -31.11 43.97 4.92
N ALA A 323 -31.95 44.13 5.94
CA ALA A 323 -33.22 43.42 5.96
C ALA A 323 -34.15 43.97 4.89
N CYS A 324 -34.06 45.27 4.62
CA CYS A 324 -34.88 45.90 3.59
C CYS A 324 -34.51 45.37 2.21
N HIS A 325 -35.48 44.75 1.54
CA HIS A 325 -35.41 44.63 0.09
C HIS A 325 -35.64 46.02 -0.49
N SER A 326 -34.57 46.63 -1.00
CA SER A 326 -34.67 48.03 -1.34
C SER A 326 -35.00 48.22 -2.82
N PRO A 327 -35.84 49.18 -3.17
CA PRO A 327 -36.07 49.45 -4.60
C PRO A 327 -34.91 50.24 -5.18
N LEU A 328 -34.49 49.83 -6.37
CA LEU A 328 -33.43 50.55 -7.06
C LEU A 328 -33.91 51.97 -7.37
N PRO A 329 -33.08 52.99 -7.18
CA PRO A 329 -33.50 54.35 -7.51
C PRO A 329 -33.91 54.45 -8.96
N SER A 330 -35.11 54.96 -9.21
CA SER A 330 -35.57 55.15 -10.58
C SER A 330 -34.86 56.38 -11.13
N ILE A 331 -33.91 56.15 -12.02
CA ILE A 331 -33.00 57.18 -12.50
C ILE A 331 -33.20 57.24 -14.01
N ARG A 332 -34.40 57.62 -14.45
CA ARG A 332 -34.70 57.66 -15.87
C ARG A 332 -34.32 59.02 -16.45
N GLY A 333 -33.81 58.99 -17.67
CA GLY A 333 -33.50 60.22 -18.37
C GLY A 333 -32.01 60.50 -18.44
N ALA A 334 -31.67 61.78 -18.54
CA ALA A 334 -30.28 62.21 -18.65
C ALA A 334 -29.71 62.45 -17.26
N VAL A 335 -28.57 61.83 -16.97
CA VAL A 335 -27.91 61.95 -15.68
C VAL A 335 -26.60 62.72 -15.87
N ILE A 336 -26.42 63.76 -15.06
CA ILE A 336 -25.16 64.50 -15.01
C ILE A 336 -24.42 64.11 -13.73
N VAL A 337 -23.23 63.53 -13.90
CA VAL A 337 -22.33 63.24 -12.78
C VAL A 337 -21.24 64.30 -12.80
N LEU A 338 -21.08 65.01 -11.69
CA LEU A 338 -20.13 66.11 -11.58
C LEU A 338 -18.88 65.63 -10.85
N GLY A 339 -17.73 65.92 -11.43
CA GLY A 339 -16.46 65.43 -10.94
C GLY A 339 -15.86 64.39 -11.87
N ALA A 340 -14.56 64.14 -11.65
CA ALA A 340 -13.83 63.17 -12.47
C ALA A 340 -12.84 62.37 -11.64
N GLY A 341 -13.04 62.31 -10.32
CA GLY A 341 -12.34 61.35 -9.51
C GLY A 341 -12.94 59.97 -9.70
N ASP A 342 -12.38 59.01 -9.00
CA ASP A 342 -12.80 57.63 -9.17
C ASP A 342 -14.25 57.39 -8.73
N THR A 343 -14.73 58.12 -7.72
CA THR A 343 -16.14 57.96 -7.33
C THR A 343 -17.08 58.37 -8.45
N ALA A 344 -16.75 59.45 -9.17
CA ALA A 344 -17.59 59.90 -10.28
C ALA A 344 -17.84 58.77 -11.28
N PHE A 345 -16.82 57.97 -11.56
CA PHE A 345 -16.99 56.93 -12.56
C PHE A 345 -17.85 55.78 -12.04
N ASP A 346 -17.79 55.51 -10.73
CA ASP A 346 -18.70 54.54 -10.15
C ASP A 346 -20.15 55.04 -10.14
N CYS A 347 -20.34 56.35 -9.95
CA CYS A 347 -21.69 56.90 -10.03
C CYS A 347 -22.23 56.78 -11.45
N ALA A 348 -21.38 56.98 -12.45
CA ALA A 348 -21.81 56.92 -13.83
C ALA A 348 -22.23 55.51 -14.23
N THR A 349 -21.39 54.52 -13.93
CA THR A 349 -21.72 53.14 -14.25
C THR A 349 -22.90 52.64 -13.43
N SER A 350 -23.01 53.07 -12.17
CA SER A 350 -24.17 52.66 -11.36
C SER A 350 -25.46 53.28 -11.88
N ALA A 351 -25.40 54.51 -12.39
CA ALA A 351 -26.60 55.16 -12.91
C ALA A 351 -27.18 54.39 -14.09
N LEU A 352 -26.32 53.80 -14.92
CA LEU A 352 -26.81 52.95 -16.00
C LEU A 352 -27.59 51.77 -15.45
N ARG A 353 -27.13 51.17 -14.36
CA ARG A 353 -27.83 50.04 -13.76
C ARG A 353 -29.20 50.45 -13.23
N CYS A 354 -29.39 51.73 -12.93
CA CYS A 354 -30.65 52.24 -12.44
C CYS A 354 -31.60 52.62 -13.56
N GLY A 355 -31.16 52.54 -14.81
CA GLY A 355 -32.00 52.82 -15.95
C GLY A 355 -31.76 54.14 -16.65
N ALA A 356 -30.66 54.82 -16.37
CA ALA A 356 -30.35 56.06 -17.07
C ALA A 356 -30.26 55.82 -18.58
N ARG A 357 -30.82 56.74 -19.37
CA ARG A 357 -30.66 56.59 -20.81
C ARG A 357 -29.36 57.18 -21.32
N ARG A 358 -28.86 58.25 -20.71
CA ARG A 358 -27.56 58.82 -21.02
C ARG A 358 -26.93 59.31 -19.74
N VAL A 359 -25.61 59.25 -19.68
CA VAL A 359 -24.84 59.74 -18.55
C VAL A 359 -23.75 60.67 -19.06
N PHE A 360 -23.68 61.87 -18.50
CA PHE A 360 -22.60 62.81 -18.76
C PHE A 360 -21.70 62.90 -17.54
N LEU A 361 -20.40 62.72 -17.75
CA LEU A 361 -19.40 63.02 -16.74
C LEU A 361 -18.84 64.41 -17.04
N VAL A 362 -19.10 65.37 -16.16
CA VAL A 362 -18.76 66.77 -16.40
C VAL A 362 -17.79 67.23 -15.32
N PHE A 363 -16.65 67.76 -15.74
CA PHE A 363 -15.58 68.11 -14.82
C PHE A 363 -14.98 69.45 -15.20
N ARG A 364 -14.39 70.11 -14.20
CA ARG A 364 -13.99 71.50 -14.29
C ARG A 364 -12.56 71.71 -14.81
N LYS A 365 -11.80 70.64 -14.99
CA LYS A 365 -10.50 70.76 -15.63
C LYS A 365 -10.50 69.97 -16.93
N GLY A 366 -9.33 69.64 -17.47
CA GLY A 366 -9.22 68.95 -18.74
C GLY A 366 -9.07 67.44 -18.58
N PHE A 367 -8.98 66.78 -19.74
CA PHE A 367 -8.75 65.34 -19.73
C PHE A 367 -7.38 64.99 -19.17
N VAL A 368 -6.38 65.81 -19.45
CA VAL A 368 -5.06 65.52 -18.91
C VAL A 368 -5.10 65.53 -17.39
N ASN A 369 -6.03 66.30 -16.81
CA ASN A 369 -6.11 66.51 -15.38
C ASN A 369 -6.97 65.49 -14.65
N ILE A 370 -7.60 64.54 -15.36
CA ILE A 370 -8.32 63.49 -14.68
C ILE A 370 -7.34 62.62 -13.91
N ARG A 371 -7.62 62.42 -12.62
CA ARG A 371 -6.74 61.64 -11.76
C ARG A 371 -7.26 60.25 -11.46
N ALA A 372 -8.48 59.92 -11.89
CA ALA A 372 -8.96 58.55 -11.78
C ALA A 372 -8.03 57.59 -12.52
N VAL A 373 -7.90 56.39 -11.99
CA VAL A 373 -7.02 55.39 -12.60
C VAL A 373 -7.60 54.96 -13.93
N PRO A 374 -6.77 54.61 -14.92
CA PRO A 374 -7.30 54.30 -16.25
C PRO A 374 -8.24 53.11 -16.27
N GLU A 375 -8.04 52.11 -15.39
CA GLU A 375 -8.98 51.00 -15.30
C GLU A 375 -10.40 51.49 -15.09
N GLU A 376 -10.57 52.45 -14.18
CA GLU A 376 -11.90 52.93 -13.81
C GLU A 376 -12.48 53.81 -14.90
N VAL A 377 -11.65 54.64 -15.54
CA VAL A 377 -12.13 55.47 -16.65
C VAL A 377 -12.59 54.59 -17.81
N GLU A 378 -11.86 53.51 -18.08
CA GLU A 378 -12.17 52.66 -19.22
C GLU A 378 -13.56 52.05 -19.12
N LEU A 379 -14.01 51.72 -17.90
CA LEU A 379 -15.32 51.10 -17.75
C LEU A 379 -16.44 52.08 -18.12
N ALA A 380 -16.33 53.33 -17.69
CA ALA A 380 -17.33 54.33 -18.08
C ALA A 380 -17.25 54.64 -19.56
N LYS A 381 -16.03 54.63 -20.11
CA LYS A 381 -15.81 54.95 -21.51
C LYS A 381 -16.40 53.86 -22.40
N GLU A 382 -16.14 52.59 -22.07
CA GLU A 382 -16.69 51.49 -22.84
C GLU A 382 -18.21 51.35 -22.71
N GLU A 383 -18.81 51.86 -21.63
CA GLU A 383 -20.26 51.85 -21.50
C GLU A 383 -20.91 53.13 -22.06
N LYS A 384 -20.15 53.90 -22.84
CA LYS A 384 -20.64 55.02 -23.64
C LYS A 384 -21.16 56.18 -22.79
N CYS A 385 -20.54 56.41 -21.63
CA CYS A 385 -20.74 57.70 -20.96
C CYS A 385 -20.07 58.80 -21.77
N GLU A 386 -20.67 59.98 -21.75
CA GLU A 386 -20.07 61.16 -22.35
C GLU A 386 -19.22 61.93 -21.35
N PHE A 387 -18.19 62.59 -21.86
CA PHE A 387 -17.21 63.30 -21.04
C PHE A 387 -17.22 64.76 -21.49
N LEU A 388 -17.50 65.67 -20.56
CA LEU A 388 -17.48 67.10 -20.84
C LEU A 388 -16.45 67.81 -19.99
N PRO A 389 -15.34 68.26 -20.57
CA PRO A 389 -14.29 68.92 -19.78
C PRO A 389 -14.48 70.43 -19.72
N PHE A 390 -13.71 71.04 -18.81
CA PHE A 390 -13.60 72.50 -18.70
C PHE A 390 -14.95 73.15 -18.42
N LEU A 391 -15.75 72.54 -17.56
CA LEU A 391 -17.05 73.08 -17.20
C LEU A 391 -17.21 73.06 -15.69
N SER A 392 -17.56 74.22 -15.12
CA SER A 392 -17.80 74.31 -13.69
C SER A 392 -19.26 74.62 -13.44
N PRO A 393 -19.96 73.86 -12.60
CA PRO A 393 -21.41 74.06 -12.45
C PRO A 393 -21.72 75.34 -11.69
N ARG A 394 -22.78 76.02 -12.12
CA ARG A 394 -23.17 77.29 -11.54
C ARG A 394 -24.63 77.33 -11.08
N LYS A 395 -25.52 76.64 -11.79
CA LYS A 395 -26.94 76.69 -11.48
C LYS A 395 -27.58 75.33 -11.77
N VAL A 396 -28.44 74.89 -10.86
CA VAL A 396 -29.32 73.75 -11.12
C VAL A 396 -30.73 74.29 -11.33
N ILE A 397 -31.30 74.00 -12.49
CA ILE A 397 -32.59 74.55 -12.90
C ILE A 397 -33.69 73.54 -12.57
N VAL A 398 -34.72 74.01 -11.84
CA VAL A 398 -35.82 73.18 -11.38
C VAL A 398 -37.12 73.75 -11.93
N LYS A 399 -37.91 72.89 -12.60
CA LYS A 399 -39.26 73.24 -13.04
C LYS A 399 -40.19 72.06 -12.80
N GLY A 400 -41.43 72.37 -12.43
CA GLY A 400 -42.39 71.32 -12.13
C GLY A 400 -41.94 70.41 -11.01
N GLY A 401 -41.16 70.93 -10.06
CA GLY A 401 -40.65 70.13 -8.96
C GLY A 401 -39.51 69.21 -9.30
N ARG A 402 -38.87 69.39 -10.45
CA ARG A 402 -37.84 68.46 -10.90
C ARG A 402 -36.72 69.21 -11.61
N ILE A 403 -35.49 68.73 -11.43
CA ILE A 403 -34.35 69.24 -12.18
C ILE A 403 -34.61 69.05 -13.67
N VAL A 404 -34.32 70.08 -14.47
CA VAL A 404 -34.45 69.97 -15.91
C VAL A 404 -33.15 70.37 -16.63
N ALA A 405 -32.24 71.02 -15.91
CA ALA A 405 -31.00 71.47 -16.57
C ALA A 405 -29.98 71.90 -15.53
N VAL A 406 -28.73 71.97 -15.96
CA VAL A 406 -27.63 72.56 -15.18
C VAL A 406 -26.91 73.57 -16.07
N GLN A 407 -26.61 74.73 -15.51
CA GLN A 407 -25.86 75.76 -16.21
C GLN A 407 -24.42 75.75 -15.73
N PHE A 408 -23.47 75.77 -16.67
CA PHE A 408 -22.04 75.80 -16.37
C PHE A 408 -21.40 77.05 -16.94
N VAL A 409 -20.17 77.33 -16.48
CA VAL A 409 -19.28 78.29 -17.12
C VAL A 409 -18.05 77.56 -17.58
N ARG A 410 -17.48 78.01 -18.72
CA ARG A 410 -16.17 77.52 -19.17
C ARG A 410 -15.07 77.84 -18.18
N THR A 411 -14.10 76.92 -18.08
CA THR A 411 -12.88 77.11 -17.32
C THR A 411 -11.67 77.05 -18.24
N GLU A 412 -10.54 77.51 -17.73
CA GLU A 412 -9.38 77.88 -18.55
C GLU A 412 -8.17 78.08 -17.65
N GLN A 413 -6.98 77.76 -18.17
CA GLN A 413 -5.73 78.03 -17.48
C GLN A 413 -4.99 79.21 -18.10
N ASP A 414 -4.07 79.78 -17.32
CA ASP A 414 -3.26 80.94 -17.69
C ASP A 414 -1.84 80.52 -18.06
N GLU A 415 -0.92 81.50 -18.04
CA GLU A 415 0.51 81.23 -18.01
C GLU A 415 0.90 80.59 -16.68
N THR A 416 0.59 81.27 -15.59
CA THR A 416 0.80 80.84 -14.22
C THR A 416 0.19 79.48 -13.88
N GLY A 417 -0.57 78.90 -14.81
CA GLY A 417 -1.28 77.67 -14.52
C GLY A 417 -2.43 77.85 -13.57
N LYS A 418 -3.05 79.04 -13.59
CA LYS A 418 -4.07 79.41 -12.64
C LYS A 418 -5.43 79.34 -13.34
N TRP A 419 -6.36 78.61 -12.73
CA TRP A 419 -7.61 78.26 -13.38
C TRP A 419 -8.60 79.41 -13.26
N ASN A 420 -9.14 79.85 -14.39
CA ASN A 420 -10.11 80.93 -14.41
C ASN A 420 -11.43 80.45 -15.00
N GLU A 421 -12.48 81.15 -14.63
CA GLU A 421 -13.83 80.91 -15.13
C GLU A 421 -14.25 82.10 -15.98
N ASP A 422 -14.76 81.82 -17.18
CA ASP A 422 -15.16 82.86 -18.13
C ASP A 422 -16.67 83.03 -18.05
N GLU A 423 -17.10 84.14 -17.45
CA GLU A 423 -18.52 84.36 -17.18
C GLU A 423 -19.34 84.46 -18.46
N ASP A 424 -18.73 84.96 -19.53
CA ASP A 424 -19.41 85.13 -20.81
C ASP A 424 -19.50 83.84 -21.61
N GLN A 425 -18.96 82.72 -21.12
CA GLN A 425 -18.93 81.47 -21.85
C GLN A 425 -19.67 80.40 -21.04
N ILE A 426 -20.92 80.15 -21.42
CA ILE A 426 -21.89 79.41 -20.61
C ILE A 426 -22.41 78.21 -21.39
N VAL A 427 -22.74 77.14 -20.65
CA VAL A 427 -23.33 75.93 -21.21
C VAL A 427 -24.60 75.60 -20.45
N HIS A 428 -25.68 75.36 -21.19
N HIS A 428 -25.70 75.42 -21.19
CA HIS A 428 -26.97 74.99 -20.59
CA HIS A 428 -26.98 74.98 -20.63
C HIS A 428 -27.24 73.53 -20.99
C HIS A 428 -27.16 73.52 -21.02
N LEU A 429 -26.96 72.63 -20.06
CA LEU A 429 -27.03 71.19 -20.31
C LEU A 429 -28.31 70.62 -19.72
N LYS A 430 -29.11 69.98 -20.55
CA LYS A 430 -30.37 69.39 -20.10
C LYS A 430 -30.12 68.10 -19.35
N ALA A 431 -30.89 67.89 -18.28
CA ALA A 431 -30.63 66.80 -17.36
C ALA A 431 -31.85 66.58 -16.47
N ASP A 432 -32.06 65.32 -16.09
CA ASP A 432 -33.11 64.97 -15.15
C ASP A 432 -32.58 64.61 -13.77
N VAL A 433 -31.33 64.17 -13.67
CA VAL A 433 -30.72 63.77 -12.41
C VAL A 433 -29.31 64.36 -12.37
N VAL A 434 -28.92 64.84 -11.19
CA VAL A 434 -27.58 65.37 -10.96
C VAL A 434 -26.99 64.66 -9.75
N ILE A 435 -25.78 64.13 -9.92
CA ILE A 435 -25.06 63.44 -8.84
C ILE A 435 -23.72 64.12 -8.68
N SER A 436 -23.46 64.68 -7.51
CA SER A 436 -22.18 65.32 -7.25
C SER A 436 -21.21 64.29 -6.66
N ALA A 437 -20.03 64.19 -7.26
CA ALA A 437 -18.99 63.29 -6.77
C ALA A 437 -17.75 64.10 -6.40
N PHE A 438 -17.92 65.04 -5.47
CA PHE A 438 -16.87 65.99 -5.15
C PHE A 438 -15.96 65.52 -4.01
N GLY A 439 -16.12 64.29 -3.56
CA GLY A 439 -15.30 63.74 -2.48
C GLY A 439 -16.07 63.65 -1.17
N SER A 440 -15.33 63.27 -0.14
CA SER A 440 -15.89 63.06 1.18
C SER A 440 -15.04 63.78 2.22
N VAL A 441 -15.65 64.02 3.37
CA VAL A 441 -15.06 64.84 4.43
C VAL A 441 -15.54 64.34 5.78
N LEU A 442 -14.84 64.74 6.84
CA LEU A 442 -15.32 64.59 8.21
C LEU A 442 -15.66 65.99 8.72
N ARG A 443 -16.90 66.18 9.13
CA ARG A 443 -17.31 67.56 9.35
C ARG A 443 -18.36 67.72 10.47
N ASP A 444 -19.04 66.64 10.88
CA ASP A 444 -19.99 66.63 12.00
C ASP A 444 -19.32 67.10 13.29
N PRO A 445 -19.79 68.19 13.91
CA PRO A 445 -19.11 68.68 15.12
C PRO A 445 -19.12 67.71 16.29
N LYS A 446 -20.16 66.89 16.46
CA LYS A 446 -20.16 66.01 17.62
C LYS A 446 -19.23 64.81 17.45
N VAL A 447 -18.99 64.38 16.21
CA VAL A 447 -18.05 63.30 15.96
C VAL A 447 -16.63 63.76 16.28
N LYS A 448 -16.23 64.92 15.75
CA LYS A 448 -14.90 65.45 16.06
C LYS A 448 -14.74 65.69 17.55
N GLU A 449 -15.80 66.19 18.20
CA GLU A 449 -15.73 66.50 19.62
C GLU A 449 -15.51 65.23 20.44
N ALA A 450 -16.02 64.09 19.96
CA ALA A 450 -15.79 62.82 20.63
C ALA A 450 -14.34 62.37 20.61
N LEU A 451 -13.52 62.98 19.75
CA LEU A 451 -12.10 62.65 19.65
C LEU A 451 -11.22 63.55 20.49
N SER A 452 -11.82 64.40 21.32
CA SER A 452 -11.03 65.26 22.19
C SER A 452 -10.21 64.40 23.14
N PRO A 453 -8.95 64.77 23.41
CA PRO A 453 -8.26 65.98 22.95
C PRO A 453 -7.16 65.76 21.91
N ILE A 454 -7.31 64.82 20.98
CA ILE A 454 -6.23 64.58 20.02
C ILE A 454 -6.07 65.77 19.09
N LYS A 455 -4.84 65.98 18.62
CA LYS A 455 -4.55 67.08 17.72
C LYS A 455 -5.06 66.78 16.31
N PHE A 456 -5.66 67.79 15.69
CA PHE A 456 -6.09 67.76 14.30
C PHE A 456 -5.22 68.72 13.49
N ASN A 457 -5.05 68.42 12.20
CA ASN A 457 -4.23 69.26 11.33
C ASN A 457 -5.09 70.27 10.57
N ARG A 458 -4.45 71.01 9.67
CA ARG A 458 -5.12 72.10 8.96
C ARG A 458 -6.23 71.60 8.04
N TRP A 459 -6.24 70.32 7.70
CA TRP A 459 -7.29 69.73 6.89
C TRP A 459 -8.41 69.14 7.74
N ASP A 460 -8.42 69.45 9.04
CA ASP A 460 -9.45 68.99 9.98
C ASP A 460 -9.43 67.47 10.12
N LEU A 461 -8.25 66.86 10.01
CA LEU A 461 -8.11 65.42 10.17
C LEU A 461 -7.19 65.13 11.36
N PRO A 462 -7.38 64.00 12.02
CA PRO A 462 -6.51 63.65 13.15
C PRO A 462 -5.06 63.45 12.69
N GLU A 463 -4.12 64.05 13.43
CA GLU A 463 -2.71 63.86 13.12
C GLU A 463 -2.19 62.56 13.71
N VAL A 464 -1.38 61.84 12.93
CA VAL A 464 -0.67 60.66 13.41
C VAL A 464 0.80 60.78 13.06
N ASP A 465 1.62 60.12 13.85
CA ASP A 465 2.99 59.83 13.42
C ASP A 465 2.90 58.84 12.27
N PRO A 466 3.42 59.16 11.09
CA PRO A 466 3.20 58.28 9.92
C PRO A 466 3.88 56.93 10.02
N GLU A 467 4.79 56.72 10.97
CA GLU A 467 5.40 55.40 11.11
C GLU A 467 4.66 54.51 12.11
N THR A 468 4.04 55.09 13.14
CA THR A 468 3.40 54.31 14.18
C THR A 468 1.89 54.40 14.16
N MET A 469 1.32 55.38 13.47
CA MET A 469 -0.10 55.68 13.36
C MET A 469 -0.66 56.16 14.70
N GLN A 470 0.20 56.50 15.66
CA GLN A 470 -0.23 57.01 16.95
C GLN A 470 -0.65 58.47 16.84
N THR A 471 -1.78 58.81 17.46
CA THR A 471 -2.19 60.20 17.58
C THR A 471 -1.39 60.89 18.68
N SER A 472 -1.76 62.14 18.98
CA SER A 472 -1.11 62.88 20.05
C SER A 472 -1.41 62.29 21.43
N GLU A 473 -2.44 61.47 21.53
CA GLU A 473 -2.66 60.69 22.75
C GLU A 473 -2.07 59.31 22.58
N PRO A 474 -1.17 58.88 23.47
CA PRO A 474 -0.39 57.65 23.20
C PRO A 474 -1.24 56.40 23.09
N TRP A 475 -2.42 56.35 23.69
CA TRP A 475 -3.24 55.16 23.62
C TRP A 475 -4.21 55.16 22.45
N VAL A 476 -4.22 56.21 21.63
CA VAL A 476 -5.16 56.33 20.53
C VAL A 476 -4.39 56.33 19.21
N PHE A 477 -4.82 55.49 18.29
CA PHE A 477 -4.21 55.33 16.99
C PHE A 477 -5.28 55.58 15.93
N ALA A 478 -4.86 55.85 14.69
CA ALA A 478 -5.81 56.11 13.62
C ALA A 478 -5.22 55.72 12.28
N GLY A 479 -6.10 55.41 11.33
CA GLY A 479 -5.66 54.98 10.02
C GLY A 479 -6.82 54.91 9.04
N GLY A 480 -6.46 54.73 7.78
CA GLY A 480 -7.46 54.70 6.73
C GLY A 480 -7.77 56.10 6.20
N ASP A 481 -8.92 56.19 5.52
CA ASP A 481 -9.36 57.47 4.94
C ASP A 481 -9.30 58.63 5.94
N ILE A 482 -9.58 58.36 7.22
CA ILE A 482 -9.70 59.44 8.19
C ILE A 482 -8.37 60.17 8.37
N VAL A 483 -7.25 59.48 8.13
CA VAL A 483 -5.94 60.12 8.28
C VAL A 483 -5.55 60.92 7.03
N GLY A 484 -6.19 60.66 5.89
CA GLY A 484 -6.01 61.48 4.71
C GLY A 484 -4.86 61.11 3.82
N MET A 485 -4.16 60.02 4.12
CA MET A 485 -3.03 59.55 3.34
C MET A 485 -3.42 58.40 2.42
N ALA A 486 -4.07 57.37 2.97
CA ALA A 486 -4.59 56.28 2.16
C ALA A 486 -5.61 56.78 1.14
N ASN A 487 -5.49 56.30 -0.10
CA ASN A 487 -6.43 56.58 -1.17
C ASN A 487 -7.07 55.30 -1.72
N THR A 488 -6.84 54.17 -1.06
CA THR A 488 -7.18 52.86 -1.59
C THR A 488 -7.55 51.94 -0.44
N THR A 489 -8.23 50.85 -0.78
CA THR A 489 -8.48 49.80 0.22
C THR A 489 -7.17 49.25 0.77
N VAL A 490 -6.19 48.98 -0.10
CA VAL A 490 -4.98 48.30 0.32
C VAL A 490 -4.15 49.20 1.26
N GLU A 491 -4.10 50.51 0.97
CA GLU A 491 -3.40 51.41 1.87
C GLU A 491 -4.13 51.54 3.20
N SER A 492 -5.45 51.45 3.19
CA SER A 492 -6.21 51.48 4.43
C SER A 492 -5.95 50.22 5.25
N VAL A 493 -5.95 49.06 4.59
CA VAL A 493 -5.51 47.83 5.24
C VAL A 493 -4.11 48.00 5.82
N ASN A 494 -3.21 48.61 5.05
CA ASN A 494 -1.84 48.75 5.54
C ASN A 494 -1.76 49.69 6.73
N ASP A 495 -2.60 50.73 6.78
CA ASP A 495 -2.64 51.60 7.95
C ASP A 495 -3.01 50.81 9.20
N GLY A 496 -4.01 49.94 9.11
CA GLY A 496 -4.37 49.12 10.26
C GLY A 496 -3.28 48.14 10.62
N LYS A 497 -2.64 47.55 9.60
CA LYS A 497 -1.52 46.64 9.82
C LYS A 497 -0.38 47.34 10.54
N GLN A 498 0.02 48.51 10.04
CA GLN A 498 1.07 49.29 10.67
C GLN A 498 0.71 49.62 12.12
N ALA A 499 -0.52 50.09 12.34
CA ALA A 499 -0.94 50.46 13.68
C ALA A 499 -0.87 49.28 14.64
N SER A 500 -1.26 48.09 14.18
CA SER A 500 -1.39 46.95 15.08
C SER A 500 -0.10 46.68 15.86
N TRP A 501 1.06 46.83 15.20
CA TRP A 501 2.30 46.54 15.89
C TRP A 501 2.57 47.55 17.01
N TYR A 502 2.31 48.83 16.76
CA TYR A 502 2.62 49.83 17.77
C TYR A 502 1.55 49.95 18.84
N ILE A 503 0.31 49.54 18.54
CA ILE A 503 -0.67 49.33 19.60
C ILE A 503 -0.18 48.24 20.54
N HIS A 504 0.27 47.13 19.94
CA HIS A 504 0.86 46.02 20.69
C HIS A 504 2.02 46.49 21.55
N LYS A 505 2.95 47.25 20.95
CA LYS A 505 4.07 47.79 21.71
C LYS A 505 3.59 48.68 22.85
N TYR A 506 2.56 49.50 22.59
CA TYR A 506 2.07 50.39 23.64
C TYR A 506 1.42 49.61 24.77
N ILE A 507 0.52 48.67 24.44
CA ILE A 507 -0.16 47.90 25.49
C ILE A 507 0.83 47.12 26.32
N GLN A 508 1.76 46.42 25.67
CA GLN A 508 2.75 45.64 26.42
C GLN A 508 3.53 46.52 27.38
N ALA A 509 3.89 47.73 26.95
CA ALA A 509 4.61 48.64 27.83
C ALA A 509 3.75 49.06 29.02
N GLN A 510 2.45 49.27 28.79
CA GLN A 510 1.56 49.64 29.89
C GLN A 510 1.51 48.56 30.96
N TYR A 511 1.69 47.30 30.58
CA TYR A 511 1.76 46.19 31.53
C TYR A 511 3.19 45.86 31.94
N GLY A 512 4.15 46.71 31.58
CA GLY A 512 5.52 46.52 32.00
C GLY A 512 6.30 45.52 31.18
N ALA A 513 5.84 45.16 29.99
CA ALA A 513 6.53 44.22 29.14
C ALA A 513 7.10 44.92 27.92
N SER A 514 8.21 44.40 27.43
CA SER A 514 8.86 44.91 26.23
C SER A 514 8.51 44.05 25.03
N VAL A 515 8.76 44.58 23.85
CA VAL A 515 8.59 43.84 22.61
C VAL A 515 9.89 43.95 21.82
N SER A 516 10.07 43.04 20.87
CA SER A 516 11.30 43.03 20.09
C SER A 516 11.43 44.30 19.28
N ALA A 517 12.68 44.71 19.04
CA ALA A 517 12.93 45.93 18.27
C ALA A 517 12.57 45.75 16.80
N LYS A 518 12.58 44.51 16.32
CA LYS A 518 12.18 44.16 14.97
C LYS A 518 10.69 43.78 14.98
N PRO A 519 9.82 44.58 14.36
CA PRO A 519 8.39 44.22 14.35
C PRO A 519 8.16 42.85 13.71
N GLU A 520 7.37 42.01 14.41
CA GLU A 520 7.13 40.61 14.01
C GLU A 520 5.63 40.30 14.04
N LEU A 521 4.90 40.74 13.00
CA LEU A 521 3.49 40.37 12.93
C LEU A 521 3.36 38.92 12.41
N PRO A 522 2.46 38.14 12.98
CA PRO A 522 2.35 36.73 12.57
C PRO A 522 1.71 36.59 11.20
N LEU A 523 1.98 35.44 10.58
CA LEU A 523 1.37 35.08 9.30
C LEU A 523 -0.09 34.63 9.50
N PHE A 524 -0.72 34.25 8.39
CA PHE A 524 -2.09 33.77 8.37
C PHE A 524 -2.09 32.25 8.36
N TYR A 525 -2.92 31.65 9.21
CA TYR A 525 -2.91 30.20 9.40
C TYR A 525 -4.32 29.62 9.33
N THR A 526 -4.39 28.36 8.85
CA THR A 526 -5.61 27.55 8.78
C THR A 526 -5.31 26.14 9.28
N PRO A 527 -6.31 25.26 9.45
CA PRO A 527 -6.00 23.88 9.84
C PRO A 527 -5.12 23.13 8.85
N VAL A 528 -5.03 23.60 7.60
CA VAL A 528 -4.17 22.94 6.62
C VAL A 528 -2.72 22.97 7.10
N ASP A 529 -2.30 24.05 7.74
CA ASP A 529 -0.91 24.20 8.15
C ASP A 529 -0.51 23.21 9.24
N LEU A 530 -1.46 22.57 9.90
CA LEU A 530 -1.18 21.59 10.93
C LEU A 530 -1.00 20.18 10.37
N VAL A 531 -1.18 19.99 9.06
CA VAL A 531 -1.11 18.67 8.47
C VAL A 531 0.33 18.16 8.49
N ASP A 532 0.51 16.91 8.90
CA ASP A 532 1.82 16.28 9.00
C ASP A 532 2.24 15.72 7.64
N ILE A 533 3.41 16.14 7.14
CA ILE A 533 3.90 15.63 5.86
C ILE A 533 5.25 14.95 6.04
N SER A 534 5.50 14.39 7.22
CA SER A 534 6.71 13.60 7.41
C SER A 534 6.52 12.20 6.86
N VAL A 535 7.63 11.52 6.62
CA VAL A 535 7.61 10.16 6.08
C VAL A 535 8.87 9.43 6.53
N GLU A 536 8.73 8.14 6.81
CA GLU A 536 9.86 7.28 7.15
C GLU A 536 10.15 6.36 5.97
N MET A 537 11.44 6.16 5.69
CA MET A 537 11.87 5.34 4.57
C MET A 537 13.23 4.74 4.89
N ALA A 538 13.33 3.42 4.77
CA ALA A 538 14.59 2.72 5.00
C ALA A 538 15.15 3.04 6.39
N GLY A 539 14.25 3.17 7.36
CA GLY A 539 14.63 3.51 8.71
C GLY A 539 15.00 4.96 8.95
N LEU A 540 14.95 5.81 7.92
CA LEU A 540 15.28 7.22 8.04
C LEU A 540 14.01 8.06 8.17
N LYS A 541 14.10 9.13 8.96
CA LYS A 541 12.95 10.00 9.24
C LYS A 541 13.15 11.32 8.48
N PHE A 542 12.27 11.59 7.53
CA PHE A 542 12.28 12.85 6.79
C PHE A 542 11.19 13.77 7.33
N ILE A 543 11.56 15.03 7.63
CA ILE A 543 10.56 15.98 8.12
C ILE A 543 9.58 16.37 7.03
N ASN A 544 9.99 16.31 5.77
CA ASN A 544 9.07 16.40 4.64
C ASN A 544 9.70 15.63 3.50
N PRO A 545 8.92 15.26 2.47
CA PRO A 545 9.45 14.37 1.43
C PRO A 545 10.25 15.05 0.32
N PHE A 546 10.53 16.34 0.41
CA PHE A 546 11.19 17.06 -0.68
C PHE A 546 12.67 17.25 -0.36
N GLY A 547 13.51 16.97 -1.34
CA GLY A 547 14.95 17.11 -1.16
C GLY A 547 15.64 17.50 -2.45
N LEU A 548 16.85 18.04 -2.28
CA LEU A 548 17.66 18.43 -3.42
C LEU A 548 18.37 17.20 -4.00
N ALA A 549 18.22 17.00 -5.30
CA ALA A 549 18.96 15.96 -5.98
C ALA A 549 20.45 16.32 -6.02
N SER A 550 21.27 15.31 -6.24
CA SER A 550 22.70 15.49 -6.48
C SER A 550 22.87 16.18 -7.83
N ALA A 551 23.14 17.48 -7.84
CA ALA A 551 23.14 18.25 -9.08
C ALA A 551 23.68 19.65 -8.81
N ALA A 552 23.47 20.54 -9.77
CA ALA A 552 23.95 21.92 -9.65
C ALA A 552 23.44 22.65 -8.41
N PRO A 553 22.19 22.49 -7.97
CA PRO A 553 21.78 23.14 -6.72
C PRO A 553 22.53 22.65 -5.49
N THR A 554 23.30 21.57 -5.58
CA THR A 554 24.15 21.13 -4.48
C THR A 554 25.63 21.14 -4.88
N THR A 555 26.00 22.11 -5.72
CA THR A 555 27.39 22.32 -6.10
C THR A 555 28.28 22.55 -4.88
N SER A 556 27.79 23.30 -3.90
CA SER A 556 28.54 23.63 -2.70
C SER A 556 27.70 23.31 -1.47
N SER A 557 28.38 22.90 -0.38
CA SER A 557 27.66 22.59 0.84
C SER A 557 27.03 23.83 1.47
N SER A 558 27.57 25.01 1.19
CA SER A 558 26.94 26.25 1.64
C SER A 558 25.56 26.44 1.04
N MET A 559 25.33 25.86 -0.15
CA MET A 559 23.99 25.93 -0.73
C MET A 559 23.04 24.97 -0.04
N ILE A 560 23.51 23.76 0.31
CA ILE A 560 22.68 22.86 1.10
C ILE A 560 22.27 23.50 2.41
N ARG A 561 23.21 24.17 3.08
CA ARG A 561 22.89 24.86 4.33
C ARG A 561 21.72 25.83 4.13
N ARG A 562 21.78 26.66 3.09
CA ARG A 562 20.71 27.61 2.84
C ARG A 562 19.41 26.90 2.48
N ALA A 563 19.49 25.77 1.78
CA ALA A 563 18.28 25.02 1.46
C ALA A 563 17.62 24.45 2.72
N PHE A 564 18.42 23.91 3.64
CA PHE A 564 17.86 23.45 4.91
C PHE A 564 17.22 24.61 5.66
N GLU A 565 17.89 25.77 5.69
CA GLU A 565 17.31 26.94 6.34
C GLU A 565 16.02 27.37 5.67
N ALA A 566 15.85 27.08 4.38
CA ALA A 566 14.60 27.41 3.70
C ALA A 566 13.49 26.40 3.98
N GLY A 567 13.82 25.19 4.42
CA GLY A 567 12.83 24.19 4.78
C GLY A 567 12.94 22.87 4.03
N TRP A 568 13.94 22.67 3.18
CA TRP A 568 14.05 21.39 2.47
C TRP A 568 14.25 20.23 3.45
N GLY A 569 13.57 19.12 3.18
CA GLY A 569 13.62 18.00 4.09
C GLY A 569 14.94 17.24 4.05
N PHE A 570 15.53 17.10 2.87
CA PHE A 570 16.81 16.41 2.75
C PHE A 570 17.58 16.99 1.57
N ALA A 571 18.83 16.52 1.43
CA ALA A 571 19.66 16.95 0.31
C ALA A 571 20.72 15.89 0.03
N LEU A 572 21.06 15.78 -1.24
CA LEU A 572 22.16 14.95 -1.72
C LEU A 572 23.39 15.83 -1.89
N THR A 573 24.57 15.31 -1.58
CA THR A 573 25.74 16.02 -2.07
C THR A 573 25.84 15.86 -3.59
N LYS A 574 26.50 16.82 -4.22
CA LYS A 574 27.01 16.57 -5.57
C LYS A 574 27.87 15.32 -5.51
N THR A 575 27.81 14.49 -6.55
CA THR A 575 28.56 13.24 -6.52
C THR A 575 30.06 13.52 -6.37
N PHE A 576 30.71 12.85 -5.40
CA PHE A 576 32.15 13.04 -5.24
C PHE A 576 32.86 11.70 -5.27
N SER A 577 34.18 11.77 -5.40
CA SER A 577 35.00 10.58 -5.65
C SER A 577 36.35 10.74 -4.97
N LEU A 578 37.14 9.67 -5.02
CA LEU A 578 38.47 9.69 -4.44
C LEU A 578 39.38 10.65 -5.21
N ASP A 579 40.46 11.06 -4.54
CA ASP A 579 41.40 12.03 -5.11
C ASP A 579 41.90 11.61 -6.49
N LYS A 580 42.16 10.31 -6.68
CA LYS A 580 42.72 9.87 -7.96
C LYS A 580 41.73 10.01 -9.10
N ASP A 581 40.45 10.20 -8.81
CA ASP A 581 39.43 10.31 -9.84
C ASP A 581 39.03 11.76 -10.10
N ILE A 582 39.90 12.71 -9.76
CA ILE A 582 39.62 14.13 -9.92
C ILE A 582 39.28 14.46 -11.37
N VAL A 583 38.29 15.34 -11.55
CA VAL A 583 37.82 15.73 -12.88
C VAL A 583 37.92 17.23 -13.04
N THR A 584 37.76 17.68 -14.28
CA THR A 584 37.74 19.10 -14.64
C THR A 584 36.59 19.32 -15.62
N ASN A 585 35.65 20.18 -15.24
CA ASN A 585 34.51 20.47 -16.11
C ASN A 585 34.92 21.33 -17.29
N VAL A 586 34.16 21.20 -18.38
CA VAL A 586 34.28 22.09 -19.51
C VAL A 586 33.18 23.14 -19.42
N SER A 587 33.28 24.18 -20.25
CA SER A 587 32.26 25.20 -20.36
C SER A 587 32.14 25.63 -21.81
N PRO A 588 30.92 25.92 -22.30
CA PRO A 588 29.60 25.85 -21.65
C PRO A 588 29.20 24.41 -21.33
N ARG A 589 28.28 24.16 -20.39
CA ARG A 589 27.95 22.77 -20.11
C ARG A 589 26.51 22.53 -19.65
N ILE A 590 25.73 23.57 -19.40
CA ILE A 590 24.31 23.41 -19.06
C ILE A 590 23.51 24.36 -19.96
N VAL A 591 22.57 23.80 -20.73
CA VAL A 591 21.79 24.60 -21.68
C VAL A 591 20.31 24.34 -21.49
N ARG A 592 19.50 25.31 -21.94
CA ARG A 592 18.06 25.18 -21.84
C ARG A 592 17.54 24.15 -22.85
N GLY A 593 16.39 23.58 -22.52
CA GLY A 593 15.77 22.63 -23.43
C GLY A 593 15.06 23.31 -24.57
N THR A 594 15.00 22.58 -25.69
CA THR A 594 14.24 23.01 -26.86
C THR A 594 12.93 22.24 -26.97
N THR A 595 12.57 21.52 -25.91
CA THR A 595 11.46 20.56 -25.88
C THR A 595 10.09 21.20 -25.88
N SER A 596 9.99 22.52 -25.69
CA SER A 596 8.69 23.18 -25.76
C SER A 596 8.78 24.46 -26.61
N GLY A 597 9.72 24.49 -27.54
CA GLY A 597 9.79 25.58 -28.49
C GLY A 597 10.55 26.79 -27.97
N PRO A 598 10.52 27.88 -28.74
CA PRO A 598 11.28 29.10 -28.38
C PRO A 598 10.56 29.95 -27.33
N MET A 599 10.35 29.35 -26.16
CA MET A 599 9.83 30.04 -24.98
C MET A 599 11.00 30.22 -24.00
N TYR A 600 11.30 31.47 -23.65
CA TYR A 600 12.45 31.78 -22.83
C TYR A 600 12.02 32.29 -21.47
N GLY A 601 12.91 32.13 -20.49
CA GLY A 601 12.64 32.58 -19.15
C GLY A 601 12.13 31.49 -18.24
N PRO A 602 11.06 31.77 -17.50
CA PRO A 602 10.59 30.83 -16.47
C PRO A 602 10.02 29.56 -17.07
N GLY A 603 10.08 28.49 -16.28
CA GLY A 603 9.43 27.24 -16.64
C GLY A 603 10.01 26.53 -17.84
N GLN A 604 11.34 26.56 -18.00
CA GLN A 604 11.97 25.75 -19.03
C GLN A 604 11.57 24.30 -18.84
N SER A 605 11.17 23.66 -19.94
CA SER A 605 10.64 22.30 -19.85
C SER A 605 11.73 21.24 -19.78
N SER A 606 12.99 21.60 -20.03
CA SER A 606 14.09 20.69 -19.80
C SER A 606 15.39 21.49 -19.75
N PHE A 607 16.43 20.82 -19.26
CA PHE A 607 17.81 21.25 -19.46
C PHE A 607 18.60 20.07 -20.00
N LEU A 608 19.75 20.36 -20.60
CA LEU A 608 20.73 19.34 -20.91
C LEU A 608 22.05 19.74 -20.30
N ASN A 609 22.77 18.78 -19.73
CA ASN A 609 24.06 19.07 -19.12
C ASN A 609 25.10 18.06 -19.58
N ILE A 610 26.34 18.54 -19.70
CA ILE A 610 27.48 17.66 -19.90
C ILE A 610 28.41 17.86 -18.72
N GLU A 611 27.82 18.05 -17.54
CA GLU A 611 28.60 18.23 -16.32
C GLU A 611 29.14 16.88 -15.84
N LEU A 612 30.24 16.93 -15.10
CA LEU A 612 30.84 15.75 -14.51
C LEU A 612 30.43 15.63 -13.05
N ILE A 613 31.12 14.77 -12.30
CA ILE A 613 30.95 14.71 -10.86
C ILE A 613 31.53 15.98 -10.25
N SER A 614 31.42 16.11 -8.92
CA SER A 614 31.88 17.32 -8.25
C SER A 614 33.35 17.59 -8.54
N GLU A 615 33.68 18.86 -8.74
CA GLU A 615 35.08 19.23 -8.82
C GLU A 615 35.70 19.39 -7.43
N LYS A 616 34.89 19.37 -6.38
CA LYS A 616 35.38 19.51 -5.02
C LYS A 616 35.78 18.16 -4.45
N THR A 617 36.73 18.18 -3.52
CA THR A 617 37.37 16.95 -3.06
C THR A 617 36.47 16.19 -2.09
N ALA A 618 36.76 14.90 -1.96
CA ALA A 618 36.11 14.09 -0.93
C ALA A 618 36.35 14.67 0.47
N ALA A 619 37.52 15.27 0.70
CA ALA A 619 37.79 15.87 2.01
C ALA A 619 36.88 17.06 2.25
N TYR A 620 36.64 17.87 1.23
CA TYR A 620 35.66 18.96 1.36
C TYR A 620 34.29 18.41 1.71
N TRP A 621 33.85 17.37 0.99
CA TRP A 621 32.49 16.90 1.15
C TRP A 621 32.28 16.18 2.47
N CYS A 622 33.25 15.38 2.92
CA CYS A 622 33.08 14.69 4.20
C CYS A 622 33.08 15.66 5.36
N GLN A 623 34.00 16.63 5.37
CA GLN A 623 33.94 17.68 6.39
C GLN A 623 32.62 18.43 6.33
N SER A 624 32.14 18.72 5.11
CA SER A 624 30.89 19.44 4.96
C SER A 624 29.71 18.66 5.53
N VAL A 625 29.67 17.34 5.28
CA VAL A 625 28.57 16.54 5.80
C VAL A 625 28.57 16.54 7.32
N THR A 626 29.74 16.45 7.93
CA THR A 626 29.82 16.53 9.38
C THR A 626 29.24 17.84 9.90
N GLU A 627 29.60 18.96 9.27
CA GLU A 627 29.09 20.25 9.73
C GLU A 627 27.59 20.37 9.50
N LEU A 628 27.09 19.90 8.36
CA LEU A 628 25.65 19.98 8.10
C LEU A 628 24.86 19.12 9.08
N LYS A 629 25.38 17.93 9.40
CA LYS A 629 24.64 17.05 10.31
C LYS A 629 24.72 17.54 11.75
N ALA A 630 25.79 18.26 12.10
CA ALA A 630 25.85 18.85 13.43
C ALA A 630 24.88 20.00 13.58
N ASP A 631 24.65 20.76 12.49
CA ASP A 631 23.82 21.95 12.57
C ASP A 631 22.37 21.68 12.24
N PHE A 632 22.08 20.64 11.47
CA PHE A 632 20.72 20.32 11.03
C PHE A 632 20.46 18.83 11.27
N PRO A 633 20.42 18.41 12.53
CA PRO A 633 20.30 16.97 12.81
C PRO A 633 19.01 16.35 12.29
N ASP A 634 17.94 17.12 12.14
CA ASP A 634 16.68 16.57 11.65
C ASP A 634 16.58 16.55 10.13
N ASN A 635 17.51 17.17 9.42
CA ASN A 635 17.51 17.16 7.96
C ASN A 635 18.40 16.04 7.46
N ILE A 636 17.89 15.24 6.53
CA ILE A 636 18.63 14.07 6.06
C ILE A 636 19.66 14.50 5.03
N VAL A 637 20.90 14.05 5.22
CA VAL A 637 22.00 14.31 4.29
C VAL A 637 22.44 12.98 3.71
N ILE A 638 22.38 12.86 2.39
CA ILE A 638 22.77 11.65 1.68
C ILE A 638 24.00 11.96 0.84
N ALA A 639 25.08 11.23 1.08
CA ALA A 639 26.32 11.43 0.34
C ALA A 639 26.27 10.65 -0.96
N SER A 640 26.36 11.35 -2.09
CA SER A 640 26.43 10.70 -3.40
C SER A 640 27.88 10.47 -3.77
N ILE A 641 28.23 9.24 -4.14
CA ILE A 641 29.62 8.86 -4.37
C ILE A 641 29.71 8.03 -5.65
N MET A 642 30.88 8.08 -6.29
CA MET A 642 31.13 7.29 -7.49
C MET A 642 32.57 6.79 -7.49
N CYS A 643 32.74 5.52 -7.81
CA CYS A 643 34.05 4.95 -8.13
C CYS A 643 33.97 4.22 -9.45
N SER A 644 35.14 3.91 -10.01
CA SER A 644 35.22 2.95 -11.10
C SER A 644 34.91 1.54 -10.56
N TYR A 645 34.82 0.57 -11.48
CA TYR A 645 34.41 -0.79 -11.10
C TYR A 645 35.55 -1.45 -10.34
N ASN A 646 35.64 -1.12 -9.05
CA ASN A 646 36.79 -1.50 -8.23
C ASN A 646 36.32 -1.66 -6.78
N LYS A 647 36.42 -2.90 -6.27
CA LYS A 647 35.95 -3.22 -4.93
C LYS A 647 36.62 -2.35 -3.86
N ASN A 648 37.95 -2.28 -3.89
CA ASN A 648 38.68 -1.53 -2.87
C ASN A 648 38.28 -0.07 -2.88
N ASP A 649 38.06 0.50 -4.07
CA ASP A 649 37.69 1.91 -4.18
C ASP A 649 36.31 2.15 -3.59
N TRP A 650 35.31 1.38 -4.01
CA TRP A 650 33.95 1.54 -3.47
C TRP A 650 33.93 1.37 -1.95
N MET A 651 34.67 0.40 -1.43
CA MET A 651 34.68 0.21 0.02
C MET A 651 35.36 1.38 0.73
N GLU A 652 36.45 1.88 0.16
CA GLU A 652 37.16 3.00 0.79
C GLU A 652 36.31 4.26 0.80
N LEU A 653 35.72 4.62 -0.34
CA LEU A 653 34.97 5.86 -0.43
C LEU A 653 33.68 5.81 0.39
N SER A 654 32.98 4.67 0.34
CA SER A 654 31.74 4.55 1.09
C SER A 654 31.99 4.58 2.60
N ARG A 655 33.11 3.99 3.05
CA ARG A 655 33.44 4.08 4.48
C ARG A 655 33.78 5.50 4.88
N LYS A 656 34.47 6.24 4.00
CA LYS A 656 34.80 7.63 4.30
C LYS A 656 33.55 8.48 4.45
N ALA A 657 32.60 8.32 3.52
CA ALA A 657 31.36 9.09 3.60
C ALA A 657 30.53 8.67 4.82
N GLU A 658 30.51 7.38 5.15
CA GLU A 658 29.81 6.92 6.35
C GLU A 658 30.40 7.55 7.60
N ALA A 659 31.74 7.56 7.70
CA ALA A 659 32.39 8.11 8.88
C ALA A 659 32.13 9.60 9.04
N SER A 660 31.81 10.30 7.95
CA SER A 660 31.51 11.72 8.04
C SER A 660 30.19 12.00 8.74
N GLY A 661 29.33 10.99 8.90
CA GLY A 661 28.03 11.18 9.49
C GLY A 661 26.88 11.23 8.50
N ALA A 662 27.12 10.87 7.23
CA ALA A 662 26.04 10.79 6.26
C ALA A 662 24.93 9.87 6.76
N ASP A 663 23.68 10.32 6.59
CA ASP A 663 22.55 9.48 6.99
C ASP A 663 22.45 8.25 6.10
N ALA A 664 22.82 8.40 4.84
CA ALA A 664 22.74 7.33 3.86
C ALA A 664 23.72 7.69 2.75
N LEU A 665 23.92 6.73 1.84
CA LEU A 665 24.73 6.95 0.66
C LEU A 665 23.86 6.73 -0.58
N GLU A 666 24.22 7.43 -1.65
CA GLU A 666 23.65 7.19 -2.96
C GLU A 666 24.78 6.83 -3.90
N LEU A 667 24.67 5.69 -4.56
CA LEU A 667 25.71 5.20 -5.46
C LEU A 667 25.41 5.71 -6.86
N ASN A 668 26.25 6.60 -7.37
CA ASN A 668 26.10 7.05 -8.76
C ASN A 668 26.67 5.95 -9.67
N LEU A 669 25.83 5.42 -10.55
CA LEU A 669 26.22 4.29 -11.38
C LEU A 669 26.62 4.71 -12.80
N SER A 670 27.15 5.93 -12.95
CA SER A 670 27.46 6.49 -14.26
C SER A 670 28.88 6.19 -14.72
N SER A 671 29.68 5.50 -13.92
CA SER A 671 31.07 5.27 -14.29
C SER A 671 31.15 4.25 -15.43
N PRO A 672 31.94 4.51 -16.46
CA PRO A 672 32.05 3.57 -17.58
C PRO A 672 32.80 2.30 -17.18
N HIS A 673 32.53 1.23 -17.92
CA HIS A 673 33.27 -0.01 -17.72
C HIS A 673 33.09 -0.91 -18.94
N GLY A 674 34.19 -1.46 -19.45
CA GLY A 674 34.14 -2.34 -20.60
C GLY A 674 34.13 -1.61 -21.92
N GLY A 679 24.60 -5.58 -25.41
CA GLY A 679 23.30 -5.13 -24.98
C GLY A 679 23.30 -4.45 -23.64
N MET A 680 24.48 -4.14 -23.09
CA MET A 680 24.55 -3.53 -21.77
C MET A 680 25.58 -2.42 -21.73
N GLY A 681 25.61 -1.60 -22.79
CA GLY A 681 26.18 -0.29 -22.96
C GLY A 681 27.51 -0.11 -22.27
N LEU A 682 27.75 1.12 -21.82
CA LEU A 682 29.06 1.53 -21.31
C LEU A 682 29.09 1.67 -19.79
N ALA A 683 28.04 2.23 -19.19
CA ALA A 683 28.09 2.56 -17.77
C ALA A 683 27.73 1.35 -16.91
N CYS A 684 28.24 1.36 -15.68
CA CYS A 684 27.95 0.28 -14.74
C CYS A 684 26.45 0.13 -14.51
N GLY A 685 25.72 1.25 -14.45
CA GLY A 685 24.30 1.20 -14.22
C GLY A 685 23.46 0.62 -15.34
N GLN A 686 24.07 0.26 -16.46
CA GLN A 686 23.34 -0.36 -17.55
C GLN A 686 23.48 -1.89 -17.56
N ASP A 687 24.21 -2.47 -16.60
CA ASP A 687 24.48 -3.90 -16.57
C ASP A 687 24.10 -4.44 -15.19
N PRO A 688 23.13 -5.35 -15.09
CA PRO A 688 22.70 -5.82 -13.76
C PRO A 688 23.79 -6.55 -12.99
N GLU A 689 24.67 -7.28 -13.69
CA GLU A 689 25.72 -8.01 -13.01
C GLU A 689 26.67 -7.04 -12.29
N LEU A 690 26.99 -5.93 -12.95
CA LEU A 690 27.91 -4.96 -12.33
C LEU A 690 27.24 -4.25 -11.15
N VAL A 691 25.96 -3.90 -11.30
CA VAL A 691 25.26 -3.22 -10.21
C VAL A 691 25.17 -4.12 -8.98
N ARG A 692 24.88 -5.40 -9.19
CA ARG A 692 24.79 -6.33 -8.07
C ARG A 692 26.11 -6.42 -7.31
N ASN A 693 27.23 -6.45 -8.03
CA ASN A 693 28.52 -6.56 -7.35
C ASN A 693 28.86 -5.28 -6.60
N ILE A 694 28.63 -4.12 -7.24
CA ILE A 694 28.90 -2.84 -6.56
C ILE A 694 28.12 -2.77 -5.25
N CYS A 695 26.83 -3.12 -5.30
CA CYS A 695 26.03 -3.08 -4.08
C CYS A 695 26.53 -4.09 -3.06
N ARG A 696 26.99 -5.26 -3.50
CA ARG A 696 27.57 -6.21 -2.56
C ARG A 696 28.79 -5.61 -1.86
N TRP A 697 29.64 -4.91 -2.60
CA TRP A 697 30.85 -4.33 -2.02
C TRP A 697 30.50 -3.27 -0.98
N VAL A 698 29.59 -2.35 -1.34
CA VAL A 698 29.24 -1.27 -0.41
C VAL A 698 28.54 -1.83 0.82
N ARG A 699 27.74 -2.89 0.64
CA ARG A 699 27.02 -3.44 1.78
C ARG A 699 27.97 -4.09 2.78
N GLN A 700 29.05 -4.72 2.28
CA GLN A 700 30.09 -5.23 3.18
C GLN A 700 30.77 -4.09 3.93
N ALA A 701 30.87 -2.91 3.32
CA ALA A 701 31.75 -1.86 3.81
C ALA A 701 31.11 -0.99 4.87
N VAL A 702 29.81 -0.70 4.74
CA VAL A 702 29.13 0.25 5.61
C VAL A 702 27.90 -0.41 6.20
N GLN A 703 27.42 0.19 7.29
CA GLN A 703 26.22 -0.30 7.94
C GLN A 703 25.03 0.65 7.77
N ILE A 704 25.24 1.87 7.30
CA ILE A 704 24.15 2.81 7.06
C ILE A 704 23.42 2.41 5.79
N PRO A 705 22.18 2.83 5.59
CA PRO A 705 21.48 2.51 4.34
C PRO A 705 22.15 3.17 3.14
N PHE A 706 22.00 2.53 1.98
CA PHE A 706 22.47 3.13 0.74
C PHE A 706 21.52 2.80 -0.39
N PHE A 707 21.49 3.69 -1.37
CA PHE A 707 20.55 3.62 -2.48
C PHE A 707 21.33 3.67 -3.79
N ALA A 708 20.95 2.83 -4.74
CA ALA A 708 21.57 2.82 -6.05
C ALA A 708 20.80 3.77 -6.97
N LYS A 709 21.51 4.71 -7.59
CA LYS A 709 20.87 5.66 -8.49
C LYS A 709 20.85 5.07 -9.90
N LEU A 710 19.66 4.72 -10.38
CA LEU A 710 19.49 4.03 -11.64
C LEU A 710 19.52 5.01 -12.81
N THR A 711 20.06 4.53 -13.92
CA THR A 711 19.91 5.28 -15.16
C THR A 711 18.67 4.82 -15.93
N PRO A 712 17.93 5.75 -16.53
CA PRO A 712 16.80 5.35 -17.38
C PRO A 712 17.23 4.84 -18.75
N ASN A 713 18.52 4.96 -19.07
CA ASN A 713 19.02 4.62 -20.40
C ASN A 713 19.32 3.12 -20.49
N VAL A 714 18.27 2.33 -20.26
CA VAL A 714 18.40 0.87 -20.22
C VAL A 714 17.12 0.24 -20.78
N THR A 715 17.28 -0.96 -21.32
CA THR A 715 16.13 -1.69 -21.84
C THR A 715 15.14 -2.02 -20.72
N ASP A 716 15.64 -2.54 -19.60
CA ASP A 716 14.81 -3.07 -18.53
C ASP A 716 15.32 -2.53 -17.20
N ILE A 717 14.76 -1.41 -16.74
CA ILE A 717 15.24 -0.83 -15.50
C ILE A 717 14.87 -1.67 -14.29
N VAL A 718 13.85 -2.53 -14.40
CA VAL A 718 13.49 -3.40 -13.29
C VAL A 718 14.61 -4.39 -13.00
N SER A 719 15.24 -4.93 -14.05
CA SER A 719 16.34 -5.87 -13.83
C SER A 719 17.50 -5.21 -13.08
N ILE A 720 17.75 -3.92 -13.33
CA ILE A 720 18.82 -3.24 -12.62
C ILE A 720 18.43 -3.04 -11.15
N ALA A 721 17.19 -2.60 -10.90
CA ALA A 721 16.74 -2.41 -9.54
C ALA A 721 16.71 -3.73 -8.77
N ARG A 722 16.33 -4.82 -9.42
CA ARG A 722 16.33 -6.11 -8.75
C ARG A 722 17.75 -6.55 -8.40
N ALA A 723 18.70 -6.34 -9.32
CA ALA A 723 20.09 -6.69 -9.02
C ALA A 723 20.62 -5.86 -7.86
N ALA A 724 20.27 -4.57 -7.79
CA ALA A 724 20.68 -3.75 -6.66
C ALA A 724 20.14 -4.30 -5.35
N LYS A 725 18.86 -4.71 -5.35
CA LYS A 725 18.25 -5.29 -4.16
C LYS A 725 18.92 -6.61 -3.78
N GLU A 726 19.22 -7.45 -4.77
CA GLU A 726 19.94 -8.70 -4.51
C GLU A 726 21.32 -8.43 -3.95
N GLY A 727 21.98 -7.36 -4.40
CA GLY A 727 23.29 -7.00 -3.90
C GLY A 727 23.33 -6.42 -2.51
N GLY A 728 22.18 -6.00 -1.98
CA GLY A 728 22.11 -5.48 -0.61
C GLY A 728 21.66 -4.04 -0.49
N ALA A 729 21.34 -3.35 -1.58
CA ALA A 729 20.90 -1.97 -1.49
C ALA A 729 19.61 -1.86 -0.68
N ASP A 730 19.44 -0.73 -0.01
CA ASP A 730 18.23 -0.46 0.78
C ASP A 730 17.17 0.27 -0.02
N GLY A 731 17.46 0.64 -1.25
CA GLY A 731 16.48 1.29 -2.11
C GLY A 731 17.16 1.69 -3.39
N VAL A 732 16.39 2.34 -4.25
CA VAL A 732 16.93 2.86 -5.51
C VAL A 732 16.44 4.29 -5.70
N THR A 733 17.26 5.08 -6.37
CA THR A 733 16.87 6.41 -6.82
C THR A 733 16.56 6.33 -8.31
N ALA A 734 15.35 6.74 -8.68
CA ALA A 734 14.86 6.60 -10.05
C ALA A 734 14.29 7.95 -10.49
N THR A 735 14.96 8.62 -11.43
CA THR A 735 16.14 8.13 -12.16
C THR A 735 17.13 9.27 -12.41
N ASN A 736 18.29 8.93 -12.97
CA ASN A 736 19.24 9.91 -13.47
C ASN A 736 18.69 10.51 -14.77
N THR A 737 19.52 11.27 -15.49
CA THR A 737 19.07 11.97 -16.68
C THR A 737 18.94 11.04 -17.88
N VAL A 738 18.14 11.47 -18.86
CA VAL A 738 17.99 10.74 -20.12
C VAL A 738 19.04 11.25 -21.10
N SER A 739 19.73 10.33 -21.77
CA SER A 739 20.81 10.72 -22.67
C SER A 739 20.21 11.35 -23.94
N GLY A 740 20.76 12.50 -24.34
CA GLY A 740 20.18 13.18 -25.48
C GLY A 740 21.13 14.18 -26.10
N LEU A 741 20.67 14.75 -27.20
CA LEU A 741 21.36 15.84 -27.87
C LEU A 741 20.31 16.92 -28.09
N MET A 742 20.49 18.09 -27.46
CA MET A 742 19.36 18.99 -27.34
C MET A 742 19.07 19.76 -28.63
N GLY A 743 20.04 19.88 -29.51
CA GLY A 743 19.76 20.45 -30.82
C GLY A 743 21.00 21.05 -31.43
N LEU A 744 20.82 21.50 -32.67
CA LEU A 744 21.88 22.09 -33.47
C LEU A 744 21.45 23.46 -33.95
N LYS A 745 22.42 24.34 -34.17
CA LYS A 745 22.15 25.60 -34.84
C LYS A 745 21.97 25.33 -36.34
N ALA A 746 21.45 26.32 -37.05
CA ALA A 746 21.16 26.13 -38.47
C ALA A 746 22.43 25.85 -39.27
N ASP A 747 23.59 26.26 -38.79
CA ASP A 747 24.85 25.96 -39.46
C ASP A 747 25.41 24.59 -39.08
N GLY A 748 24.70 23.82 -38.26
CA GLY A 748 25.11 22.49 -37.91
C GLY A 748 25.93 22.38 -36.64
N THR A 749 26.34 23.49 -36.06
CA THR A 749 27.10 23.41 -34.81
C THR A 749 26.17 23.11 -33.64
N PRO A 750 26.65 22.39 -32.63
CA PRO A 750 25.79 21.99 -31.51
C PRO A 750 25.71 23.05 -30.43
N TRP A 751 24.82 22.80 -29.47
CA TRP A 751 24.76 23.59 -28.26
C TRP A 751 24.46 22.65 -27.10
N PRO A 752 25.34 22.56 -26.08
CA PRO A 752 26.56 23.35 -25.88
C PRO A 752 27.65 23.09 -26.93
N ALA A 753 28.45 24.10 -27.21
CA ALA A 753 29.59 24.00 -28.12
C ALA A 753 30.83 24.43 -27.37
N VAL A 754 31.83 23.56 -27.34
CA VAL A 754 33.00 23.72 -26.47
C VAL A 754 34.23 23.98 -27.33
N GLY A 755 34.93 25.06 -27.02
CA GLY A 755 36.18 25.38 -27.69
C GLY A 755 35.97 26.00 -29.06
N ALA A 756 37.09 26.39 -29.67
CA ALA A 756 37.05 26.93 -31.03
C ALA A 756 36.53 25.90 -32.02
N GLY A 757 36.71 24.61 -31.72
CA GLY A 757 36.18 23.56 -32.57
C GLY A 757 34.69 23.35 -32.46
N LYS A 758 34.03 24.01 -31.50
CA LYS A 758 32.58 23.94 -31.32
C LYS A 758 32.11 22.49 -31.17
N ARG A 759 32.80 21.75 -30.32
CA ARG A 759 32.54 20.33 -30.15
C ARG A 759 31.52 20.10 -29.04
N THR A 760 30.94 18.91 -29.04
CA THR A 760 30.02 18.52 -27.98
C THR A 760 30.07 17.01 -27.81
N THR A 761 29.36 16.54 -26.78
CA THR A 761 29.16 15.12 -26.55
C THR A 761 27.73 14.96 -26.07
N TYR A 762 27.25 13.72 -26.04
CA TYR A 762 25.90 13.48 -25.57
C TYR A 762 25.77 13.95 -24.12
N GLY A 763 24.63 14.58 -23.81
CA GLY A 763 24.36 15.10 -22.49
C GLY A 763 23.18 14.40 -21.85
N GLY A 764 22.85 14.86 -20.65
CA GLY A 764 21.73 14.33 -19.89
C GLY A 764 20.58 15.33 -19.88
N VAL A 765 19.39 14.84 -20.26
CA VAL A 765 18.18 15.67 -20.24
C VAL A 765 17.51 15.53 -18.88
N SER A 766 17.18 16.67 -18.28
CA SER A 766 16.49 16.76 -17.00
C SER A 766 15.20 17.56 -17.19
N GLY A 767 14.33 17.51 -16.19
CA GLY A 767 13.18 18.40 -16.15
C GLY A 767 11.87 17.73 -16.52
N THR A 768 10.85 18.58 -16.70
CA THR A 768 9.50 18.06 -16.90
C THR A 768 9.38 17.27 -18.20
N ALA A 769 10.24 17.52 -19.20
CA ALA A 769 10.18 16.76 -20.43
C ALA A 769 10.46 15.27 -20.22
N ILE A 770 11.23 14.92 -19.18
CA ILE A 770 11.52 13.51 -18.90
C ILE A 770 10.63 12.96 -17.79
N ARG A 771 9.67 13.74 -17.30
CA ARG A 771 8.81 13.23 -16.23
C ARG A 771 8.05 11.96 -16.64
N PRO A 772 7.52 11.82 -17.87
CA PRO A 772 6.84 10.54 -18.19
C PRO A 772 7.75 9.34 -18.13
N ILE A 773 9.04 9.53 -18.42
CA ILE A 773 10.00 8.44 -18.38
C ILE A 773 10.27 8.05 -16.94
N ALA A 774 10.55 9.04 -16.09
CA ALA A 774 10.81 8.79 -14.68
C ALA A 774 9.59 8.21 -14.01
N LEU A 775 8.40 8.66 -14.40
CA LEU A 775 7.19 8.20 -13.73
C LEU A 775 6.91 6.74 -14.11
N ARG A 776 7.14 6.37 -15.37
N ARG A 776 7.14 6.37 -15.37
CA ARG A 776 7.05 4.96 -15.74
CA ARG A 776 7.06 4.96 -15.72
C ARG A 776 8.08 4.12 -14.99
C ARG A 776 8.08 4.14 -14.95
N ALA A 777 9.31 4.64 -14.83
CA ALA A 777 10.36 3.90 -14.13
C ALA A 777 9.97 3.62 -12.69
N VAL A 778 9.45 4.64 -12.00
CA VAL A 778 9.07 4.48 -10.60
C VAL A 778 7.93 3.48 -10.48
N THR A 779 6.93 3.58 -11.37
N THR A 779 6.92 3.58 -11.36
CA THR A 779 5.77 2.70 -11.29
CA THR A 779 5.77 2.69 -11.29
C THR A 779 6.14 1.25 -11.58
C THR A 779 6.14 1.24 -11.57
N THR A 780 7.01 1.02 -12.56
CA THR A 780 7.33 -0.36 -12.92
C THR A 780 8.20 -1.02 -11.86
N ILE A 781 9.09 -0.25 -11.23
CA ILE A 781 9.87 -0.78 -10.11
C ILE A 781 8.97 -1.05 -8.92
N ALA A 782 8.05 -0.13 -8.63
CA ALA A 782 7.16 -0.30 -7.47
C ALA A 782 6.26 -1.51 -7.65
N ARG A 783 5.82 -1.79 -8.87
N ARG A 783 5.82 -1.79 -8.87
CA ARG A 783 4.96 -2.96 -9.09
CA ARG A 783 4.97 -2.95 -9.11
C ARG A 783 5.76 -4.26 -9.06
C ARG A 783 5.77 -4.25 -9.04
N ALA A 784 7.01 -4.24 -9.51
CA ALA A 784 7.81 -5.45 -9.53
C ALA A 784 8.44 -5.76 -8.18
N LEU A 785 8.75 -4.72 -7.40
CA LEU A 785 9.46 -4.86 -6.13
C LEU A 785 8.69 -4.12 -5.04
N PRO A 786 7.49 -4.61 -4.70
CA PRO A 786 6.67 -3.88 -3.73
C PRO A 786 7.37 -3.74 -2.39
N GLY A 787 7.37 -2.52 -1.85
CA GLY A 787 7.99 -2.25 -0.58
C GLY A 787 9.45 -1.85 -0.64
N PHE A 788 10.10 -2.01 -1.78
CA PHE A 788 11.49 -1.58 -1.96
C PHE A 788 11.51 -0.06 -2.06
N PRO A 789 12.20 0.64 -1.16
CA PRO A 789 12.13 2.12 -1.16
C PRO A 789 12.59 2.72 -2.48
N ILE A 790 11.83 3.73 -2.94
CA ILE A 790 12.17 4.48 -4.15
C ILE A 790 12.26 5.96 -3.82
N LEU A 791 13.39 6.57 -4.19
CA LEU A 791 13.55 8.01 -4.21
C LEU A 791 13.38 8.46 -5.66
N ALA A 792 12.37 9.28 -5.91
CA ALA A 792 12.02 9.67 -7.28
C ALA A 792 12.77 10.94 -7.69
N THR A 793 13.22 10.96 -8.93
CA THR A 793 13.80 12.16 -9.52
C THR A 793 13.40 12.22 -10.98
N GLY A 794 13.02 13.40 -11.45
CA GLY A 794 12.72 13.56 -12.86
C GLY A 794 11.51 14.42 -13.11
N GLY A 795 11.72 15.73 -13.13
CA GLY A 795 10.65 16.65 -13.46
C GLY A 795 9.69 16.99 -12.34
N ILE A 796 10.08 16.79 -11.08
CA ILE A 796 9.21 17.17 -9.97
C ILE A 796 9.32 18.67 -9.75
N ASP A 797 8.18 19.38 -9.87
CA ASP A 797 8.23 20.84 -9.80
C ASP A 797 7.06 21.45 -9.05
N SER A 798 6.36 20.68 -8.22
CA SER A 798 5.18 21.16 -7.51
C SER A 798 4.74 20.09 -6.53
N ALA A 799 3.87 20.49 -5.61
CA ALA A 799 3.25 19.50 -4.74
C ALA A 799 2.45 18.48 -5.55
N GLU A 800 1.75 18.91 -6.61
CA GLU A 800 0.87 17.90 -7.21
C GLU A 800 1.68 16.93 -8.07
N SER A 801 2.80 17.37 -8.67
CA SER A 801 3.64 16.40 -9.37
C SER A 801 4.35 15.51 -8.36
N GLY A 802 4.75 16.06 -7.21
CA GLY A 802 5.30 15.22 -6.16
C GLY A 802 4.34 14.12 -5.75
N LEU A 803 3.06 14.46 -5.61
CA LEU A 803 2.07 13.48 -5.18
C LEU A 803 1.81 12.45 -6.27
N GLN A 804 1.99 12.79 -7.54
CA GLN A 804 1.94 11.77 -8.58
C GLN A 804 3.00 10.72 -8.37
N PHE A 805 4.21 11.14 -7.98
CA PHE A 805 5.29 10.18 -7.75
C PHE A 805 5.06 9.38 -6.47
N LEU A 806 4.53 10.00 -5.41
CA LEU A 806 4.17 9.25 -4.21
C LEU A 806 3.10 8.21 -4.52
N HIS A 807 2.07 8.63 -5.27
CA HIS A 807 1.02 7.70 -5.68
C HIS A 807 1.58 6.57 -6.52
N SER A 808 2.71 6.79 -7.17
CA SER A 808 3.32 5.82 -8.06
C SER A 808 4.27 4.87 -7.35
N GLY A 809 4.49 5.04 -6.05
CA GLY A 809 5.33 4.13 -5.28
C GLY A 809 6.57 4.75 -4.67
N ALA A 810 6.87 6.01 -4.94
CA ALA A 810 8.02 6.65 -4.32
C ALA A 810 7.70 7.11 -2.91
N SER A 811 8.73 7.17 -2.07
CA SER A 811 8.59 7.63 -0.69
C SER A 811 9.06 9.06 -0.50
N VAL A 812 10.11 9.49 -1.20
CA VAL A 812 10.62 10.84 -1.12
C VAL A 812 10.93 11.31 -2.54
N LEU A 813 11.19 12.61 -2.67
CA LEU A 813 11.09 13.31 -3.94
C LEU A 813 12.29 14.23 -4.12
N GLN A 814 13.18 13.90 -5.06
CA GLN A 814 14.35 14.73 -5.33
C GLN A 814 14.06 15.73 -6.45
N VAL A 815 14.63 16.92 -6.31
CA VAL A 815 14.38 18.04 -7.22
C VAL A 815 15.71 18.64 -7.67
N CYS A 816 15.83 18.92 -8.97
CA CYS A 816 16.93 19.72 -9.49
C CYS A 816 16.43 20.83 -10.40
N SER A 817 15.82 20.45 -11.53
CA SER A 817 15.53 21.42 -12.59
C SER A 817 14.57 22.50 -12.11
N ALA A 818 13.61 22.16 -11.26
CA ALA A 818 12.67 23.16 -10.76
C ALA A 818 13.38 24.23 -9.94
N VAL A 819 14.48 23.89 -9.27
CA VAL A 819 15.26 24.90 -8.57
C VAL A 819 16.12 25.70 -9.54
N GLN A 820 16.71 25.03 -10.54
CA GLN A 820 17.43 25.77 -11.59
C GLN A 820 16.51 26.78 -12.25
N ASN A 821 15.24 26.43 -12.42
CA ASN A 821 14.23 27.32 -12.99
C ASN A 821 13.81 28.44 -12.03
N GLN A 822 14.21 28.37 -10.76
CA GLN A 822 13.68 29.30 -9.77
C GLN A 822 14.72 29.56 -8.68
N ASP A 823 14.47 29.07 -7.47
CA ASP A 823 15.36 29.22 -6.33
C ASP A 823 14.90 28.26 -5.23
N PHE A 824 15.63 28.25 -4.10
CA PHE A 824 15.32 27.31 -3.03
C PHE A 824 13.96 27.57 -2.38
N THR A 825 13.40 28.78 -2.48
CA THR A 825 12.17 29.06 -1.74
C THR A 825 10.96 28.31 -2.28
N VAL A 826 11.07 27.60 -3.41
CA VAL A 826 9.96 26.79 -3.87
C VAL A 826 9.54 25.74 -2.85
N ILE A 827 10.45 25.39 -1.91
CA ILE A 827 10.11 24.39 -0.90
C ILE A 827 8.88 24.80 -0.10
N GLN A 828 8.71 26.09 0.17
CA GLN A 828 7.55 26.51 0.94
C GLN A 828 6.27 26.30 0.14
N ASP A 829 6.33 26.52 -1.18
CA ASP A 829 5.20 26.19 -2.04
C ASP A 829 4.92 24.69 -2.02
N TYR A 830 5.97 23.86 -2.11
CA TYR A 830 5.75 22.41 -2.13
C TYR A 830 5.14 21.92 -0.83
N CYS A 831 5.61 22.43 0.31
CA CYS A 831 5.12 21.91 1.59
C CYS A 831 3.67 22.34 1.85
N THR A 832 3.35 23.62 1.64
CA THR A 832 1.95 24.02 1.84
C THR A 832 1.03 23.37 0.82
N GLY A 833 1.53 23.16 -0.41
CA GLY A 833 0.72 22.50 -1.41
C GLY A 833 0.42 21.06 -1.08
N LEU A 834 1.40 20.35 -0.52
CA LEU A 834 1.17 18.96 -0.14
C LEU A 834 0.23 18.87 1.05
N LYS A 835 0.41 19.75 2.05
CA LYS A 835 -0.53 19.81 3.17
C LYS A 835 -1.96 20.00 2.68
N ALA A 836 -2.15 20.92 1.73
CA ALA A 836 -3.49 21.20 1.23
C ALA A 836 -4.06 20.00 0.47
N LEU A 837 -3.24 19.34 -0.36
CA LEU A 837 -3.75 18.20 -1.11
C LEU A 837 -4.20 17.08 -0.18
N LEU A 838 -3.44 16.83 0.89
CA LEU A 838 -3.84 15.79 1.83
C LEU A 838 -5.07 16.22 2.64
N TYR A 839 -5.11 17.48 3.07
CA TYR A 839 -6.24 17.97 3.85
C TYR A 839 -7.55 17.84 3.07
N LEU A 840 -7.54 18.24 1.79
CA LEU A 840 -8.77 18.22 1.00
C LEU A 840 -9.31 16.81 0.79
N LYS A 841 -8.47 15.78 0.89
CA LYS A 841 -8.94 14.41 0.77
C LYS A 841 -9.87 14.00 1.90
N SER A 842 -9.94 14.76 2.98
CA SER A 842 -10.83 14.47 4.10
C SER A 842 -12.15 15.21 4.02
N ILE A 843 -12.34 16.05 3.01
CA ILE A 843 -13.48 16.97 2.95
C ILE A 843 -14.47 16.39 1.97
N GLU A 844 -15.57 15.83 2.49
CA GLU A 844 -16.59 15.22 1.64
C GLU A 844 -17.14 16.21 0.62
N GLU A 845 -17.43 17.44 1.05
CA GLU A 845 -18.12 18.40 0.19
C GLU A 845 -17.31 18.77 -1.05
N LEU A 846 -16.03 18.38 -1.11
CA LEU A 846 -15.15 18.77 -2.22
C LEU A 846 -14.61 17.57 -3.00
N GLN A 847 -15.33 16.43 -3.00
CA GLN A 847 -14.83 15.28 -3.75
C GLN A 847 -14.68 15.60 -5.23
N GLY A 848 -15.63 16.35 -5.78
CA GLY A 848 -15.65 16.66 -7.20
C GLY A 848 -14.49 17.50 -7.68
N TRP A 849 -13.67 18.02 -6.77
CA TRP A 849 -12.49 18.75 -7.18
C TRP A 849 -11.41 17.78 -7.63
N ASP A 850 -10.50 18.26 -8.47
CA ASP A 850 -9.27 17.53 -8.81
C ASP A 850 -8.15 18.19 -8.02
N GLY A 851 -7.84 17.64 -6.86
CA GLY A 851 -6.88 18.27 -5.98
C GLY A 851 -7.39 19.61 -5.52
N GLN A 852 -6.66 20.66 -5.83
CA GLN A 852 -7.04 22.02 -5.47
C GLN A 852 -7.87 22.71 -6.55
N SER A 853 -8.21 22.00 -7.64
CA SER A 853 -8.92 22.61 -8.76
C SER A 853 -10.41 22.33 -8.64
N PRO A 854 -11.26 23.35 -8.45
CA PRO A 854 -12.71 23.10 -8.48
C PRO A 854 -13.12 22.50 -9.80
N GLY A 855 -14.27 21.82 -9.79
CA GLY A 855 -14.86 21.41 -11.05
C GLY A 855 -15.13 22.62 -11.93
N THR A 856 -14.80 22.48 -13.21
CA THR A 856 -14.92 23.60 -14.14
C THR A 856 -16.40 23.79 -14.51
N GLU A 857 -16.99 24.89 -14.07
CA GLU A 857 -18.25 25.31 -14.69
C GLU A 857 -18.08 26.10 -15.98
N SER A 858 -19.13 26.03 -16.78
CA SER A 858 -19.22 26.71 -18.05
C SER A 858 -18.96 28.20 -17.86
N HIS A 859 -18.07 28.74 -18.68
CA HIS A 859 -17.59 30.09 -18.51
C HIS A 859 -17.13 30.62 -19.85
N GLN A 860 -17.06 31.94 -19.94
CA GLN A 860 -16.36 32.64 -21.00
C GLN A 860 -15.46 33.69 -20.34
N LYS A 861 -14.17 33.64 -20.63
CA LYS A 861 -13.18 34.54 -20.03
C LYS A 861 -13.18 34.44 -18.51
N GLY A 862 -13.45 33.24 -17.99
CA GLY A 862 -13.44 33.01 -16.57
C GLY A 862 -14.65 33.51 -15.82
N LYS A 863 -15.66 34.04 -16.52
CA LYS A 863 -16.90 34.42 -15.87
C LYS A 863 -17.99 33.42 -16.24
N PRO A 864 -18.74 32.92 -15.26
CA PRO A 864 -19.72 31.87 -15.54
C PRO A 864 -20.80 32.36 -16.50
N VAL A 865 -21.22 31.47 -17.39
CA VAL A 865 -22.25 31.85 -18.37
C VAL A 865 -23.60 31.91 -17.67
N PRO A 866 -24.41 32.93 -17.94
CA PRO A 866 -25.77 32.95 -17.39
C PRO A 866 -26.52 31.66 -17.69
N ARG A 867 -27.11 31.07 -16.66
CA ARG A 867 -27.96 29.89 -16.82
C ARG A 867 -29.37 30.39 -17.12
N ILE A 868 -29.63 30.64 -18.40
CA ILE A 868 -30.90 31.17 -18.88
C ILE A 868 -31.39 30.25 -20.00
N ALA A 869 -32.67 29.86 -19.94
CA ALA A 869 -33.21 28.86 -20.87
C ALA A 869 -33.05 29.32 -22.32
N GLU A 870 -33.64 30.46 -22.66
CA GLU A 870 -33.55 31.00 -24.01
C GLU A 870 -32.11 31.24 -24.43
N LEU A 871 -31.17 31.24 -23.49
CA LEU A 871 -29.76 31.40 -23.83
C LEU A 871 -29.06 30.08 -24.08
N MET A 872 -29.58 28.97 -23.57
CA MET A 872 -28.98 27.64 -23.71
C MET A 872 -29.42 26.93 -24.98
N GLY A 873 -28.45 26.31 -25.66
CA GLY A 873 -28.72 25.43 -26.78
C GLY A 873 -29.25 26.11 -28.01
N LYS A 874 -29.22 27.43 -28.08
CA LYS A 874 -29.81 28.18 -29.17
C LYS A 874 -28.81 28.53 -30.26
N LYS A 875 -27.62 27.89 -30.24
CA LYS A 875 -26.60 28.09 -31.26
C LYS A 875 -26.22 29.57 -31.39
N LEU A 876 -25.95 30.20 -30.24
CA LEU A 876 -25.60 31.61 -30.20
C LEU A 876 -24.16 31.76 -29.74
N PRO A 877 -23.18 31.74 -30.63
CA PRO A 877 -21.79 31.98 -30.22
C PRO A 877 -21.59 33.44 -29.82
N ASN A 878 -20.43 33.70 -29.23
CA ASN A 878 -20.13 34.99 -28.62
C ASN A 878 -19.49 35.98 -29.60
N PHE A 879 -20.08 36.14 -30.78
CA PHE A 879 -19.57 37.10 -31.73
C PHE A 879 -20.68 37.52 -32.69
N GLY A 880 -20.44 38.61 -33.39
CA GLY A 880 -21.30 39.05 -34.47
C GLY A 880 -22.75 39.26 -34.05
N PRO A 881 -23.68 38.95 -34.96
CA PRO A 881 -25.10 39.14 -34.62
C PRO A 881 -25.60 38.22 -33.52
N TYR A 882 -24.97 37.05 -33.34
CA TYR A 882 -25.36 36.15 -32.27
C TYR A 882 -25.10 36.78 -30.90
N LEU A 883 -23.96 37.48 -30.76
CA LEU A 883 -23.63 38.13 -29.51
C LEU A 883 -24.63 39.22 -29.17
N GLU A 884 -25.11 39.95 -30.19
CA GLU A 884 -26.10 40.98 -29.93
C GLU A 884 -27.40 40.36 -29.44
N GLN A 885 -27.76 39.18 -29.96
CA GLN A 885 -28.97 38.51 -29.49
C GLN A 885 -28.79 38.00 -28.06
N ARG A 886 -27.61 37.48 -27.73
CA ARG A 886 -27.35 37.08 -26.35
C ARG A 886 -27.51 38.26 -25.40
N LYS A 887 -27.04 39.44 -25.82
CA LYS A 887 -27.13 40.62 -24.97
C LYS A 887 -28.58 41.04 -24.76
N LYS A 888 -29.41 40.91 -25.80
CA LYS A 888 -30.84 41.17 -25.66
C LYS A 888 -31.49 40.23 -24.66
N ILE A 889 -31.19 38.93 -24.77
CA ILE A 889 -31.80 37.93 -23.90
C ILE A 889 -31.38 38.15 -22.46
N ILE A 890 -30.10 38.44 -22.24
CA ILE A 890 -29.60 38.68 -20.88
C ILE A 890 -30.24 39.93 -20.29
N ALA A 891 -30.30 41.01 -21.08
CA ALA A 891 -30.89 42.25 -20.60
C ALA A 891 -32.37 42.07 -20.31
N GLU A 892 -33.07 41.29 -21.15
CA GLU A 892 -34.50 41.12 -20.94
C GLU A 892 -34.80 40.47 -19.61
N GLU A 893 -34.05 39.45 -19.20
CA GLU A 893 -34.46 38.89 -17.93
C GLU A 893 -33.71 39.44 -16.73
N LYS A 894 -32.71 40.30 -16.94
CA LYS A 894 -32.37 41.23 -15.87
C LYS A 894 -33.58 42.10 -15.52
N MET A 895 -34.36 42.46 -16.54
CA MET A 895 -35.56 43.26 -16.31
C MET A 895 -36.69 42.45 -15.69
N ARG A 896 -36.79 41.17 -16.03
CA ARG A 896 -37.83 40.35 -15.42
C ARG A 896 -37.48 40.01 -13.98
N LEU A 897 -36.18 39.92 -13.66
CA LEU A 897 -35.73 39.84 -12.29
C LEU A 897 -35.93 41.14 -11.53
N LYS A 898 -36.11 42.26 -12.23
CA LYS A 898 -36.40 43.53 -11.56
C LYS A 898 -37.85 43.60 -11.11
N GLU A 899 -38.79 43.46 -12.05
CA GLU A 899 -40.20 43.65 -11.76
C GLU A 899 -40.75 42.60 -10.82
N GLN A 900 -39.99 41.57 -10.49
CA GLN A 900 -40.26 40.71 -9.34
C GLN A 900 -39.06 40.83 -8.41
N ASN A 901 -39.24 41.50 -7.28
CA ASN A 901 -38.13 41.89 -6.41
C ASN A 901 -38.14 41.04 -5.15
N ALA A 902 -37.87 39.75 -5.32
CA ALA A 902 -37.77 38.81 -4.23
C ALA A 902 -36.32 38.33 -4.10
N ALA A 903 -36.15 37.15 -3.51
CA ALA A 903 -34.85 36.47 -3.44
C ALA A 903 -33.77 37.33 -2.79
N PHE A 904 -33.66 37.28 -1.47
CA PHE A 904 -32.52 37.81 -0.75
C PHE A 904 -31.99 36.77 0.24
N PRO A 905 -31.50 35.62 -0.25
CA PRO A 905 -31.02 34.60 0.66
C PRO A 905 -29.54 34.32 0.41
N PRO A 906 -28.65 35.22 0.83
CA PRO A 906 -27.22 34.89 0.74
C PRO A 906 -26.87 33.90 1.84
N LEU A 907 -26.47 32.69 1.44
CA LEU A 907 -26.20 31.62 2.40
C LEU A 907 -25.31 32.12 3.53
N GLU A 908 -25.60 31.65 4.75
CA GLU A 908 -24.69 31.89 5.86
C GLU A 908 -23.53 30.92 5.78
N ARG A 909 -22.34 31.43 6.01
CA ARG A 909 -21.10 30.72 5.71
C ARG A 909 -20.70 29.86 6.90
N LYS A 910 -20.62 28.55 6.67
CA LYS A 910 -20.12 27.59 7.67
C LYS A 910 -18.94 26.78 7.13
N PRO A 911 -17.87 26.60 7.90
CA PRO A 911 -16.71 25.87 7.39
C PRO A 911 -16.94 24.36 7.30
N PHE A 912 -16.37 23.75 6.27
CA PHE A 912 -16.39 22.30 6.12
C PHE A 912 -15.49 21.64 7.16
N ILE A 913 -15.89 20.44 7.58
CA ILE A 913 -15.23 19.70 8.64
C ILE A 913 -14.71 18.39 8.04
N PRO A 914 -13.46 18.02 8.25
CA PRO A 914 -13.00 16.69 7.83
C PRO A 914 -13.87 15.59 8.42
N LYS A 915 -14.24 14.63 7.59
CA LYS A 915 -15.08 13.52 8.05
C LYS A 915 -14.32 12.21 8.21
N LYS A 916 -13.10 12.12 7.71
CA LYS A 916 -12.19 11.01 7.99
C LYS A 916 -10.85 11.62 8.34
N PRO A 917 -9.93 10.82 8.90
CA PRO A 917 -8.60 11.38 9.22
C PRO A 917 -7.87 11.86 7.97
N ILE A 918 -6.99 12.83 8.19
CA ILE A 918 -6.14 13.36 7.12
C ILE A 918 -5.13 12.27 6.75
N PRO A 919 -5.02 11.89 5.48
CA PRO A 919 -4.02 10.87 5.12
C PRO A 919 -2.60 11.36 5.38
N ALA A 920 -1.76 10.47 5.90
CA ALA A 920 -0.33 10.71 5.98
C ALA A 920 0.35 10.29 4.68
N ILE A 921 1.61 10.68 4.52
CA ILE A 921 2.35 10.35 3.30
C ILE A 921 2.33 8.85 3.05
N LYS A 922 2.62 8.06 4.09
CA LYS A 922 2.70 6.61 3.90
C LYS A 922 1.36 6.04 3.45
N ASP A 923 0.26 6.73 3.77
CA ASP A 923 -1.07 6.26 3.44
C ASP A 923 -1.32 6.28 1.94
N VAL A 924 -0.71 7.22 1.21
CA VAL A 924 -1.00 7.42 -0.20
C VAL A 924 0.01 6.73 -1.11
N ILE A 925 1.13 6.23 -0.57
CA ILE A 925 2.17 5.67 -1.43
C ILE A 925 1.64 4.46 -2.18
N GLY A 926 1.83 4.47 -3.50
CA GLY A 926 1.48 3.34 -4.33
C GLY A 926 0.01 3.18 -4.66
N LYS A 927 -0.84 4.12 -4.26
CA LYS A 927 -2.27 3.91 -4.46
C LYS A 927 -2.72 4.10 -5.91
N ALA A 928 -1.85 4.56 -6.80
CA ALA A 928 -2.18 4.59 -8.22
C ALA A 928 -1.91 3.27 -8.91
N LEU A 929 -1.14 2.38 -8.29
CA LEU A 929 -0.68 1.17 -8.96
C LEU A 929 -1.82 0.21 -9.26
N GLN A 930 -2.90 0.27 -8.49
CA GLN A 930 -4.06 -0.57 -8.76
C GLN A 930 -4.64 -0.31 -10.14
N TYR A 931 -4.48 0.91 -10.66
CA TYR A 931 -5.03 1.23 -11.97
C TYR A 931 -4.12 0.79 -13.12
N LEU A 932 -2.85 0.50 -12.85
CA LEU A 932 -1.94 0.06 -13.90
C LEU A 932 -2.12 -1.42 -14.18
N GLY A 933 -1.98 -1.78 -15.46
CA GLY A 933 -2.01 -3.18 -15.83
C GLY A 933 -1.52 -3.38 -17.24
N THR A 934 -1.76 -4.58 -17.76
CA THR A 934 -1.43 -4.86 -19.15
C THR A 934 -2.49 -4.28 -20.06
N PHE A 935 -2.19 -4.23 -21.36
CA PHE A 935 -3.20 -3.80 -22.31
C PHE A 935 -4.40 -4.73 -22.31
N GLY A 936 -4.16 -6.03 -22.15
CA GLY A 936 -5.24 -7.00 -22.15
C GLY A 936 -6.25 -6.81 -21.04
N GLU A 937 -5.85 -6.13 -19.96
CA GLU A 937 -6.76 -5.87 -18.85
C GLU A 937 -7.57 -4.59 -19.03
N LEU A 938 -7.39 -3.90 -20.16
CA LEU A 938 -8.17 -2.71 -20.49
C LEU A 938 -9.44 -3.15 -21.21
N SER A 939 -10.58 -2.60 -20.80
CA SER A 939 -11.84 -2.96 -21.43
C SER A 939 -11.93 -2.33 -22.82
N ASN A 940 -12.24 -3.14 -23.83
CA ASN A 940 -12.57 -2.63 -25.15
C ASN A 940 -14.07 -2.66 -25.41
N ILE A 941 -14.86 -3.04 -24.42
CA ILE A 941 -16.32 -2.94 -24.51
C ILE A 941 -16.80 -1.56 -24.08
N GLU A 942 -16.19 -1.01 -23.02
CA GLU A 942 -16.57 0.28 -22.46
C GLU A 942 -15.84 1.38 -23.22
N GLN A 943 -16.43 1.80 -24.33
CA GLN A 943 -15.89 2.88 -25.17
C GLN A 943 -16.48 4.22 -24.75
N VAL A 944 -15.79 5.29 -25.16
CA VAL A 944 -16.25 6.66 -24.90
C VAL A 944 -16.39 7.41 -26.22
N VAL A 945 -17.09 8.54 -26.16
CA VAL A 945 -17.13 9.53 -27.23
C VAL A 945 -16.90 10.90 -26.63
N ALA A 946 -16.49 11.84 -27.49
CA ALA A 946 -16.29 13.21 -27.06
C ALA A 946 -17.60 14.00 -27.15
N VAL A 947 -17.77 14.94 -26.22
CA VAL A 947 -18.92 15.83 -26.23
C VAL A 947 -18.47 17.24 -25.85
N ILE A 948 -18.94 18.23 -26.61
CA ILE A 948 -18.45 19.61 -26.53
C ILE A 948 -19.50 20.48 -25.86
N ASP A 949 -19.07 21.28 -24.88
CA ASP A 949 -19.95 22.25 -24.24
C ASP A 949 -19.88 23.54 -25.06
N GLU A 950 -20.93 23.79 -25.85
CA GLU A 950 -20.91 24.92 -26.78
C GLU A 950 -20.76 26.25 -26.05
N GLU A 951 -21.17 26.31 -24.78
CA GLU A 951 -21.06 27.58 -24.05
C GLU A 951 -19.65 27.90 -23.61
N MET A 952 -18.75 26.91 -23.55
CA MET A 952 -17.34 27.21 -23.28
C MET A 952 -16.48 27.30 -24.52
N CYS A 953 -17.02 26.97 -25.69
CA CYS A 953 -16.23 26.93 -26.93
C CYS A 953 -15.81 28.33 -27.34
N ILE A 954 -14.58 28.47 -27.86
CA ILE A 954 -14.15 29.75 -28.41
C ILE A 954 -13.92 29.65 -29.93
N ASN A 955 -14.46 28.61 -30.57
CA ASN A 955 -14.80 28.60 -31.99
C ASN A 955 -13.58 28.48 -32.90
N CYS A 956 -12.48 27.93 -32.40
CA CYS A 956 -11.22 27.89 -33.14
C CYS A 956 -11.15 26.76 -34.16
N GLY A 957 -12.00 25.74 -34.05
CA GLY A 957 -11.93 24.63 -34.99
C GLY A 957 -10.76 23.70 -34.83
N LYS A 958 -9.99 23.78 -33.74
CA LYS A 958 -8.84 22.89 -33.58
C LYS A 958 -9.27 21.44 -33.42
N CYS A 959 -10.35 21.19 -32.66
CA CYS A 959 -10.90 19.84 -32.56
C CYS A 959 -11.24 19.29 -33.94
N TYR A 960 -11.90 20.12 -34.75
CA TYR A 960 -12.25 19.79 -36.13
C TYR A 960 -11.03 19.44 -36.96
N MET A 961 -9.99 20.29 -36.88
CA MET A 961 -8.81 20.11 -37.71
C MET A 961 -8.05 18.85 -37.29
N THR A 962 -8.00 18.58 -35.99
CA THR A 962 -7.29 17.40 -35.51
C THR A 962 -8.07 16.13 -35.84
N CYS A 963 -9.39 16.14 -35.71
CA CYS A 963 -10.13 14.95 -36.12
C CYS A 963 -10.05 14.74 -37.64
N ASN A 964 -9.92 15.82 -38.41
CA ASN A 964 -9.92 15.69 -39.87
C ASN A 964 -8.62 15.09 -40.37
N ASP A 965 -7.49 15.61 -39.91
CA ASP A 965 -6.18 15.21 -40.43
C ASP A 965 -5.41 14.30 -39.47
N SER A 966 -5.98 13.98 -38.31
CA SER A 966 -5.37 13.01 -37.41
C SER A 966 -6.40 12.05 -36.81
N GLY A 967 -7.62 12.02 -37.32
CA GLY A 967 -8.66 11.21 -36.70
C GLY A 967 -9.67 10.62 -37.68
N TYR A 968 -10.95 10.85 -37.42
CA TYR A 968 -12.00 10.07 -38.06
C TYR A 968 -13.05 10.95 -38.74
N GLN A 969 -12.73 12.24 -38.96
CA GLN A 969 -13.61 13.15 -39.68
C GLN A 969 -15.03 13.12 -39.11
N ALA A 970 -15.10 13.14 -37.78
CA ALA A 970 -16.34 12.91 -37.05
C ALA A 970 -16.97 14.18 -36.51
N ILE A 971 -16.35 15.34 -36.73
CA ILE A 971 -16.82 16.61 -36.18
C ILE A 971 -17.37 17.48 -37.29
N GLN A 972 -18.57 18.01 -37.09
CA GLN A 972 -19.13 19.04 -37.96
C GLN A 972 -18.78 20.41 -37.40
N PHE A 973 -18.32 21.31 -38.26
CA PHE A 973 -17.90 22.65 -37.86
C PHE A 973 -18.78 23.62 -38.66
N ASP A 974 -19.67 24.32 -37.97
CA ASP A 974 -20.71 25.08 -38.67
C ASP A 974 -20.11 26.31 -39.36
N PRO A 975 -20.41 26.53 -40.64
CA PRO A 975 -19.78 27.63 -41.38
C PRO A 975 -20.22 29.02 -40.94
N GLU A 976 -21.33 29.17 -40.22
CA GLU A 976 -21.77 30.49 -39.80
C GLU A 976 -21.49 30.78 -38.33
N THR A 977 -21.71 29.79 -37.45
CA THR A 977 -21.47 29.98 -36.03
C THR A 977 -20.10 29.52 -35.56
N HIS A 978 -19.35 28.79 -36.40
CA HIS A 978 -18.08 28.20 -35.99
C HIS A 978 -18.22 27.41 -34.69
N LEU A 979 -19.34 26.70 -34.57
CA LEU A 979 -19.54 25.80 -33.44
C LEU A 979 -19.38 24.37 -33.89
N PRO A 980 -18.60 23.58 -33.16
CA PRO A 980 -18.41 22.16 -33.51
C PRO A 980 -19.44 21.26 -32.85
N THR A 981 -19.75 20.16 -33.52
CA THR A 981 -20.58 19.10 -32.95
C THR A 981 -19.95 17.75 -33.26
N VAL A 982 -19.72 16.96 -32.21
CA VAL A 982 -19.26 15.58 -32.39
C VAL A 982 -20.41 14.72 -32.86
N THR A 983 -20.19 13.98 -33.95
CA THR A 983 -21.21 13.09 -34.49
C THR A 983 -20.97 11.66 -34.02
N ASP A 984 -21.83 10.75 -34.47
CA ASP A 984 -21.83 9.38 -33.96
C ASP A 984 -20.67 8.55 -34.50
N THR A 985 -19.94 9.03 -35.50
CA THR A 985 -18.77 8.30 -35.98
C THR A 985 -17.53 8.51 -35.10
N CYS A 986 -17.67 9.25 -34.01
CA CYS A 986 -16.59 9.37 -33.03
C CYS A 986 -16.16 8.00 -32.53
N THR A 987 -14.85 7.82 -32.36
CA THR A 987 -14.27 6.60 -31.81
C THR A 987 -13.76 6.76 -30.38
N GLY A 988 -13.84 7.96 -29.82
CA GLY A 988 -13.32 8.20 -28.49
C GLY A 988 -11.81 8.28 -28.39
N CYS A 989 -11.12 8.54 -29.51
CA CYS A 989 -9.67 8.52 -29.52
C CYS A 989 -9.06 9.54 -28.56
N THR A 990 -9.72 10.70 -28.41
CA THR A 990 -9.50 11.73 -27.40
C THR A 990 -8.49 12.78 -27.88
N LEU A 991 -8.14 12.78 -29.17
CA LEU A 991 -7.27 13.84 -29.67
C LEU A 991 -7.91 15.23 -29.59
N CYS A 992 -9.20 15.34 -29.91
CA CYS A 992 -9.80 16.68 -29.93
C CYS A 992 -9.73 17.33 -28.54
N LEU A 993 -10.14 16.59 -27.51
CA LEU A 993 -9.99 17.07 -26.14
C LEU A 993 -8.55 17.48 -25.86
N SER A 994 -7.59 16.69 -26.36
CA SER A 994 -6.18 16.93 -26.07
C SER A 994 -5.65 18.22 -26.70
N VAL A 995 -6.28 18.71 -27.78
CA VAL A 995 -5.81 19.95 -28.40
C VAL A 995 -6.71 21.15 -28.12
N CYS A 996 -7.83 20.97 -27.43
CA CYS A 996 -8.74 22.10 -27.20
C CYS A 996 -8.11 23.10 -26.24
N PRO A 997 -8.16 24.40 -26.54
CA PRO A 997 -7.54 25.39 -25.63
C PRO A 997 -8.30 25.63 -24.34
N ILE A 998 -9.56 25.21 -24.25
CA ILE A 998 -10.40 25.49 -23.08
C ILE A 998 -10.47 24.22 -22.23
N ILE A 999 -9.98 24.32 -20.98
CA ILE A 999 -10.01 23.17 -20.08
C ILE A 999 -11.45 22.72 -19.88
N ASP A 1000 -11.70 21.43 -20.13
CA ASP A 1000 -12.97 20.75 -19.88
C ASP A 1000 -14.11 21.27 -20.76
N CYS A 1001 -13.81 22.01 -21.82
CA CYS A 1001 -14.84 22.29 -22.82
C CYS A 1001 -15.30 20.99 -23.48
N ILE A 1002 -14.36 20.12 -23.85
CA ILE A 1002 -14.65 18.79 -24.35
C ILE A 1002 -14.47 17.80 -23.21
N ARG A 1003 -15.40 16.84 -23.12
CA ARG A 1003 -15.32 15.76 -22.15
C ARG A 1003 -15.56 14.44 -22.85
N MET A 1004 -14.92 13.39 -22.36
CA MET A 1004 -15.21 12.02 -22.79
C MET A 1004 -16.32 11.44 -21.92
N VAL A 1005 -17.36 10.91 -22.55
CA VAL A 1005 -18.48 10.31 -21.85
C VAL A 1005 -18.71 8.91 -22.38
N SER A 1006 -19.38 8.09 -21.57
CA SER A 1006 -19.68 6.72 -21.97
C SER A 1006 -20.48 6.70 -23.26
N ARG A 1007 -20.10 5.83 -24.18
CA ARG A 1007 -20.84 5.69 -25.43
C ARG A 1007 -22.15 4.97 -25.18
N THR A 1008 -23.24 5.51 -25.74
CA THR A 1008 -24.55 4.91 -25.60
C THR A 1008 -25.10 4.32 -26.89
N THR A 1009 -24.48 4.60 -28.02
CA THR A 1009 -24.94 4.03 -29.28
C THR A 1009 -24.10 2.82 -29.66
N PRO A 1010 -24.62 1.93 -30.49
CA PRO A 1010 -23.85 0.74 -30.90
C PRO A 1010 -22.49 1.13 -31.47
N TYR A 1011 -21.48 0.31 -31.18
CA TYR A 1011 -20.11 0.58 -31.58
C TYR A 1011 -19.58 -0.53 -32.47
N GLU A 1012 -19.08 -0.16 -33.64
CA GLU A 1012 -18.34 -1.03 -34.54
C GLU A 1012 -16.98 -0.41 -34.84
N PRO A 1013 -15.88 -1.12 -34.62
CA PRO A 1013 -14.58 -0.63 -35.11
C PRO A 1013 -14.66 -0.41 -36.62
N LYS A 1014 -13.89 0.57 -37.09
CA LYS A 1014 -13.82 0.86 -38.52
C LYS A 1014 -12.73 -0.03 -39.13
N ARG A 1015 -13.14 -1.01 -39.93
CA ARG A 1015 -12.23 -1.95 -40.56
C ARG A 1015 -11.92 -1.62 -42.02
N GLY A 1016 -12.57 -0.61 -42.58
CA GLY A 1016 -12.27 -0.18 -43.94
C GLY A 1016 -12.66 -1.16 -45.02
N LEU A 1017 -12.26 -2.42 -44.86
CA LEU A 1017 -12.41 -3.51 -45.84
C LEU A 1017 -12.54 -3.06 -47.29
N PRO B 3 38.39 26.06 8.68
CA PRO B 3 37.19 26.90 8.63
C PRO B 3 35.92 26.08 8.41
N VAL B 4 34.77 26.74 8.55
CA VAL B 4 33.47 26.09 8.29
C VAL B 4 33.26 26.12 6.78
N LEU B 5 33.43 24.96 6.13
CA LEU B 5 33.36 24.92 4.67
C LEU B 5 31.94 25.10 4.16
N SER B 6 30.95 24.66 4.93
CA SER B 6 29.55 24.69 4.52
C SER B 6 28.88 26.04 4.81
N LYS B 7 29.65 27.09 4.99
CA LYS B 7 29.14 28.41 5.36
C LYS B 7 29.69 29.44 4.38
N ASP B 8 28.84 30.34 3.91
CA ASP B 8 29.29 31.41 3.04
C ASP B 8 30.14 32.40 3.82
N VAL B 9 31.29 32.77 3.27
CA VAL B 9 32.10 33.84 3.86
C VAL B 9 31.39 35.16 3.62
N ALA B 10 31.89 36.23 4.25
CA ALA B 10 31.15 37.49 4.31
C ALA B 10 30.92 38.08 2.92
N ASP B 11 31.92 37.99 2.04
N ASP B 11 31.89 37.96 2.02
CA ASP B 11 31.77 38.53 0.69
CA ASP B 11 31.72 38.58 0.72
C ASP B 11 30.62 37.85 -0.04
C ASP B 11 30.72 37.83 -0.17
N ILE B 12 30.52 36.53 0.06
CA ILE B 12 29.47 35.81 -0.65
C ILE B 12 28.11 36.09 -0.01
N GLU B 13 28.07 36.14 1.31
CA GLU B 13 26.86 36.55 2.01
C GLU B 13 26.38 37.91 1.52
N SER B 14 27.33 38.79 1.18
CA SER B 14 26.97 40.11 0.65
C SER B 14 26.39 40.00 -0.76
N ILE B 15 27.06 39.26 -1.65
CA ILE B 15 26.51 38.90 -2.97
C ILE B 15 25.07 38.45 -2.87
N LEU B 16 24.76 37.63 -1.86
CA LEU B 16 23.48 36.97 -1.75
C LEU B 16 22.40 37.84 -1.10
N ALA B 17 22.67 39.12 -0.87
CA ALA B 17 21.78 39.94 -0.04
C ALA B 17 20.36 39.97 -0.60
N LEU B 18 20.21 40.05 -1.91
CA LEU B 18 18.89 40.14 -2.53
C LEU B 18 18.33 38.79 -2.96
N ASN B 19 18.97 37.69 -2.58
CA ASN B 19 18.47 36.36 -2.94
C ASN B 19 17.21 36.04 -2.14
N PRO B 20 16.19 35.44 -2.77
CA PRO B 20 14.94 35.18 -2.04
C PRO B 20 15.15 34.25 -0.86
N ARG B 21 14.43 34.53 0.22
CA ARG B 21 14.44 33.67 1.41
C ARG B 21 13.02 33.50 1.92
N THR B 22 12.75 32.33 2.49
CA THR B 22 11.45 32.06 3.07
C THR B 22 11.19 32.98 4.27
N GLN B 23 10.01 33.58 4.31
CA GLN B 23 9.67 34.56 5.34
C GLN B 23 8.83 33.90 6.44
N SER B 24 9.07 34.34 7.68
CA SER B 24 8.40 33.78 8.85
C SER B 24 7.39 34.73 9.48
N HIS B 25 7.34 35.98 9.03
CA HIS B 25 6.43 36.97 9.62
C HIS B 25 5.88 37.86 8.51
N ALA B 26 4.80 38.56 8.83
CA ALA B 26 4.30 39.59 7.93
C ALA B 26 5.20 40.81 8.01
N ALA B 27 5.23 41.59 6.93
CA ALA B 27 6.20 42.68 6.78
C ALA B 27 5.58 44.01 7.16
N LEU B 28 6.35 44.84 7.87
CA LEU B 28 5.90 46.16 8.30
C LEU B 28 6.54 47.22 7.42
N HIS B 29 5.71 47.96 6.67
CA HIS B 29 6.12 49.11 5.89
C HIS B 29 4.99 50.13 5.92
N SER B 30 5.29 51.35 6.36
CA SER B 30 4.24 52.35 6.50
C SER B 30 3.72 52.77 5.14
N THR B 31 2.47 53.28 5.14
CA THR B 31 1.84 53.76 3.93
C THR B 31 2.61 54.93 3.33
N LEU B 32 3.14 55.81 4.17
CA LEU B 32 3.91 56.94 3.68
C LEU B 32 5.21 56.48 3.01
N ALA B 33 5.96 55.60 3.69
CA ALA B 33 7.18 55.05 3.09
C ALA B 33 6.87 54.35 1.77
N LYS B 34 5.75 53.63 1.71
CA LYS B 34 5.36 52.94 0.48
C LYS B 34 5.04 53.95 -0.63
N LYS B 35 4.39 55.06 -0.29
CA LYS B 35 4.13 56.09 -1.30
C LYS B 35 5.43 56.63 -1.87
N LEU B 36 6.43 56.87 -1.02
CA LEU B 36 7.70 57.39 -1.52
C LEU B 36 8.48 56.36 -2.31
N ASP B 37 8.39 55.06 -1.96
CA ASP B 37 9.23 54.07 -2.65
C ASP B 37 8.67 53.68 -4.01
N LYS B 38 7.35 53.80 -4.20
CA LYS B 38 6.72 53.46 -5.47
C LYS B 38 7.39 54.15 -6.65
N LYS B 39 7.81 55.40 -6.45
CA LYS B 39 8.34 56.22 -7.53
C LYS B 39 9.62 55.62 -8.10
N HIS B 40 10.36 54.87 -7.28
CA HIS B 40 11.66 54.39 -7.70
C HIS B 40 11.56 53.30 -8.76
N TRP B 41 10.49 52.52 -8.74
CA TRP B 41 10.38 51.32 -9.57
C TRP B 41 9.44 51.50 -10.75
N LYS B 42 8.85 52.68 -10.91
CA LYS B 42 7.72 52.89 -11.81
C LYS B 42 8.10 52.66 -13.27
N ARG B 43 7.35 51.78 -13.95
CA ARG B 43 7.57 51.44 -15.36
C ARG B 43 6.60 52.12 -16.31
N ASN B 44 5.32 52.19 -15.95
CA ASN B 44 4.27 52.64 -16.85
C ASN B 44 3.98 54.12 -16.62
N PRO B 45 3.10 54.76 -17.42
CA PRO B 45 2.82 56.18 -17.18
C PRO B 45 2.19 56.43 -15.82
N ASP B 46 2.48 57.61 -15.28
CA ASP B 46 1.97 58.04 -13.99
C ASP B 46 0.67 58.82 -14.20
N LYS B 47 -0.42 58.34 -13.62
CA LYS B 47 -1.73 58.98 -13.81
C LYS B 47 -1.76 60.40 -13.29
N ASN B 48 -0.84 60.76 -12.40
CA ASN B 48 -0.75 62.13 -11.88
C ASN B 48 0.09 63.04 -12.76
N CYS B 49 0.83 62.48 -13.72
CA CYS B 49 1.60 63.28 -14.66
C CYS B 49 0.66 63.92 -15.68
N PHE B 50 0.67 65.25 -15.73
CA PHE B 50 -0.11 65.97 -16.73
C PHE B 50 0.76 66.57 -17.82
N HIS B 51 2.08 66.54 -17.67
CA HIS B 51 2.99 67.16 -18.61
C HIS B 51 3.25 66.24 -19.79
N CYS B 52 3.12 66.77 -21.00
CA CYS B 52 3.64 66.09 -22.16
C CYS B 52 5.16 66.01 -22.07
N GLU B 53 5.70 64.83 -22.29
CA GLU B 53 7.14 64.70 -22.36
C GLU B 53 7.64 65.11 -23.74
N LYS B 54 8.85 65.68 -23.76
CA LYS B 54 9.33 66.45 -24.90
C LYS B 54 9.57 65.55 -26.11
N LEU B 55 8.87 65.85 -27.21
CA LEU B 55 8.93 65.03 -28.41
C LEU B 55 9.38 65.82 -29.63
N GLU B 56 9.91 67.03 -29.45
CA GLU B 56 10.35 67.84 -30.58
C GLU B 56 11.39 67.10 -31.39
N ASN B 57 11.15 67.03 -32.70
CA ASN B 57 12.04 66.37 -33.68
C ASN B 57 12.32 64.91 -33.31
N ASN B 58 11.41 64.26 -32.59
CA ASN B 58 11.55 62.85 -32.26
C ASN B 58 10.58 62.05 -33.14
N PHE B 59 11.11 61.43 -34.18
CA PHE B 59 10.31 60.61 -35.08
C PHE B 59 10.54 59.12 -34.88
N ASP B 60 10.95 58.73 -33.68
CA ASP B 60 11.11 57.31 -33.36
C ASP B 60 9.76 56.61 -33.32
N ASP B 61 9.79 55.31 -33.61
CA ASP B 61 8.60 54.46 -33.67
C ASP B 61 7.82 54.52 -32.35
N ILE B 62 6.55 54.90 -32.43
CA ILE B 62 5.68 54.96 -31.26
C ILE B 62 4.61 53.87 -31.28
N LYS B 63 4.65 52.97 -32.26
CA LYS B 63 3.64 51.93 -32.39
C LYS B 63 3.71 50.98 -31.21
N HIS B 64 2.54 50.68 -30.63
CA HIS B 64 2.47 49.72 -29.53
C HIS B 64 2.55 48.28 -30.01
N THR B 65 2.42 48.05 -31.31
CA THR B 65 2.34 46.71 -31.88
C THR B 65 3.67 46.18 -32.43
N THR B 66 4.71 47.02 -32.47
CA THR B 66 6.01 46.55 -32.93
C THR B 66 6.52 45.41 -32.08
N LEU B 67 7.06 44.39 -32.75
CA LEU B 67 7.61 43.21 -32.10
C LEU B 67 9.05 42.97 -32.52
N GLY B 68 9.87 42.51 -31.55
CA GLY B 68 11.13 41.86 -31.87
C GLY B 68 10.94 40.36 -31.98
N GLU B 69 12.04 39.66 -32.27
CA GLU B 69 11.93 38.23 -32.52
C GLU B 69 11.41 37.48 -31.30
N ARG B 70 11.95 37.79 -30.12
CA ARG B 70 11.50 37.11 -28.91
C ARG B 70 9.99 37.29 -28.72
N GLY B 71 9.52 38.53 -28.80
CA GLY B 71 8.09 38.78 -28.63
C GLY B 71 7.25 38.19 -29.76
N ALA B 72 7.80 38.15 -30.98
CA ALA B 72 7.05 37.61 -32.10
C ALA B 72 6.88 36.09 -31.99
N LEU B 73 7.93 35.40 -31.54
CA LEU B 73 7.82 33.96 -31.36
C LEU B 73 6.79 33.60 -30.30
N ARG B 74 6.79 34.33 -29.17
CA ARG B 74 5.81 34.11 -28.13
C ARG B 74 4.38 34.32 -28.64
N GLU B 75 4.14 35.42 -29.36
CA GLU B 75 2.79 35.70 -29.80
C GLU B 75 2.35 34.76 -30.92
N ALA B 76 3.28 34.38 -31.80
CA ALA B 76 2.92 33.41 -32.84
C ALA B 76 2.60 32.05 -32.25
N MET B 77 3.30 31.65 -31.19
CA MET B 77 2.99 30.38 -30.54
C MET B 77 1.63 30.42 -29.85
N ARG B 78 1.19 31.62 -29.44
CA ARG B 78 -0.07 31.78 -28.72
C ARG B 78 -1.28 31.65 -29.65
N CYS B 79 -1.12 32.03 -30.92
CA CYS B 79 -2.22 31.98 -31.87
C CYS B 79 -2.76 30.56 -32.03
N LEU B 80 -4.09 30.43 -31.98
CA LEU B 80 -4.71 29.12 -32.10
C LEU B 80 -4.62 28.54 -33.51
N LYS B 81 -4.29 29.35 -34.51
CA LYS B 81 -4.12 28.89 -35.90
C LYS B 81 -5.40 28.20 -36.37
N CYS B 82 -6.49 28.97 -36.32
CA CYS B 82 -7.85 28.46 -36.37
C CYS B 82 -8.27 28.02 -37.78
N ALA B 83 -9.22 27.10 -37.82
CA ALA B 83 -9.86 26.72 -39.08
C ALA B 83 -10.79 27.85 -39.53
N ASP B 84 -10.86 28.06 -40.85
CA ASP B 84 -11.81 29.02 -41.43
C ASP B 84 -11.74 30.36 -40.71
N ALA B 85 -10.51 30.82 -40.48
CA ALA B 85 -10.25 31.76 -39.38
C ALA B 85 -11.03 33.06 -39.58
N PRO B 86 -11.68 33.57 -38.54
CA PRO B 86 -12.44 34.82 -38.68
C PRO B 86 -11.56 36.04 -38.85
N CYS B 87 -10.30 36.00 -38.38
CA CYS B 87 -9.38 37.11 -38.63
C CYS B 87 -9.17 37.30 -40.14
N GLN B 88 -9.00 36.20 -40.87
CA GLN B 88 -8.84 36.28 -42.32
C GLN B 88 -10.14 36.74 -42.99
N LYS B 89 -11.29 36.31 -42.47
CA LYS B 89 -12.55 36.79 -43.02
C LYS B 89 -12.68 38.30 -42.85
N SER B 90 -12.06 38.84 -41.79
CA SER B 90 -12.10 40.25 -41.47
C SER B 90 -10.94 41.05 -42.05
N CYS B 91 -10.05 40.42 -42.82
CA CYS B 91 -8.97 41.12 -43.50
C CYS B 91 -9.38 41.47 -44.92
N PRO B 92 -9.34 42.75 -45.32
CA PRO B 92 -9.78 43.09 -46.68
C PRO B 92 -9.00 42.44 -47.80
N THR B 93 -7.73 42.09 -47.60
CA THR B 93 -6.99 41.36 -48.62
C THR B 93 -7.00 39.86 -48.41
N HIS B 94 -7.75 39.37 -47.42
CA HIS B 94 -7.96 37.93 -47.22
C HIS B 94 -6.64 37.17 -46.97
N LEU B 95 -5.73 37.79 -46.22
CA LEU B 95 -4.47 37.14 -45.87
C LEU B 95 -4.72 35.85 -45.11
N ASP B 96 -4.00 34.81 -45.47
CA ASP B 96 -4.06 33.54 -44.74
C ASP B 96 -3.22 33.73 -43.47
N ILE B 97 -3.86 34.38 -42.49
CA ILE B 97 -3.20 34.70 -41.23
C ILE B 97 -2.80 33.44 -40.49
N LYS B 98 -3.68 32.43 -40.48
CA LYS B 98 -3.36 31.14 -39.87
C LYS B 98 -2.02 30.63 -40.37
N SER B 99 -1.81 30.67 -41.69
CA SER B 99 -0.59 30.11 -42.26
C SER B 99 0.62 30.97 -41.94
N PHE B 100 0.52 32.30 -42.08
CA PHE B 100 1.76 33.06 -41.92
C PHE B 100 2.16 33.12 -40.45
N ILE B 101 1.19 33.07 -39.53
CA ILE B 101 1.55 33.01 -38.12
C ILE B 101 2.12 31.64 -37.76
N THR B 102 1.56 30.57 -38.32
CA THR B 102 2.18 29.25 -38.17
C THR B 102 3.64 29.28 -38.61
N SER B 103 3.90 29.90 -39.75
CA SER B 103 5.28 30.01 -40.25
C SER B 103 6.17 30.76 -39.27
N ILE B 104 5.68 31.89 -38.73
CA ILE B 104 6.47 32.62 -37.75
C ILE B 104 6.78 31.75 -36.54
N SER B 105 5.79 31.01 -36.05
CA SER B 105 6.01 30.19 -34.86
C SER B 105 7.00 29.07 -35.12
N ASN B 106 7.15 28.65 -36.38
CA ASN B 106 8.13 27.64 -36.77
C ASN B 106 9.46 28.25 -37.19
N LYS B 107 9.63 29.56 -36.98
CA LYS B 107 10.83 30.33 -37.28
C LYS B 107 11.05 30.52 -38.78
N ASN B 108 10.02 30.26 -39.59
CA ASN B 108 10.10 30.37 -41.05
C ASN B 108 9.59 31.75 -41.46
N TYR B 109 10.45 32.76 -41.29
CA TYR B 109 10.02 34.12 -41.55
C TYR B 109 9.89 34.38 -43.05
N TYR B 110 10.68 33.70 -43.87
CA TYR B 110 10.48 33.82 -45.32
C TYR B 110 9.10 33.33 -45.73
N GLY B 111 8.73 32.12 -45.31
CA GLY B 111 7.45 31.58 -45.70
C GLY B 111 6.29 32.43 -45.20
N ALA B 112 6.43 33.03 -44.02
CA ALA B 112 5.43 33.96 -43.53
C ALA B 112 5.32 35.19 -44.44
N ALA B 113 6.46 35.80 -44.75
CA ALA B 113 6.45 36.98 -45.61
C ALA B 113 5.91 36.66 -46.99
N LYS B 114 6.30 35.51 -47.55
CA LYS B 114 5.79 35.11 -48.85
C LYS B 114 4.28 34.98 -48.84
N MET B 115 3.72 34.43 -47.75
CA MET B 115 2.28 34.28 -47.67
C MET B 115 1.61 35.65 -47.56
N ILE B 116 2.22 36.57 -46.81
CA ILE B 116 1.69 37.93 -46.68
C ILE B 116 1.69 38.64 -48.03
N PHE B 117 2.85 38.67 -48.69
CA PHE B 117 2.96 39.45 -49.92
C PHE B 117 2.22 38.79 -51.08
N SER B 118 1.92 37.51 -50.99
CA SER B 118 1.12 36.85 -52.02
C SER B 118 -0.25 37.49 -52.16
N ASP B 119 -0.86 37.88 -51.02
CA ASP B 119 -2.18 38.49 -51.05
C ASP B 119 -2.18 39.98 -50.81
N ASN B 120 -1.03 40.57 -50.45
CA ASN B 120 -0.96 41.99 -50.14
C ASN B 120 0.43 42.48 -50.48
N PRO B 121 0.62 43.06 -51.67
CA PRO B 121 1.95 43.57 -52.05
C PRO B 121 2.46 44.72 -51.19
N LEU B 122 1.63 45.28 -50.31
CA LEU B 122 2.10 46.29 -49.36
C LEU B 122 2.05 45.71 -47.96
N GLY B 123 2.54 44.47 -47.81
CA GLY B 123 2.34 43.74 -46.57
C GLY B 123 3.03 44.35 -45.36
N LEU B 124 4.19 44.99 -45.57
CA LEU B 124 4.88 45.59 -44.44
C LEU B 124 4.21 46.87 -44.02
N THR B 125 3.83 47.72 -44.99
CA THR B 125 3.08 48.94 -44.69
C THR B 125 1.83 48.61 -43.88
N CYS B 126 1.07 47.61 -44.33
CA CYS B 126 -0.19 47.30 -43.67
C CYS B 126 0.03 46.73 -42.28
N GLY B 127 1.03 45.87 -42.11
CA GLY B 127 1.36 45.41 -40.76
C GLY B 127 1.56 46.57 -39.80
N MET B 128 2.15 47.66 -40.30
CA MET B 128 2.44 48.85 -39.50
C MET B 128 1.21 49.73 -39.28
N VAL B 129 0.34 49.90 -40.28
CA VAL B 129 -0.68 50.95 -40.23
C VAL B 129 -2.11 50.43 -40.19
N CYS B 130 -2.36 49.15 -40.48
CA CYS B 130 -3.75 48.67 -40.47
C CYS B 130 -4.42 48.99 -39.15
N PRO B 131 -5.63 49.53 -39.15
CA PRO B 131 -6.39 49.68 -37.90
C PRO B 131 -7.02 48.36 -37.47
N THR B 132 -6.19 47.48 -36.92
CA THR B 132 -6.56 46.07 -36.81
C THR B 132 -7.75 45.84 -35.89
N SER B 133 -7.97 46.71 -34.90
CA SER B 133 -9.14 46.54 -34.04
C SER B 133 -10.44 46.63 -34.82
N ASP B 134 -10.44 47.32 -35.96
CA ASP B 134 -11.61 47.42 -36.81
C ASP B 134 -11.53 46.46 -38.00
N LEU B 135 -10.52 45.59 -38.04
CA LEU B 135 -10.34 44.66 -39.15
C LEU B 135 -10.04 43.25 -38.61
N CYS B 136 -8.85 42.72 -38.92
CA CYS B 136 -8.57 41.31 -38.64
C CYS B 136 -8.67 41.01 -37.15
N VAL B 137 -8.01 41.82 -36.32
CA VAL B 137 -7.98 41.55 -34.88
C VAL B 137 -9.38 41.62 -34.29
N GLY B 138 -10.26 42.44 -34.87
CA GLY B 138 -11.62 42.58 -34.37
C GLY B 138 -12.43 41.30 -34.42
N GLY B 139 -12.03 40.35 -35.25
CA GLY B 139 -12.67 39.04 -35.31
C GLY B 139 -11.91 37.91 -34.65
N CYS B 140 -10.78 38.18 -34.00
CA CYS B 140 -9.92 37.11 -33.51
C CYS B 140 -10.60 36.32 -32.38
N ASN B 141 -10.60 34.99 -32.51
CA ASN B 141 -11.26 34.13 -31.52
C ASN B 141 -10.67 34.31 -30.12
N LEU B 142 -9.37 34.63 -30.03
CA LEU B 142 -8.78 34.75 -28.69
C LEU B 142 -9.25 35.98 -27.93
N TYR B 143 -10.07 36.84 -28.55
CA TYR B 143 -10.76 37.87 -27.77
C TYR B 143 -11.59 37.24 -26.67
N ALA B 144 -12.03 36.00 -26.87
CA ALA B 144 -12.80 35.27 -25.85
C ALA B 144 -11.92 34.69 -24.75
N THR B 145 -10.65 35.07 -24.66
CA THR B 145 -9.82 34.71 -23.53
C THR B 145 -9.40 35.96 -22.78
N GLU B 146 -9.04 35.77 -21.50
CA GLU B 146 -8.62 36.90 -20.70
C GLU B 146 -7.37 37.57 -21.28
N GLU B 147 -6.43 36.76 -21.78
CA GLU B 147 -5.21 37.34 -22.33
C GLU B 147 -5.43 38.03 -23.68
N GLY B 148 -6.56 37.80 -24.33
CA GLY B 148 -6.99 38.65 -25.44
C GLY B 148 -6.48 38.24 -26.80
N SER B 149 -6.87 39.07 -27.78
CA SER B 149 -6.66 38.80 -29.19
C SER B 149 -5.16 38.87 -29.55
N ILE B 150 -4.85 38.28 -30.71
CA ILE B 150 -3.47 38.20 -31.21
C ILE B 150 -3.09 39.53 -31.86
N ASN B 151 -1.82 39.92 -31.67
CA ASN B 151 -1.24 41.10 -32.32
C ASN B 151 -0.86 40.71 -33.76
N ILE B 152 -1.88 40.66 -34.61
CA ILE B 152 -1.69 40.19 -35.99
C ILE B 152 -0.83 41.16 -36.78
N GLY B 153 -1.06 42.46 -36.62
CA GLY B 153 -0.30 43.43 -37.38
C GLY B 153 1.18 43.44 -37.02
N GLY B 154 1.48 43.38 -35.73
CA GLY B 154 2.87 43.30 -35.31
C GLY B 154 3.57 42.07 -35.84
N LEU B 155 2.88 40.93 -35.83
CA LEU B 155 3.46 39.71 -36.40
C LEU B 155 3.69 39.87 -37.90
N GLN B 156 2.73 40.46 -38.61
CA GLN B 156 2.90 40.72 -40.03
C GLN B 156 4.09 41.63 -40.28
N GLN B 157 4.21 42.70 -39.47
CA GLN B 157 5.36 43.59 -39.56
C GLN B 157 6.67 42.86 -39.32
N PHE B 158 6.72 42.02 -38.27
CA PHE B 158 7.98 41.36 -37.94
C PHE B 158 8.45 40.45 -39.07
N ALA B 159 7.57 39.58 -39.56
CA ALA B 159 7.95 38.68 -40.64
C ALA B 159 8.39 39.46 -41.87
N SER B 160 7.67 40.53 -42.20
CA SER B 160 8.01 41.32 -43.39
C SER B 160 9.30 42.09 -43.20
N GLU B 161 9.58 42.57 -41.98
CA GLU B 161 10.85 43.24 -41.72
C GLU B 161 12.03 42.29 -41.87
N VAL B 162 11.89 41.03 -41.45
CA VAL B 162 12.98 40.08 -41.62
C VAL B 162 13.23 39.82 -43.10
N PHE B 163 12.15 39.61 -43.87
CA PHE B 163 12.30 39.42 -45.31
C PHE B 163 12.97 40.63 -45.95
N LYS B 164 12.56 41.83 -45.55
CA LYS B 164 13.22 43.05 -46.05
C LYS B 164 14.71 43.00 -45.79
N ALA B 165 15.11 42.62 -44.57
CA ALA B 165 16.53 42.57 -44.22
C ALA B 165 17.26 41.49 -45.02
N MET B 166 16.55 40.46 -45.48
CA MET B 166 17.18 39.43 -46.32
C MET B 166 17.63 39.98 -47.67
N ASN B 167 17.03 41.07 -48.14
CA ASN B 167 17.38 41.68 -49.43
C ASN B 167 17.29 40.66 -50.56
N ILE B 168 16.14 40.01 -50.64
CA ILE B 168 15.83 39.05 -51.69
C ILE B 168 14.85 39.72 -52.64
N PRO B 169 15.07 39.66 -53.96
CA PRO B 169 14.14 40.30 -54.88
C PRO B 169 12.92 39.43 -55.18
N GLN B 170 11.86 40.09 -55.63
CA GLN B 170 10.77 39.37 -56.25
C GLN B 170 11.21 38.94 -57.65
N ILE B 171 10.72 37.77 -58.08
CA ILE B 171 11.01 37.32 -59.43
C ILE B 171 9.72 37.31 -60.25
N ARG B 172 9.90 37.32 -61.57
CA ARG B 172 8.81 37.08 -62.48
C ARG B 172 8.13 35.74 -62.14
N ASN B 173 6.80 35.72 -62.25
CA ASN B 173 5.99 34.53 -62.02
C ASN B 173 6.60 33.34 -62.75
N PRO B 174 7.13 32.34 -62.02
CA PRO B 174 7.82 31.23 -62.69
C PRO B 174 6.90 30.26 -63.41
N CYS B 175 5.59 30.37 -63.23
CA CYS B 175 4.64 29.57 -64.01
C CYS B 175 4.37 30.15 -65.39
N LEU B 176 4.95 31.28 -65.70
CA LEU B 176 4.63 31.89 -66.99
C LEU B 176 5.53 31.33 -68.08
N PRO B 177 5.05 31.31 -69.32
CA PRO B 177 5.96 31.08 -70.45
C PRO B 177 7.03 32.15 -70.47
N SER B 178 8.16 31.85 -71.13
CA SER B 178 9.18 32.87 -71.32
C SER B 178 8.56 34.08 -72.03
N GLN B 179 9.17 35.24 -71.82
CA GLN B 179 8.67 36.50 -72.38
C GLN B 179 8.38 36.35 -73.87
N GLU B 180 9.41 35.94 -74.63
CA GLU B 180 9.36 35.48 -76.02
C GLU B 180 8.00 34.91 -76.43
N LYS B 181 7.54 33.93 -75.68
CA LYS B 181 6.41 33.09 -76.04
C LYS B 181 5.09 33.58 -75.45
N MET B 182 5.09 34.73 -74.79
CA MET B 182 3.84 35.28 -74.29
C MET B 182 2.97 35.77 -75.45
N PRO B 183 1.66 35.54 -75.38
CA PRO B 183 0.76 36.04 -76.42
C PRO B 183 0.80 37.55 -76.52
N GLU B 184 0.38 38.06 -77.68
CA GLU B 184 0.49 39.47 -77.98
C GLU B 184 -0.30 40.33 -76.99
N ALA B 185 -1.41 39.81 -76.47
CA ALA B 185 -2.26 40.59 -75.58
C ALA B 185 -1.49 41.10 -74.36
N TYR B 186 -0.48 40.37 -73.91
CA TYR B 186 0.21 40.75 -72.70
C TYR B 186 1.14 41.94 -72.90
N SER B 187 1.37 42.36 -74.15
CA SER B 187 2.12 43.57 -74.42
C SER B 187 1.24 44.81 -74.52
N ALA B 188 -0.06 44.68 -74.26
CA ALA B 188 -0.96 45.82 -74.29
C ALA B 188 -0.45 46.93 -73.36
N LYS B 189 -0.47 48.16 -73.86
CA LYS B 189 -0.01 49.30 -73.07
C LYS B 189 -1.04 49.62 -72.00
N ILE B 190 -0.61 49.63 -70.74
CA ILE B 190 -1.47 49.83 -69.59
C ILE B 190 -1.00 51.07 -68.85
N ALA B 191 -1.92 51.95 -68.50
CA ALA B 191 -1.62 53.17 -67.76
C ALA B 191 -2.28 53.14 -66.40
N LEU B 192 -1.55 53.54 -65.37
CA LEU B 192 -2.11 53.74 -64.05
C LEU B 192 -1.80 55.16 -63.61
N LEU B 193 -2.75 55.79 -62.93
CA LEU B 193 -2.67 57.19 -62.58
C LEU B 193 -2.54 57.28 -61.07
N GLY B 194 -1.41 57.80 -60.60
CA GLY B 194 -1.14 57.93 -59.17
C GLY B 194 -0.37 56.77 -58.59
N ALA B 195 0.73 57.03 -57.90
CA ALA B 195 1.58 55.98 -57.38
C ALA B 195 1.34 55.73 -55.89
N GLY B 196 0.08 55.48 -55.53
CA GLY B 196 -0.29 55.15 -54.18
C GLY B 196 -0.60 53.69 -54.01
N PRO B 197 -1.04 53.29 -52.81
CA PRO B 197 -1.34 51.88 -52.56
C PRO B 197 -2.21 51.19 -53.61
N ALA B 198 -3.26 51.86 -54.09
CA ALA B 198 -4.16 51.22 -55.04
C ALA B 198 -3.43 50.86 -56.34
N SER B 199 -2.75 51.84 -56.94
CA SER B 199 -2.07 51.57 -58.21
C SER B 199 -0.87 50.65 -58.05
N ILE B 200 -0.14 50.76 -56.92
CA ILE B 200 0.99 49.87 -56.70
C ILE B 200 0.51 48.42 -56.65
N SER B 201 -0.58 48.18 -55.93
CA SER B 201 -1.17 46.84 -55.89
C SER B 201 -1.62 46.40 -57.28
N CYS B 202 -2.39 47.24 -57.98
CA CYS B 202 -2.92 46.86 -59.28
C CYS B 202 -1.80 46.53 -60.25
N ALA B 203 -0.80 47.41 -60.35
CA ALA B 203 0.33 47.17 -61.24
C ALA B 203 1.06 45.88 -60.88
N SER B 204 1.21 45.60 -59.58
CA SER B 204 1.91 44.38 -59.17
C SER B 204 1.19 43.14 -59.64
N PHE B 205 -0.13 43.06 -59.43
CA PHE B 205 -0.86 41.88 -59.83
C PHE B 205 -0.94 41.75 -61.34
N LEU B 206 -1.07 42.87 -62.06
CA LEU B 206 -1.03 42.81 -63.52
C LEU B 206 0.32 42.28 -64.00
N ALA B 207 1.41 42.71 -63.38
CA ALA B 207 2.72 42.21 -63.77
C ALA B 207 2.88 40.72 -63.45
N ARG B 208 2.33 40.28 -62.32
CA ARG B 208 2.34 38.85 -62.01
C ARG B 208 1.66 38.04 -63.09
N LEU B 209 0.55 38.56 -63.64
CA LEU B 209 -0.18 37.86 -64.68
C LEU B 209 0.60 37.82 -66.00
N GLY B 210 1.65 38.64 -66.13
CA GLY B 210 2.53 38.58 -67.27
C GLY B 210 2.51 39.81 -68.17
N TYR B 211 1.80 40.87 -67.80
CA TYR B 211 1.79 42.07 -68.64
C TYR B 211 3.12 42.80 -68.54
N SER B 212 3.67 43.16 -69.71
CA SER B 212 5.05 43.61 -69.81
C SER B 212 5.19 45.10 -70.09
N ASP B 213 4.08 45.83 -70.26
CA ASP B 213 4.14 47.27 -70.56
C ASP B 213 3.18 47.99 -69.63
N ILE B 214 3.63 48.22 -68.39
CA ILE B 214 2.82 48.81 -67.33
C ILE B 214 3.52 50.08 -66.86
N THR B 215 2.80 51.20 -66.88
CA THR B 215 3.36 52.49 -66.50
C THR B 215 2.45 53.17 -65.48
N ILE B 216 3.01 53.54 -64.34
CA ILE B 216 2.33 54.39 -63.36
C ILE B 216 2.78 55.83 -63.58
N PHE B 217 1.82 56.73 -63.80
CA PHE B 217 2.09 58.15 -63.97
C PHE B 217 1.74 58.87 -62.68
N GLU B 218 2.74 59.51 -62.06
CA GLU B 218 2.59 60.14 -60.75
C GLU B 218 2.78 61.64 -60.85
N LYS B 219 1.86 62.39 -60.25
CA LYS B 219 1.91 63.85 -60.31
C LYS B 219 3.15 64.40 -59.61
N GLN B 220 3.44 63.89 -58.42
CA GLN B 220 4.52 64.45 -57.61
C GLN B 220 5.87 63.86 -58.03
N GLU B 221 6.93 64.35 -57.39
CA GLU B 221 8.27 63.81 -57.59
C GLU B 221 8.59 62.67 -56.62
N TYR B 222 7.67 62.32 -55.74
CA TYR B 222 7.83 61.21 -54.81
C TYR B 222 6.73 60.18 -55.07
N VAL B 223 7.00 58.95 -54.65
CA VAL B 223 6.07 57.84 -54.87
C VAL B 223 5.60 57.31 -53.51
N GLY B 224 4.48 56.60 -53.55
CA GLY B 224 3.91 55.99 -52.36
C GLY B 224 2.58 56.56 -51.92
N GLY B 225 2.17 57.71 -52.47
CA GLY B 225 0.88 58.27 -52.06
C GLY B 225 0.89 58.75 -50.62
N LEU B 226 -0.24 58.54 -49.94
CA LEU B 226 -0.38 59.02 -48.57
C LEU B 226 0.57 58.31 -47.62
N SER B 227 0.95 57.06 -47.91
CA SER B 227 1.97 56.38 -47.11
C SER B 227 3.23 57.22 -47.01
N THR B 228 3.55 57.98 -48.05
CA THR B 228 4.74 58.82 -48.08
C THR B 228 4.45 60.25 -47.62
N SER B 229 3.39 60.86 -48.17
CA SER B 229 3.20 62.29 -48.00
C SER B 229 2.52 62.68 -46.69
N GLU B 230 1.83 61.75 -46.01
CA GLU B 230 1.06 62.19 -44.85
C GLU B 230 1.19 61.27 -43.63
N ILE B 231 1.27 59.96 -43.80
CA ILE B 231 1.37 59.11 -42.60
C ILE B 231 2.71 59.37 -41.92
N PRO B 232 2.72 59.67 -40.63
CA PRO B 232 3.97 60.11 -39.98
C PRO B 232 5.06 59.04 -39.99
N GLN B 233 6.30 59.53 -40.05
CA GLN B 233 7.47 58.65 -40.01
C GLN B 233 7.52 57.82 -38.73
N PHE B 234 6.96 58.34 -37.63
CA PHE B 234 6.97 57.59 -36.38
C PHE B 234 5.88 56.52 -36.32
N ARG B 235 5.05 56.40 -37.35
CA ARG B 235 4.19 55.24 -37.54
C ARG B 235 4.64 54.38 -38.70
N LEU B 236 5.08 55.00 -39.80
CA LEU B 236 5.46 54.27 -41.01
C LEU B 236 6.77 54.84 -41.55
N PRO B 237 7.91 54.18 -41.29
CA PRO B 237 9.19 54.67 -41.83
C PRO B 237 9.17 54.69 -43.34
N TYR B 238 9.78 55.73 -43.92
CA TYR B 238 9.75 55.85 -45.37
C TYR B 238 10.48 54.70 -46.06
N ASP B 239 11.46 54.08 -45.39
CA ASP B 239 12.18 53.01 -46.07
C ASP B 239 11.31 51.79 -46.30
N VAL B 240 10.20 51.67 -45.58
CA VAL B 240 9.24 50.60 -45.88
C VAL B 240 8.61 50.82 -47.24
N VAL B 241 8.18 52.04 -47.52
CA VAL B 241 7.55 52.37 -48.80
C VAL B 241 8.52 52.08 -49.94
N ASN B 242 9.75 52.58 -49.82
CA ASN B 242 10.76 52.34 -50.84
C ASN B 242 10.95 50.84 -51.08
N PHE B 243 10.99 50.05 -50.00
CA PHE B 243 11.19 48.61 -50.12
C PHE B 243 10.08 47.97 -50.94
N GLU B 244 8.83 48.37 -50.70
CA GLU B 244 7.71 47.77 -51.42
C GLU B 244 7.65 48.25 -52.87
N ILE B 245 8.03 49.50 -53.15
CA ILE B 245 8.12 49.97 -54.52
C ILE B 245 9.19 49.18 -55.29
N GLU B 246 10.33 48.91 -54.65
CA GLU B 246 11.39 48.20 -55.36
C GLU B 246 10.98 46.76 -55.67
N LEU B 247 10.19 46.13 -54.79
CA LEU B 247 9.66 44.81 -55.10
C LEU B 247 8.80 44.85 -56.35
N MET B 248 7.98 45.89 -56.50
CA MET B 248 7.12 45.97 -57.67
C MET B 248 7.94 46.26 -58.92
N LYS B 249 8.97 47.09 -58.79
CA LYS B 249 9.83 47.39 -59.94
C LYS B 249 10.59 46.15 -60.41
N ASP B 250 10.83 45.19 -59.51
CA ASP B 250 11.44 43.92 -59.92
C ASP B 250 10.62 43.23 -61.00
N LEU B 251 9.31 43.45 -61.02
CA LEU B 251 8.42 42.82 -61.99
C LEU B 251 8.34 43.58 -63.30
N GLY B 252 9.06 44.69 -63.44
CA GLY B 252 9.11 45.44 -64.68
C GLY B 252 8.20 46.65 -64.75
N VAL B 253 7.45 46.95 -63.68
CA VAL B 253 6.56 48.10 -63.70
C VAL B 253 7.38 49.38 -63.79
N LYS B 254 6.96 50.28 -64.66
CA LYS B 254 7.61 51.57 -64.84
C LYS B 254 6.86 52.65 -64.07
N ILE B 255 7.60 53.61 -63.52
CA ILE B 255 7.02 54.75 -62.83
C ILE B 255 7.60 56.01 -63.46
N ILE B 256 6.72 56.95 -63.82
CA ILE B 256 7.14 58.23 -64.39
C ILE B 256 6.56 59.33 -63.51
N CYS B 257 7.44 60.03 -62.79
CA CYS B 257 7.01 61.10 -61.91
C CYS B 257 6.84 62.41 -62.67
N GLY B 258 6.21 63.37 -62.03
CA GLY B 258 5.99 64.66 -62.64
C GLY B 258 5.03 64.65 -63.82
N LYS B 259 4.06 63.75 -63.81
CA LYS B 259 3.05 63.68 -64.87
C LYS B 259 1.67 63.51 -64.25
N SER B 260 0.75 64.39 -64.62
CA SER B 260 -0.53 64.52 -63.95
C SER B 260 -1.68 64.18 -64.89
N LEU B 261 -2.69 63.51 -64.34
CA LEU B 261 -4.02 63.46 -64.94
C LEU B 261 -4.68 64.82 -64.76
N SER B 262 -4.76 65.59 -65.84
CA SER B 262 -5.35 66.93 -65.80
C SER B 262 -5.61 67.35 -67.23
N GLU B 263 -6.58 68.26 -67.40
CA GLU B 263 -7.10 68.57 -68.73
C GLU B 263 -6.01 69.05 -69.68
N ASN B 264 -4.98 69.73 -69.18
CA ASN B 264 -3.91 70.21 -70.03
C ASN B 264 -2.71 69.26 -70.07
N GLU B 265 -2.78 68.11 -69.40
CA GLU B 265 -1.73 67.11 -69.49
C GLU B 265 -2.30 65.76 -69.91
N ILE B 266 -2.26 64.77 -69.03
CA ILE B 266 -2.79 63.44 -69.34
C ILE B 266 -4.30 63.45 -69.17
N THR B 267 -5.02 63.03 -70.20
CA THR B 267 -6.45 62.77 -70.10
C THR B 267 -6.73 61.37 -70.62
N LEU B 268 -7.93 60.88 -70.35
CA LEU B 268 -8.39 59.65 -70.98
C LEU B 268 -8.25 59.73 -72.50
N ASN B 269 -8.59 60.89 -73.06
CA ASN B 269 -8.50 61.06 -74.52
C ASN B 269 -7.06 60.94 -75.01
N THR B 270 -6.11 61.58 -74.33
CA THR B 270 -4.73 61.49 -74.80
C THR B 270 -4.15 60.10 -74.60
N LEU B 271 -4.55 59.40 -73.53
CA LEU B 271 -4.13 58.02 -73.36
C LEU B 271 -4.63 57.15 -74.50
N LYS B 272 -5.90 57.35 -74.89
CA LYS B 272 -6.44 56.59 -76.02
C LYS B 272 -5.68 56.91 -77.30
N GLU B 273 -5.41 58.21 -77.55
CA GLU B 273 -4.67 58.58 -78.75
C GLU B 273 -3.30 57.93 -78.81
N GLU B 274 -2.65 57.75 -77.67
CA GLU B 274 -1.29 57.24 -77.65
C GLU B 274 -1.22 55.72 -77.65
N GLY B 275 -2.36 55.03 -77.69
CA GLY B 275 -2.39 53.59 -77.82
C GLY B 275 -2.53 52.81 -76.53
N TYR B 276 -2.83 53.47 -75.42
CA TYR B 276 -3.07 52.75 -74.18
C TYR B 276 -4.39 51.99 -74.27
N LYS B 277 -4.37 50.72 -73.83
CA LYS B 277 -5.52 49.84 -73.95
C LYS B 277 -6.38 49.80 -72.70
N ALA B 278 -5.83 50.11 -71.53
CA ALA B 278 -6.60 50.11 -70.30
C ALA B 278 -5.96 51.09 -69.33
N ALA B 279 -6.79 51.67 -68.46
CA ALA B 279 -6.31 52.65 -67.50
C ALA B 279 -6.92 52.36 -66.13
N PHE B 280 -6.11 52.56 -65.08
CA PHE B 280 -6.56 52.46 -63.69
C PHE B 280 -6.36 53.81 -63.03
N ILE B 281 -7.44 54.35 -62.47
CA ILE B 281 -7.39 55.66 -61.81
C ILE B 281 -7.19 55.41 -60.33
N GLY B 282 -6.05 55.83 -59.81
CA GLY B 282 -5.77 55.69 -58.38
C GLY B 282 -5.19 56.95 -57.77
N ILE B 283 -5.77 58.11 -58.10
CA ILE B 283 -5.19 59.39 -57.69
C ILE B 283 -5.64 59.83 -56.31
N GLY B 284 -6.41 59.04 -55.60
CA GLY B 284 -6.86 59.41 -54.26
C GLY B 284 -7.76 60.64 -54.28
N LEU B 285 -7.78 61.32 -53.13
CA LEU B 285 -8.54 62.55 -52.92
C LEU B 285 -7.55 63.69 -52.70
N PRO B 286 -7.16 64.40 -53.75
CA PRO B 286 -5.94 65.23 -53.68
C PRO B 286 -6.11 66.58 -52.99
N GLU B 287 -7.33 67.05 -52.74
CA GLU B 287 -7.50 68.37 -52.14
C GLU B 287 -8.11 68.29 -50.75
N PRO B 288 -7.76 69.22 -49.87
CA PRO B 288 -8.38 69.25 -48.55
C PRO B 288 -9.81 69.74 -48.65
N LYS B 289 -10.62 69.29 -47.72
CA LYS B 289 -11.94 69.85 -47.54
C LYS B 289 -11.81 71.15 -46.76
N THR B 290 -12.31 72.24 -47.33
CA THR B 290 -12.07 73.57 -46.81
C THR B 290 -13.37 74.17 -46.28
N ASP B 291 -13.22 75.20 -45.47
CA ASP B 291 -14.34 75.88 -44.85
C ASP B 291 -14.19 77.37 -45.04
N ASP B 292 -15.31 78.04 -45.29
CA ASP B 292 -15.28 79.49 -45.51
C ASP B 292 -14.67 80.24 -44.33
N ILE B 293 -14.75 79.66 -43.12
CA ILE B 293 -14.24 80.34 -41.94
C ILE B 293 -12.75 80.64 -42.08
N PHE B 294 -12.02 79.81 -42.82
CA PHE B 294 -10.58 79.91 -42.94
C PHE B 294 -10.14 80.54 -44.26
N GLN B 295 -11.07 81.13 -45.00
CA GLN B 295 -10.75 81.81 -46.26
C GLN B 295 -9.72 82.89 -46.06
N GLY B 296 -8.66 82.85 -46.88
CA GLY B 296 -7.63 83.87 -46.88
C GLY B 296 -6.52 83.69 -45.87
N LEU B 297 -6.63 82.74 -44.95
CA LEU B 297 -5.61 82.57 -43.92
C LEU B 297 -4.39 81.83 -44.47
N THR B 298 -3.20 82.36 -44.19
CA THR B 298 -1.95 81.78 -44.66
C THR B 298 -1.27 80.95 -43.57
N GLN B 299 -0.34 80.10 -44.01
CA GLN B 299 0.48 79.34 -43.06
C GLN B 299 1.26 80.28 -42.15
N ASP B 300 1.73 81.41 -42.69
CA ASP B 300 2.48 82.38 -41.89
C ASP B 300 1.61 83.00 -40.80
N GLN B 301 0.30 83.12 -41.04
CA GLN B 301 -0.60 83.58 -39.99
C GLN B 301 -0.88 82.47 -38.98
N GLY B 302 -0.57 81.22 -39.30
CA GLY B 302 -0.77 80.11 -38.40
C GLY B 302 -1.81 79.10 -38.82
N PHE B 303 -2.34 79.18 -40.04
CA PHE B 303 -3.39 78.26 -40.47
C PHE B 303 -2.87 77.24 -41.47
N TYR B 304 -3.26 75.98 -41.26
CA TYR B 304 -2.97 74.88 -42.18
C TYR B 304 -4.22 74.02 -42.33
N THR B 305 -4.43 73.50 -43.54
CA THR B 305 -5.18 72.26 -43.63
C THR B 305 -4.23 71.09 -43.44
N SER B 306 -4.80 69.91 -43.20
CA SER B 306 -3.98 68.72 -43.08
C SER B 306 -3.20 68.45 -44.36
N LYS B 307 -3.76 68.80 -45.52
CA LYS B 307 -3.05 68.65 -46.78
C LYS B 307 -1.86 69.61 -46.89
N ASP B 308 -1.86 70.70 -46.12
CA ASP B 308 -0.72 71.60 -46.09
C ASP B 308 0.31 71.15 -45.06
N PHE B 309 -0.17 70.71 -43.91
CA PHE B 309 0.70 70.48 -42.76
C PHE B 309 1.46 69.17 -42.85
N LEU B 310 0.74 68.05 -43.00
CA LEU B 310 1.41 66.75 -42.90
C LEU B 310 2.44 66.53 -44.00
N PRO B 311 2.24 66.95 -45.25
CA PRO B 311 3.34 66.81 -46.23
C PRO B 311 4.57 67.62 -45.89
N LEU B 312 4.41 68.78 -45.25
CA LEU B 312 5.59 69.53 -44.80
C LEU B 312 6.39 68.75 -43.77
N VAL B 313 5.70 68.13 -42.80
CA VAL B 313 6.42 67.35 -41.79
C VAL B 313 7.05 66.12 -42.42
N ALA B 314 6.34 65.48 -43.35
CA ALA B 314 6.86 64.29 -44.01
C ALA B 314 8.10 64.63 -44.83
N LYS B 315 8.03 65.69 -45.63
CA LYS B 315 9.17 66.10 -46.45
C LYS B 315 10.40 66.39 -45.60
N SER B 316 10.20 66.94 -44.40
CA SER B 316 11.33 67.26 -43.53
C SER B 316 11.88 66.03 -42.84
N SER B 317 11.01 65.11 -42.43
CA SER B 317 11.40 64.00 -41.57
C SER B 317 11.72 62.71 -42.33
N LYS B 318 11.43 62.63 -43.61
CA LYS B 318 11.57 61.37 -44.35
C LYS B 318 12.73 61.49 -45.33
N ALA B 319 13.87 60.93 -44.95
CA ALA B 319 15.07 61.00 -45.77
C ALA B 319 14.87 60.25 -47.08
N GLY B 320 15.13 60.93 -48.18
CA GLY B 320 14.95 60.34 -49.49
C GLY B 320 13.59 60.54 -50.11
N MET B 321 12.65 61.16 -49.39
CA MET B 321 11.36 61.46 -50.01
C MET B 321 11.51 62.53 -51.09
N CYS B 322 12.28 63.58 -50.80
CA CYS B 322 12.57 64.64 -51.75
C CYS B 322 14.07 64.78 -51.95
N ALA B 323 14.43 65.45 -53.04
CA ALA B 323 15.80 65.92 -53.22
C ALA B 323 16.10 67.06 -52.25
N CYS B 324 15.21 68.06 -52.21
CA CYS B 324 15.34 69.15 -51.26
C CYS B 324 15.30 68.64 -49.83
N HIS B 325 16.38 68.86 -49.09
CA HIS B 325 16.26 68.94 -47.64
C HIS B 325 15.44 70.16 -47.26
N SER B 326 14.63 70.03 -46.22
CA SER B 326 13.68 71.07 -45.87
C SER B 326 13.50 71.09 -44.36
N PRO B 327 13.07 72.22 -43.79
CA PRO B 327 12.97 72.32 -42.34
C PRO B 327 11.60 71.92 -41.81
N LEU B 328 11.58 71.60 -40.54
CA LEU B 328 10.34 71.28 -39.84
C LEU B 328 9.55 72.57 -39.65
N PRO B 329 8.25 72.57 -39.91
CA PRO B 329 7.46 73.80 -39.72
C PRO B 329 7.60 74.34 -38.30
N SER B 330 7.72 75.66 -38.19
CA SER B 330 7.89 76.30 -36.90
C SER B 330 6.52 76.42 -36.24
N ILE B 331 6.15 75.38 -35.51
CA ILE B 331 4.87 75.33 -34.81
C ILE B 331 5.19 75.59 -33.34
N ARG B 332 4.93 76.79 -32.88
CA ARG B 332 5.21 77.19 -31.51
C ARG B 332 3.92 77.64 -30.85
N GLY B 333 3.79 77.35 -29.56
CA GLY B 333 2.64 77.80 -28.81
C GLY B 333 1.49 76.80 -28.78
N ALA B 334 0.27 77.31 -28.66
CA ALA B 334 -0.91 76.47 -28.57
C ALA B 334 -1.43 76.16 -29.96
N VAL B 335 -1.65 74.86 -30.23
CA VAL B 335 -2.14 74.39 -31.52
C VAL B 335 -3.54 73.83 -31.34
N ILE B 336 -4.46 74.28 -32.18
CA ILE B 336 -5.81 73.73 -32.23
C ILE B 336 -5.93 72.87 -33.48
N VAL B 337 -6.21 71.58 -33.30
CA VAL B 337 -6.53 70.70 -34.40
C VAL B 337 -8.05 70.53 -34.44
N LEU B 338 -8.65 70.78 -35.60
CA LEU B 338 -10.10 70.75 -35.78
C LEU B 338 -10.49 69.47 -36.49
N GLY B 339 -11.38 68.70 -35.86
CA GLY B 339 -11.79 67.41 -36.38
C GLY B 339 -11.41 66.28 -35.42
N ALA B 340 -12.04 65.14 -35.68
CA ALA B 340 -11.83 63.95 -34.85
C ALA B 340 -11.71 62.70 -35.71
N GLY B 341 -11.47 62.86 -37.00
CA GLY B 341 -11.08 61.73 -37.82
C GLY B 341 -9.67 61.32 -37.51
N ASP B 342 -9.23 60.28 -38.21
CA ASP B 342 -7.91 59.76 -37.95
C ASP B 342 -6.79 60.72 -38.38
N THR B 343 -7.04 61.57 -39.39
CA THR B 343 -6.04 62.57 -39.77
C THR B 343 -5.81 63.57 -38.64
N ALA B 344 -6.86 63.92 -37.92
CA ALA B 344 -6.73 64.88 -36.84
C ALA B 344 -5.74 64.40 -35.79
N PHE B 345 -5.75 63.10 -35.49
CA PHE B 345 -4.85 62.57 -34.48
C PHE B 345 -3.42 62.49 -34.97
N ASP B 346 -3.21 62.33 -36.29
CA ASP B 346 -1.86 62.45 -36.84
C ASP B 346 -1.39 63.89 -36.87
N CYS B 347 -2.30 64.85 -37.09
CA CYS B 347 -1.91 66.26 -37.02
C CYS B 347 -1.45 66.63 -35.62
N ALA B 348 -2.15 66.12 -34.61
CA ALA B 348 -1.84 66.48 -33.23
C ALA B 348 -0.49 65.91 -32.79
N THR B 349 -0.26 64.62 -33.07
CA THR B 349 1.02 64.03 -32.70
C THR B 349 2.17 64.63 -33.50
N SER B 350 1.94 64.98 -34.77
CA SER B 350 3.01 65.58 -35.55
C SER B 350 3.29 67.02 -35.10
N ALA B 351 2.28 67.73 -34.62
CA ALA B 351 2.50 69.09 -34.15
C ALA B 351 3.44 69.12 -32.96
N LEU B 352 3.40 68.08 -32.11
CA LEU B 352 4.34 68.01 -31.00
C LEU B 352 5.77 67.85 -31.49
N ARG B 353 5.97 67.11 -32.59
CA ARG B 353 7.32 66.96 -33.14
C ARG B 353 7.85 68.27 -33.70
N CYS B 354 6.96 69.19 -34.07
CA CYS B 354 7.33 70.49 -34.61
C CYS B 354 7.51 71.55 -33.53
N GLY B 355 7.39 71.18 -32.27
CA GLY B 355 7.65 72.09 -31.17
C GLY B 355 6.43 72.70 -30.51
N ALA B 356 5.23 72.16 -30.73
CA ALA B 356 4.05 72.71 -30.08
C ALA B 356 4.17 72.61 -28.57
N ARG B 357 3.73 73.67 -27.89
CA ARG B 357 3.69 73.66 -26.43
C ARG B 357 2.46 72.92 -25.92
N ARG B 358 1.33 73.07 -26.60
CA ARG B 358 0.07 72.49 -26.18
C ARG B 358 -0.71 72.16 -27.45
N VAL B 359 -1.44 71.05 -27.45
CA VAL B 359 -2.28 70.69 -28.59
C VAL B 359 -3.68 70.39 -28.08
N PHE B 360 -4.68 71.06 -28.67
CA PHE B 360 -6.08 70.79 -28.39
C PHE B 360 -6.73 70.18 -29.63
N LEU B 361 -7.35 69.03 -29.45
CA LEU B 361 -8.22 68.43 -30.45
C LEU B 361 -9.65 68.89 -30.18
N VAL B 362 -10.22 69.67 -31.08
CA VAL B 362 -11.55 70.23 -30.90
C VAL B 362 -12.46 69.66 -31.98
N PHE B 363 -13.57 69.05 -31.56
CA PHE B 363 -14.46 68.40 -32.51
C PHE B 363 -15.91 68.72 -32.15
N ARG B 364 -16.77 68.67 -33.17
CA ARG B 364 -18.11 69.22 -33.10
C ARG B 364 -19.15 68.24 -32.58
N LYS B 365 -18.78 66.99 -32.36
CA LYS B 365 -19.66 66.02 -31.72
C LYS B 365 -19.02 65.58 -30.40
N GLY B 366 -19.53 64.49 -29.82
CA GLY B 366 -19.06 64.04 -28.53
C GLY B 366 -17.94 63.01 -28.63
N PHE B 367 -17.51 62.55 -27.45
CA PHE B 367 -16.53 61.47 -27.39
C PHE B 367 -17.04 60.21 -28.02
N VAL B 368 -18.31 59.86 -27.77
CA VAL B 368 -18.87 58.64 -28.30
C VAL B 368 -18.98 58.69 -29.82
N ASN B 369 -18.72 59.84 -30.44
CA ASN B 369 -18.85 60.03 -31.88
C ASN B 369 -17.51 60.08 -32.61
N ILE B 370 -16.38 59.88 -31.93
CA ILE B 370 -15.08 60.01 -32.59
C ILE B 370 -14.95 58.93 -33.66
N ARG B 371 -14.59 59.36 -34.87
CA ARG B 371 -14.41 58.42 -35.99
C ARG B 371 -13.22 57.51 -35.76
N ALA B 372 -12.24 57.98 -35.01
CA ALA B 372 -10.92 57.36 -34.99
C ALA B 372 -10.93 55.98 -34.34
N VAL B 373 -10.08 55.10 -34.87
CA VAL B 373 -9.87 53.81 -34.23
C VAL B 373 -9.17 54.07 -32.90
N PRO B 374 -9.40 53.25 -31.88
CA PRO B 374 -8.79 53.52 -30.57
C PRO B 374 -7.27 53.48 -30.59
N GLU B 375 -6.64 52.65 -31.44
CA GLU B 375 -5.19 52.68 -31.57
C GLU B 375 -4.69 54.11 -31.76
N GLU B 376 -5.37 54.83 -32.65
CA GLU B 376 -4.95 56.16 -33.08
C GLU B 376 -5.22 57.21 -32.01
N VAL B 377 -6.38 57.12 -31.36
CA VAL B 377 -6.71 58.03 -30.27
C VAL B 377 -5.71 57.89 -29.14
N GLU B 378 -5.31 56.66 -28.82
CA GLU B 378 -4.47 56.42 -27.65
C GLU B 378 -3.12 57.09 -27.78
N LEU B 379 -2.56 57.13 -28.99
CA LEU B 379 -1.27 57.78 -29.18
C LEU B 379 -1.35 59.26 -28.85
N ALA B 380 -2.44 59.92 -29.24
CA ALA B 380 -2.64 61.31 -28.87
C ALA B 380 -2.88 61.45 -27.37
N LYS B 381 -3.66 60.53 -26.79
CA LYS B 381 -3.94 60.59 -25.36
C LYS B 381 -2.65 60.45 -24.54
N GLU B 382 -1.85 59.42 -24.83
CA GLU B 382 -0.64 59.20 -24.05
C GLU B 382 0.37 60.32 -24.19
N GLU B 383 0.31 61.08 -25.30
CA GLU B 383 1.15 62.25 -25.46
C GLU B 383 0.47 63.52 -24.97
N LYS B 384 -0.58 63.39 -24.16
CA LYS B 384 -1.17 64.49 -23.40
C LYS B 384 -1.78 65.57 -24.29
N CYS B 385 -2.32 65.21 -25.45
CA CYS B 385 -3.17 66.18 -26.14
C CYS B 385 -4.49 66.33 -25.40
N GLU B 386 -5.03 67.54 -25.44
CA GLU B 386 -6.30 67.86 -24.81
C GLU B 386 -7.42 67.64 -25.82
N PHE B 387 -8.60 67.29 -25.32
CA PHE B 387 -9.77 67.00 -26.16
C PHE B 387 -10.93 67.87 -25.73
N LEU B 388 -11.51 68.59 -26.69
CA LEU B 388 -12.68 69.44 -26.46
C LEU B 388 -13.83 69.01 -27.36
N PRO B 389 -14.88 68.41 -26.82
CA PRO B 389 -16.01 67.97 -27.64
C PRO B 389 -17.12 69.02 -27.73
N PHE B 390 -18.06 68.76 -28.63
CA PHE B 390 -19.30 69.54 -28.78
C PHE B 390 -19.02 71.01 -29.10
N LEU B 391 -18.05 71.26 -29.98
CA LEU B 391 -17.65 72.62 -30.34
C LEU B 391 -17.55 72.74 -31.85
N SER B 392 -18.32 73.67 -32.43
CA SER B 392 -18.27 73.93 -33.86
C SER B 392 -17.59 75.27 -34.12
N PRO B 393 -16.57 75.32 -34.99
CA PRO B 393 -15.87 76.59 -35.20
C PRO B 393 -16.76 77.62 -35.87
N ARG B 394 -16.62 78.86 -35.43
CA ARG B 394 -17.39 79.96 -36.00
C ARG B 394 -16.51 81.03 -36.62
N LYS B 395 -15.37 81.34 -36.02
CA LYS B 395 -14.55 82.43 -36.51
C LYS B 395 -13.13 82.31 -35.98
N VAL B 396 -12.16 82.71 -36.81
CA VAL B 396 -10.76 82.80 -36.42
C VAL B 396 -10.43 84.26 -36.14
N ILE B 397 -9.81 84.51 -34.99
CA ILE B 397 -9.44 85.87 -34.58
C ILE B 397 -7.99 86.11 -34.98
N VAL B 398 -7.76 87.16 -35.77
CA VAL B 398 -6.43 87.51 -36.26
C VAL B 398 -6.10 88.90 -35.75
N LYS B 399 -4.98 89.02 -35.03
CA LYS B 399 -4.49 90.31 -34.56
C LYS B 399 -3.01 90.42 -34.86
N GLY B 400 -2.59 91.61 -35.29
CA GLY B 400 -1.20 91.81 -35.67
C GLY B 400 -0.71 90.86 -36.72
N GLY B 401 -1.59 90.41 -37.61
CA GLY B 401 -1.19 89.54 -38.70
C GLY B 401 -1.02 88.08 -38.35
N ARG B 402 -1.46 87.65 -37.16
CA ARG B 402 -1.38 86.24 -36.80
C ARG B 402 -2.63 85.83 -36.04
N ILE B 403 -2.94 84.53 -36.13
CA ILE B 403 -4.05 83.96 -35.35
C ILE B 403 -3.76 84.10 -33.88
N VAL B 404 -4.76 84.53 -33.11
CA VAL B 404 -4.66 84.55 -31.66
C VAL B 404 -5.76 83.76 -30.97
N ALA B 405 -6.86 83.44 -31.65
CA ALA B 405 -7.95 82.70 -31.01
C ALA B 405 -8.87 82.16 -32.08
N VAL B 406 -9.69 81.18 -31.69
CA VAL B 406 -10.79 80.68 -32.51
C VAL B 406 -12.05 80.73 -31.68
N GLN B 407 -13.13 81.28 -32.23
CA GLN B 407 -14.42 81.26 -31.56
C GLN B 407 -15.21 80.02 -31.95
N PHE B 408 -15.93 79.46 -31.00
CA PHE B 408 -16.73 78.27 -31.23
C PHE B 408 -18.14 78.50 -30.71
N VAL B 409 -19.08 77.69 -31.20
CA VAL B 409 -20.39 77.57 -30.61
C VAL B 409 -20.58 76.12 -30.16
N ARG B 410 -21.28 75.94 -29.04
CA ARG B 410 -21.59 74.60 -28.56
C ARG B 410 -22.55 73.89 -29.50
N THR B 411 -22.39 72.57 -29.61
CA THR B 411 -23.33 71.73 -30.33
C THR B 411 -24.02 70.79 -29.35
N GLU B 412 -25.17 70.26 -29.77
CA GLU B 412 -25.87 69.27 -28.97
C GLU B 412 -26.80 68.46 -29.85
N GLN B 413 -27.24 67.35 -29.28
CA GLN B 413 -28.06 66.36 -29.96
C GLN B 413 -29.41 66.32 -29.25
N ASP B 414 -30.48 66.35 -30.05
CA ASP B 414 -31.80 66.79 -29.59
C ASP B 414 -32.69 65.57 -29.38
N GLU B 415 -33.88 65.53 -29.98
CA GLU B 415 -34.85 64.45 -29.82
C GLU B 415 -34.65 63.44 -30.93
N THR B 416 -34.65 63.93 -32.18
CA THR B 416 -34.37 63.13 -33.36
C THR B 416 -33.02 62.40 -33.29
N GLY B 417 -32.00 62.96 -32.65
CA GLY B 417 -30.64 62.48 -32.88
C GLY B 417 -29.81 63.40 -33.73
N LYS B 418 -30.42 64.38 -34.35
CA LYS B 418 -29.69 65.23 -35.27
C LYS B 418 -29.22 66.50 -34.56
N TRP B 419 -28.24 67.17 -35.15
CA TRP B 419 -27.33 68.04 -34.43
C TRP B 419 -27.69 69.51 -34.62
N ASN B 420 -27.70 70.25 -33.51
CA ASN B 420 -27.99 71.68 -33.48
C ASN B 420 -26.78 72.45 -32.99
N GLU B 421 -26.75 73.74 -33.33
CA GLU B 421 -25.78 74.69 -32.80
C GLU B 421 -26.48 75.65 -31.84
N ASP B 422 -25.83 75.97 -30.74
CA ASP B 422 -26.39 76.84 -29.70
C ASP B 422 -25.69 78.20 -29.77
N GLU B 423 -26.36 79.16 -30.42
CA GLU B 423 -25.73 80.45 -30.71
C GLU B 423 -25.38 81.22 -29.44
N ASP B 424 -26.07 80.95 -28.34
CA ASP B 424 -25.86 81.67 -27.10
C ASP B 424 -24.75 81.07 -26.24
N GLN B 425 -24.21 79.93 -26.65
CA GLN B 425 -23.22 79.19 -25.85
C GLN B 425 -21.92 79.16 -26.65
N ILE B 426 -21.01 80.05 -26.30
CA ILE B 426 -19.80 80.30 -27.08
C ILE B 426 -18.58 79.87 -26.27
N VAL B 427 -17.49 79.60 -27.00
CA VAL B 427 -16.19 79.41 -26.39
C VAL B 427 -15.18 80.24 -27.18
N HIS B 428 -14.31 80.95 -26.46
CA HIS B 428 -13.23 81.73 -27.05
C HIS B 428 -11.94 81.04 -26.64
N LEU B 429 -11.32 80.32 -27.58
CA LEU B 429 -10.16 79.48 -27.29
C LEU B 429 -8.91 80.11 -27.87
N LYS B 430 -7.94 80.39 -27.02
CA LYS B 430 -6.66 80.97 -27.45
C LYS B 430 -5.87 79.96 -28.27
N ALA B 431 -5.25 80.43 -29.34
CA ALA B 431 -4.46 79.56 -30.21
C ALA B 431 -3.48 80.40 -31.02
N ASP B 432 -2.31 79.81 -31.26
CA ASP B 432 -1.33 80.39 -32.18
C ASP B 432 -1.34 79.72 -33.54
N VAL B 433 -1.77 78.47 -33.62
CA VAL B 433 -1.80 77.69 -34.85
C VAL B 433 -3.12 76.94 -34.91
N VAL B 434 -3.68 76.82 -36.11
CA VAL B 434 -4.92 76.08 -36.34
C VAL B 434 -4.70 75.15 -37.51
N ILE B 435 -4.99 73.86 -37.31
CA ILE B 435 -4.87 72.86 -38.37
C ILE B 435 -6.24 72.23 -38.57
N SER B 436 -6.82 72.41 -39.75
CA SER B 436 -8.11 71.80 -40.05
C SER B 436 -7.89 70.41 -40.64
N ALA B 437 -8.54 69.41 -40.05
CA ALA B 437 -8.47 68.04 -40.51
C ALA B 437 -9.86 67.55 -40.88
N PHE B 438 -10.50 68.23 -41.83
CA PHE B 438 -11.87 67.98 -42.19
C PHE B 438 -12.02 66.90 -43.26
N GLY B 439 -10.92 66.29 -43.69
CA GLY B 439 -10.97 65.30 -44.74
C GLY B 439 -10.45 65.84 -46.06
N SER B 440 -10.71 65.07 -47.11
CA SER B 440 -10.17 65.37 -48.43
C SER B 440 -11.24 65.09 -49.48
N VAL B 441 -11.06 65.70 -50.65
CA VAL B 441 -12.02 65.64 -51.75
C VAL B 441 -11.25 65.67 -53.07
N LEU B 442 -11.94 65.32 -54.16
CA LEU B 442 -11.49 65.63 -55.50
C LEU B 442 -12.35 66.81 -55.98
N ARG B 443 -11.72 67.96 -56.14
CA ARG B 443 -12.43 69.18 -56.44
C ARG B 443 -11.95 69.88 -57.70
N ASP B 444 -10.67 69.74 -58.03
CA ASP B 444 -10.00 70.34 -59.18
C ASP B 444 -10.78 70.09 -60.47
N PRO B 445 -11.39 71.13 -61.06
CA PRO B 445 -12.18 70.91 -62.29
C PRO B 445 -11.33 70.43 -63.44
N LYS B 446 -10.06 70.85 -63.51
CA LYS B 446 -9.16 70.41 -64.56
C LYS B 446 -8.94 68.91 -64.48
N VAL B 447 -8.82 68.38 -63.27
CA VAL B 447 -8.62 66.94 -63.10
C VAL B 447 -9.90 66.19 -63.40
N LYS B 448 -11.03 66.69 -62.90
CA LYS B 448 -12.32 66.07 -63.19
C LYS B 448 -12.58 66.01 -64.68
N GLU B 449 -12.27 67.09 -65.41
CA GLU B 449 -12.55 67.11 -66.84
C GLU B 449 -11.64 66.14 -67.59
N ALA B 450 -10.44 65.89 -67.08
CA ALA B 450 -9.55 64.91 -67.70
C ALA B 450 -10.12 63.50 -67.64
N LEU B 451 -11.12 63.25 -66.79
CA LEU B 451 -11.77 61.95 -66.70
C LEU B 451 -13.02 61.85 -67.55
N SER B 452 -13.30 62.86 -68.37
CA SER B 452 -14.40 62.78 -69.31
C SER B 452 -14.23 61.56 -70.21
N PRO B 453 -15.28 60.77 -70.44
CA PRO B 453 -16.66 60.99 -70.00
C PRO B 453 -17.19 59.98 -68.96
N ILE B 454 -16.38 59.54 -68.00
CA ILE B 454 -16.88 58.54 -67.05
C ILE B 454 -17.92 59.17 -66.14
N LYS B 455 -18.85 58.36 -65.66
CA LYS B 455 -19.96 58.87 -64.86
C LYS B 455 -19.52 59.04 -63.41
N PHE B 456 -19.94 60.15 -62.81
CA PHE B 456 -19.70 60.45 -61.40
C PHE B 456 -21.02 60.29 -60.64
N ASN B 457 -20.92 59.90 -59.38
CA ASN B 457 -22.11 59.74 -58.55
C ASN B 457 -22.34 61.00 -57.72
N ARG B 458 -23.33 60.96 -56.83
CA ARG B 458 -23.68 62.13 -56.05
C ARG B 458 -22.70 62.42 -54.92
N TRP B 459 -21.82 61.48 -54.57
CA TRP B 459 -20.68 61.81 -53.73
C TRP B 459 -19.60 62.51 -54.53
N ASP B 460 -19.78 62.56 -55.85
CA ASP B 460 -18.95 63.34 -56.75
C ASP B 460 -17.57 62.73 -56.91
N LEU B 461 -17.59 61.43 -57.11
CA LEU B 461 -16.49 60.51 -57.29
C LEU B 461 -16.83 59.61 -58.47
N PRO B 462 -15.81 59.09 -59.15
CA PRO B 462 -16.05 58.13 -60.23
C PRO B 462 -16.85 56.93 -59.76
N GLU B 463 -17.85 56.56 -60.55
CA GLU B 463 -18.73 55.44 -60.27
C GLU B 463 -18.14 54.16 -60.85
N VAL B 464 -17.98 53.13 -60.02
CA VAL B 464 -17.49 51.84 -60.48
C VAL B 464 -18.47 50.74 -60.10
N ASP B 465 -18.41 49.67 -60.87
CA ASP B 465 -19.01 48.40 -60.45
C ASP B 465 -18.23 47.88 -59.25
N PRO B 466 -18.85 47.71 -58.08
CA PRO B 466 -18.06 47.32 -56.89
C PRO B 466 -17.41 45.96 -56.98
N GLU B 467 -17.82 45.10 -57.92
CA GLU B 467 -17.20 43.79 -58.08
C GLU B 467 -16.02 43.82 -59.05
N THR B 468 -16.09 44.62 -60.10
CA THR B 468 -15.06 44.63 -61.13
C THR B 468 -14.15 45.83 -61.08
N MET B 469 -14.58 46.91 -60.42
CA MET B 469 -13.90 48.19 -60.33
C MET B 469 -13.89 48.92 -61.67
N GLN B 470 -14.72 48.50 -62.61
CA GLN B 470 -14.84 49.12 -63.93
C GLN B 470 -15.71 50.37 -63.86
N THR B 471 -15.25 51.45 -64.52
CA THR B 471 -16.05 52.65 -64.66
C THR B 471 -17.07 52.48 -65.78
N SER B 472 -17.80 53.55 -66.07
CA SER B 472 -18.77 53.53 -67.18
C SER B 472 -18.06 53.40 -68.53
N GLU B 473 -16.79 53.74 -68.62
CA GLU B 473 -16.00 53.44 -69.80
C GLU B 473 -15.31 52.10 -69.60
N PRO B 474 -15.54 51.10 -70.45
CA PRO B 474 -15.09 49.75 -70.14
C PRO B 474 -13.58 49.58 -70.05
N TRP B 475 -12.79 50.48 -70.62
CA TRP B 475 -11.34 50.35 -70.55
C TRP B 475 -10.73 51.11 -69.38
N VAL B 476 -11.56 51.77 -68.57
CA VAL B 476 -11.07 52.57 -67.45
C VAL B 476 -11.61 51.96 -66.16
N PHE B 477 -10.72 51.77 -65.19
CA PHE B 477 -11.04 51.19 -63.89
C PHE B 477 -10.57 52.18 -62.82
N ALA B 478 -11.08 52.02 -61.60
CA ALA B 478 -10.71 52.93 -60.52
C ALA B 478 -10.78 52.20 -59.19
N GLY B 479 -10.00 52.69 -58.23
CA GLY B 479 -10.00 52.08 -56.91
C GLY B 479 -9.24 52.92 -55.92
N GLY B 480 -9.39 52.55 -54.65
CA GLY B 480 -8.77 53.30 -53.57
C GLY B 480 -9.60 54.47 -53.12
N ASP B 481 -8.94 55.49 -52.58
CA ASP B 481 -9.65 56.62 -52.00
C ASP B 481 -10.59 57.29 -53.00
N ILE B 482 -10.20 57.35 -54.27
CA ILE B 482 -10.99 58.08 -55.25
C ILE B 482 -12.38 57.48 -55.45
N VAL B 483 -12.55 56.18 -55.18
CA VAL B 483 -13.86 55.56 -55.32
C VAL B 483 -14.71 55.77 -54.07
N GLY B 484 -14.10 56.02 -52.92
CA GLY B 484 -14.84 56.42 -51.74
C GLY B 484 -15.33 55.30 -50.85
N MET B 485 -14.99 54.05 -51.14
CA MET B 485 -15.29 52.98 -50.18
C MET B 485 -14.13 52.72 -49.25
N ALA B 486 -12.94 52.54 -49.83
CA ALA B 486 -11.76 52.24 -49.03
C ALA B 486 -11.52 53.34 -48.01
N ASN B 487 -11.27 52.92 -46.77
CA ASN B 487 -10.95 53.84 -45.69
C ASN B 487 -9.55 53.60 -45.15
N THR B 488 -8.80 52.69 -45.78
CA THR B 488 -7.55 52.16 -45.24
C THR B 488 -6.61 51.83 -46.39
N THR B 489 -5.33 51.66 -46.04
CA THR B 489 -4.34 51.23 -47.00
C THR B 489 -4.68 49.85 -47.56
N VAL B 490 -5.05 48.91 -46.68
CA VAL B 490 -5.31 47.53 -47.11
C VAL B 490 -6.51 47.48 -48.05
N GLU B 491 -7.53 48.29 -47.79
CA GLU B 491 -8.69 48.30 -48.69
C GLU B 491 -8.36 48.92 -50.03
N SER B 492 -7.46 49.91 -50.04
CA SER B 492 -7.01 50.46 -51.31
C SER B 492 -6.16 49.45 -52.06
N VAL B 493 -5.31 48.70 -51.35
CA VAL B 493 -4.57 47.59 -51.94
C VAL B 493 -5.54 46.57 -52.52
N ASN B 494 -6.60 46.24 -51.78
CA ASN B 494 -7.55 45.25 -52.28
C ASN B 494 -8.29 45.76 -53.50
N ASP B 495 -8.61 47.07 -53.52
CA ASP B 495 -9.24 47.65 -54.70
C ASP B 495 -8.40 47.44 -55.96
N GLY B 496 -7.08 47.67 -55.85
CA GLY B 496 -6.22 47.45 -57.00
C GLY B 496 -6.11 45.98 -57.37
N LYS B 497 -6.06 45.12 -56.36
CA LYS B 497 -6.06 43.67 -56.58
C LYS B 497 -7.32 43.22 -57.31
N GLN B 498 -8.48 43.70 -56.86
CA GLN B 498 -9.74 43.35 -57.49
C GLN B 498 -9.78 43.84 -58.94
N ALA B 499 -9.38 45.09 -59.18
CA ALA B 499 -9.38 45.63 -60.53
C ALA B 499 -8.45 44.85 -61.45
N SER B 500 -7.32 44.35 -60.92
CA SER B 500 -6.32 43.71 -61.77
C SER B 500 -6.90 42.53 -62.53
N TRP B 501 -7.70 41.69 -61.88
CA TRP B 501 -8.29 40.56 -62.57
C TRP B 501 -9.18 41.00 -63.73
N TYR B 502 -9.98 42.04 -63.51
CA TYR B 502 -10.97 42.43 -64.51
C TYR B 502 -10.38 43.32 -65.60
N ILE B 503 -9.32 44.07 -65.28
CA ILE B 503 -8.51 44.66 -66.34
C ILE B 503 -7.94 43.56 -67.23
N HIS B 504 -7.40 42.52 -66.60
CA HIS B 504 -6.86 41.38 -67.33
C HIS B 504 -7.92 40.76 -68.24
N LYS B 505 -9.13 40.58 -67.70
CA LYS B 505 -10.22 40.01 -68.48
C LYS B 505 -10.60 40.92 -69.65
N TYR B 506 -10.66 42.24 -69.41
CA TYR B 506 -11.02 43.16 -70.47
C TYR B 506 -9.98 43.16 -71.58
N ILE B 507 -8.70 43.25 -71.21
CA ILE B 507 -7.63 43.30 -72.21
C ILE B 507 -7.62 42.02 -73.05
N GLN B 508 -7.72 40.88 -72.38
CA GLN B 508 -7.71 39.61 -73.10
C GLN B 508 -8.86 39.55 -74.10
N ALA B 509 -10.06 39.98 -73.68
CA ALA B 509 -11.21 39.99 -74.59
C ALA B 509 -10.97 40.91 -75.78
N GLN B 510 -10.30 42.05 -75.57
CA GLN B 510 -9.99 42.94 -76.68
C GLN B 510 -9.11 42.26 -77.71
N TYR B 511 -8.24 41.36 -77.29
CA TYR B 511 -7.39 40.61 -78.19
C TYR B 511 -8.00 39.28 -78.61
N GLY B 512 -9.28 39.06 -78.31
CA GLY B 512 -9.98 37.87 -78.75
C GLY B 512 -9.76 36.64 -77.91
N ALA B 513 -9.28 36.81 -76.67
CA ALA B 513 -9.01 35.69 -75.79
C ALA B 513 -9.93 35.72 -74.58
N SER B 514 -10.30 34.54 -74.10
CA SER B 514 -11.11 34.39 -72.90
C SER B 514 -10.21 34.05 -71.72
N VAL B 515 -10.75 34.23 -70.52
CA VAL B 515 -10.05 33.90 -69.28
C VAL B 515 -10.96 33.02 -68.43
N SER B 516 -10.36 32.42 -67.40
CA SER B 516 -11.08 31.47 -66.56
C SER B 516 -12.29 32.12 -65.90
N ALA B 517 -13.37 31.36 -65.81
CA ALA B 517 -14.54 31.84 -65.09
C ALA B 517 -14.27 32.04 -63.60
N LYS B 518 -13.22 31.42 -63.06
CA LYS B 518 -12.93 31.66 -61.67
C LYS B 518 -11.63 32.44 -61.56
N PRO B 519 -11.69 33.67 -61.06
CA PRO B 519 -10.49 34.52 -60.99
C PRO B 519 -9.39 33.85 -60.18
N GLU B 520 -8.15 34.07 -60.59
CA GLU B 520 -7.16 33.11 -60.17
C GLU B 520 -5.79 33.78 -60.25
N LEU B 521 -5.50 34.77 -59.32
CA LEU B 521 -4.29 35.59 -59.42
C LEU B 521 -3.07 34.87 -58.86
N PRO B 522 -1.89 35.12 -59.42
CA PRO B 522 -0.68 34.41 -58.98
C PRO B 522 -0.22 34.84 -57.60
N LEU B 523 0.54 33.94 -56.98
CA LEU B 523 1.19 34.21 -55.70
C LEU B 523 2.45 35.06 -55.92
N PHE B 524 3.10 35.39 -54.80
CA PHE B 524 4.35 36.13 -54.78
C PHE B 524 5.51 35.14 -54.77
N TYR B 525 6.54 35.43 -55.57
CA TYR B 525 7.67 34.51 -55.76
C TYR B 525 9.00 35.23 -55.66
N THR B 526 10.03 34.51 -55.17
CA THR B 526 11.39 35.00 -55.09
C THR B 526 12.31 33.87 -55.57
N PRO B 527 13.62 34.10 -55.72
CA PRO B 527 14.50 32.98 -56.08
C PRO B 527 14.51 31.84 -55.06
N VAL B 528 14.10 32.10 -53.81
CA VAL B 528 14.04 31.03 -52.82
C VAL B 528 13.14 29.90 -53.30
N ASP B 529 12.07 30.24 -54.01
CA ASP B 529 11.10 29.22 -54.40
C ASP B 529 11.63 28.26 -55.44
N LEU B 530 12.74 28.59 -56.10
CA LEU B 530 13.35 27.71 -57.09
C LEU B 530 14.32 26.72 -56.48
N VAL B 531 14.55 26.78 -55.17
CA VAL B 531 15.51 25.90 -54.52
C VAL B 531 15.02 24.47 -54.57
N ASP B 532 15.91 23.55 -54.96
CA ASP B 532 15.62 22.13 -55.07
C ASP B 532 15.75 21.47 -53.70
N ILE B 533 14.66 20.90 -53.18
CA ILE B 533 14.75 20.20 -51.90
C ILE B 533 14.44 18.71 -52.05
N SER B 534 14.70 18.15 -53.22
CA SER B 534 14.53 16.72 -53.41
C SER B 534 15.74 15.97 -52.84
N VAL B 535 15.54 14.67 -52.57
CA VAL B 535 16.60 13.84 -52.02
C VAL B 535 16.35 12.40 -52.46
N GLU B 536 17.42 11.65 -52.72
CA GLU B 536 17.29 10.23 -52.99
C GLU B 536 17.88 9.43 -51.85
N MET B 537 17.17 8.37 -51.45
CA MET B 537 17.62 7.53 -50.35
C MET B 537 17.13 6.11 -50.58
N ALA B 538 18.06 5.16 -50.51
CA ALA B 538 17.78 3.74 -50.74
C ALA B 538 17.20 3.48 -52.13
N GLY B 539 17.74 4.19 -53.13
CA GLY B 539 17.26 4.05 -54.49
C GLY B 539 15.89 4.63 -54.77
N LEU B 540 15.33 5.38 -53.82
CA LEU B 540 14.02 5.99 -53.94
C LEU B 540 14.16 7.49 -54.08
N LYS B 541 13.34 8.09 -54.94
CA LYS B 541 13.37 9.54 -55.14
C LYS B 541 12.24 10.20 -54.37
N PHE B 542 12.60 11.12 -53.48
CA PHE B 542 11.65 11.91 -52.71
C PHE B 542 11.62 13.33 -53.27
N ILE B 543 10.42 13.82 -53.59
CA ILE B 543 10.32 15.18 -54.13
C ILE B 543 10.59 16.22 -53.07
N ASN B 544 10.35 15.90 -51.80
CA ASN B 544 10.84 16.68 -50.67
C ASN B 544 11.02 15.71 -49.52
N PRO B 545 11.79 16.08 -48.49
CA PRO B 545 12.12 15.11 -47.43
C PRO B 545 11.07 14.93 -46.35
N PHE B 546 9.88 15.53 -46.45
CA PHE B 546 8.90 15.48 -45.37
C PHE B 546 7.82 14.45 -45.67
N GLY B 547 7.50 13.64 -44.67
CA GLY B 547 6.50 12.60 -44.84
C GLY B 547 5.71 12.36 -43.58
N LEU B 548 4.54 11.77 -43.75
CA LEU B 548 3.72 11.40 -42.60
C LEU B 548 4.22 10.09 -42.00
N ALA B 549 4.49 10.11 -40.70
CA ALA B 549 4.80 8.89 -39.99
C ALA B 549 3.59 7.97 -39.94
N SER B 550 3.86 6.69 -39.69
CA SER B 550 2.81 5.70 -39.44
C SER B 550 2.16 6.01 -38.10
N ALA B 551 0.99 6.63 -38.11
CA ALA B 551 0.38 7.11 -36.88
C ALA B 551 -1.04 7.58 -37.18
N ALA B 552 -1.64 8.28 -36.20
CA ALA B 552 -3.00 8.78 -36.35
C ALA B 552 -3.24 9.60 -37.61
N PRO B 553 -2.33 10.47 -38.07
CA PRO B 553 -2.58 11.16 -39.35
C PRO B 553 -2.66 10.26 -40.57
N THR B 554 -2.28 8.98 -40.46
CA THR B 554 -2.44 8.04 -41.56
C THR B 554 -3.43 6.94 -41.19
N THR B 555 -4.42 7.29 -40.37
CA THR B 555 -5.48 6.35 -39.96
C THR B 555 -6.22 5.78 -41.16
N SER B 556 -6.41 6.59 -42.19
CA SER B 556 -7.17 6.21 -43.38
C SER B 556 -6.40 6.64 -44.60
N SER B 557 -6.48 5.83 -45.66
CA SER B 557 -5.78 6.19 -46.89
C SER B 557 -6.36 7.44 -47.55
N SER B 558 -7.63 7.77 -47.30
CA SER B 558 -8.17 9.03 -47.81
C SER B 558 -7.44 10.23 -47.23
N MET B 559 -6.90 10.07 -46.02
CA MET B 559 -6.13 11.14 -45.39
C MET B 559 -4.78 11.31 -46.09
N ILE B 560 -4.14 10.19 -46.43
CA ILE B 560 -2.87 10.23 -47.15
C ILE B 560 -3.06 10.90 -48.51
N ARG B 561 -4.17 10.59 -49.17
CA ARG B 561 -4.50 11.27 -50.43
C ARG B 561 -4.51 12.79 -50.25
N ARG B 562 -5.21 13.27 -49.23
CA ARG B 562 -5.27 14.72 -49.02
C ARG B 562 -3.91 15.28 -48.66
N ALA B 563 -3.11 14.51 -47.91
CA ALA B 563 -1.76 14.98 -47.58
C ALA B 563 -0.88 15.09 -48.83
N PHE B 564 -1.00 14.13 -49.75
CA PHE B 564 -0.27 14.25 -51.01
C PHE B 564 -0.75 15.45 -51.82
N GLU B 565 -2.06 15.70 -51.81
CA GLU B 565 -2.58 16.86 -52.53
C GLU B 565 -2.10 18.16 -51.91
N ALA B 566 -1.78 18.14 -50.61
CA ALA B 566 -1.25 19.32 -49.94
C ALA B 566 0.25 19.52 -50.19
N GLY B 567 0.97 18.48 -50.57
CA GLY B 567 2.38 18.62 -50.93
C GLY B 567 3.34 17.73 -50.17
N TRP B 568 2.88 16.80 -49.32
CA TRP B 568 3.78 15.97 -48.55
C TRP B 568 4.56 15.04 -49.47
N GLY B 569 5.86 14.89 -49.20
CA GLY B 569 6.71 14.11 -50.09
C GLY B 569 6.44 12.62 -50.03
N PHE B 570 6.14 12.11 -48.84
CA PHE B 570 5.89 10.68 -48.70
C PHE B 570 4.96 10.44 -47.52
N ALA B 571 4.55 9.19 -47.36
CA ALA B 571 3.64 8.83 -46.29
C ALA B 571 3.81 7.36 -45.97
N LEU B 572 3.67 7.04 -44.69
CA LEU B 572 3.59 5.67 -44.21
C LEU B 572 2.12 5.32 -44.06
N THR B 573 1.78 4.06 -44.28
CA THR B 573 0.47 3.60 -43.81
C THR B 573 0.53 3.42 -42.30
N LYS B 574 -0.64 3.54 -41.65
CA LYS B 574 -0.74 2.96 -40.32
C LYS B 574 -0.30 1.52 -40.38
N THR B 575 0.39 1.07 -39.35
CA THR B 575 0.86 -0.32 -39.31
C THR B 575 -0.33 -1.27 -39.41
N PHE B 576 -0.28 -2.20 -40.37
CA PHE B 576 -1.35 -3.18 -40.53
C PHE B 576 -0.78 -4.59 -40.46
N SER B 577 -1.67 -5.56 -40.27
N SER B 577 -1.68 -5.56 -40.27
CA SER B 577 -1.28 -6.94 -40.04
CA SER B 577 -1.28 -6.94 -40.04
C SER B 577 -2.22 -7.88 -40.78
C SER B 577 -2.20 -7.88 -40.81
N LEU B 578 -1.92 -9.18 -40.68
CA LEU B 578 -2.76 -10.21 -41.26
C LEU B 578 -4.08 -10.30 -40.50
N ASP B 579 -5.07 -10.94 -41.14
CA ASP B 579 -6.40 -11.03 -40.55
C ASP B 579 -6.37 -11.71 -39.19
N LYS B 580 -5.51 -12.72 -39.03
CA LYS B 580 -5.44 -13.46 -37.78
C LYS B 580 -5.07 -12.55 -36.61
N ASP B 581 -4.35 -11.46 -36.85
CA ASP B 581 -3.85 -10.57 -35.81
C ASP B 581 -4.71 -9.32 -35.66
N ILE B 582 -5.98 -9.40 -36.03
CA ILE B 582 -6.89 -8.25 -35.89
C ILE B 582 -6.91 -7.75 -34.46
N VAL B 583 -6.95 -6.43 -34.30
CA VAL B 583 -6.95 -5.80 -32.98
C VAL B 583 -8.20 -4.94 -32.83
N THR B 584 -8.47 -4.54 -31.58
CA THR B 584 -9.56 -3.63 -31.26
C THR B 584 -9.03 -2.58 -30.29
N ASN B 585 -9.05 -1.31 -30.71
CA ASN B 585 -8.57 -0.23 -29.85
C ASN B 585 -9.51 0.00 -28.67
N VAL B 586 -8.95 0.56 -27.60
CA VAL B 586 -9.72 1.07 -26.49
C VAL B 586 -9.85 2.57 -26.63
N SER B 587 -10.70 3.18 -25.81
CA SER B 587 -10.85 4.61 -25.71
C SER B 587 -11.10 4.97 -24.25
N PRO B 588 -10.57 6.12 -23.76
CA PRO B 588 -9.68 7.08 -24.43
C PRO B 588 -8.30 6.48 -24.71
N ARG B 589 -7.55 7.00 -25.68
CA ARG B 589 -6.27 6.38 -25.97
C ARG B 589 -5.18 7.34 -26.45
N ILE B 590 -5.50 8.61 -26.68
CA ILE B 590 -4.49 9.61 -27.02
C ILE B 590 -4.73 10.84 -26.15
N VAL B 591 -3.71 11.25 -25.38
CA VAL B 591 -3.84 12.35 -24.44
C VAL B 591 -2.71 13.34 -24.63
N ARG B 592 -2.96 14.57 -24.19
CA ARG B 592 -1.96 15.63 -24.32
C ARG B 592 -0.83 15.43 -23.32
N GLY B 593 0.34 15.95 -23.67
CA GLY B 593 1.47 15.87 -22.78
C GLY B 593 1.38 16.86 -21.64
N THR B 594 1.96 16.47 -20.50
CA THR B 594 2.14 17.34 -19.35
C THR B 594 3.58 17.81 -19.23
N THR B 595 4.36 17.64 -20.29
CA THR B 595 5.81 17.87 -20.32
C THR B 595 6.17 19.34 -20.31
N SER B 596 5.22 20.26 -20.50
CA SER B 596 5.51 21.68 -20.41
C SER B 596 4.45 22.44 -19.63
N GLY B 597 3.80 21.76 -18.68
CA GLY B 597 2.90 22.42 -17.76
C GLY B 597 1.49 22.57 -18.28
N PRO B 598 0.64 23.24 -17.52
CA PRO B 598 -0.78 23.40 -17.91
C PRO B 598 -0.97 24.48 -18.98
N MET B 599 -0.40 24.23 -20.15
CA MET B 599 -0.60 25.07 -21.33
C MET B 599 -1.41 24.28 -22.34
N TYR B 600 -2.58 24.79 -22.67
CA TYR B 600 -3.56 24.09 -23.49
C TYR B 600 -3.63 24.73 -24.86
N GLY B 601 -4.11 23.97 -25.84
CA GLY B 601 -4.29 24.47 -27.18
C GLY B 601 -3.12 24.15 -28.10
N PRO B 602 -2.67 25.14 -28.87
CA PRO B 602 -1.65 24.87 -29.88
C PRO B 602 -0.32 24.48 -29.25
N GLY B 603 0.48 23.77 -30.04
CA GLY B 603 1.86 23.50 -29.67
C GLY B 603 2.05 22.66 -28.42
N GLN B 604 1.26 21.61 -28.24
CA GLN B 604 1.49 20.66 -27.17
C GLN B 604 2.88 20.05 -27.32
N SER B 605 3.65 20.03 -26.21
CA SER B 605 5.03 19.58 -26.28
C SER B 605 5.16 18.07 -26.39
N SER B 606 4.08 17.32 -26.17
CA SER B 606 4.10 15.88 -26.38
C SER B 606 2.66 15.38 -26.42
N PHE B 607 2.50 14.13 -26.87
CA PHE B 607 1.29 13.35 -26.67
C PHE B 607 1.69 12.00 -26.09
N LEU B 608 0.75 11.32 -25.46
CA LEU B 608 0.91 9.92 -25.09
C LEU B 608 -0.23 9.12 -25.69
N ASN B 609 0.09 7.96 -26.25
CA ASN B 609 -0.93 7.13 -26.85
C ASN B 609 -0.81 5.69 -26.36
N ILE B 610 -1.96 5.04 -26.22
CA ILE B 610 -2.01 3.60 -26.03
C ILE B 610 -2.77 2.97 -27.20
N GLU B 611 -2.53 3.50 -28.40
CA GLU B 611 -3.13 2.96 -29.61
C GLU B 611 -2.39 1.70 -30.06
N LEU B 612 -3.11 0.82 -30.74
CA LEU B 612 -2.57 -0.39 -31.32
C LEU B 612 -2.22 -0.15 -32.79
N ILE B 613 -1.97 -1.22 -33.54
CA ILE B 613 -1.81 -1.15 -34.99
C ILE B 613 -3.15 -0.78 -35.62
N SER B 614 -3.20 -0.71 -36.95
CA SER B 614 -4.41 -0.30 -37.62
C SER B 614 -5.55 -1.28 -37.38
N GLU B 615 -6.74 -0.76 -37.17
CA GLU B 615 -7.93 -1.60 -37.12
C GLU B 615 -8.47 -1.94 -38.51
N LYS B 616 -7.93 -1.33 -39.56
CA LYS B 616 -8.35 -1.63 -40.92
C LYS B 616 -7.56 -2.79 -41.48
N THR B 617 -8.18 -3.56 -42.38
CA THR B 617 -7.65 -4.84 -42.79
C THR B 617 -6.48 -4.67 -43.77
N ALA B 618 -5.68 -5.74 -43.89
CA ALA B 618 -4.61 -5.74 -44.88
C ALA B 618 -5.15 -5.57 -46.30
N ALA B 619 -6.36 -6.07 -46.56
CA ALA B 619 -6.94 -5.91 -47.88
C ALA B 619 -7.28 -4.45 -48.16
N TYR B 620 -7.79 -3.73 -47.16
CA TYR B 620 -8.01 -2.29 -47.31
C TYR B 620 -6.72 -1.57 -47.63
N TRP B 621 -5.66 -1.85 -46.86
CA TRP B 621 -4.42 -1.09 -47.03
C TRP B 621 -3.73 -1.44 -48.33
N CYS B 622 -3.79 -2.70 -48.76
CA CYS B 622 -3.15 -3.07 -50.01
C CYS B 622 -3.89 -2.46 -51.21
N GLN B 623 -5.23 -2.51 -51.21
CA GLN B 623 -5.99 -1.83 -52.25
C GLN B 623 -5.70 -0.34 -52.25
N SER B 624 -5.64 0.27 -51.05
CA SER B 624 -5.39 1.69 -50.96
C SER B 624 -4.01 2.06 -51.51
N VAL B 625 -2.99 1.25 -51.20
CA VAL B 625 -1.65 1.55 -51.71
C VAL B 625 -1.64 1.54 -53.23
N THR B 626 -2.28 0.54 -53.83
CA THR B 626 -2.40 0.51 -55.29
C THR B 626 -3.03 1.80 -55.81
N GLU B 627 -4.11 2.25 -55.17
CA GLU B 627 -4.80 3.45 -55.63
C GLU B 627 -3.92 4.69 -55.47
N LEU B 628 -3.25 4.82 -54.32
CA LEU B 628 -2.42 5.99 -54.08
C LEU B 628 -1.23 6.03 -55.03
N LYS B 629 -0.62 4.88 -55.31
CA LYS B 629 0.52 4.87 -56.23
C LYS B 629 0.06 5.07 -57.67
N ALA B 630 -1.15 4.63 -57.99
CA ALA B 630 -1.71 4.92 -59.32
C ALA B 630 -1.88 6.41 -59.52
N ASP B 631 -2.38 7.11 -58.51
CA ASP B 631 -2.73 8.53 -58.62
C ASP B 631 -1.58 9.47 -58.30
N PHE B 632 -0.60 9.04 -57.51
CA PHE B 632 0.51 9.88 -57.07
C PHE B 632 1.83 9.16 -57.30
N PRO B 633 2.23 8.95 -58.56
CA PRO B 633 3.44 8.16 -58.83
C PRO B 633 4.70 8.79 -58.27
N ASP B 634 4.74 10.11 -58.12
CA ASP B 634 5.94 10.79 -57.61
C ASP B 634 5.99 10.86 -56.09
N ASN B 635 4.90 10.55 -55.40
CA ASN B 635 4.87 10.55 -53.94
C ASN B 635 5.18 9.15 -53.42
N ILE B 636 6.14 9.05 -52.49
CA ILE B 636 6.57 7.76 -51.99
C ILE B 636 5.56 7.25 -50.97
N VAL B 637 5.16 5.99 -51.11
CA VAL B 637 4.25 5.34 -50.18
C VAL B 637 4.99 4.15 -49.59
N ILE B 638 5.12 4.14 -48.26
CA ILE B 638 5.79 3.07 -47.53
C ILE B 638 4.73 2.35 -46.71
N ALA B 639 4.65 1.03 -46.88
CA ALA B 639 3.68 0.22 -46.14
C ALA B 639 4.31 -0.25 -44.84
N SER B 640 3.68 0.09 -43.71
CA SER B 640 4.13 -0.34 -42.40
C SER B 640 3.38 -1.58 -41.99
N ILE B 641 4.10 -2.62 -41.59
CA ILE B 641 3.52 -3.94 -41.33
C ILE B 641 4.06 -4.50 -40.03
N MET B 642 3.28 -5.39 -39.41
CA MET B 642 3.70 -6.06 -38.19
C MET B 642 3.15 -7.48 -38.16
N CYS B 643 4.01 -8.40 -37.76
CA CYS B 643 3.63 -9.78 -37.45
C CYS B 643 4.22 -10.15 -36.10
N SER B 644 3.74 -11.26 -35.56
CA SER B 644 4.42 -11.88 -34.42
C SER B 644 5.69 -12.56 -34.91
N TYR B 645 6.46 -13.12 -33.97
CA TYR B 645 7.75 -13.71 -34.31
C TYR B 645 7.53 -15.04 -35.03
N ASN B 646 7.18 -14.94 -36.31
CA ASN B 646 6.79 -16.11 -37.10
C ASN B 646 7.25 -15.87 -38.53
N LYS B 647 8.16 -16.74 -39.02
CA LYS B 647 8.77 -16.53 -40.32
C LYS B 647 7.73 -16.50 -41.44
N ASN B 648 6.83 -17.47 -41.45
CA ASN B 648 5.84 -17.54 -42.52
C ASN B 648 4.93 -16.32 -42.55
N ASP B 649 4.61 -15.76 -41.37
CA ASP B 649 3.72 -14.61 -41.32
C ASP B 649 4.41 -13.37 -41.91
N TRP B 650 5.63 -13.08 -41.46
CA TRP B 650 6.36 -11.92 -41.98
C TRP B 650 6.55 -12.03 -43.49
N MET B 651 6.81 -13.23 -43.98
CA MET B 651 7.02 -13.42 -45.41
C MET B 651 5.72 -13.20 -46.19
N GLU B 652 4.61 -13.73 -45.67
CA GLU B 652 3.33 -13.57 -46.34
C GLU B 652 2.89 -12.11 -46.40
N LEU B 653 2.96 -11.42 -45.26
CA LEU B 653 2.47 -10.05 -45.20
C LEU B 653 3.33 -9.10 -46.01
N SER B 654 4.65 -9.27 -45.96
CA SER B 654 5.53 -8.38 -46.72
C SER B 654 5.34 -8.56 -48.22
N ARG B 655 5.20 -9.80 -48.68
CA ARG B 655 4.92 -10.04 -50.09
C ARG B 655 3.57 -9.45 -50.50
N LYS B 656 2.61 -9.44 -49.58
CA LYS B 656 1.29 -8.91 -49.92
C LYS B 656 1.35 -7.39 -50.06
N ALA B 657 2.13 -6.72 -49.22
CA ALA B 657 2.29 -5.27 -49.35
C ALA B 657 3.13 -4.91 -50.55
N GLU B 658 4.16 -5.72 -50.85
CA GLU B 658 4.96 -5.50 -52.06
C GLU B 658 4.08 -5.57 -53.30
N ALA B 659 3.23 -6.59 -53.38
CA ALA B 659 2.40 -6.78 -54.58
C ALA B 659 1.44 -5.60 -54.79
N SER B 660 1.06 -4.93 -53.71
CA SER B 660 0.14 -3.79 -53.81
C SER B 660 0.76 -2.57 -54.48
N GLY B 661 2.08 -2.54 -54.63
CA GLY B 661 2.75 -1.41 -55.25
C GLY B 661 3.52 -0.49 -54.30
N ALA B 662 3.64 -0.86 -53.03
CA ALA B 662 4.42 -0.05 -52.09
C ALA B 662 5.84 0.18 -52.61
N ASP B 663 6.33 1.41 -52.47
CA ASP B 663 7.71 1.71 -52.85
C ASP B 663 8.70 1.03 -51.91
N ALA B 664 8.30 0.85 -50.66
CA ALA B 664 9.15 0.25 -49.63
C ALA B 664 8.25 -0.19 -48.50
N LEU B 665 8.81 -0.99 -47.59
CA LEU B 665 8.13 -1.41 -46.38
C LEU B 665 8.82 -0.82 -45.16
N GLU B 666 8.04 -0.64 -44.09
CA GLU B 666 8.59 -0.30 -42.79
C GLU B 666 8.17 -1.41 -41.85
N LEU B 667 9.14 -1.98 -41.13
CA LEU B 667 8.86 -3.09 -40.22
C LEU B 667 8.67 -2.56 -38.81
N ASN B 668 7.46 -2.69 -38.27
CA ASN B 668 7.18 -2.24 -36.92
C ASN B 668 7.55 -3.37 -35.95
N LEU B 669 8.53 -3.10 -35.08
CA LEU B 669 9.10 -4.13 -34.23
C LEU B 669 8.50 -4.13 -32.82
N SER B 670 7.27 -3.65 -32.66
CA SER B 670 6.66 -3.49 -31.34
C SER B 670 5.99 -4.76 -30.83
N SER B 671 6.01 -5.85 -31.58
CA SER B 671 5.26 -7.05 -31.20
C SER B 671 5.92 -7.76 -30.03
N PRO B 672 5.16 -8.18 -29.01
CA PRO B 672 5.73 -9.02 -27.96
C PRO B 672 6.06 -10.41 -28.48
N HIS B 673 7.06 -11.03 -27.85
CA HIS B 673 7.55 -12.33 -28.32
C HIS B 673 7.21 -13.45 -27.34
N GLY B 674 8.11 -14.43 -27.23
CA GLY B 674 7.88 -15.61 -26.42
C GLY B 674 7.90 -15.36 -24.92
N MET B 680 15.23 -8.54 -21.26
CA MET B 680 15.70 -7.89 -22.48
C MET B 680 14.46 -7.27 -23.16
N GLY B 681 13.56 -6.82 -22.32
CA GLY B 681 12.30 -6.27 -22.78
C GLY B 681 11.39 -7.36 -23.27
N LEU B 682 10.15 -6.98 -23.60
CA LEU B 682 9.17 -7.95 -24.06
C LEU B 682 8.93 -7.87 -25.56
N ALA B 683 9.53 -6.90 -26.25
CA ALA B 683 9.25 -6.63 -27.65
C ALA B 683 10.40 -7.11 -28.54
N CYS B 684 10.04 -7.54 -29.74
CA CYS B 684 11.03 -8.00 -30.71
C CYS B 684 12.10 -6.95 -30.95
N GLY B 685 11.70 -5.68 -31.04
CA GLY B 685 12.62 -4.60 -31.34
C GLY B 685 13.65 -4.30 -30.27
N GLN B 686 13.53 -4.94 -29.10
CA GLN B 686 14.47 -4.73 -28.01
C GLN B 686 15.57 -5.78 -27.97
N ASP B 687 15.52 -6.78 -28.84
CA ASP B 687 16.48 -7.88 -28.86
C ASP B 687 17.15 -7.93 -30.22
N PRO B 688 18.47 -7.68 -30.30
CA PRO B 688 19.12 -7.67 -31.63
C PRO B 688 18.96 -8.96 -32.39
N GLU B 689 18.89 -10.12 -31.71
CA GLU B 689 18.85 -11.38 -32.45
C GLU B 689 17.52 -11.53 -33.20
N LEU B 690 16.42 -11.17 -32.54
CA LEU B 690 15.12 -11.26 -33.17
C LEU B 690 14.99 -10.29 -34.33
N VAL B 691 15.50 -9.07 -34.15
CA VAL B 691 15.46 -8.07 -35.22
C VAL B 691 16.20 -8.59 -36.44
N ARG B 692 17.38 -9.17 -36.23
CA ARG B 692 18.16 -9.68 -37.36
C ARG B 692 17.39 -10.78 -38.09
N ASN B 693 16.72 -11.66 -37.34
CA ASN B 693 15.96 -12.74 -37.96
C ASN B 693 14.75 -12.20 -38.73
N ILE B 694 14.02 -11.24 -38.14
CA ILE B 694 12.85 -10.70 -38.83
C ILE B 694 13.25 -10.03 -40.14
N CYS B 695 14.32 -9.23 -40.09
CA CYS B 695 14.80 -8.60 -41.32
C CYS B 695 15.23 -9.64 -42.34
N ARG B 696 15.90 -10.71 -41.90
CA ARG B 696 16.27 -11.78 -42.82
C ARG B 696 15.04 -12.39 -43.50
N TRP B 697 13.97 -12.62 -42.74
CA TRP B 697 12.78 -13.23 -43.32
C TRP B 697 12.16 -12.31 -44.37
N VAL B 698 12.09 -11.01 -44.09
CA VAL B 698 11.51 -10.09 -45.05
C VAL B 698 12.43 -9.92 -46.25
N ARG B 699 13.74 -9.85 -46.02
CA ARG B 699 14.68 -9.68 -47.12
C ARG B 699 14.57 -10.83 -48.11
N GLN B 700 14.32 -12.04 -47.62
CA GLN B 700 14.15 -13.19 -48.50
C GLN B 700 12.83 -13.19 -49.24
N ALA B 701 11.86 -12.40 -48.77
CA ALA B 701 10.51 -12.47 -49.31
C ALA B 701 10.23 -11.43 -50.38
N VAL B 702 10.87 -10.25 -50.31
CA VAL B 702 10.54 -9.14 -51.19
C VAL B 702 11.81 -8.57 -51.79
N GLN B 703 11.63 -7.79 -52.85
CA GLN B 703 12.74 -7.17 -53.55
C GLN B 703 12.74 -5.66 -53.45
N ILE B 704 11.67 -5.05 -52.95
CA ILE B 704 11.63 -3.62 -52.71
C ILE B 704 12.43 -3.33 -51.44
N PRO B 705 12.90 -2.10 -51.24
CA PRO B 705 13.61 -1.79 -50.00
C PRO B 705 12.69 -1.88 -48.79
N PHE B 706 13.28 -2.15 -47.64
CA PHE B 706 12.52 -2.13 -46.39
C PHE B 706 13.37 -1.53 -45.29
N PHE B 707 12.70 -0.91 -44.34
CA PHE B 707 13.35 -0.21 -43.23
C PHE B 707 12.81 -0.77 -41.93
N ALA B 708 13.71 -0.97 -40.97
CA ALA B 708 13.33 -1.43 -39.64
C ALA B 708 13.05 -0.22 -38.75
N LYS B 709 11.87 -0.19 -38.14
CA LYS B 709 11.52 0.92 -37.25
C LYS B 709 11.97 0.57 -35.83
N LEU B 710 12.95 1.32 -35.34
CA LEU B 710 13.62 1.02 -34.09
C LEU B 710 12.88 1.65 -32.90
N THR B 711 12.89 0.93 -31.78
CA THR B 711 12.38 1.54 -30.56
C THR B 711 13.51 2.25 -29.82
N PRO B 712 13.25 3.41 -29.21
CA PRO B 712 14.28 4.06 -28.40
C PRO B 712 14.39 3.46 -27.01
N ASN B 713 13.52 2.52 -26.64
CA ASN B 713 13.48 1.97 -25.29
C ASN B 713 14.43 0.78 -25.16
N VAL B 714 15.71 1.06 -25.40
CA VAL B 714 16.76 0.04 -25.38
C VAL B 714 18.05 0.67 -24.86
N THR B 715 18.91 -0.19 -24.30
CA THR B 715 20.18 0.29 -23.76
C THR B 715 21.06 0.85 -24.86
N ASP B 716 21.16 0.15 -26.00
CA ASP B 716 22.01 0.60 -27.11
C ASP B 716 21.27 0.39 -28.43
N ILE B 717 20.75 1.48 -28.98
CA ILE B 717 20.02 1.38 -30.24
C ILE B 717 20.94 1.08 -31.41
N VAL B 718 22.24 1.36 -31.30
CA VAL B 718 23.15 0.97 -32.38
C VAL B 718 23.21 -0.54 -32.52
N SER B 719 23.07 -1.27 -31.41
CA SER B 719 23.01 -2.73 -31.48
C SER B 719 21.84 -3.19 -32.33
N ILE B 720 20.68 -2.58 -32.16
CA ILE B 720 19.50 -2.99 -32.92
C ILE B 720 19.63 -2.57 -34.37
N ALA B 721 20.16 -1.36 -34.60
CA ALA B 721 20.35 -0.89 -35.97
C ALA B 721 21.31 -1.78 -36.74
N ARG B 722 22.43 -2.18 -36.12
CA ARG B 722 23.36 -3.07 -36.81
C ARG B 722 22.73 -4.43 -37.05
N ALA B 723 21.91 -4.91 -36.12
CA ALA B 723 21.20 -6.16 -36.34
C ALA B 723 20.29 -6.07 -37.56
N ALA B 724 19.57 -4.95 -37.70
CA ALA B 724 18.70 -4.77 -38.86
C ALA B 724 19.51 -4.76 -40.15
N LYS B 725 20.65 -4.07 -40.15
CA LYS B 725 21.50 -4.04 -41.34
C LYS B 725 22.03 -5.42 -41.67
N GLU B 726 22.49 -6.17 -40.66
CA GLU B 726 22.99 -7.52 -40.87
C GLU B 726 21.90 -8.42 -41.42
N GLY B 727 20.64 -8.18 -41.05
CA GLY B 727 19.53 -8.93 -41.59
C GLY B 727 19.07 -8.52 -42.97
N GLY B 728 19.63 -7.45 -43.52
CA GLY B 728 19.35 -7.04 -44.88
C GLY B 728 18.50 -5.81 -45.04
N ALA B 729 18.13 -5.13 -43.95
CA ALA B 729 17.38 -3.90 -44.07
C ALA B 729 18.16 -2.87 -44.88
N ASP B 730 17.43 -2.08 -45.67
CA ASP B 730 18.02 -1.01 -46.47
C ASP B 730 18.18 0.28 -45.68
N GLY B 731 17.69 0.32 -44.44
CA GLY B 731 17.81 1.48 -43.61
C GLY B 731 17.01 1.27 -42.34
N VAL B 732 17.04 2.26 -41.47
CA VAL B 732 16.28 2.19 -40.22
C VAL B 732 15.51 3.49 -40.04
N THR B 733 14.34 3.36 -39.42
CA THR B 733 13.54 4.49 -39.00
C THR B 733 13.80 4.70 -37.51
N ALA B 734 14.24 5.91 -37.15
CA ALA B 734 14.64 6.21 -35.78
C ALA B 734 13.97 7.52 -35.36
N THR B 735 13.02 7.45 -34.42
CA THR B 735 12.64 6.25 -33.68
C THR B 735 11.13 6.19 -33.45
N ASN B 736 10.65 5.08 -32.91
CA ASN B 736 9.27 4.98 -32.40
C ASN B 736 9.16 5.79 -31.10
N THR B 737 8.05 5.63 -30.40
CA THR B 737 7.77 6.46 -29.23
C THR B 737 8.50 5.93 -28.00
N VAL B 738 8.69 6.83 -27.04
CA VAL B 738 9.37 6.54 -25.78
C VAL B 738 8.35 6.05 -24.77
N SER B 739 8.65 4.97 -24.06
CA SER B 739 7.70 4.41 -23.13
C SER B 739 7.53 5.34 -21.93
N GLY B 740 6.29 5.58 -21.54
CA GLY B 740 6.07 6.53 -20.46
C GLY B 740 4.69 6.41 -19.85
N LEU B 741 4.52 7.17 -18.79
CA LEU B 741 3.22 7.36 -18.13
C LEU B 741 3.05 8.86 -17.98
N MET B 742 2.00 9.42 -18.54
CA MET B 742 1.96 10.87 -18.63
C MET B 742 1.36 11.52 -17.39
N GLY B 743 0.88 10.73 -16.45
CA GLY B 743 0.56 11.34 -15.19
C GLY B 743 -0.75 10.88 -14.60
N LEU B 744 -1.05 11.43 -13.44
CA LEU B 744 -2.12 10.95 -12.59
C LEU B 744 -2.94 12.15 -12.17
N LYS B 745 -4.25 11.99 -12.05
CA LYS B 745 -4.99 13.02 -11.35
C LYS B 745 -4.63 12.98 -9.87
N ALA B 746 -5.06 14.01 -9.13
CA ALA B 746 -4.72 14.11 -7.72
C ALA B 746 -5.33 12.98 -6.88
N ASP B 747 -6.35 12.31 -7.38
CA ASP B 747 -6.92 11.16 -6.69
C ASP B 747 -6.24 9.85 -7.06
N GLY B 748 -5.16 9.89 -7.83
CA GLY B 748 -4.41 8.71 -8.19
C GLY B 748 -4.81 8.03 -9.48
N THR B 749 -5.94 8.41 -10.05
CA THR B 749 -6.36 7.73 -11.26
C THR B 749 -5.61 8.29 -12.48
N PRO B 750 -5.34 7.44 -13.47
CA PRO B 750 -4.49 7.85 -14.59
C PRO B 750 -5.27 8.53 -15.70
N TRP B 751 -4.51 9.07 -16.65
CA TRP B 751 -5.05 9.60 -17.89
C TRP B 751 -4.12 9.19 -19.03
N PRO B 752 -4.60 8.42 -20.01
CA PRO B 752 -5.99 7.94 -20.20
C PRO B 752 -6.46 6.94 -19.13
N ALA B 753 -7.75 6.99 -18.81
CA ALA B 753 -8.38 6.05 -17.90
C ALA B 753 -9.45 5.31 -18.68
N VAL B 754 -9.37 3.98 -18.70
CA VAL B 754 -10.21 3.18 -19.58
C VAL B 754 -11.17 2.35 -18.74
N GLY B 755 -12.46 2.42 -19.07
CA GLY B 755 -13.46 1.60 -18.42
C GLY B 755 -13.85 2.11 -17.06
N ALA B 756 -14.80 1.39 -16.45
CA ALA B 756 -15.27 1.75 -15.12
C ALA B 756 -14.16 1.61 -14.08
N GLY B 757 -13.20 0.72 -14.32
CA GLY B 757 -12.06 0.57 -13.44
C GLY B 757 -11.00 1.62 -13.58
N LYS B 758 -11.13 2.51 -14.57
CA LYS B 758 -10.19 3.61 -14.81
C LYS B 758 -8.76 3.10 -14.93
N ARG B 759 -8.59 2.07 -15.74
CA ARG B 759 -7.32 1.40 -15.91
C ARG B 759 -6.50 2.09 -16.99
N THR B 760 -5.19 1.88 -16.95
CA THR B 760 -4.34 2.30 -18.05
C THR B 760 -3.18 1.33 -18.15
N THR B 761 -2.36 1.53 -19.18
CA THR B 761 -1.12 0.80 -19.37
C THR B 761 -0.09 1.80 -19.85
N TYR B 762 1.17 1.38 -19.87
CA TYR B 762 2.22 2.28 -20.35
C TYR B 762 1.98 2.62 -21.81
N GLY B 763 2.16 3.89 -22.16
CA GLY B 763 1.97 4.37 -23.51
C GLY B 763 3.26 4.85 -24.14
N GLY B 764 3.13 5.31 -25.38
CA GLY B 764 4.23 5.89 -26.11
C GLY B 764 4.16 7.41 -26.12
N VAL B 765 5.24 8.04 -25.69
CA VAL B 765 5.37 9.50 -25.70
C VAL B 765 5.91 9.93 -27.05
N SER B 766 5.25 10.91 -27.67
CA SER B 766 5.66 11.47 -28.95
C SER B 766 5.80 12.99 -28.83
N GLY B 767 6.36 13.60 -29.85
CA GLY B 767 6.38 15.06 -29.92
C GLY B 767 7.73 15.65 -29.54
N THR B 768 7.72 16.97 -29.36
CA THR B 768 8.98 17.69 -29.21
C THR B 768 9.69 17.32 -27.91
N ALA B 769 8.96 16.80 -26.91
CA ALA B 769 9.62 16.38 -25.68
C ALA B 769 10.57 15.21 -25.88
N ILE B 770 10.40 14.42 -26.94
CA ILE B 770 11.31 13.31 -27.20
C ILE B 770 12.35 13.64 -28.27
N ARG B 771 12.33 14.84 -28.83
CA ARG B 771 13.31 15.20 -29.84
C ARG B 771 14.76 14.99 -29.40
N PRO B 772 15.18 15.34 -28.18
CA PRO B 772 16.58 15.06 -27.79
C PRO B 772 16.94 13.58 -27.84
N ILE B 773 15.97 12.72 -27.54
CA ILE B 773 16.20 11.28 -27.55
C ILE B 773 16.33 10.78 -28.99
N ALA B 774 15.42 11.22 -29.87
CA ALA B 774 15.51 10.84 -31.28
C ALA B 774 16.77 11.40 -31.93
N LEU B 775 17.12 12.64 -31.61
CA LEU B 775 18.30 13.25 -32.22
C LEU B 775 19.57 12.52 -31.80
N ARG B 776 19.67 12.11 -30.53
CA ARG B 776 20.79 11.28 -30.11
C ARG B 776 20.81 9.95 -30.87
N ALA B 777 19.64 9.33 -31.02
CA ALA B 777 19.58 8.04 -31.71
C ALA B 777 20.03 8.15 -33.16
N VAL B 778 19.56 9.19 -33.86
CA VAL B 778 19.93 9.36 -35.26
C VAL B 778 21.44 9.59 -35.39
N THR B 779 21.99 10.48 -34.55
CA THR B 779 23.41 10.78 -34.63
C THR B 779 24.27 9.57 -34.30
N THR B 780 23.87 8.79 -33.29
CA THR B 780 24.71 7.67 -32.88
C THR B 780 24.68 6.55 -33.91
N ILE B 781 23.52 6.34 -34.55
CA ILE B 781 23.43 5.38 -35.65
C ILE B 781 24.25 5.88 -36.84
N ALA B 782 24.16 7.18 -37.14
CA ALA B 782 24.87 7.72 -38.29
C ALA B 782 26.39 7.66 -38.12
N ARG B 783 26.88 7.81 -36.88
CA ARG B 783 28.32 7.70 -36.66
C ARG B 783 28.78 6.25 -36.71
N ALA B 784 27.97 5.32 -36.18
CA ALA B 784 28.37 3.93 -36.13
C ALA B 784 28.28 3.24 -37.49
N LEU B 785 27.29 3.63 -38.31
CA LEU B 785 27.02 2.97 -39.58
C LEU B 785 27.00 4.02 -40.69
N PRO B 786 28.17 4.52 -41.08
CA PRO B 786 28.23 5.66 -42.01
C PRO B 786 27.56 5.32 -43.35
N GLY B 787 26.68 6.22 -43.79
CA GLY B 787 26.00 6.07 -45.05
C GLY B 787 24.72 5.26 -45.00
N PHE B 788 24.49 4.51 -43.93
CA PHE B 788 23.28 3.70 -43.78
C PHE B 788 22.06 4.61 -43.71
N PRO B 789 21.07 4.45 -44.59
CA PRO B 789 19.94 5.39 -44.64
C PRO B 789 19.16 5.42 -43.33
N ILE B 790 18.86 6.64 -42.85
CA ILE B 790 18.05 6.84 -41.66
C ILE B 790 16.84 7.68 -42.03
N LEU B 791 15.66 7.22 -41.64
CA LEU B 791 14.43 8.00 -41.67
C LEU B 791 14.17 8.47 -40.24
N ALA B 792 14.13 9.78 -40.04
CA ALA B 792 14.02 10.32 -38.69
C ALA B 792 12.56 10.55 -38.28
N THR B 793 12.29 10.35 -37.00
N THR B 793 12.23 10.20 -37.04
CA THR B 793 11.01 10.69 -36.39
CA THR B 793 11.05 10.77 -36.37
C THR B 793 11.22 10.92 -34.89
C THR B 793 11.41 11.11 -34.94
N GLY B 794 10.58 11.96 -34.37
CA GLY B 794 10.70 12.33 -32.98
C GLY B 794 10.75 13.83 -32.84
N GLY B 795 9.58 14.48 -32.85
CA GLY B 795 9.51 15.89 -32.56
C GLY B 795 9.83 16.83 -33.71
N ILE B 796 9.75 16.37 -34.95
CA ILE B 796 10.01 17.24 -36.10
C ILE B 796 8.75 18.07 -36.34
N ASP B 797 8.89 19.39 -36.24
CA ASP B 797 7.72 20.27 -36.31
C ASP B 797 7.99 21.54 -37.10
N SER B 798 9.05 21.56 -37.90
CA SER B 798 9.46 22.75 -38.63
C SER B 798 10.56 22.36 -39.60
N ALA B 799 10.75 23.20 -40.62
CA ALA B 799 11.95 23.04 -41.47
C ALA B 799 13.19 23.22 -40.62
N GLU B 800 13.14 24.08 -39.61
CA GLU B 800 14.32 24.44 -38.87
C GLU B 800 14.79 23.20 -38.14
N SER B 801 13.84 22.50 -37.50
CA SER B 801 14.19 21.25 -36.78
C SER B 801 14.42 20.02 -37.70
N GLY B 802 13.71 19.98 -38.84
CA GLY B 802 14.02 18.98 -39.83
C GLY B 802 15.46 19.05 -40.28
N LEU B 803 15.97 20.26 -40.46
CA LEU B 803 17.36 20.43 -40.87
C LEU B 803 18.32 19.92 -39.79
N GLN B 804 17.94 19.99 -38.51
CA GLN B 804 18.78 19.42 -37.46
C GLN B 804 18.93 17.92 -37.66
N PHE B 805 17.84 17.24 -38.04
CA PHE B 805 17.92 15.79 -38.23
C PHE B 805 18.69 15.43 -39.50
N LEU B 806 18.54 16.24 -40.57
CA LEU B 806 19.38 16.04 -41.75
C LEU B 806 20.85 16.20 -41.41
N HIS B 807 21.18 17.28 -40.70
CA HIS B 807 22.56 17.52 -40.27
C HIS B 807 23.09 16.37 -39.43
N SER B 808 22.19 15.63 -38.77
CA SER B 808 22.55 14.55 -37.87
C SER B 808 22.69 13.21 -38.58
N GLY B 809 22.35 13.11 -39.86
CA GLY B 809 22.54 11.89 -40.62
C GLY B 809 21.30 11.31 -41.26
N ALA B 810 20.11 11.84 -40.97
CA ALA B 810 18.91 11.33 -41.62
C ALA B 810 18.81 11.90 -43.03
N SER B 811 18.14 11.16 -43.90
CA SER B 811 17.87 11.63 -45.26
C SER B 811 16.45 12.14 -45.44
N VAL B 812 15.48 11.57 -44.74
CA VAL B 812 14.09 12.01 -44.81
C VAL B 812 13.54 12.12 -43.39
N LEU B 813 12.37 12.75 -43.29
CA LEU B 813 11.87 13.30 -42.04
C LEU B 813 10.40 12.90 -41.89
N GLN B 814 10.09 12.07 -40.91
CA GLN B 814 8.71 11.68 -40.67
C GLN B 814 8.09 12.53 -39.57
N VAL B 815 6.80 12.80 -39.70
CA VAL B 815 6.09 13.73 -38.84
C VAL B 815 4.77 13.10 -38.39
N CYS B 816 4.48 13.19 -37.09
CA CYS B 816 3.16 12.86 -36.58
C CYS B 816 2.61 13.98 -35.69
N SER B 817 3.26 14.22 -34.55
CA SER B 817 2.66 15.08 -33.52
C SER B 817 2.42 16.50 -34.02
N ALA B 818 3.29 17.01 -34.90
CA ALA B 818 3.10 18.37 -35.40
C ALA B 818 1.83 18.50 -36.21
N VAL B 819 1.42 17.43 -36.89
CA VAL B 819 0.15 17.44 -37.62
C VAL B 819 -1.01 17.29 -36.64
N GLN B 820 -0.86 16.46 -35.61
CA GLN B 820 -1.88 16.33 -34.58
C GLN B 820 -2.14 17.68 -33.91
N ASN B 821 -1.08 18.49 -33.75
CA ASN B 821 -1.18 19.84 -33.20
C ASN B 821 -1.79 20.83 -34.20
N GLN B 822 -1.94 20.45 -35.46
CA GLN B 822 -2.34 21.40 -36.49
C GLN B 822 -3.14 20.70 -37.57
N ASP B 823 -2.55 20.51 -38.75
CA ASP B 823 -3.24 19.94 -39.91
C ASP B 823 -2.20 19.73 -41.01
N PHE B 824 -2.66 19.12 -42.11
CA PHE B 824 -1.74 18.75 -43.19
C PHE B 824 -1.06 19.95 -43.85
N THR B 825 -1.64 21.15 -43.75
CA THR B 825 -1.08 22.26 -44.50
C THR B 825 0.28 22.73 -43.97
N VAL B 826 0.74 22.23 -42.82
CA VAL B 826 2.09 22.58 -42.34
C VAL B 826 3.16 22.19 -43.36
N ILE B 827 2.85 21.30 -44.31
CA ILE B 827 3.83 20.92 -45.32
C ILE B 827 4.32 22.13 -46.11
N GLN B 828 3.43 23.08 -46.40
CA GLN B 828 3.86 24.24 -47.17
C GLN B 828 4.82 25.11 -46.36
N ASP B 829 4.63 25.19 -45.04
CA ASP B 829 5.60 25.88 -44.21
C ASP B 829 6.95 25.15 -44.22
N TYR B 830 6.92 23.82 -44.09
CA TYR B 830 8.17 23.07 -44.04
C TYR B 830 8.96 23.22 -45.33
N CYS B 831 8.28 23.17 -46.48
CA CYS B 831 8.97 23.22 -47.75
C CYS B 831 9.56 24.61 -48.01
N THR B 832 8.76 25.67 -47.83
CA THR B 832 9.32 27.00 -48.02
C THR B 832 10.40 27.31 -47.00
N GLY B 833 10.25 26.79 -45.78
CA GLY B 833 11.26 27.04 -44.76
C GLY B 833 12.59 26.39 -45.10
N LEU B 834 12.55 25.16 -45.62
CA LEU B 834 13.79 24.47 -45.96
C LEU B 834 14.47 25.12 -47.17
N LYS B 835 13.67 25.52 -48.17
CA LYS B 835 14.23 26.26 -49.30
C LYS B 835 14.94 27.52 -48.81
N ALA B 836 14.32 28.25 -47.89
CA ALA B 836 14.94 29.48 -47.39
C ALA B 836 16.23 29.18 -46.63
N LEU B 837 16.21 28.15 -45.76
CA LEU B 837 17.42 27.81 -45.01
C LEU B 837 18.58 27.47 -45.94
N LEU B 838 18.31 26.72 -47.01
CA LEU B 838 19.38 26.36 -47.94
C LEU B 838 19.81 27.55 -48.78
N TYR B 839 18.86 28.39 -49.21
CA TYR B 839 19.20 29.58 -49.99
C TYR B 839 20.08 30.54 -49.19
N LEU B 840 19.75 30.76 -47.91
CA LEU B 840 20.48 31.72 -47.11
C LEU B 840 21.94 31.33 -46.92
N LYS B 841 22.25 30.03 -46.98
CA LYS B 841 23.63 29.59 -46.83
C LYS B 841 24.52 30.09 -47.94
N SER B 842 23.95 30.50 -49.08
CA SER B 842 24.72 30.99 -50.21
C SER B 842 24.97 32.49 -50.16
N ILE B 843 24.39 33.20 -49.20
CA ILE B 843 24.40 34.65 -49.16
C ILE B 843 25.47 35.09 -48.15
N GLU B 844 26.61 35.60 -48.64
CA GLU B 844 27.70 35.90 -47.73
C GLU B 844 27.35 37.04 -46.77
N GLU B 845 26.52 37.99 -47.22
CA GLU B 845 26.15 39.12 -46.39
C GLU B 845 25.30 38.74 -45.19
N LEU B 846 24.73 37.54 -45.18
CA LEU B 846 23.86 37.09 -44.09
C LEU B 846 24.49 35.98 -43.26
N GLN B 847 25.80 35.79 -43.38
CA GLN B 847 26.43 34.66 -42.72
C GLN B 847 26.41 34.78 -41.20
N GLY B 848 26.25 35.99 -40.68
CA GLY B 848 26.08 36.21 -39.25
C GLY B 848 24.72 35.87 -38.69
N TRP B 849 23.76 35.54 -39.55
CA TRP B 849 22.45 35.10 -39.08
C TRP B 849 22.50 33.64 -38.61
N ASP B 850 21.56 33.28 -37.75
CA ASP B 850 21.34 31.88 -37.40
C ASP B 850 20.12 31.43 -38.19
N GLY B 851 20.36 30.80 -39.33
CA GLY B 851 19.26 30.43 -40.20
C GLY B 851 18.53 31.68 -40.65
N GLN B 852 17.22 31.74 -40.39
CA GLN B 852 16.41 32.87 -40.77
C GLN B 852 16.38 33.97 -39.73
N SER B 853 17.11 33.82 -38.62
CA SER B 853 17.09 34.80 -37.54
C SER B 853 18.25 35.79 -37.70
N PRO B 854 17.98 37.09 -37.83
CA PRO B 854 19.08 38.07 -37.78
C PRO B 854 19.79 37.99 -36.43
N GLY B 855 21.07 38.34 -36.44
CA GLY B 855 21.79 38.48 -35.19
C GLY B 855 21.08 39.46 -34.30
N THR B 856 20.98 39.16 -33.00
CA THR B 856 20.23 40.02 -32.10
C THR B 856 21.04 41.25 -31.72
N GLU B 857 20.44 42.43 -31.91
CA GLU B 857 21.01 43.66 -31.38
C GLU B 857 20.13 44.25 -30.29
N SER B 858 20.74 45.20 -29.57
CA SER B 858 20.16 45.73 -28.34
C SER B 858 18.80 46.33 -28.59
N HIS B 859 17.83 45.89 -27.79
CA HIS B 859 16.45 46.32 -27.96
C HIS B 859 15.78 46.35 -26.60
N GLN B 860 14.77 47.19 -26.46
CA GLN B 860 13.78 47.08 -25.41
C GLN B 860 12.41 47.05 -26.09
N LYS B 861 11.62 46.02 -25.75
CA LYS B 861 10.35 45.75 -26.41
C LYS B 861 10.51 45.64 -27.92
N GLY B 862 11.61 45.03 -28.36
CA GLY B 862 11.86 44.88 -29.77
C GLY B 862 12.14 46.17 -30.52
N LYS B 863 12.23 47.31 -29.83
CA LYS B 863 12.66 48.54 -30.48
C LYS B 863 14.12 48.80 -30.19
N PRO B 864 14.92 49.07 -31.23
CA PRO B 864 16.37 49.20 -31.04
C PRO B 864 16.71 50.27 -30.01
N VAL B 865 17.64 49.95 -29.13
CA VAL B 865 18.13 50.96 -28.18
C VAL B 865 18.90 52.03 -28.95
N PRO B 866 18.58 53.32 -28.75
CA PRO B 866 19.44 54.37 -29.32
C PRO B 866 20.87 54.22 -28.84
N ARG B 867 21.81 54.20 -29.79
CA ARG B 867 23.23 54.17 -29.45
C ARG B 867 23.72 55.61 -29.34
N ILE B 868 23.55 56.16 -28.14
CA ILE B 868 23.99 57.50 -27.80
C ILE B 868 25.11 57.38 -26.79
N ALA B 869 26.17 58.17 -26.97
CA ALA B 869 27.25 58.18 -25.99
C ALA B 869 26.72 58.47 -24.60
N GLU B 870 25.81 59.44 -24.48
CA GLU B 870 25.24 59.83 -23.20
C GLU B 870 24.08 58.95 -22.77
N LEU B 871 23.82 57.81 -23.42
CA LEU B 871 22.89 56.84 -22.86
C LEU B 871 23.55 55.58 -22.36
N MET B 872 24.87 55.43 -22.49
CA MET B 872 25.43 54.11 -22.42
C MET B 872 26.65 54.01 -21.51
N GLY B 873 26.75 52.83 -20.88
CA GLY B 873 27.71 52.57 -19.84
C GLY B 873 27.28 53.00 -18.45
N LYS B 874 26.21 53.80 -18.30
CA LYS B 874 26.04 54.51 -17.04
C LYS B 874 24.81 54.13 -16.26
N LYS B 875 24.36 52.90 -16.33
CA LYS B 875 23.57 52.32 -15.25
C LYS B 875 22.21 53.02 -15.18
N LEU B 876 21.60 53.18 -16.35
CA LEU B 876 20.28 53.78 -16.44
C LEU B 876 19.30 52.72 -16.90
N PRO B 877 18.72 51.94 -15.98
CA PRO B 877 17.67 51.00 -16.35
C PRO B 877 16.40 51.74 -16.75
N ASN B 878 15.47 50.99 -17.33
CA ASN B 878 14.28 51.59 -17.96
C ASN B 878 13.11 51.70 -17.00
N PHE B 879 13.35 52.22 -15.79
CA PHE B 879 12.28 52.45 -14.84
C PHE B 879 12.64 53.60 -13.93
N GLY B 880 11.63 54.16 -13.27
CA GLY B 880 11.82 55.12 -12.22
C GLY B 880 12.56 56.37 -12.65
N PRO B 881 13.35 56.94 -11.73
CA PRO B 881 14.09 58.16 -12.07
C PRO B 881 15.12 57.95 -13.16
N TYR B 882 15.62 56.71 -13.31
CA TYR B 882 16.55 56.43 -14.39
C TYR B 882 15.88 56.58 -15.74
N LEU B 883 14.59 56.26 -15.83
CA LEU B 883 13.88 56.38 -17.10
C LEU B 883 13.68 57.85 -17.48
N GLU B 884 13.33 58.70 -16.50
CA GLU B 884 13.30 60.14 -16.74
C GLU B 884 14.62 60.65 -17.30
N GLN B 885 15.74 60.26 -16.67
CA GLN B 885 17.02 60.71 -17.18
C GLN B 885 17.26 60.21 -18.60
N ARG B 886 16.88 58.97 -18.88
CA ARG B 886 17.04 58.45 -20.24
C ARG B 886 16.24 59.27 -21.24
N LYS B 887 15.01 59.63 -20.89
CA LYS B 887 14.17 60.40 -21.81
C LYS B 887 14.72 61.81 -22.00
N LYS B 888 15.20 62.42 -20.92
CA LYS B 888 15.90 63.70 -21.03
C LYS B 888 17.06 63.62 -22.01
N ILE B 889 17.88 62.57 -21.88
CA ILE B 889 19.07 62.43 -22.73
C ILE B 889 18.65 62.26 -24.19
N ILE B 890 17.65 61.42 -24.44
CA ILE B 890 17.19 61.20 -25.82
C ILE B 890 16.66 62.50 -26.42
N ALA B 891 15.87 63.24 -25.63
CA ALA B 891 15.27 64.47 -26.14
C ALA B 891 16.33 65.49 -26.52
N GLU B 892 17.32 65.70 -25.65
CA GLU B 892 18.39 66.64 -25.96
C GLU B 892 19.14 66.24 -27.21
N GLU B 893 19.30 64.94 -27.44
CA GLU B 893 20.09 64.47 -28.58
C GLU B 893 19.29 64.60 -29.87
N LYS B 894 17.96 64.50 -29.80
CA LYS B 894 17.10 64.84 -30.94
C LYS B 894 17.23 66.31 -31.31
N MET B 895 17.41 67.18 -30.31
CA MET B 895 17.56 68.61 -30.57
C MET B 895 18.94 68.92 -31.14
N ARG B 896 19.98 68.31 -30.58
CA ARG B 896 21.27 68.34 -31.25
C ARG B 896 21.18 67.70 -32.63
N LEU B 897 20.29 66.72 -32.81
CA LEU B 897 20.12 66.09 -34.12
C LEU B 897 19.41 67.02 -35.09
N LYS B 898 18.59 67.95 -34.60
CA LYS B 898 17.87 68.86 -35.49
C LYS B 898 18.81 69.76 -36.26
N GLU B 899 19.98 70.06 -35.69
CA GLU B 899 20.98 70.88 -36.36
C GLU B 899 22.05 70.05 -37.05
N GLN B 900 22.74 69.18 -36.30
CA GLN B 900 23.61 68.18 -36.89
C GLN B 900 22.79 67.35 -37.87
N ASN B 901 22.51 67.95 -39.04
CA ASN B 901 21.38 67.59 -39.89
C ASN B 901 21.91 66.98 -41.18
N ALA B 902 21.52 65.74 -41.46
CA ALA B 902 21.89 65.09 -42.69
C ALA B 902 20.78 64.14 -43.11
N ALA B 903 20.69 63.91 -44.42
CA ALA B 903 19.73 62.98 -44.99
C ALA B 903 20.17 62.61 -46.39
N PHE B 904 21.38 63.03 -46.75
CA PHE B 904 21.96 62.76 -48.07
C PHE B 904 22.87 61.53 -48.15
N PRO B 905 22.91 60.63 -47.17
CA PRO B 905 23.47 59.31 -47.45
C PRO B 905 22.44 58.21 -47.26
N PRO B 906 21.45 58.10 -48.18
CA PRO B 906 20.58 56.92 -48.15
C PRO B 906 21.32 55.69 -48.61
N LEU B 907 20.59 54.67 -49.05
CA LEU B 907 21.21 53.43 -49.52
C LEU B 907 20.39 52.90 -50.68
N GLU B 908 20.96 52.92 -51.89
CA GLU B 908 20.37 52.18 -52.99
C GLU B 908 20.18 50.73 -52.58
N ARG B 909 18.94 50.24 -52.69
CA ARG B 909 18.59 48.92 -52.19
C ARG B 909 18.81 47.93 -53.32
N LYS B 910 19.96 47.26 -53.29
CA LYS B 910 20.27 46.27 -54.30
C LYS B 910 20.36 44.90 -53.65
N PRO B 911 19.72 43.88 -54.23
CA PRO B 911 19.62 42.60 -53.52
C PRO B 911 20.94 41.89 -53.41
N PHE B 912 21.07 41.09 -52.36
CA PHE B 912 22.20 40.18 -52.25
C PHE B 912 22.08 39.10 -53.30
N ILE B 913 23.22 38.68 -53.84
CA ILE B 913 23.31 37.68 -54.88
C ILE B 913 24.07 36.49 -54.31
N PRO B 914 23.63 35.25 -54.52
CA PRO B 914 24.42 34.11 -54.05
C PRO B 914 25.84 34.18 -54.58
N LYS B 915 26.80 34.07 -53.67
CA LYS B 915 28.22 34.08 -54.03
C LYS B 915 28.86 32.72 -53.80
N LYS B 916 28.05 31.68 -53.73
CA LYS B 916 28.49 30.30 -53.64
C LYS B 916 27.32 29.41 -54.02
N PRO B 917 27.55 28.16 -54.41
CA PRO B 917 26.42 27.29 -54.80
C PRO B 917 25.45 27.09 -53.64
N ILE B 918 24.17 27.02 -53.98
CA ILE B 918 23.12 26.72 -53.00
C ILE B 918 23.15 25.22 -52.70
N PRO B 919 23.32 24.82 -51.45
CA PRO B 919 23.46 23.39 -51.15
C PRO B 919 22.19 22.61 -51.42
N ALA B 920 22.35 21.40 -51.95
CA ALA B 920 21.28 20.42 -52.01
C ALA B 920 21.18 19.66 -50.69
N ILE B 921 20.10 18.90 -50.53
CA ILE B 921 19.94 18.09 -49.32
C ILE B 921 21.13 17.18 -49.12
N LYS B 922 21.56 16.49 -50.18
CA LYS B 922 22.68 15.56 -50.02
C LYS B 922 23.93 16.27 -49.54
N ASP B 923 24.04 17.59 -49.75
CA ASP B 923 25.22 18.34 -49.32
C ASP B 923 25.21 18.67 -47.84
N VAL B 924 24.05 18.62 -47.18
CA VAL B 924 23.99 18.95 -45.76
C VAL B 924 23.88 17.74 -44.85
N ILE B 925 23.53 16.56 -45.40
CA ILE B 925 23.31 15.39 -44.56
C ILE B 925 24.60 15.03 -43.83
N GLY B 926 24.52 14.93 -42.51
CA GLY B 926 25.63 14.47 -41.70
C GLY B 926 26.67 15.51 -41.35
N LYS B 927 26.49 16.77 -41.77
CA LYS B 927 27.51 17.80 -41.56
C LYS B 927 27.76 18.04 -40.08
N ALA B 928 26.79 17.75 -39.21
CA ALA B 928 26.96 18.00 -37.79
C ALA B 928 27.83 16.97 -37.10
N LEU B 929 27.99 15.77 -37.69
CA LEU B 929 28.67 14.70 -36.99
C LEU B 929 30.13 15.01 -36.69
N GLN B 930 30.74 15.93 -37.43
CA GLN B 930 32.14 16.27 -37.18
C GLN B 930 32.34 16.90 -35.81
N TYR B 931 31.30 17.52 -35.25
CA TYR B 931 31.40 18.17 -33.95
C TYR B 931 31.09 17.23 -32.78
N LEU B 932 30.57 16.04 -33.05
CA LEU B 932 30.25 15.07 -32.01
C LEU B 932 31.43 14.14 -31.72
N GLY B 933 31.66 13.91 -30.44
CA GLY B 933 32.63 12.92 -30.02
C GLY B 933 32.49 12.60 -28.56
N THR B 934 33.55 12.04 -27.99
CA THR B 934 33.60 11.69 -26.58
C THR B 934 33.80 12.94 -25.73
N PHE B 935 33.57 12.80 -24.42
CA PHE B 935 33.85 13.91 -23.52
C PHE B 935 35.32 14.28 -23.54
N GLY B 936 36.20 13.28 -23.66
CA GLY B 936 37.63 13.53 -23.65
C GLY B 936 38.13 14.36 -24.81
N GLU B 937 37.32 14.49 -25.87
CA GLU B 937 37.70 15.29 -27.03
C GLU B 937 37.31 16.75 -26.89
N LEU B 938 36.73 17.13 -25.76
CA LEU B 938 36.35 18.50 -25.48
C LEU B 938 37.48 19.20 -24.74
N SER B 939 37.76 20.44 -25.14
CA SER B 939 38.80 21.23 -24.47
C SER B 939 38.33 21.72 -23.11
N ASN B 940 39.09 21.42 -22.05
CA ASN B 940 38.89 22.09 -20.78
C ASN B 940 39.82 23.27 -20.58
N ILE B 941 40.65 23.58 -21.58
CA ILE B 941 41.50 24.77 -21.53
C ILE B 941 40.72 26.00 -21.99
N GLU B 942 39.89 25.85 -23.03
CA GLU B 942 39.13 26.97 -23.60
C GLU B 942 37.83 27.12 -22.81
N GLN B 943 37.92 27.86 -21.71
CA GLN B 943 36.77 28.10 -20.85
C GLN B 943 36.08 29.41 -21.24
N VAL B 944 34.80 29.52 -20.88
CA VAL B 944 34.01 30.70 -21.18
C VAL B 944 33.48 31.30 -19.88
N VAL B 945 33.01 32.54 -19.98
CA VAL B 945 32.29 33.23 -18.92
C VAL B 945 31.09 33.92 -19.54
N ALA B 946 30.10 34.22 -18.70
CA ALA B 946 28.91 34.93 -19.15
C ALA B 946 29.13 36.43 -19.09
N VAL B 947 28.53 37.14 -20.03
CA VAL B 947 28.55 38.59 -20.04
C VAL B 947 27.16 39.09 -20.43
N ILE B 948 26.68 40.10 -19.72
CA ILE B 948 25.29 40.56 -19.82
C ILE B 948 25.26 41.91 -20.52
N ASP B 949 24.39 42.03 -21.52
CA ASP B 949 24.15 43.31 -22.18
C ASP B 949 23.13 44.08 -21.36
N GLU B 950 23.60 45.08 -20.61
CA GLU B 950 22.70 45.82 -19.72
C GLU B 950 21.59 46.51 -20.48
N GLU B 951 21.82 46.90 -21.73
CA GLU B 951 20.79 47.63 -22.47
C GLU B 951 19.63 46.73 -22.86
N MET B 952 19.81 45.41 -22.85
CA MET B 952 18.77 44.45 -23.18
C MET B 952 18.07 43.88 -21.95
N CYS B 953 18.61 44.14 -20.77
CA CYS B 953 18.14 43.48 -19.54
C CYS B 953 16.81 44.06 -19.12
N ILE B 954 15.93 43.21 -18.60
CA ILE B 954 14.65 43.67 -18.06
C ILE B 954 14.58 43.46 -16.54
N ASN B 955 15.72 43.25 -15.89
CA ASN B 955 15.92 43.50 -14.48
C ASN B 955 15.23 42.47 -13.57
N CYS B 956 15.01 41.25 -14.07
CA CYS B 956 14.25 40.26 -13.32
C CYS B 956 15.06 39.53 -12.27
N GLY B 957 16.39 39.51 -12.39
CA GLY B 957 17.22 38.79 -11.42
C GLY B 957 17.21 37.28 -11.53
N LYS B 958 16.67 36.71 -12.61
CA LYS B 958 16.64 35.25 -12.73
C LYS B 958 18.05 34.67 -12.88
N CYS B 959 18.91 35.35 -13.65
CA CYS B 959 20.31 34.94 -13.74
C CYS B 959 20.93 34.88 -12.35
N TYR B 960 20.65 35.90 -11.55
CA TYR B 960 21.17 36.00 -10.19
C TYR B 960 20.65 34.87 -9.31
N MET B 961 19.34 34.60 -9.34
CA MET B 961 18.84 33.53 -8.49
C MET B 961 19.29 32.15 -8.96
N THR B 962 19.43 31.95 -10.27
CA THR B 962 19.94 30.66 -10.74
C THR B 962 21.41 30.47 -10.37
N CYS B 963 22.22 31.52 -10.46
CA CYS B 963 23.62 31.36 -10.03
C CYS B 963 23.71 31.18 -8.52
N ASN B 964 22.79 31.79 -7.76
CA ASN B 964 22.87 31.70 -6.31
C ASN B 964 22.52 30.32 -5.80
N ASP B 965 21.41 29.75 -6.28
CA ASP B 965 20.90 28.50 -5.75
C ASP B 965 21.14 27.31 -6.68
N SER B 966 21.75 27.52 -7.85
CA SER B 966 22.14 26.43 -8.72
C SER B 966 23.52 26.64 -9.33
N GLY B 967 24.32 27.58 -8.82
CA GLY B 967 25.58 27.91 -9.45
C GLY B 967 26.68 28.29 -8.50
N TYR B 968 27.31 29.44 -8.75
CA TYR B 968 28.59 29.78 -8.14
C TYR B 968 28.56 31.14 -7.45
N GLN B 969 27.37 31.68 -7.22
CA GLN B 969 27.19 32.95 -6.51
C GLN B 969 28.09 34.03 -7.11
N ALA B 970 28.09 34.09 -8.44
CA ALA B 970 29.05 34.91 -9.18
C ALA B 970 28.46 36.21 -9.73
N ILE B 971 27.17 36.44 -9.54
CA ILE B 971 26.49 37.60 -10.14
C ILE B 971 26.15 38.60 -9.06
N GLN B 972 26.56 39.85 -9.26
CA GLN B 972 26.11 40.97 -8.44
C GLN B 972 24.78 41.48 -8.98
N PHE B 973 23.82 41.73 -8.09
CA PHE B 973 22.52 42.27 -8.47
C PHE B 973 22.33 43.58 -7.70
N ASP B 974 22.33 44.70 -8.43
CA ASP B 974 22.33 46.00 -7.77
C ASP B 974 20.99 46.27 -7.09
N PRO B 975 20.98 46.71 -5.84
CA PRO B 975 19.70 46.91 -5.14
C PRO B 975 18.92 48.12 -5.60
N GLU B 976 19.53 49.06 -6.32
CA GLU B 976 18.83 50.25 -6.77
C GLU B 976 18.42 50.19 -8.24
N THR B 977 19.31 49.70 -9.11
CA THR B 977 19.03 49.62 -10.53
C THR B 977 18.51 48.25 -10.97
N HIS B 978 18.62 47.23 -10.12
CA HIS B 978 18.26 45.86 -10.50
C HIS B 978 19.00 45.43 -11.76
N LEU B 979 20.25 45.86 -11.89
CA LEU B 979 21.09 45.44 -13.00
C LEU B 979 22.08 44.39 -12.51
N PRO B 980 22.23 43.30 -13.25
CA PRO B 980 23.21 42.27 -12.89
C PRO B 980 24.56 42.48 -13.57
N THR B 981 25.60 42.04 -12.87
CA THR B 981 26.96 42.02 -13.41
C THR B 981 27.60 40.68 -13.08
N VAL B 982 28.13 39.99 -14.10
CA VAL B 982 28.86 38.76 -13.88
C VAL B 982 30.27 39.09 -13.43
N THR B 983 30.71 38.48 -12.33
CA THR B 983 32.03 38.72 -11.78
C THR B 983 33.01 37.64 -12.23
N ASP B 984 34.27 37.79 -11.80
CA ASP B 984 35.34 36.90 -12.26
C ASP B 984 35.22 35.48 -11.71
N THR B 985 34.38 35.24 -10.71
CA THR B 985 34.21 33.90 -10.18
C THR B 985 33.33 33.01 -11.06
N CYS B 986 32.78 33.55 -12.15
CA CYS B 986 32.02 32.76 -13.11
C CYS B 986 32.83 31.57 -13.60
N THR B 987 32.16 30.42 -13.71
CA THR B 987 32.75 29.21 -14.27
C THR B 987 32.27 28.92 -15.68
N GLY B 988 31.35 29.72 -16.20
CA GLY B 988 30.83 29.49 -17.53
C GLY B 988 29.88 28.32 -17.65
N CYS B 989 29.24 27.91 -16.56
CA CYS B 989 28.34 26.75 -16.60
C CYS B 989 27.20 26.96 -17.58
N THR B 990 26.73 28.21 -17.74
CA THR B 990 25.79 28.68 -18.77
C THR B 990 24.32 28.59 -18.30
N LEU B 991 24.09 28.27 -17.02
CA LEU B 991 22.71 28.29 -16.52
C LEU B 991 22.05 29.65 -16.62
N CYS B 992 22.78 30.73 -16.33
CA CYS B 992 22.15 32.05 -16.31
C CYS B 992 21.62 32.40 -17.69
N LEU B 993 22.44 32.20 -18.73
CA LEU B 993 21.97 32.38 -20.10
C LEU B 993 20.75 31.52 -20.37
N SER B 994 20.74 30.30 -19.82
CA SER B 994 19.68 29.36 -20.15
C SER B 994 18.34 29.74 -19.56
N VAL B 995 18.32 30.55 -18.50
CA VAL B 995 17.06 30.95 -17.86
C VAL B 995 16.67 32.40 -18.17
N CYS B 996 17.52 33.16 -18.85
CA CYS B 996 17.22 34.56 -19.10
C CYS B 996 16.05 34.68 -20.08
N PRO B 997 15.08 35.56 -19.82
CA PRO B 997 13.92 35.68 -20.72
C PRO B 997 14.20 36.44 -22.00
N ILE B 998 15.32 37.16 -22.11
CA ILE B 998 15.63 37.96 -23.28
C ILE B 998 16.66 37.20 -24.12
N ILE B 999 16.26 36.86 -25.35
CA ILE B 999 17.16 36.15 -26.25
C ILE B 999 18.43 36.96 -26.44
N ASP B 1000 19.58 36.33 -26.15
CA ASP B 1000 20.91 36.88 -26.38
C ASP B 1000 21.24 38.11 -25.52
N CYS B 1001 20.45 38.37 -24.47
CA CYS B 1001 20.90 39.35 -23.48
C CYS B 1001 22.20 38.90 -22.84
N ILE B 1002 22.29 37.62 -22.49
CA ILE B 1002 23.50 37.03 -21.94
C ILE B 1002 24.19 36.24 -23.05
N ARG B 1003 25.51 36.42 -23.17
CA ARG B 1003 26.32 35.68 -24.12
C ARG B 1003 27.50 35.07 -23.40
N MET B 1004 27.99 33.94 -23.94
CA MET B 1004 29.15 33.31 -23.36
C MET B 1004 30.35 33.71 -24.23
N VAL B 1005 31.40 34.23 -23.59
CA VAL B 1005 32.59 34.67 -24.29
C VAL B 1005 33.82 33.99 -23.71
N SER B 1006 34.87 33.92 -24.53
CA SER B 1006 36.12 33.33 -24.10
C SER B 1006 36.63 33.99 -22.82
N ARG B 1007 37.02 33.16 -21.85
CA ARG B 1007 37.60 33.67 -20.62
C ARG B 1007 38.99 34.22 -20.89
N THR B 1008 39.28 35.42 -20.35
CA THR B 1008 40.59 36.03 -20.52
C THR B 1008 41.42 36.07 -19.26
N THR B 1009 40.81 35.97 -18.08
CA THR B 1009 41.54 35.94 -16.83
C THR B 1009 41.94 34.51 -16.48
N PRO B 1010 42.92 34.33 -15.59
CA PRO B 1010 43.31 32.97 -15.21
C PRO B 1010 42.15 32.17 -14.65
N TYR B 1011 42.12 30.88 -14.95
CA TYR B 1011 41.04 29.99 -14.52
C TYR B 1011 41.56 28.94 -13.56
N GLU B 1012 40.86 28.79 -12.43
CA GLU B 1012 41.16 27.78 -11.42
C GLU B 1012 39.87 27.08 -11.06
N PRO B 1013 39.73 25.77 -11.32
CA PRO B 1013 38.54 25.06 -10.84
C PRO B 1013 38.40 25.18 -9.33
N LYS B 1014 37.15 25.30 -8.88
CA LYS B 1014 36.87 25.42 -7.45
C LYS B 1014 36.88 24.02 -6.84
N ARG B 1015 37.89 23.73 -6.01
CA ARG B 1015 38.06 22.43 -5.39
C ARG B 1015 37.58 22.37 -3.95
N GLY B 1016 37.14 23.47 -3.39
CA GLY B 1016 36.70 23.53 -2.01
C GLY B 1016 37.74 24.02 -1.03
N LEU B 1017 38.91 24.44 -1.50
CA LEU B 1017 39.97 24.89 -0.61
C LEU B 1017 39.55 26.20 0.06
N PRO B 1018 39.73 26.33 1.39
CA PRO B 1018 39.30 27.46 2.23
C PRO B 1018 39.55 28.84 1.62
N PRO C 3 -4.97 -10.38 66.44
CA PRO C 3 -4.09 -11.33 65.77
C PRO C 3 -3.58 -10.82 64.44
N VAL C 4 -2.57 -11.49 63.88
CA VAL C 4 -2.02 -11.12 62.58
C VAL C 4 -2.94 -11.73 61.52
N LEU C 5 -3.80 -10.91 60.92
CA LEU C 5 -4.79 -11.44 59.99
C LEU C 5 -4.14 -11.98 58.70
N SER C 6 -3.02 -11.40 58.28
CA SER C 6 -2.41 -11.74 57.01
C SER C 6 -1.40 -12.88 57.11
N LYS C 7 -1.45 -13.68 58.17
CA LYS C 7 -0.57 -14.83 58.31
C LYS C 7 -1.40 -16.08 58.54
N ASP C 8 -0.98 -17.17 57.91
CA ASP C 8 -1.66 -18.46 58.09
C ASP C 8 -1.46 -18.95 59.52
N VAL C 9 -2.55 -19.38 60.16
CA VAL C 9 -2.43 -20.05 61.45
C VAL C 9 -1.78 -21.41 61.25
N ALA C 10 -1.32 -22.00 62.36
CA ALA C 10 -0.47 -23.17 62.28
C ALA C 10 -1.14 -24.32 61.54
N ASP C 11 -2.44 -24.53 61.75
CA ASP C 11 -3.08 -25.65 61.08
C ASP C 11 -3.30 -25.40 59.60
N ILE C 12 -3.30 -24.14 59.15
CA ILE C 12 -3.31 -23.87 57.72
C ILE C 12 -1.90 -24.00 57.15
N GLU C 13 -0.90 -23.53 57.89
CA GLU C 13 0.48 -23.77 57.47
C GLU C 13 0.73 -25.26 57.26
N SER C 14 0.15 -26.10 58.12
CA SER C 14 0.34 -27.54 57.97
C SER C 14 -0.37 -28.07 56.73
N ILE C 15 -1.58 -27.57 56.45
CA ILE C 15 -2.25 -27.97 55.21
C ILE C 15 -1.41 -27.59 54.00
N LEU C 16 -0.73 -26.46 54.06
CA LEU C 16 0.09 -25.94 52.96
C LEU C 16 1.45 -26.62 52.82
N ALA C 17 1.74 -27.69 53.57
CA ALA C 17 3.09 -28.21 53.67
C ALA C 17 3.66 -28.60 52.32
N LEU C 18 2.84 -29.16 51.43
CA LEU C 18 3.29 -29.67 50.15
C LEU C 18 3.06 -28.69 49.01
N ASN C 19 2.64 -27.47 49.33
CA ASN C 19 2.41 -26.46 48.30
C ASN C 19 3.74 -26.00 47.70
N PRO C 20 3.82 -25.83 46.39
CA PRO C 20 5.09 -25.39 45.77
C PRO C 20 5.55 -24.06 46.33
N ARG C 21 6.86 -23.94 46.53
CA ARG C 21 7.47 -22.69 46.94
C ARG C 21 8.74 -22.46 46.13
N THR C 22 9.14 -21.20 46.05
CA THR C 22 10.33 -20.84 45.30
C THR C 22 11.58 -21.26 46.08
N GLN C 23 12.51 -21.90 45.39
CA GLN C 23 13.74 -22.37 46.00
C GLN C 23 14.87 -21.38 45.74
N SER C 24 15.72 -21.20 46.75
CA SER C 24 16.87 -20.31 46.65
C SER C 24 18.20 -21.04 46.62
N HIS C 25 18.18 -22.38 46.72
CA HIS C 25 19.39 -23.17 46.79
C HIS C 25 19.15 -24.54 46.16
N ALA C 26 20.24 -25.19 45.77
CA ALA C 26 20.15 -26.54 45.25
C ALA C 26 19.88 -27.53 46.37
N ALA C 27 19.22 -28.64 46.03
CA ALA C 27 18.72 -29.61 47.00
C ALA C 27 19.71 -30.76 47.18
N LEU C 28 19.90 -31.17 48.43
CA LEU C 28 20.88 -32.20 48.76
C LEU C 28 20.15 -33.49 49.13
N HIS C 29 20.37 -34.55 48.33
CA HIS C 29 19.76 -35.86 48.57
C HIS C 29 20.76 -36.91 48.14
N SER C 30 21.17 -37.78 49.05
CA SER C 30 22.20 -38.77 48.72
C SER C 30 21.69 -39.78 47.70
N THR C 31 22.64 -40.33 46.92
CA THR C 31 22.29 -41.32 45.91
C THR C 31 21.65 -42.55 46.54
N LEU C 32 22.11 -42.93 47.74
CA LEU C 32 21.51 -44.07 48.42
C LEU C 32 20.06 -43.78 48.82
N ALA C 33 19.80 -42.57 49.33
CA ALA C 33 18.44 -42.22 49.73
C ALA C 33 17.52 -42.18 48.53
N LYS C 34 18.02 -41.68 47.39
CA LYS C 34 17.22 -41.62 46.18
C LYS C 34 16.84 -43.00 45.68
N LYS C 35 17.78 -43.96 45.72
CA LYS C 35 17.47 -45.32 45.30
C LYS C 35 16.34 -45.91 46.14
N LEU C 36 16.33 -45.62 47.44
CA LEU C 36 15.29 -46.15 48.31
C LEU C 36 13.95 -45.49 48.00
N ASP C 37 13.94 -44.16 47.82
CA ASP C 37 12.68 -43.44 47.65
C ASP C 37 12.01 -43.74 46.31
N LYS C 38 12.81 -44.08 45.29
CA LYS C 38 12.27 -44.33 43.95
C LYS C 38 11.14 -45.34 43.96
N LYS C 39 11.28 -46.40 44.75
CA LYS C 39 10.30 -47.47 44.75
C LYS C 39 8.95 -47.00 45.26
N HIS C 40 8.92 -45.91 46.06
CA HIS C 40 7.66 -45.48 46.63
C HIS C 40 6.70 -44.91 45.58
N TRP C 41 7.23 -44.32 44.51
CA TRP C 41 6.44 -43.57 43.55
C TRP C 41 6.23 -44.29 42.23
N LYS C 42 6.76 -45.50 42.10
CA LYS C 42 6.90 -46.14 40.80
C LYS C 42 5.56 -46.46 40.16
N ARG C 43 5.35 -45.98 38.93
CA ARG C 43 4.14 -46.19 38.15
C ARG C 43 4.26 -47.32 37.13
N ASN C 44 5.36 -47.37 36.40
CA ASN C 44 5.47 -48.23 35.22
C ASN C 44 6.16 -49.55 35.59
N PRO C 45 6.35 -50.49 34.67
CA PRO C 45 7.03 -51.74 35.02
C PRO C 45 8.44 -51.49 35.53
N ASP C 46 8.83 -52.27 36.53
CA ASP C 46 10.17 -52.24 37.10
C ASP C 46 11.04 -53.21 36.30
N LYS C 47 12.13 -52.69 35.72
CA LYS C 47 13.01 -53.50 34.88
C LYS C 47 13.69 -54.62 35.67
N ASN C 48 13.82 -54.48 37.00
CA ASN C 48 14.50 -55.48 37.80
C ASN C 48 13.58 -56.58 38.33
N CYS C 49 12.29 -56.53 38.02
CA CYS C 49 11.34 -57.53 38.50
C CYS C 49 11.19 -58.59 37.42
N PHE C 50 11.50 -59.84 37.77
CA PHE C 50 11.66 -60.90 36.78
C PHE C 50 10.49 -61.87 36.69
N HIS C 51 9.64 -61.94 37.70
CA HIS C 51 8.61 -62.97 37.72
C HIS C 51 7.32 -62.45 37.09
N CYS C 52 6.51 -63.39 36.62
CA CYS C 52 5.17 -63.05 36.17
C CYS C 52 4.35 -62.52 37.35
N GLU C 53 3.47 -61.57 37.07
CA GLU C 53 2.45 -61.24 38.04
C GLU C 53 1.40 -62.35 38.06
N LYS C 54 0.61 -62.39 39.12
CA LYS C 54 -0.43 -63.40 39.22
C LYS C 54 -1.60 -63.01 38.33
N LEU C 55 -1.87 -63.83 37.32
CA LEU C 55 -2.91 -63.54 36.33
C LEU C 55 -3.94 -64.65 36.22
N GLU C 56 -3.93 -65.61 37.14
CA GLU C 56 -4.81 -66.77 37.03
C GLU C 56 -6.26 -66.33 37.12
N ASN C 57 -7.05 -66.75 36.12
CA ASN C 57 -8.47 -66.42 36.01
C ASN C 57 -8.71 -64.91 35.90
N ASN C 58 -7.70 -64.15 35.46
CA ASN C 58 -7.84 -62.70 35.28
C ASN C 58 -8.00 -62.43 33.80
N PHE C 59 -9.24 -62.18 33.37
CA PHE C 59 -9.52 -61.92 31.96
C PHE C 59 -9.87 -60.45 31.73
N ASP C 60 -9.36 -59.57 32.58
CA ASP C 60 -9.53 -58.14 32.41
C ASP C 60 -8.78 -57.63 31.18
N ASP C 61 -9.38 -56.62 30.56
CA ASP C 61 -8.86 -56.00 29.34
C ASP C 61 -7.41 -55.55 29.53
N ILE C 62 -6.50 -56.10 28.71
CA ILE C 62 -5.10 -55.73 28.77
C ILE C 62 -4.68 -54.86 27.60
N LYS C 63 -5.61 -54.47 26.72
CA LYS C 63 -5.25 -53.69 25.56
C LYS C 63 -4.68 -52.35 25.96
N HIS C 64 -3.56 -51.98 25.32
CA HIS C 64 -2.95 -50.68 25.53
C HIS C 64 -3.75 -49.56 24.87
N THR C 65 -4.61 -49.90 23.91
CA THR C 65 -5.27 -48.93 23.06
C THR C 65 -6.67 -48.54 23.56
N THR C 66 -7.16 -49.18 24.62
CA THR C 66 -8.49 -48.82 25.12
C THR C 66 -8.51 -47.38 25.60
N LEU C 67 -9.57 -46.66 25.25
CA LEU C 67 -9.76 -45.27 25.63
C LEU C 67 -11.08 -45.10 26.35
N GLY C 68 -11.09 -44.24 27.38
CA GLY C 68 -12.31 -43.67 27.90
C GLY C 68 -12.60 -42.33 27.22
N GLU C 69 -13.68 -41.68 27.67
CA GLU C 69 -14.11 -40.47 26.97
C GLU C 69 -13.06 -39.37 27.04
N ARG C 70 -12.49 -39.15 28.22
CA ARG C 70 -11.48 -38.10 28.37
C ARG C 70 -10.31 -38.32 27.41
N GLY C 71 -9.78 -39.55 27.37
CA GLY C 71 -8.65 -39.83 26.50
C GLY C 71 -9.02 -39.85 25.03
N ALA C 72 -10.25 -40.26 24.71
CA ALA C 72 -10.67 -40.29 23.30
C ALA C 72 -10.85 -38.88 22.76
N LEU C 73 -11.38 -37.97 23.58
CA LEU C 73 -11.52 -36.59 23.14
C LEU C 73 -10.16 -35.94 22.90
N ARG C 74 -9.20 -36.18 23.80
CA ARG C 74 -7.85 -35.66 23.59
C ARG C 74 -7.25 -36.18 22.30
N GLU C 75 -7.30 -37.49 22.10
CA GLU C 75 -6.65 -38.07 20.93
C GLU C 75 -7.36 -37.67 19.64
N ALA C 76 -8.70 -37.58 19.67
CA ALA C 76 -9.43 -37.18 18.47
C ALA C 76 -9.15 -35.72 18.11
N MET C 77 -8.97 -34.87 19.11
CA MET C 77 -8.59 -33.49 18.83
C MET C 77 -7.19 -33.40 18.24
N ARG C 78 -6.34 -34.38 18.55
CA ARG C 78 -4.95 -34.37 18.08
C ARG C 78 -4.85 -34.74 16.60
N CYS C 79 -5.75 -35.58 16.11
CA CYS C 79 -5.70 -36.03 14.73
C CYS C 79 -5.82 -34.85 13.77
N LEU C 80 -4.93 -34.81 12.75
CA LEU C 80 -4.92 -33.72 11.79
C LEU C 80 -6.11 -33.77 10.84
N LYS C 81 -6.83 -34.89 10.78
CA LYS C 81 -8.03 -35.02 9.96
C LYS C 81 -7.71 -34.71 8.50
N CYS C 82 -6.79 -35.52 7.96
CA CYS C 82 -6.04 -35.19 6.75
C CYS C 82 -6.87 -35.39 5.49
N ALA C 83 -6.51 -34.64 4.46
CA ALA C 83 -7.07 -34.85 3.13
C ALA C 83 -6.50 -36.13 2.52
N ASP C 84 -7.33 -36.86 1.78
CA ASP C 84 -6.91 -38.08 1.08
C ASP C 84 -6.09 -38.98 2.01
N ALA C 85 -6.60 -39.17 3.23
CA ALA C 85 -5.75 -39.57 4.34
C ALA C 85 -5.11 -40.93 4.10
N PRO C 86 -3.81 -41.07 4.41
CA PRO C 86 -3.13 -42.36 4.19
C PRO C 86 -3.51 -43.44 5.17
N CYS C 87 -4.08 -43.10 6.34
CA CYS C 87 -4.61 -44.13 7.22
C CYS C 87 -5.76 -44.86 6.55
N GLN C 88 -6.69 -44.10 5.95
CA GLN C 88 -7.80 -44.72 5.21
C GLN C 88 -7.30 -45.56 4.05
N LYS C 89 -6.30 -45.05 3.32
CA LYS C 89 -5.69 -45.84 2.24
C LYS C 89 -5.12 -47.16 2.76
N SER C 90 -4.65 -47.19 4.01
CA SER C 90 -4.05 -48.38 4.60
C SER C 90 -5.04 -49.21 5.42
N CYS C 91 -6.32 -48.84 5.43
CA CYS C 91 -7.35 -49.63 6.08
C CYS C 91 -8.00 -50.58 5.09
N PRO C 92 -7.98 -51.89 5.31
CA PRO C 92 -8.57 -52.81 4.31
C PRO C 92 -10.04 -52.58 4.01
N THR C 93 -10.83 -52.03 4.93
CA THR C 93 -12.23 -51.72 4.64
C THR C 93 -12.45 -50.26 4.25
N HIS C 94 -11.39 -49.48 4.06
CA HIS C 94 -11.47 -48.11 3.57
C HIS C 94 -12.32 -47.19 4.47
N LEU C 95 -12.25 -47.38 5.79
CA LEU C 95 -12.99 -46.49 6.67
C LEU C 95 -12.57 -45.05 6.49
N ASP C 96 -13.56 -44.15 6.50
CA ASP C 96 -13.30 -42.72 6.46
C ASP C 96 -12.89 -42.30 7.87
N ILE C 97 -11.61 -42.54 8.16
CA ILE C 97 -11.06 -42.28 9.49
C ILE C 97 -11.11 -40.79 9.80
N LYS C 98 -10.75 -39.96 8.81
CA LYS C 98 -10.84 -38.52 8.97
C LYS C 98 -12.21 -38.10 9.47
N SER C 99 -13.26 -38.66 8.88
CA SER C 99 -14.61 -38.26 9.25
C SER C 99 -15.02 -38.80 10.61
N PHE C 100 -14.71 -40.07 10.92
CA PHE C 100 -15.23 -40.59 12.18
C PHE C 100 -14.47 -39.99 13.36
N ILE C 101 -13.18 -39.71 13.18
CA ILE C 101 -12.43 -39.07 14.25
C ILE C 101 -12.86 -37.62 14.42
N THR C 102 -13.14 -36.92 13.31
CA THR C 102 -13.70 -35.59 13.41
C THR C 102 -14.97 -35.60 14.25
N SER C 103 -15.83 -36.60 14.03
CA SER C 103 -17.06 -36.73 14.80
C SER C 103 -16.79 -36.95 16.29
N ILE C 104 -15.82 -37.82 16.62
CA ILE C 104 -15.48 -38.01 18.03
C ILE C 104 -15.00 -36.70 18.64
N SER C 105 -14.18 -35.94 17.91
CA SER C 105 -13.66 -34.68 18.44
C SER C 105 -14.79 -33.68 18.72
N ASN C 106 -15.89 -33.77 17.96
CA ASN C 106 -17.06 -32.91 18.15
C ASN C 106 -18.10 -33.53 19.08
N LYS C 107 -17.75 -34.59 19.81
CA LYS C 107 -18.62 -35.28 20.76
C LYS C 107 -19.79 -35.99 20.10
N ASN C 108 -19.73 -36.23 18.79
CA ASN C 108 -20.81 -36.91 18.07
C ASN C 108 -20.42 -38.37 17.88
N TYR C 109 -20.63 -39.15 18.95
CA TYR C 109 -20.21 -40.55 18.91
C TYR C 109 -21.11 -41.39 18.01
N TYR C 110 -22.40 -41.05 17.91
CA TYR C 110 -23.27 -41.75 16.98
C TYR C 110 -22.79 -41.57 15.54
N GLY C 111 -22.53 -40.33 15.14
CA GLY C 111 -22.07 -40.10 13.78
C GLY C 111 -20.75 -40.80 13.50
N ALA C 112 -19.88 -40.89 14.50
CA ALA C 112 -18.64 -41.64 14.34
C ALA C 112 -18.91 -43.13 14.13
N ALA C 113 -19.79 -43.71 14.97
CA ALA C 113 -20.08 -45.13 14.85
C ALA C 113 -20.79 -45.43 13.54
N LYS C 114 -21.69 -44.53 13.10
CA LYS C 114 -22.38 -44.75 11.84
C LYS C 114 -21.39 -44.79 10.68
N MET C 115 -20.37 -43.92 10.73
CA MET C 115 -19.39 -43.89 9.66
C MET C 115 -18.52 -45.15 9.68
N ILE C 116 -18.19 -45.62 10.88
CA ILE C 116 -17.40 -46.85 11.02
C ILE C 116 -18.16 -48.05 10.48
N PHE C 117 -19.40 -48.25 10.96
CA PHE C 117 -20.15 -49.43 10.57
C PHE C 117 -20.65 -49.38 9.14
N SER C 118 -20.68 -48.19 8.54
CA SER C 118 -21.05 -48.11 7.12
C SER C 118 -20.05 -48.90 6.27
N ASP C 119 -18.76 -48.81 6.59
CA ASP C 119 -17.76 -49.51 5.82
C ASP C 119 -17.26 -50.80 6.47
N ASN C 120 -17.59 -51.03 7.76
CA ASN C 120 -17.12 -52.22 8.48
C ASN C 120 -18.20 -52.66 9.45
N PRO C 121 -19.01 -53.67 9.08
CA PRO C 121 -20.08 -54.13 10.00
C PRO C 121 -19.56 -54.80 11.26
N LEU C 122 -18.26 -55.06 11.39
CA LEU C 122 -17.69 -55.52 12.65
C LEU C 122 -16.77 -54.45 13.20
N GLY C 123 -17.27 -53.20 13.23
CA GLY C 123 -16.43 -52.08 13.58
C GLY C 123 -15.89 -52.12 14.99
N LEU C 124 -16.66 -52.65 15.94
CA LEU C 124 -16.19 -52.68 17.33
C LEU C 124 -15.12 -53.75 17.52
N THR C 125 -15.37 -54.94 16.98
CA THR C 125 -14.36 -56.00 17.00
C THR C 125 -13.05 -55.51 16.42
N CYS C 126 -13.11 -54.82 15.26
CA CYS C 126 -11.88 -54.42 14.58
C CYS C 126 -11.16 -53.31 15.33
N GLY C 127 -11.89 -52.34 15.90
CA GLY C 127 -11.24 -51.35 16.73
C GLY C 127 -10.45 -51.99 17.85
N MET C 128 -10.94 -53.11 18.36
CA MET C 128 -10.31 -53.82 19.47
C MET C 128 -9.11 -54.65 19.02
N VAL C 129 -9.17 -55.29 17.85
CA VAL C 129 -8.21 -56.33 17.51
C VAL C 129 -7.36 -56.03 16.28
N CYS C 130 -7.69 -55.02 15.48
CA CYS C 130 -6.89 -54.74 14.29
C CYS C 130 -5.43 -54.55 14.68
N PRO C 131 -4.50 -55.22 14.00
CA PRO C 131 -3.07 -54.92 14.20
C PRO C 131 -2.71 -53.62 13.46
N THR C 132 -3.11 -52.50 14.07
CA THR C 132 -3.11 -51.22 13.36
C THR C 132 -1.70 -50.78 12.96
N SER C 133 -0.67 -51.22 13.68
CA SER C 133 0.69 -50.87 13.30
C SER C 133 1.06 -51.38 11.91
N ASP C 134 0.41 -52.45 11.44
CA ASP C 134 0.59 -52.99 10.11
C ASP C 134 -0.51 -52.55 9.16
N LEU C 135 -1.42 -51.69 9.60
CA LEU C 135 -2.55 -51.27 8.79
C LEU C 135 -2.68 -49.75 8.82
N CYS C 136 -3.81 -49.25 9.33
CA CYS C 136 -4.13 -47.83 9.24
C CYS C 136 -3.08 -46.97 9.93
N VAL C 137 -2.66 -47.35 11.14
CA VAL C 137 -1.74 -46.53 11.91
C VAL C 137 -0.35 -46.49 11.26
N GLY C 138 0.03 -47.59 10.60
CA GLY C 138 1.29 -47.59 9.87
C GLY C 138 1.39 -46.54 8.80
N GLY C 139 0.26 -46.00 8.34
CA GLY C 139 0.26 -44.94 7.35
C GLY C 139 0.05 -43.55 7.89
N CYS C 140 -0.12 -43.39 9.20
CA CYS C 140 -0.57 -42.12 9.77
C CYS C 140 0.51 -41.04 9.62
N ASN C 141 0.11 -39.87 9.12
CA ASN C 141 1.04 -38.77 8.92
C ASN C 141 1.69 -38.31 10.22
N LEU C 142 0.96 -38.41 11.35
CA LEU C 142 1.53 -37.94 12.61
C LEU C 142 2.65 -38.84 13.12
N TYR C 143 2.95 -39.94 12.44
CA TYR C 143 4.20 -40.65 12.71
C TYR C 143 5.40 -39.73 12.53
N ALA C 144 5.28 -38.71 11.68
CA ALA C 144 6.35 -37.75 11.44
C ALA C 144 6.48 -36.72 12.54
N THR C 145 5.76 -36.86 13.65
CA THR C 145 5.94 -36.01 14.82
C THR C 145 6.50 -36.82 15.99
N GLU C 146 7.12 -36.11 16.92
CA GLU C 146 7.68 -36.75 18.11
C GLU C 146 6.60 -37.48 18.91
N GLU C 147 5.41 -36.86 19.03
CA GLU C 147 4.36 -37.47 19.83
C GLU C 147 3.70 -38.66 19.15
N GLY C 148 3.87 -38.81 17.83
CA GLY C 148 3.58 -40.07 17.18
C GLY C 148 2.18 -40.20 16.62
N SER C 149 1.93 -41.38 16.04
CA SER C 149 0.71 -41.61 15.28
C SER C 149 -0.52 -41.69 16.19
N ILE C 150 -1.69 -41.52 15.58
CA ILE C 150 -2.96 -41.53 16.29
C ILE C 150 -3.33 -42.97 16.66
N ASN C 151 -3.98 -43.12 17.82
CA ASN C 151 -4.52 -44.41 18.26
C ASN C 151 -5.89 -44.58 17.60
N ILE C 152 -5.86 -44.96 16.31
CA ILE C 152 -7.09 -45.07 15.53
C ILE C 152 -7.98 -46.18 16.06
N GLY C 153 -7.38 -47.33 16.38
CA GLY C 153 -8.18 -48.46 16.85
C GLY C 153 -8.94 -48.15 18.12
N GLY C 154 -8.26 -47.52 19.07
CA GLY C 154 -8.93 -47.15 20.32
C GLY C 154 -10.04 -46.14 20.11
N LEU C 155 -9.83 -45.19 19.20
CA LEU C 155 -10.89 -44.24 18.90
C LEU C 155 -12.09 -44.95 18.27
N GLN C 156 -11.83 -45.86 17.33
CA GLN C 156 -12.90 -46.67 16.75
C GLN C 156 -13.61 -47.47 17.82
N GLN C 157 -12.86 -48.06 18.75
CA GLN C 157 -13.44 -48.82 19.84
C GLN C 157 -14.33 -47.94 20.70
N PHE C 158 -13.86 -46.74 21.04
CA PHE C 158 -14.62 -45.89 21.95
C PHE C 158 -15.96 -45.49 21.34
N ALA C 159 -15.94 -44.96 20.11
CA ALA C 159 -17.18 -44.53 19.49
C ALA C 159 -18.15 -45.70 19.32
N SER C 160 -17.62 -46.87 18.95
CA SER C 160 -18.49 -48.03 18.78
C SER C 160 -19.03 -48.53 20.12
N GLU C 161 -18.23 -48.42 21.19
CA GLU C 161 -18.72 -48.81 22.52
C GLU C 161 -19.84 -47.89 22.98
N VAL C 162 -19.72 -46.59 22.75
CA VAL C 162 -20.80 -45.67 23.11
C VAL C 162 -22.07 -46.02 22.35
N PHE C 163 -21.93 -46.29 21.04
CA PHE C 163 -23.10 -46.63 20.24
C PHE C 163 -23.74 -47.92 20.73
N LYS C 164 -22.93 -48.92 21.06
CA LYS C 164 -23.45 -50.15 21.66
C LYS C 164 -24.28 -49.86 22.91
N ALA C 165 -23.81 -48.94 23.76
CA ALA C 165 -24.52 -48.63 24.99
C ALA C 165 -25.80 -47.84 24.73
N MET C 166 -25.87 -47.13 23.59
CA MET C 166 -27.09 -46.44 23.18
C MET C 166 -28.22 -47.43 22.94
N ASN C 167 -27.89 -48.67 22.58
CA ASN C 167 -28.89 -49.72 22.39
C ASN C 167 -29.89 -49.33 21.30
N ILE C 168 -29.35 -48.99 20.14
CA ILE C 168 -30.12 -48.54 18.98
C ILE C 168 -30.00 -49.61 17.90
N PRO C 169 -31.09 -50.01 17.26
CA PRO C 169 -31.00 -51.08 16.27
C PRO C 169 -30.60 -50.54 14.90
N GLN C 170 -30.04 -51.44 14.08
CA GLN C 170 -29.90 -51.16 12.65
C GLN C 170 -31.27 -51.27 11.99
N ILE C 171 -31.50 -50.44 10.97
CA ILE C 171 -32.75 -50.53 10.24
C ILE C 171 -32.49 -50.90 8.80
N ARG C 172 -33.50 -51.50 8.19
CA ARG C 172 -33.54 -51.67 6.75
C ARG C 172 -33.17 -50.38 6.05
N ASN C 173 -32.32 -50.50 5.05
CA ASN C 173 -31.96 -49.42 4.15
C ASN C 173 -33.20 -48.60 3.81
N PRO C 174 -33.29 -47.34 4.29
CA PRO C 174 -34.48 -46.54 4.02
C PRO C 174 -34.56 -46.00 2.60
N CYS C 175 -33.55 -46.21 1.77
CA CYS C 175 -33.64 -45.85 0.36
C CYS C 175 -34.32 -46.93 -0.48
N LEU C 176 -34.69 -48.07 0.14
CA LEU C 176 -35.29 -49.16 -0.62
C LEU C 176 -36.81 -48.99 -0.69
N PRO C 177 -37.41 -49.47 -1.77
CA PRO C 177 -38.87 -49.59 -1.79
C PRO C 177 -39.32 -50.54 -0.69
N SER C 178 -40.60 -50.47 -0.38
CA SER C 178 -41.13 -51.36 0.64
C SER C 178 -40.93 -52.81 0.20
N GLN C 179 -40.94 -53.71 1.18
CA GLN C 179 -40.54 -55.08 0.91
C GLN C 179 -41.50 -55.80 -0.04
N GLU C 180 -42.76 -55.36 -0.13
CA GLU C 180 -43.68 -55.97 -1.08
C GLU C 180 -43.46 -55.47 -2.51
N LYS C 181 -42.71 -54.38 -2.69
CA LYS C 181 -42.46 -53.81 -4.00
C LYS C 181 -41.06 -54.10 -4.53
N MET C 182 -40.29 -54.93 -3.82
CA MET C 182 -38.97 -55.32 -4.28
C MET C 182 -39.10 -56.30 -5.46
N PRO C 183 -38.25 -56.18 -6.48
CA PRO C 183 -38.26 -57.18 -7.56
C PRO C 183 -38.03 -58.59 -7.03
N GLU C 184 -38.50 -59.57 -7.82
CA GLU C 184 -38.40 -60.99 -7.45
C GLU C 184 -36.97 -61.41 -7.17
N ALA C 185 -36.00 -60.81 -7.87
CA ALA C 185 -34.60 -61.24 -7.73
C ALA C 185 -34.13 -61.15 -6.29
N TYR C 186 -34.67 -60.20 -5.52
CA TYR C 186 -34.21 -60.00 -4.16
C TYR C 186 -34.74 -61.05 -3.19
N SER C 187 -35.62 -61.93 -3.64
CA SER C 187 -36.07 -63.08 -2.84
C SER C 187 -35.26 -64.33 -3.12
N ALA C 188 -34.21 -64.24 -3.94
CA ALA C 188 -33.35 -65.38 -4.24
C ALA C 188 -32.75 -65.95 -2.96
N LYS C 189 -32.76 -67.27 -2.85
CA LYS C 189 -32.26 -67.96 -1.67
C LYS C 189 -30.73 -67.93 -1.67
N ILE C 190 -30.15 -67.38 -0.61
CA ILE C 190 -28.70 -67.20 -0.50
C ILE C 190 -28.22 -67.98 0.72
N ALA C 191 -27.15 -68.76 0.53
CA ALA C 191 -26.53 -69.53 1.61
C ALA C 191 -25.11 -69.04 1.84
N LEU C 192 -24.74 -68.91 3.11
CA LEU C 192 -23.37 -68.64 3.50
C LEU C 192 -22.94 -69.71 4.48
N LEU C 193 -21.68 -70.13 4.37
CA LEU C 193 -21.17 -71.26 5.13
C LEU C 193 -20.16 -70.74 6.13
N GLY C 194 -20.43 -70.95 7.41
CA GLY C 194 -19.58 -70.46 8.48
C GLY C 194 -20.01 -69.10 8.99
N ALA C 195 -20.16 -68.92 10.30
CA ALA C 195 -20.61 -67.65 10.84
C ALA C 195 -19.45 -66.86 11.46
N GLY C 196 -18.38 -66.66 10.68
CA GLY C 196 -17.29 -65.80 11.08
C GLY C 196 -17.36 -64.43 10.43
N PRO C 197 -16.33 -63.61 10.63
CA PRO C 197 -16.33 -62.26 10.06
C PRO C 197 -16.64 -62.17 8.57
N ALA C 198 -16.09 -63.07 7.75
CA ALA C 198 -16.30 -62.97 6.31
C ALA C 198 -17.78 -63.12 5.96
N SER C 199 -18.44 -64.14 6.52
CA SER C 199 -19.86 -64.34 6.19
C SER C 199 -20.73 -63.29 6.84
N ILE C 200 -20.41 -62.87 8.07
CA ILE C 200 -21.21 -61.85 8.74
C ILE C 200 -21.20 -60.57 7.93
N SER C 201 -20.02 -60.18 7.44
CA SER C 201 -19.92 -59.00 6.59
C SER C 201 -20.67 -59.20 5.28
N CYS C 202 -20.44 -60.33 4.61
CA CYS C 202 -21.11 -60.58 3.33
C CYS C 202 -22.62 -60.54 3.48
N ALA C 203 -23.15 -61.27 4.45
CA ALA C 203 -24.59 -61.30 4.68
C ALA C 203 -25.13 -59.91 5.01
N SER C 204 -24.38 -59.13 5.80
CA SER C 204 -24.82 -57.80 6.17
C SER C 204 -25.00 -56.92 4.94
N PHE C 205 -23.99 -56.88 4.06
CA PHE C 205 -24.08 -56.01 2.90
C PHE C 205 -25.14 -56.47 1.92
N LEU C 206 -25.33 -57.79 1.79
CA LEU C 206 -26.42 -58.28 0.95
C LEU C 206 -27.77 -57.87 1.51
N ALA C 207 -27.92 -57.93 2.84
CA ALA C 207 -29.18 -57.50 3.46
C ALA C 207 -29.43 -56.01 3.24
N ARG C 208 -28.37 -55.20 3.28
CA ARG C 208 -28.48 -53.78 2.96
C ARG C 208 -29.01 -53.57 1.55
N LEU C 209 -28.54 -54.40 0.60
CA LEU C 209 -28.97 -54.25 -0.79
C LEU C 209 -30.42 -54.64 -0.99
N GLY C 210 -31.01 -55.35 -0.02
CA GLY C 210 -32.43 -55.67 -0.04
C GLY C 210 -32.75 -57.13 -0.14
N TYR C 211 -31.75 -58.02 -0.13
CA TYR C 211 -32.04 -59.45 -0.20
C TYR C 211 -32.71 -59.91 1.09
N SER C 212 -33.79 -60.67 0.94
CA SER C 212 -34.69 -61.01 2.04
C SER C 212 -34.63 -62.46 2.46
N ASP C 213 -33.78 -63.28 1.82
CA ASP C 213 -33.69 -64.70 2.17
C ASP C 213 -32.21 -65.07 2.22
N ILE C 214 -31.58 -64.77 3.36
CA ILE C 214 -30.15 -64.97 3.57
C ILE C 214 -29.99 -65.85 4.80
N THR C 215 -29.32 -66.99 4.65
CA THR C 215 -29.09 -67.91 5.77
C THR C 215 -27.61 -68.22 5.89
N ILE C 216 -27.08 -68.09 7.11
CA ILE C 216 -25.72 -68.54 7.44
C ILE C 216 -25.83 -69.89 8.14
N PHE C 217 -25.15 -70.90 7.59
CA PHE C 217 -25.07 -72.22 8.20
C PHE C 217 -23.74 -72.35 8.93
N GLU C 218 -23.80 -72.62 10.24
CA GLU C 218 -22.61 -72.69 11.09
C GLU C 218 -22.46 -74.09 11.67
N LYS C 219 -21.26 -74.66 11.56
CA LYS C 219 -21.04 -76.01 12.05
C LYS C 219 -21.15 -76.08 13.58
N GLN C 220 -20.59 -75.11 14.27
CA GLN C 220 -20.54 -75.17 15.72
C GLN C 220 -21.82 -74.61 16.35
N GLU C 221 -21.89 -74.70 17.68
CA GLU C 221 -23.04 -74.24 18.44
C GLU C 221 -22.93 -72.78 18.83
N TYR C 222 -21.80 -72.15 18.57
CA TYR C 222 -21.57 -70.75 18.82
C TYR C 222 -21.37 -70.03 17.49
N VAL C 223 -21.53 -68.72 17.50
CA VAL C 223 -21.37 -67.90 16.30
C VAL C 223 -20.22 -66.94 16.53
N GLY C 224 -19.66 -66.46 15.43
CA GLY C 224 -18.60 -65.45 15.47
C GLY C 224 -17.24 -65.91 14.99
N GLY C 225 -17.06 -67.20 14.70
CA GLY C 225 -15.77 -67.66 14.22
C GLY C 225 -14.67 -67.51 15.25
N LEU C 226 -13.45 -67.24 14.77
CA LEU C 226 -12.30 -67.13 15.65
C LEU C 226 -12.46 -66.00 16.65
N SER C 227 -13.23 -64.97 16.30
CA SER C 227 -13.51 -63.89 17.24
C SER C 227 -14.08 -64.43 18.53
N THR C 228 -14.86 -65.50 18.44
CA THR C 228 -15.49 -66.14 19.57
C THR C 228 -14.65 -67.28 20.15
N SER C 229 -14.14 -68.16 19.30
CA SER C 229 -13.55 -69.40 19.77
C SER C 229 -12.06 -69.30 20.11
N GLU C 230 -11.35 -68.26 19.65
CA GLU C 230 -9.91 -68.26 19.95
C GLU C 230 -9.35 -66.93 20.41
N ILE C 231 -9.82 -65.80 19.88
CA ILE C 231 -9.27 -64.52 20.37
C ILE C 231 -9.60 -64.37 21.84
N PRO C 232 -8.62 -64.11 22.72
CA PRO C 232 -8.90 -64.14 24.16
C PRO C 232 -9.87 -63.05 24.60
N GLN C 233 -10.62 -63.39 25.64
CA GLN C 233 -11.55 -62.45 26.26
C GLN C 233 -10.87 -61.19 26.77
N PHE C 234 -9.59 -61.28 27.18
CA PHE C 234 -8.90 -60.08 27.65
C PHE C 234 -8.42 -59.17 26.52
N ARG C 235 -8.66 -59.55 25.26
CA ARG C 235 -8.51 -58.63 24.13
C ARG C 235 -9.84 -58.30 23.47
N LEU C 236 -10.73 -59.28 23.33
CA LEU C 236 -12.01 -59.09 22.65
C LEU C 236 -13.12 -59.71 23.47
N PRO C 237 -13.84 -58.92 24.26
CA PRO C 237 -14.96 -59.47 25.04
C PRO C 237 -16.05 -60.03 24.13
N TYR C 238 -16.62 -61.16 24.55
CA TYR C 238 -17.62 -61.82 23.72
C TYR C 238 -18.85 -60.92 23.48
N ASP C 239 -19.20 -60.06 24.44
CA ASP C 239 -20.40 -59.24 24.25
C ASP C 239 -20.27 -58.32 23.04
N VAL C 240 -19.05 -58.01 22.62
CA VAL C 240 -18.84 -57.26 21.39
C VAL C 240 -19.32 -58.06 20.18
N VAL C 241 -18.93 -59.33 20.13
CA VAL C 241 -19.30 -60.20 19.01
C VAL C 241 -20.82 -60.36 18.96
N ASN C 242 -21.43 -60.56 20.12
CA ASN C 242 -22.89 -60.71 20.18
C ASN C 242 -23.58 -59.44 19.68
N PHE C 243 -23.07 -58.27 20.08
CA PHE C 243 -23.65 -57.00 19.66
C PHE C 243 -23.62 -56.85 18.14
N GLU C 244 -22.50 -57.21 17.51
CA GLU C 244 -22.37 -57.08 16.06
C GLU C 244 -23.27 -58.05 15.33
N ILE C 245 -23.41 -59.28 15.84
CA ILE C 245 -24.26 -60.26 15.19
C ILE C 245 -25.72 -59.88 15.33
N GLU C 246 -26.11 -59.24 16.44
CA GLU C 246 -27.50 -58.84 16.57
C GLU C 246 -27.83 -57.66 15.68
N LEU C 247 -26.87 -56.75 15.42
CA LEU C 247 -27.12 -55.72 14.43
C LEU C 247 -27.39 -56.32 13.06
N MET C 248 -26.64 -57.36 12.70
CA MET C 248 -26.88 -58.07 11.45
C MET C 248 -28.28 -58.68 11.42
N LYS C 249 -28.67 -59.34 12.52
CA LYS C 249 -29.98 -59.96 12.57
C LYS C 249 -31.11 -58.95 12.45
N ASP C 250 -30.86 -57.68 12.80
CA ASP C 250 -31.85 -56.62 12.58
C ASP C 250 -32.24 -56.48 11.12
N LEU C 251 -31.37 -56.92 10.19
CA LEU C 251 -31.67 -56.86 8.76
C LEU C 251 -32.32 -58.14 8.24
N GLY C 252 -32.56 -59.13 9.11
CA GLY C 252 -33.28 -60.32 8.73
C GLY C 252 -32.42 -61.51 8.37
N VAL C 253 -31.10 -61.40 8.45
CA VAL C 253 -30.24 -62.55 8.24
C VAL C 253 -30.59 -63.64 9.24
N LYS C 254 -30.69 -64.88 8.77
CA LYS C 254 -30.91 -66.02 9.64
C LYS C 254 -29.62 -66.80 9.83
N ILE C 255 -29.44 -67.34 11.04
CA ILE C 255 -28.29 -68.18 11.36
C ILE C 255 -28.81 -69.51 11.85
N ILE C 256 -28.27 -70.60 11.31
CA ILE C 256 -28.62 -71.95 11.76
C ILE C 256 -27.35 -72.64 12.20
N CYS C 257 -27.28 -72.99 13.49
CA CYS C 257 -26.11 -73.65 14.05
C CYS C 257 -26.28 -75.16 13.96
N GLY C 258 -25.15 -75.86 14.08
CA GLY C 258 -25.17 -77.30 13.94
C GLY C 258 -25.34 -77.80 12.52
N LYS C 259 -24.99 -76.98 11.53
CA LYS C 259 -25.08 -77.35 10.11
C LYS C 259 -23.71 -77.22 9.49
N SER C 260 -23.16 -78.33 8.98
CA SER C 260 -21.83 -78.35 8.42
C SER C 260 -21.86 -78.49 6.90
N LEU C 261 -20.97 -77.75 6.24
CA LEU C 261 -20.52 -78.06 4.89
C LEU C 261 -19.65 -79.32 4.95
N SER C 262 -20.17 -80.42 4.46
CA SER C 262 -19.49 -81.71 4.51
C SER C 262 -20.30 -82.70 3.69
N GLU C 263 -19.62 -83.68 3.10
CA GLU C 263 -20.32 -84.72 2.36
C GLU C 263 -21.29 -85.42 3.31
N ASN C 264 -22.47 -85.75 2.79
CA ASN C 264 -23.62 -86.29 3.54
C ASN C 264 -24.24 -85.25 4.47
N GLU C 265 -23.79 -84.00 4.45
CA GLU C 265 -24.45 -82.92 5.18
C GLU C 265 -24.80 -81.86 4.12
N ILE C 266 -24.33 -80.62 4.29
CA ILE C 266 -24.53 -79.60 3.25
C ILE C 266 -23.38 -79.66 2.26
N THR C 267 -23.72 -79.70 0.97
CA THR C 267 -22.73 -79.58 -0.11
C THR C 267 -23.23 -78.55 -1.12
N LEU C 268 -22.32 -78.11 -1.99
CA LEU C 268 -22.72 -77.25 -3.08
C LEU C 268 -23.82 -77.90 -3.91
N ASN C 269 -23.70 -79.21 -4.17
CA ASN C 269 -24.71 -79.90 -4.96
C ASN C 269 -26.06 -79.90 -4.26
N THR C 270 -26.09 -80.14 -2.95
CA THR C 270 -27.37 -80.15 -2.25
C THR C 270 -27.95 -78.74 -2.13
N LEU C 271 -27.09 -77.73 -2.00
CA LEU C 271 -27.60 -76.36 -2.02
C LEU C 271 -28.27 -76.05 -3.35
N LYS C 272 -27.61 -76.42 -4.45
CA LYS C 272 -28.18 -76.19 -5.77
C LYS C 272 -29.52 -76.90 -5.92
N GLU C 273 -29.58 -78.19 -5.58
CA GLU C 273 -30.82 -78.93 -5.77
C GLU C 273 -31.93 -78.42 -4.85
N GLU C 274 -31.59 -77.73 -3.76
CA GLU C 274 -32.59 -77.19 -2.85
C GLU C 274 -33.06 -75.79 -3.25
N GLY C 275 -32.53 -75.23 -4.33
CA GLY C 275 -33.01 -73.95 -4.82
C GLY C 275 -32.20 -72.74 -4.42
N TYR C 276 -31.04 -72.93 -3.80
CA TYR C 276 -30.19 -71.80 -3.49
C TYR C 276 -29.56 -71.24 -4.76
N LYS C 277 -29.54 -69.91 -4.88
CA LYS C 277 -29.09 -69.26 -6.11
C LYS C 277 -27.64 -68.80 -6.04
N ALA C 278 -27.10 -68.61 -4.84
CA ALA C 278 -25.72 -68.18 -4.66
C ALA C 278 -25.25 -68.69 -3.31
N ALA C 279 -23.95 -68.96 -3.21
CA ALA C 279 -23.33 -69.40 -1.96
C ALA C 279 -22.02 -68.67 -1.74
N PHE C 280 -21.78 -68.30 -0.47
CA PHE C 280 -20.52 -67.72 -0.04
C PHE C 280 -19.86 -68.68 0.94
N ILE C 281 -18.60 -69.04 0.67
CA ILE C 281 -17.84 -69.98 1.50
C ILE C 281 -16.98 -69.16 2.46
N GLY C 282 -17.31 -69.21 3.74
CA GLY C 282 -16.53 -68.51 4.75
C GLY C 282 -16.17 -69.37 5.94
N ILE C 283 -15.75 -70.62 5.71
CA ILE C 283 -15.54 -71.58 6.80
C ILE C 283 -14.16 -71.48 7.42
N GLY C 284 -13.30 -70.57 6.95
CA GLY C 284 -11.98 -70.41 7.52
C GLY C 284 -11.12 -71.64 7.35
N LEU C 285 -10.12 -71.77 8.23
CA LEU C 285 -9.18 -72.90 8.25
C LEU C 285 -9.43 -73.68 9.52
N PRO C 286 -10.27 -74.73 9.47
CA PRO C 286 -10.85 -75.28 10.71
C PRO C 286 -9.95 -76.23 11.49
N GLU C 287 -8.80 -76.64 10.98
CA GLU C 287 -8.00 -77.68 11.62
C GLU C 287 -6.59 -77.19 11.91
N PRO C 288 -5.90 -77.81 12.89
CA PRO C 288 -4.54 -77.37 13.21
C PRO C 288 -3.52 -77.92 12.24
N LYS C 289 -2.47 -77.13 12.02
CA LYS C 289 -1.28 -77.69 11.37
C LYS C 289 -0.58 -78.62 12.36
N THR C 290 -0.33 -79.84 11.93
CA THR C 290 0.23 -80.88 12.79
C THR C 290 1.72 -81.04 12.55
N ASP C 291 2.34 -81.86 13.41
CA ASP C 291 3.73 -82.28 13.27
C ASP C 291 3.78 -83.74 13.72
N ASP C 292 4.48 -84.58 12.95
CA ASP C 292 4.51 -86.01 13.23
C ASP C 292 5.08 -86.33 14.62
N ILE C 293 5.94 -85.46 15.15
CA ILE C 293 6.53 -85.76 16.46
C ILE C 293 5.53 -85.68 17.60
N PHE C 294 4.32 -85.21 17.34
CA PHE C 294 3.28 -85.12 18.36
C PHE C 294 2.24 -86.22 18.24
N GLN C 295 2.42 -87.15 17.31
CA GLN C 295 1.40 -88.18 17.08
C GLN C 295 1.15 -89.00 18.34
N GLY C 296 -0.13 -89.18 18.66
CA GLY C 296 -0.53 -89.97 19.81
C GLY C 296 -0.56 -89.23 21.13
N LEU C 297 -0.05 -88.01 21.21
CA LEU C 297 -0.05 -87.27 22.46
C LEU C 297 -1.45 -86.74 22.75
N THR C 298 -1.83 -86.74 24.02
CA THR C 298 -3.18 -86.42 24.44
C THR C 298 -3.17 -85.18 25.33
N GLN C 299 -4.36 -84.62 25.51
CA GLN C 299 -4.53 -83.52 26.46
C GLN C 299 -4.24 -83.98 27.88
N ASP C 300 -4.56 -85.24 28.20
CA ASP C 300 -4.29 -85.79 29.52
C ASP C 300 -2.80 -85.78 29.84
N GLN C 301 -1.95 -86.01 28.83
CA GLN C 301 -0.51 -85.96 29.04
C GLN C 301 0.03 -84.54 29.06
N GLY C 302 -0.73 -83.57 28.57
CA GLY C 302 -0.32 -82.19 28.57
C GLY C 302 -0.09 -81.57 27.21
N PHE C 303 -0.53 -82.21 26.13
CA PHE C 303 -0.29 -81.68 24.79
C PHE C 303 -1.56 -81.09 24.20
N TYR C 304 -1.40 -79.92 23.56
CA TYR C 304 -2.46 -79.21 22.87
C TYR C 304 -1.94 -78.60 21.58
N THR C 305 -2.80 -78.56 20.57
CA THR C 305 -2.61 -77.55 19.53
C THR C 305 -3.34 -76.29 19.95
N SER C 306 -3.03 -75.18 19.27
CA SER C 306 -3.78 -73.97 19.51
C SER C 306 -5.27 -74.16 19.23
N LYS C 307 -5.61 -75.08 18.32
CA LYS C 307 -7.01 -75.36 18.01
C LYS C 307 -7.71 -76.11 19.13
N ASP C 308 -6.97 -76.85 19.96
CA ASP C 308 -7.52 -77.47 21.15
C ASP C 308 -7.52 -76.51 22.34
N PHE C 309 -6.42 -75.79 22.55
CA PHE C 309 -6.21 -75.03 23.77
C PHE C 309 -7.07 -73.78 23.82
N LEU C 310 -7.01 -72.94 22.79
CA LEU C 310 -7.63 -71.63 22.91
C LEU C 310 -9.16 -71.74 22.98
N PRO C 311 -9.81 -72.63 22.23
CA PRO C 311 -11.27 -72.79 22.44
C PRO C 311 -11.63 -73.27 23.83
N LEU C 312 -10.78 -74.06 24.48
CA LEU C 312 -11.05 -74.46 25.85
C LEU C 312 -11.02 -73.26 26.80
N VAL C 313 -10.04 -72.37 26.63
CA VAL C 313 -9.96 -71.19 27.49
C VAL C 313 -11.12 -70.24 27.20
N ALA C 314 -11.47 -70.07 25.91
CA ALA C 314 -12.58 -69.19 25.57
C ALA C 314 -13.89 -69.70 26.16
N LYS C 315 -14.11 -71.02 26.09
CA LYS C 315 -15.32 -71.60 26.67
C LYS C 315 -15.42 -71.35 28.17
N SER C 316 -14.27 -71.19 28.85
CA SER C 316 -14.30 -70.95 30.29
C SER C 316 -14.47 -69.48 30.64
N SER C 317 -14.01 -68.57 29.78
CA SER C 317 -13.89 -67.17 30.15
C SER C 317 -14.92 -66.25 29.52
N LYS C 318 -15.70 -66.73 28.56
CA LYS C 318 -16.62 -65.88 27.81
C LYS C 318 -18.05 -66.26 28.17
N ALA C 319 -18.61 -65.56 29.15
CA ALA C 319 -19.96 -65.84 29.62
C ALA C 319 -20.93 -65.86 28.45
N GLY C 320 -21.74 -66.92 28.38
CA GLY C 320 -22.73 -67.01 27.34
C GLY C 320 -22.22 -67.33 25.96
N MET C 321 -20.90 -67.45 25.79
CA MET C 321 -20.39 -68.01 24.54
C MET C 321 -20.67 -69.50 24.49
N CYS C 322 -20.41 -70.20 25.59
CA CYS C 322 -20.74 -71.61 25.77
C CYS C 322 -21.39 -71.70 27.14
N ALA C 323 -22.68 -72.05 27.17
CA ALA C 323 -23.40 -72.12 28.44
C ALA C 323 -22.78 -73.17 29.37
N CYS C 324 -22.22 -74.23 28.79
CA CYS C 324 -21.63 -75.30 29.58
C CYS C 324 -20.50 -74.77 30.46
N HIS C 325 -19.86 -73.67 30.05
CA HIS C 325 -18.70 -73.08 30.71
C HIS C 325 -17.52 -74.03 30.61
N SER C 326 -17.18 -74.71 31.73
CA SER C 326 -16.18 -75.75 31.96
C SER C 326 -15.02 -75.20 32.80
N PRO C 327 -14.28 -76.03 33.50
CA PRO C 327 -13.12 -75.51 34.24
C PRO C 327 -12.00 -75.10 33.31
N LEU C 328 -11.28 -74.09 33.73
CA LEU C 328 -10.12 -73.64 32.98
C LEU C 328 -9.07 -74.75 33.00
N PRO C 329 -8.45 -75.09 31.87
CA PRO C 329 -7.58 -76.26 31.83
C PRO C 329 -6.47 -76.20 32.88
N SER C 330 -6.21 -77.35 33.52
CA SER C 330 -5.20 -77.44 34.57
C SER C 330 -3.81 -77.39 33.93
N ILE C 331 -3.13 -76.26 34.09
CA ILE C 331 -1.98 -75.94 33.26
C ILE C 331 -0.87 -75.37 34.16
N ARG C 332 -0.92 -75.68 35.46
CA ARG C 332 0.20 -75.31 36.30
C ARG C 332 1.48 -76.01 35.88
N GLY C 333 2.59 -75.37 36.18
CA GLY C 333 3.90 -75.85 35.80
C GLY C 333 4.50 -74.99 34.69
N ALA C 334 5.49 -75.56 34.03
CA ALA C 334 6.16 -74.88 32.93
C ALA C 334 5.41 -75.19 31.64
N VAL C 335 5.12 -74.14 30.87
CA VAL C 335 4.42 -74.26 29.59
C VAL C 335 5.37 -73.91 28.47
N ILE C 336 5.46 -74.78 27.47
CA ILE C 336 6.19 -74.52 26.24
C ILE C 336 5.16 -74.24 25.15
N VAL C 337 5.19 -73.05 24.58
CA VAL C 337 4.43 -72.72 23.38
C VAL C 337 5.39 -72.77 22.20
N LEU C 338 5.07 -73.60 21.21
CA LEU C 338 5.94 -73.77 20.05
C LEU C 338 5.43 -72.90 18.90
N GLY C 339 6.32 -72.06 18.38
CA GLY C 339 5.97 -71.14 17.31
C GLY C 339 6.11 -69.69 17.75
N ALA C 340 6.00 -68.82 16.75
CA ALA C 340 6.20 -67.39 16.98
C ALA C 340 5.30 -66.54 16.09
N GLY C 341 4.21 -67.10 15.59
CA GLY C 341 3.17 -66.30 14.99
C GLY C 341 2.30 -65.69 16.05
N ASP C 342 1.33 -64.90 15.59
CA ASP C 342 0.49 -64.17 16.53
C ASP C 342 -0.34 -65.12 17.40
N THR C 343 -0.67 -66.32 16.90
CA THR C 343 -1.41 -67.27 17.72
C THR C 343 -0.56 -67.73 18.91
N ALA C 344 0.74 -67.95 18.69
CA ALA C 344 1.60 -68.40 19.78
C ALA C 344 1.59 -67.43 20.95
N PHE C 345 1.57 -66.13 20.66
CA PHE C 345 1.58 -65.15 21.73
C PHE C 345 0.24 -65.10 22.47
N ASP C 346 -0.87 -65.40 21.78
CA ASP C 346 -2.13 -65.56 22.46
C ASP C 346 -2.16 -66.82 23.32
N CYS C 347 -1.47 -67.88 22.88
CA CYS C 347 -1.40 -69.09 23.69
C CYS C 347 -0.61 -68.82 24.97
N ALA C 348 0.45 -68.03 24.86
CA ALA C 348 1.30 -67.73 26.02
C ALA C 348 0.55 -66.92 27.07
N THR C 349 -0.10 -65.83 26.64
CA THR C 349 -0.85 -65.01 27.59
C THR C 349 -2.03 -65.78 28.16
N SER C 350 -2.70 -66.60 27.34
CA SER C 350 -3.82 -67.40 27.85
C SER C 350 -3.34 -68.44 28.88
N ALA C 351 -2.16 -69.04 28.66
CA ALA C 351 -1.67 -70.04 29.60
C ALA C 351 -1.46 -69.44 30.99
N LEU C 352 -1.01 -68.19 31.05
CA LEU C 352 -0.85 -67.52 32.35
C LEU C 352 -2.18 -67.43 33.08
N ARG C 353 -3.27 -67.21 32.35
CA ARG C 353 -4.58 -67.16 32.99
C ARG C 353 -5.04 -68.54 33.46
N CYS C 354 -4.46 -69.61 32.94
CA CYS C 354 -4.76 -70.95 33.42
C CYS C 354 -3.95 -71.33 34.65
N GLY C 355 -3.01 -70.49 35.07
CA GLY C 355 -2.20 -70.77 36.23
C GLY C 355 -0.78 -71.22 35.96
N ALA C 356 -0.27 -70.99 34.75
CA ALA C 356 1.09 -71.42 34.42
C ALA C 356 2.12 -70.69 35.27
N ARG C 357 3.18 -71.41 35.65
CA ARG C 357 4.30 -70.86 36.41
C ARG C 357 5.19 -70.00 35.53
N ARG C 358 5.68 -70.60 34.46
CA ARG C 358 6.58 -70.00 33.49
C ARG C 358 6.00 -70.32 32.11
N VAL C 359 6.20 -69.41 31.17
CA VAL C 359 5.86 -69.68 29.78
C VAL C 359 7.10 -69.43 28.94
N PHE C 360 7.47 -70.41 28.12
CA PHE C 360 8.52 -70.27 27.12
C PHE C 360 7.85 -70.31 25.75
N LEU C 361 8.05 -69.27 24.94
CA LEU C 361 7.79 -69.37 23.51
C LEU C 361 9.08 -69.78 22.82
N VAL C 362 9.05 -70.89 22.09
CA VAL C 362 10.23 -71.45 21.46
C VAL C 362 9.98 -71.50 19.96
N PHE C 363 10.92 -70.95 19.19
CA PHE C 363 10.74 -70.85 17.75
C PHE C 363 12.03 -71.20 17.03
N ARG C 364 11.88 -71.65 15.78
CA ARG C 364 12.95 -72.28 15.01
C ARG C 364 13.78 -71.31 14.20
N LYS C 365 13.38 -70.05 14.08
CA LYS C 365 14.22 -69.04 13.46
C LYS C 365 14.67 -68.06 14.54
N GLY C 366 15.10 -66.87 14.12
CA GLY C 366 15.61 -65.88 15.04
C GLY C 366 14.57 -64.84 15.43
N PHE C 367 14.99 -63.94 16.31
CA PHE C 367 14.12 -62.82 16.70
C PHE C 367 13.79 -61.93 15.52
N VAL C 368 14.76 -61.74 14.62
CA VAL C 368 14.50 -60.88 13.48
C VAL C 368 13.47 -61.51 12.55
N ASN C 369 13.19 -62.81 12.69
CA ASN C 369 12.26 -63.52 11.82
C ASN C 369 10.86 -63.65 12.41
N ILE C 370 10.61 -63.11 13.60
CA ILE C 370 9.25 -63.08 14.10
C ILE C 370 8.42 -62.13 13.24
N ARG C 371 7.30 -62.61 12.74
CA ARG C 371 6.38 -61.81 11.95
C ARG C 371 5.12 -61.43 12.71
N ALA C 372 5.02 -61.81 13.99
CA ALA C 372 3.91 -61.35 14.81
C ALA C 372 3.94 -59.84 14.93
N VAL C 373 2.76 -59.24 15.11
CA VAL C 373 2.71 -57.78 15.06
C VAL C 373 3.29 -57.30 16.38
N PRO C 374 3.97 -56.15 16.42
CA PRO C 374 4.66 -55.76 17.65
C PRO C 374 3.74 -55.67 18.86
N GLU C 375 2.47 -55.30 18.69
CA GLU C 375 1.62 -55.12 19.86
C GLU C 375 1.14 -56.44 20.45
N GLU C 376 1.09 -57.52 19.67
CA GLU C 376 0.94 -58.86 20.25
C GLU C 376 2.19 -59.25 21.03
N VAL C 377 3.37 -58.99 20.47
CA VAL C 377 4.60 -59.41 21.13
C VAL C 377 4.78 -58.70 22.46
N GLU C 378 4.46 -57.40 22.50
CA GLU C 378 4.69 -56.62 23.72
C GLU C 378 3.84 -57.14 24.88
N LEU C 379 2.65 -57.67 24.61
CA LEU C 379 1.81 -58.18 25.69
C LEU C 379 2.45 -59.39 26.37
N ALA C 380 2.97 -60.33 25.58
CA ALA C 380 3.66 -61.48 26.16
C ALA C 380 4.96 -61.06 26.85
N LYS C 381 5.63 -60.04 26.32
CA LYS C 381 6.88 -59.57 26.91
C LYS C 381 6.64 -58.94 28.27
N GLU C 382 5.62 -58.08 28.38
CA GLU C 382 5.36 -57.40 29.65
C GLU C 382 4.83 -58.36 30.72
N GLU C 383 4.26 -59.49 30.32
CA GLU C 383 3.82 -60.49 31.28
C GLU C 383 4.89 -61.53 31.57
N LYS C 384 6.13 -61.28 31.14
CA LYS C 384 7.33 -62.00 31.56
C LYS C 384 7.43 -63.39 30.95
N CYS C 385 6.93 -63.54 29.73
CA CYS C 385 7.11 -64.78 29.00
C CYS C 385 8.56 -64.84 28.52
N GLU C 386 9.13 -66.04 28.50
CA GLU C 386 10.49 -66.19 27.99
C GLU C 386 10.47 -66.55 26.51
N PHE C 387 11.54 -66.21 25.81
CA PHE C 387 11.66 -66.41 24.37
C PHE C 387 12.95 -67.15 24.07
N LEU C 388 12.84 -68.29 23.41
CA LEU C 388 14.00 -69.09 23.02
C LEU C 388 14.07 -69.22 21.50
N PRO C 389 15.02 -68.56 20.84
CA PRO C 389 15.11 -68.63 19.39
C PRO C 389 15.96 -69.82 18.94
N PHE C 390 15.89 -70.08 17.62
CA PHE C 390 16.79 -71.01 16.94
C PHE C 390 16.68 -72.43 17.49
N LEU C 391 15.45 -72.87 17.78
CA LEU C 391 15.24 -74.21 18.32
C LEU C 391 14.07 -74.87 17.61
N SER C 392 14.29 -76.09 17.12
CA SER C 392 13.25 -76.86 16.45
C SER C 392 12.94 -78.11 17.27
N PRO C 393 11.67 -78.38 17.56
CA PRO C 393 11.34 -79.51 18.44
C PRO C 393 11.56 -80.85 17.75
N ARG C 394 12.05 -81.81 18.52
CA ARG C 394 12.38 -83.14 18.02
C ARG C 394 11.67 -84.26 18.78
N LYS C 395 11.57 -84.14 20.11
CA LYS C 395 10.97 -85.19 20.93
C LYS C 395 10.18 -84.58 22.08
N VAL C 396 9.03 -85.16 22.37
CA VAL C 396 8.27 -84.86 23.57
C VAL C 396 8.46 -86.04 24.51
N ILE C 397 9.05 -85.78 25.67
CA ILE C 397 9.36 -86.83 26.65
C ILE C 397 8.17 -87.00 27.59
N VAL C 398 7.70 -88.24 27.73
CA VAL C 398 6.58 -88.57 28.59
C VAL C 398 7.07 -89.54 29.66
N LYS C 399 6.81 -89.21 30.93
CA LYS C 399 7.06 -90.11 32.04
C LYS C 399 5.90 -90.04 33.02
N GLY C 400 5.51 -91.19 33.55
CA GLY C 400 4.37 -91.23 34.46
C GLY C 400 3.08 -90.78 33.83
N GLY C 401 2.92 -91.00 32.52
CA GLY C 401 1.73 -90.62 31.80
C GLY C 401 1.59 -89.13 31.53
N ARG C 402 2.71 -88.42 31.39
CA ARG C 402 2.70 -87.00 31.72
C ARG C 402 3.91 -86.40 31.04
N ILE C 403 3.71 -85.32 30.26
CA ILE C 403 4.86 -84.68 29.63
C ILE C 403 5.80 -84.14 30.70
N VAL C 404 7.09 -84.40 30.53
CA VAL C 404 8.10 -83.89 31.46
C VAL C 404 9.15 -83.03 30.80
N ALA C 405 9.30 -83.07 29.47
CA ALA C 405 10.33 -82.29 28.80
C ALA C 405 10.12 -82.34 27.30
N VAL C 406 10.77 -81.41 26.60
CA VAL C 406 10.85 -81.41 25.14
C VAL C 406 12.32 -81.30 24.74
N GLN C 407 12.73 -82.11 23.78
CA GLN C 407 14.09 -82.06 23.24
C GLN C 407 14.07 -81.32 21.92
N PHE C 408 14.98 -80.34 21.78
CA PHE C 408 15.12 -79.55 20.57
C PHE C 408 16.50 -79.76 19.96
N VAL C 409 16.64 -79.40 18.69
CA VAL C 409 17.94 -79.24 18.04
C VAL C 409 18.09 -77.76 17.69
N ARG C 410 19.33 -77.28 17.71
CA ARG C 410 19.61 -75.90 17.34
C ARG C 410 19.54 -75.73 15.82
N THR C 411 19.10 -74.55 15.40
CA THR C 411 18.99 -74.20 13.99
C THR C 411 19.89 -73.00 13.69
N GLU C 412 20.20 -72.81 12.40
CA GLU C 412 21.01 -71.68 12.00
C GLU C 412 20.92 -71.54 10.48
N GLN C 413 21.09 -70.29 10.01
CA GLN C 413 21.27 -70.06 8.58
C GLN C 413 22.73 -70.10 8.17
N ASP C 414 23.01 -70.73 7.03
CA ASP C 414 24.30 -70.61 6.38
C ASP C 414 24.37 -69.26 5.68
N GLU C 415 24.79 -69.21 4.42
CA GLU C 415 24.80 -67.95 3.70
C GLU C 415 24.21 -68.04 2.30
N THR C 416 23.39 -69.06 2.04
CA THR C 416 22.39 -68.99 0.99
C THR C 416 21.00 -68.74 1.57
N GLY C 417 20.94 -68.26 2.80
CA GLY C 417 19.70 -68.15 3.53
C GLY C 417 19.10 -69.47 3.96
N LYS C 418 19.76 -70.59 3.66
CA LYS C 418 19.20 -71.89 4.00
C LYS C 418 19.21 -72.11 5.51
N TRP C 419 18.11 -72.65 6.01
CA TRP C 419 18.02 -73.00 7.42
C TRP C 419 18.46 -74.44 7.61
N ASN C 420 19.35 -74.66 8.56
CA ASN C 420 19.94 -75.97 8.80
C ASN C 420 19.72 -76.35 10.25
N GLU C 421 19.76 -77.66 10.50
CA GLU C 421 19.59 -78.20 11.84
C GLU C 421 20.88 -78.89 12.25
N ASP C 422 21.34 -78.58 13.46
CA ASP C 422 22.61 -79.09 13.97
C ASP C 422 22.29 -80.22 14.94
N GLU C 423 22.52 -81.46 14.51
CA GLU C 423 22.08 -82.62 15.28
C GLU C 423 22.86 -82.77 16.58
N ASP C 424 24.09 -82.27 16.64
CA ASP C 424 24.93 -82.38 17.82
C ASP C 424 24.66 -81.28 18.85
N GLN C 425 23.77 -80.33 18.56
CA GLN C 425 23.50 -79.18 19.42
C GLN C 425 22.05 -79.27 19.86
N ILE C 426 21.83 -79.81 21.06
CA ILE C 426 20.49 -80.14 21.53
C ILE C 426 20.17 -79.33 22.78
N VAL C 427 18.88 -79.20 23.03
CA VAL C 427 18.34 -78.59 24.25
C VAL C 427 17.31 -79.54 24.83
N HIS C 428 17.40 -79.78 26.13
CA HIS C 428 16.44 -80.59 26.88
C HIS C 428 15.73 -79.62 27.81
N LEU C 429 14.52 -79.20 27.44
CA LEU C 429 13.81 -78.17 28.17
C LEU C 429 12.67 -78.81 28.96
N LYS C 430 12.74 -78.68 30.28
CA LYS C 430 11.74 -79.28 31.16
C LYS C 430 10.41 -78.53 31.03
N ALA C 431 9.32 -79.28 31.02
CA ALA C 431 8.01 -78.69 30.77
C ALA C 431 6.92 -79.66 31.19
N ASP C 432 5.78 -79.09 31.59
CA ASP C 432 4.62 -79.88 31.94
C ASP C 432 3.52 -79.82 30.88
N VAL C 433 3.52 -78.79 30.03
CA VAL C 433 2.50 -78.59 29.01
C VAL C 433 3.18 -78.09 27.75
N VAL C 434 2.73 -78.60 26.60
CA VAL C 434 3.25 -78.19 25.30
C VAL C 434 2.07 -77.80 24.43
N ILE C 435 2.14 -76.61 23.84
CA ILE C 435 1.09 -76.09 22.96
C ILE C 435 1.73 -75.74 21.62
N SER C 436 1.32 -76.44 20.56
CA SER C 436 1.81 -76.14 19.23
C SER C 436 0.94 -75.06 18.61
N ALA C 437 1.57 -74.00 18.13
CA ALA C 437 0.87 -72.94 17.42
C ALA C 437 1.47 -72.82 16.03
N PHE C 438 1.33 -73.88 15.24
CA PHE C 438 1.98 -73.96 13.94
C PHE C 438 1.07 -73.47 12.81
N GLY C 439 -0.12 -72.99 13.13
CA GLY C 439 -1.05 -72.48 12.13
C GLY C 439 -2.24 -73.40 11.97
N SER C 440 -3.06 -73.07 10.97
CA SER C 440 -4.30 -73.78 10.71
C SER C 440 -4.39 -74.11 9.24
N VAL C 441 -5.20 -75.13 8.92
CA VAL C 441 -5.28 -75.72 7.60
C VAL C 441 -6.71 -76.21 7.36
N LEU C 442 -7.01 -76.53 6.09
CA LEU C 442 -8.21 -77.26 5.72
C LEU C 442 -7.78 -78.60 5.15
N ARG C 443 -8.13 -79.69 5.84
CA ARG C 443 -7.66 -81.02 5.44
C ARG C 443 -8.75 -82.08 5.35
N ASP C 444 -9.82 -81.94 6.16
CA ASP C 444 -10.90 -82.92 6.22
C ASP C 444 -11.40 -83.25 4.82
N PRO C 445 -11.19 -84.49 4.34
CA PRO C 445 -11.62 -84.82 2.97
C PRO C 445 -13.10 -84.62 2.73
N LYS C 446 -13.95 -84.86 3.74
CA LYS C 446 -15.38 -84.74 3.55
C LYS C 446 -15.81 -83.28 3.37
N VAL C 447 -15.08 -82.35 3.98
CA VAL C 447 -15.39 -80.93 3.80
C VAL C 447 -14.96 -80.47 2.42
N LYS C 448 -13.74 -80.84 2.01
CA LYS C 448 -13.27 -80.46 0.68
C LYS C 448 -14.11 -81.11 -0.41
N GLU C 449 -14.52 -82.36 -0.19
CA GLU C 449 -15.40 -83.03 -1.15
C GLU C 449 -16.70 -82.25 -1.33
N ALA C 450 -17.20 -81.64 -0.25
CA ALA C 450 -18.46 -80.90 -0.32
C ALA C 450 -18.36 -79.65 -1.17
N LEU C 451 -17.16 -79.19 -1.49
CA LEU C 451 -16.97 -78.02 -2.34
C LEU C 451 -16.83 -78.37 -3.82
N SER C 452 -17.11 -79.61 -4.19
CA SER C 452 -17.02 -80.00 -5.59
C SER C 452 -18.06 -79.24 -6.41
N PRO C 453 -17.70 -78.78 -7.63
CA PRO C 453 -16.43 -79.03 -8.28
C PRO C 453 -15.50 -77.81 -8.41
N ILE C 454 -15.49 -76.89 -7.43
CA ILE C 454 -14.71 -75.67 -7.61
C ILE C 454 -13.22 -76.01 -7.64
N LYS C 455 -12.44 -75.16 -8.31
CA LYS C 455 -11.02 -75.44 -8.43
C LYS C 455 -10.27 -74.98 -7.18
N PHE C 456 -9.34 -75.82 -6.74
CA PHE C 456 -8.43 -75.55 -5.63
C PHE C 456 -7.02 -75.31 -6.17
N ASN C 457 -6.28 -74.44 -5.49
CA ASN C 457 -4.92 -74.12 -5.90
C ASN C 457 -3.93 -75.07 -5.24
N ARG C 458 -2.62 -74.79 -5.40
CA ARG C 458 -1.58 -75.70 -4.92
C ARG C 458 -1.49 -75.74 -3.41
N TRP C 459 -2.05 -74.76 -2.70
CA TRP C 459 -2.11 -74.78 -1.25
C TRP C 459 -3.38 -75.43 -0.72
N ASP C 460 -4.14 -76.11 -1.59
CA ASP C 460 -5.35 -76.82 -1.20
C ASP C 460 -6.45 -75.86 -0.74
N LEU C 461 -6.46 -74.66 -1.30
CA LEU C 461 -7.46 -73.66 -0.97
C LEU C 461 -8.29 -73.32 -2.21
N PRO C 462 -9.56 -72.98 -2.03
CA PRO C 462 -10.40 -72.59 -3.19
C PRO C 462 -9.83 -71.36 -3.88
N GLU C 463 -9.81 -71.39 -5.21
CA GLU C 463 -9.37 -70.21 -5.95
C GLU C 463 -10.52 -69.27 -6.22
N VAL C 464 -10.24 -67.98 -6.11
CA VAL C 464 -11.17 -66.93 -6.46
C VAL C 464 -10.48 -65.93 -7.36
N ASP C 465 -11.27 -65.26 -8.19
CA ASP C 465 -10.89 -64.00 -8.79
C ASP C 465 -10.72 -62.99 -7.66
N PRO C 466 -9.53 -62.42 -7.45
CA PRO C 466 -9.34 -61.53 -6.29
C PRO C 466 -10.12 -60.23 -6.37
N GLU C 467 -10.67 -59.86 -7.53
CA GLU C 467 -11.51 -58.68 -7.62
C GLU C 467 -12.96 -58.96 -7.24
N THR C 468 -13.49 -60.12 -7.65
CA THR C 468 -14.90 -60.43 -7.45
C THR C 468 -15.16 -61.45 -6.34
N MET C 469 -14.13 -62.17 -5.89
CA MET C 469 -14.23 -63.26 -4.92
C MET C 469 -14.99 -64.46 -5.48
N GLN C 470 -15.25 -64.50 -6.79
CA GLN C 470 -15.97 -65.60 -7.40
C GLN C 470 -15.06 -66.81 -7.57
N THR C 471 -15.55 -67.99 -7.22
CA THR C 471 -14.83 -69.23 -7.52
C THR C 471 -14.99 -69.59 -8.98
N SER C 472 -14.45 -70.77 -9.36
CA SER C 472 -14.60 -71.24 -10.73
C SER C 472 -16.05 -71.55 -11.07
N GLU C 473 -16.92 -71.68 -10.07
CA GLU C 473 -18.35 -71.84 -10.31
C GLU C 473 -19.01 -70.48 -10.12
N PRO C 474 -19.72 -69.94 -11.12
CA PRO C 474 -20.11 -68.53 -11.05
C PRO C 474 -21.08 -68.21 -9.92
N TRP C 475 -21.82 -69.19 -9.40
CA TRP C 475 -22.74 -68.93 -8.30
C TRP C 475 -22.12 -69.13 -6.94
N VAL C 476 -20.84 -69.47 -6.86
CA VAL C 476 -20.18 -69.76 -5.59
C VAL C 476 -19.02 -68.79 -5.41
N PHE C 477 -19.00 -68.12 -4.25
CA PHE C 477 -17.99 -67.15 -3.90
C PHE C 477 -17.32 -67.60 -2.61
N ALA C 478 -16.15 -67.04 -2.30
CA ALA C 478 -15.44 -67.38 -1.08
C ALA C 478 -14.63 -66.19 -0.58
N GLY C 479 -14.32 -66.21 0.71
CA GLY C 479 -13.54 -65.13 1.27
C GLY C 479 -13.13 -65.45 2.68
N GLY C 480 -12.24 -64.60 3.21
CA GLY C 480 -11.74 -64.79 4.55
C GLY C 480 -10.53 -65.72 4.57
N ASP C 481 -10.32 -66.35 5.73
CA ASP C 481 -9.16 -67.21 5.93
C ASP C 481 -9.08 -68.34 4.92
N ILE C 482 -10.23 -68.84 4.45
CA ILE C 482 -10.24 -70.00 3.57
C ILE C 482 -9.59 -69.71 2.22
N VAL C 483 -9.54 -68.45 1.82
CA VAL C 483 -8.95 -68.10 0.53
C VAL C 483 -7.45 -67.85 0.66
N GLY C 484 -6.97 -67.57 1.87
CA GLY C 484 -5.54 -67.51 2.11
C GLY C 484 -4.89 -66.17 1.85
N MET C 485 -5.66 -65.13 1.54
CA MET C 485 -5.10 -63.78 1.44
C MET C 485 -5.26 -63.04 2.76
N ALA C 486 -6.49 -62.95 3.27
CA ALA C 486 -6.75 -62.30 4.55
C ALA C 486 -5.89 -62.90 5.65
N ASN C 487 -5.27 -62.02 6.44
CA ASN C 487 -4.55 -62.40 7.65
C ASN C 487 -5.18 -61.81 8.91
N THR C 488 -6.31 -61.12 8.76
CA THR C 488 -6.87 -60.29 9.83
C THR C 488 -8.39 -60.36 9.77
N THR C 489 -9.01 -60.00 10.90
CA THR C 489 -10.47 -59.85 10.91
C THR C 489 -10.92 -58.85 9.84
N VAL C 490 -10.26 -57.69 9.78
CA VAL C 490 -10.75 -56.62 8.90
C VAL C 490 -10.61 -57.02 7.44
N GLU C 491 -9.55 -57.76 7.09
CA GLU C 491 -9.41 -58.24 5.71
C GLU C 491 -10.47 -59.28 5.38
N SER C 492 -10.84 -60.12 6.35
CA SER C 492 -11.90 -61.09 6.13
C SER C 492 -13.25 -60.39 6.00
N VAL C 493 -13.49 -59.35 6.81
CA VAL C 493 -14.67 -58.52 6.64
C VAL C 493 -14.69 -57.92 5.24
N ASN C 494 -13.54 -57.43 4.78
CA ASN C 494 -13.48 -56.82 3.46
C ASN C 494 -13.74 -57.84 2.36
N ASP C 495 -13.23 -59.08 2.52
CA ASP C 495 -13.52 -60.11 1.54
C ASP C 495 -15.03 -60.32 1.38
N GLY C 496 -15.77 -60.37 2.48
CA GLY C 496 -17.21 -60.54 2.38
C GLY C 496 -17.90 -59.33 1.79
N LYS C 497 -17.40 -58.14 2.12
CA LYS C 497 -17.89 -56.90 1.53
C LYS C 497 -17.71 -56.89 0.02
N GLN C 498 -16.49 -57.19 -0.43
CA GLN C 498 -16.20 -57.29 -1.86
C GLN C 498 -17.10 -58.31 -2.53
N ALA C 499 -17.24 -59.49 -1.92
CA ALA C 499 -18.07 -60.54 -2.52
C ALA C 499 -19.52 -60.10 -2.65
N SER C 500 -20.02 -59.34 -1.66
CA SER C 500 -21.44 -59.01 -1.64
C SER C 500 -21.86 -58.28 -2.92
N TRP C 501 -21.01 -57.39 -3.44
CA TRP C 501 -21.41 -56.66 -4.63
C TRP C 501 -21.51 -57.58 -5.84
N TYR C 502 -20.57 -58.51 -5.98
CA TYR C 502 -20.57 -59.36 -7.17
C TYR C 502 -21.54 -60.53 -7.05
N ILE C 503 -21.85 -60.97 -5.83
CA ILE C 503 -22.99 -61.85 -5.64
C ILE C 503 -24.26 -61.17 -6.10
N HIS C 504 -24.41 -59.90 -5.73
CA HIS C 504 -25.56 -59.09 -6.14
C HIS C 504 -25.62 -59.00 -7.67
N LYS C 505 -24.49 -58.69 -8.30
CA LYS C 505 -24.43 -58.63 -9.76
C LYS C 505 -24.81 -59.95 -10.39
N TYR C 506 -24.28 -61.06 -9.86
CA TYR C 506 -24.60 -62.37 -10.42
C TYR C 506 -26.07 -62.69 -10.28
N ILE C 507 -26.65 -62.49 -9.10
CA ILE C 507 -28.05 -62.84 -8.89
C ILE C 507 -28.95 -61.99 -9.77
N GLN C 508 -28.69 -60.68 -9.85
CA GLN C 508 -29.53 -59.83 -10.68
C GLN C 508 -29.49 -60.27 -12.14
N ALA C 509 -28.30 -60.61 -12.64
CA ALA C 509 -28.18 -61.07 -14.02
C ALA C 509 -28.93 -62.37 -14.24
N GLN C 510 -28.93 -63.26 -13.25
CA GLN C 510 -29.70 -64.50 -13.35
C GLN C 510 -31.18 -64.22 -13.53
N TYR C 511 -31.68 -63.12 -12.97
CA TYR C 511 -33.09 -62.75 -13.12
C TYR C 511 -33.31 -61.77 -14.26
N GLY C 512 -32.31 -61.56 -15.11
CA GLY C 512 -32.46 -60.71 -16.27
C GLY C 512 -32.29 -59.23 -16.00
N ALA C 513 -31.62 -58.85 -14.91
CA ALA C 513 -31.45 -57.46 -14.54
C ALA C 513 -29.98 -57.10 -14.50
N SER C 514 -29.67 -55.87 -14.88
CA SER C 514 -28.31 -55.35 -14.79
C SER C 514 -28.15 -54.53 -13.52
N VAL C 515 -26.89 -54.25 -13.17
CA VAL C 515 -26.57 -53.40 -12.04
C VAL C 515 -25.60 -52.32 -12.52
N SER C 516 -25.41 -51.31 -11.68
CA SER C 516 -24.54 -50.18 -12.03
C SER C 516 -23.15 -50.67 -12.38
N ALA C 517 -22.52 -49.98 -13.34
CA ALA C 517 -21.12 -50.24 -13.63
C ALA C 517 -20.22 -49.86 -12.46
N LYS C 518 -20.70 -49.00 -11.56
CA LYS C 518 -19.92 -48.53 -10.42
C LYS C 518 -20.52 -49.05 -9.12
N PRO C 519 -19.75 -49.83 -8.36
CA PRO C 519 -20.25 -50.41 -7.12
C PRO C 519 -20.86 -49.37 -6.20
N GLU C 520 -21.94 -49.75 -5.52
CA GLU C 520 -22.73 -48.84 -4.75
C GLU C 520 -23.39 -49.65 -3.63
N LEU C 521 -22.55 -50.05 -2.70
CA LEU C 521 -23.02 -50.71 -1.48
C LEU C 521 -23.61 -49.66 -0.55
N PRO C 522 -24.75 -49.93 0.08
CA PRO C 522 -25.39 -48.91 0.93
C PRO C 522 -24.62 -48.68 2.22
N LEU C 523 -24.90 -47.53 2.82
CA LEU C 523 -24.35 -47.21 4.13
C LEU C 523 -25.13 -47.94 5.22
N PHE C 524 -24.72 -47.68 6.47
CA PHE C 524 -25.33 -48.25 7.66
C PHE C 524 -26.33 -47.24 8.24
N TYR C 525 -27.54 -47.70 8.56
CA TYR C 525 -28.61 -46.80 8.98
C TYR C 525 -29.27 -47.28 10.27
N THR C 526 -29.78 -46.32 11.07
CA THR C 526 -30.54 -46.60 12.29
C THR C 526 -31.75 -45.68 12.30
N PRO C 527 -32.69 -45.81 13.25
CA PRO C 527 -33.79 -44.85 13.33
C PRO C 527 -33.34 -43.40 13.55
N VAL C 528 -32.12 -43.18 14.04
CA VAL C 528 -31.63 -41.82 14.24
C VAL C 528 -31.63 -41.05 12.93
N ASP C 529 -31.36 -41.73 11.81
CA ASP C 529 -31.24 -41.07 10.52
C ASP C 529 -32.57 -40.56 9.99
N LEU C 530 -33.69 -41.01 10.58
CA LEU C 530 -35.01 -40.54 10.19
C LEU C 530 -35.45 -39.29 10.93
N VAL C 531 -34.66 -38.81 11.89
CA VAL C 531 -35.05 -37.65 12.69
C VAL C 531 -35.06 -36.40 11.82
N ASP C 532 -36.13 -35.62 11.94
CA ASP C 532 -36.33 -34.41 11.16
C ASP C 532 -35.63 -33.23 11.85
N ILE C 533 -34.68 -32.60 11.16
CA ILE C 533 -33.99 -31.45 11.74
C ILE C 533 -34.26 -30.19 10.92
N SER C 534 -35.40 -30.16 10.22
CA SER C 534 -35.76 -28.93 9.53
C SER C 534 -36.28 -27.90 10.53
N VAL C 535 -36.23 -26.63 10.13
CA VAL C 535 -36.73 -25.55 10.98
C VAL C 535 -37.27 -24.45 10.09
N GLU C 536 -38.25 -23.74 10.63
CA GLU C 536 -39.00 -22.68 9.95
C GLU C 536 -38.59 -21.38 10.64
N MET C 537 -38.17 -20.37 9.88
CA MET C 537 -37.85 -19.12 10.57
C MET C 537 -38.04 -17.94 9.64
N ALA C 538 -38.80 -16.94 10.13
CA ALA C 538 -39.12 -15.72 9.39
C ALA C 538 -39.80 -16.04 8.07
N GLY C 539 -40.63 -17.07 8.03
CA GLY C 539 -41.30 -17.50 6.83
C GLY C 539 -40.50 -18.38 5.90
N LEU C 540 -39.23 -18.63 6.21
CA LEU C 540 -38.35 -19.44 5.37
C LEU C 540 -38.22 -20.86 5.92
N LYS C 541 -37.97 -21.78 5.01
CA LYS C 541 -37.92 -23.21 5.29
C LYS C 541 -36.47 -23.66 5.15
N PHE C 542 -35.85 -24.06 6.27
CA PHE C 542 -34.48 -24.56 6.26
C PHE C 542 -34.51 -26.08 6.37
N ILE C 543 -33.85 -26.77 5.44
CA ILE C 543 -33.85 -28.22 5.52
C ILE C 543 -33.00 -28.73 6.69
N ASN C 544 -32.06 -27.92 7.17
CA ASN C 544 -31.40 -28.14 8.44
C ASN C 544 -30.92 -26.79 8.94
N PRO C 545 -30.59 -26.66 10.23
CA PRO C 545 -30.29 -25.33 10.79
C PRO C 545 -28.87 -24.82 10.59
N PHE C 546 -28.03 -25.52 9.82
CA PHE C 546 -26.63 -25.17 9.69
C PHE C 546 -26.36 -24.45 8.38
N GLY C 547 -25.64 -23.33 8.45
CA GLY C 547 -25.33 -22.57 7.27
C GLY C 547 -23.97 -21.89 7.36
N LEU C 548 -23.47 -21.48 6.21
CA LEU C 548 -22.18 -20.82 6.14
C LEU C 548 -22.35 -19.33 6.42
N ALA C 549 -21.56 -18.81 7.36
CA ALA C 549 -21.55 -17.37 7.59
C ALA C 549 -21.00 -16.62 6.38
N SER C 550 -21.28 -15.32 6.34
CA SER C 550 -20.66 -14.44 5.36
C SER C 550 -19.20 -14.29 5.76
N ALA C 551 -18.30 -14.98 5.06
CA ALA C 551 -16.90 -15.04 5.51
C ALA C 551 -16.06 -15.74 4.45
N ALA C 552 -14.83 -16.06 4.82
CA ALA C 552 -13.90 -16.66 3.86
C ALA C 552 -14.43 -17.94 3.21
N PRO C 553 -15.17 -18.82 3.90
CA PRO C 553 -15.74 -19.97 3.19
C PRO C 553 -16.77 -19.62 2.13
N THR C 554 -17.29 -18.40 2.10
CA THR C 554 -18.16 -17.98 1.01
C THR C 554 -17.50 -16.91 0.14
N THR C 555 -16.16 -17.01 0.00
CA THR C 555 -15.42 -16.09 -0.85
C THR C 555 -15.91 -16.13 -2.29
N SER C 556 -16.28 -17.30 -2.78
CA SER C 556 -16.73 -17.50 -4.15
C SER C 556 -18.04 -18.28 -4.14
N SER C 557 -18.91 -17.99 -5.11
CA SER C 557 -20.17 -18.72 -5.17
C SER C 557 -19.98 -20.18 -5.54
N SER C 558 -18.87 -20.51 -6.21
CA SER C 558 -18.57 -21.90 -6.52
C SER C 558 -18.33 -22.70 -5.25
N MET C 559 -17.85 -22.06 -4.19
CA MET C 559 -17.72 -22.75 -2.91
C MET C 559 -19.09 -22.97 -2.26
N ILE C 560 -19.99 -22.00 -2.35
CA ILE C 560 -21.34 -22.20 -1.85
C ILE C 560 -22.00 -23.39 -2.55
N ARG C 561 -21.80 -23.50 -3.87
CA ARG C 561 -22.35 -24.63 -4.60
C ARG C 561 -21.86 -25.95 -4.03
N ARG C 562 -20.55 -26.08 -3.82
CA ARG C 562 -20.01 -27.31 -3.24
C ARG C 562 -20.52 -27.52 -1.82
N ALA C 563 -20.69 -26.45 -1.05
CA ALA C 563 -21.25 -26.59 0.28
C ALA C 563 -22.68 -27.13 0.23
N PHE C 564 -23.50 -26.62 -0.70
CA PHE C 564 -24.85 -27.15 -0.84
C PHE C 564 -24.83 -28.61 -1.25
N GLU C 565 -23.92 -28.98 -2.16
CA GLU C 565 -23.78 -30.37 -2.55
C GLU C 565 -23.36 -31.25 -1.38
N ALA C 566 -22.59 -30.70 -0.44
CA ALA C 566 -22.19 -31.46 0.74
C ALA C 566 -23.31 -31.60 1.76
N GLY C 567 -24.30 -30.71 1.74
CA GLY C 567 -25.46 -30.85 2.60
C GLY C 567 -25.83 -29.66 3.46
N TRP C 568 -25.08 -28.55 3.35
CA TRP C 568 -25.37 -27.38 4.17
C TRP C 568 -26.76 -26.82 3.88
N GLY C 569 -27.49 -26.47 4.95
CA GLY C 569 -28.86 -26.03 4.81
C GLY C 569 -29.01 -24.66 4.17
N PHE C 570 -28.08 -23.75 4.44
CA PHE C 570 -28.16 -22.40 3.88
C PHE C 570 -26.76 -21.81 3.79
N ALA C 571 -26.68 -20.64 3.16
CA ALA C 571 -25.40 -19.94 3.04
C ALA C 571 -25.62 -18.45 2.85
N LEU C 572 -24.71 -17.68 3.43
CA LEU C 572 -24.60 -16.25 3.19
C LEU C 572 -23.60 -16.02 2.08
N THR C 573 -23.83 -15.00 1.26
CA THR C 573 -22.74 -14.53 0.42
C THR C 573 -21.75 -13.74 1.29
N LYS C 574 -20.49 -13.68 0.85
CA LYS C 574 -19.63 -12.63 1.37
C LYS C 574 -20.33 -11.29 1.17
N THR C 575 -20.16 -10.39 2.14
CA THR C 575 -20.77 -9.07 2.02
C THR C 575 -20.31 -8.38 0.75
N PHE C 576 -21.26 -7.91 -0.06
CA PHE C 576 -20.92 -7.15 -1.25
C PHE C 576 -21.58 -5.78 -1.22
N SER C 577 -21.10 -4.90 -2.10
CA SER C 577 -21.50 -3.51 -2.08
C SER C 577 -21.69 -3.03 -3.52
N LEU C 578 -22.05 -1.75 -3.65
CA LEU C 578 -22.16 -1.13 -4.96
C LEU C 578 -20.77 -0.88 -5.53
N ASP C 579 -20.71 -0.71 -6.86
CA ASP C 579 -19.43 -0.59 -7.55
C ASP C 579 -18.60 0.57 -6.99
N LYS C 580 -19.25 1.68 -6.66
CA LYS C 580 -18.52 2.83 -6.15
C LYS C 580 -17.83 2.53 -4.83
N ASP C 581 -18.23 1.47 -4.14
CA ASP C 581 -17.69 1.12 -2.83
C ASP C 581 -16.68 -0.01 -2.90
N ILE C 582 -16.17 -0.32 -4.10
CA ILE C 582 -15.30 -1.46 -4.30
C ILE C 582 -14.05 -1.34 -3.41
N VAL C 583 -13.57 -2.48 -2.92
CA VAL C 583 -12.50 -2.51 -1.93
C VAL C 583 -11.33 -3.35 -2.46
N THR C 584 -10.19 -3.22 -1.79
CA THR C 584 -9.00 -4.00 -2.09
C THR C 584 -8.38 -4.50 -0.78
N ASN C 585 -8.24 -5.82 -0.66
CA ASN C 585 -7.69 -6.43 0.55
C ASN C 585 -6.18 -6.25 0.62
N VAL C 586 -5.66 -6.32 1.85
CA VAL C 586 -4.24 -6.41 2.08
C VAL C 586 -3.88 -7.85 2.39
N SER C 587 -2.58 -8.14 2.43
CA SER C 587 -2.09 -9.45 2.85
C SER C 587 -0.76 -9.27 3.59
N PRO C 588 -0.51 -10.07 4.64
CA PRO C 588 -1.36 -11.11 5.25
C PRO C 588 -2.61 -10.53 5.90
N ARG C 589 -3.67 -11.32 6.08
CA ARG C 589 -4.86 -10.74 6.72
C ARG C 589 -5.68 -11.70 7.57
N ILE C 590 -5.38 -13.00 7.58
CA ILE C 590 -6.06 -13.93 8.47
C ILE C 590 -4.99 -14.75 9.19
N VAL C 591 -4.99 -14.69 10.52
CA VAL C 591 -3.96 -15.34 11.34
C VAL C 591 -4.62 -16.24 12.39
N ARG C 592 -3.85 -17.23 12.83
CA ARG C 592 -4.32 -18.13 13.88
C ARG C 592 -4.38 -17.41 15.22
N GLY C 593 -5.27 -17.89 16.09
CA GLY C 593 -5.37 -17.33 17.42
C GLY C 593 -4.27 -17.81 18.34
N THR C 594 -3.90 -16.94 19.27
CA THR C 594 -2.99 -17.26 20.36
C THR C 594 -3.75 -17.54 21.65
N THR C 595 -5.08 -17.67 21.56
CA THR C 595 -5.99 -17.75 22.70
C THR C 595 -5.90 -19.06 23.47
N SER C 596 -5.18 -20.06 22.96
CA SER C 596 -4.99 -21.30 23.70
C SER C 596 -3.56 -21.80 23.59
N GLY C 597 -2.60 -20.87 23.48
CA GLY C 597 -1.20 -21.21 23.54
C GLY C 597 -0.65 -21.70 22.22
N PRO C 598 0.62 -22.14 22.25
CA PRO C 598 1.33 -22.57 21.04
C PRO C 598 0.97 -23.99 20.60
N MET C 599 -0.32 -24.18 20.30
CA MET C 599 -0.84 -25.43 19.77
C MET C 599 -1.22 -25.18 18.33
N TYR C 600 -0.58 -25.89 17.41
CA TYR C 600 -0.74 -25.66 15.98
C TYR C 600 -1.48 -26.81 15.33
N GLY C 601 -2.04 -26.54 14.15
CA GLY C 601 -2.77 -27.56 13.42
C GLY C 601 -4.26 -27.52 13.70
N PRO C 602 -4.85 -28.69 13.92
CA PRO C 602 -6.32 -28.78 13.99
C PRO C 602 -6.87 -28.03 15.20
N GLY C 603 -8.11 -27.56 15.05
CA GLY C 603 -8.84 -26.99 16.17
C GLY C 603 -8.24 -25.73 16.75
N GLN C 604 -7.82 -24.79 15.92
CA GLN C 604 -7.44 -23.48 16.42
C GLN C 604 -8.61 -22.88 17.19
N SER C 605 -8.31 -22.33 18.37
CA SER C 605 -9.38 -21.82 19.23
C SER C 605 -9.88 -20.46 18.79
N SER C 606 -9.21 -19.81 17.84
CA SER C 606 -9.69 -18.55 17.28
C SER C 606 -8.88 -18.24 16.03
N PHE C 607 -9.41 -17.31 15.23
CA PHE C 607 -8.67 -16.62 14.19
C PHE C 607 -8.87 -15.12 14.39
N LEU C 608 -7.96 -14.34 13.83
CA LEU C 608 -8.15 -12.90 13.69
C LEU C 608 -8.00 -12.54 12.21
N ASN C 609 -8.89 -11.67 11.73
CA ASN C 609 -8.82 -11.25 10.35
C ASN C 609 -8.92 -9.73 10.24
N ILE C 610 -8.22 -9.17 9.26
CA ILE C 610 -8.38 -7.78 8.90
C ILE C 610 -8.91 -7.73 7.47
N GLU C 611 -9.78 -8.66 7.13
CA GLU C 611 -10.35 -8.72 5.80
C GLU C 611 -11.47 -7.68 5.67
N LEU C 612 -11.71 -7.25 4.44
CA LEU C 612 -12.77 -6.30 4.14
C LEU C 612 -13.99 -7.07 3.61
N ILE C 613 -14.95 -6.35 3.06
CA ILE C 613 -16.06 -6.99 2.35
C ILE C 613 -15.51 -7.64 1.08
N SER C 614 -16.40 -8.28 0.32
CA SER C 614 -15.99 -8.99 -0.88
C SER C 614 -15.29 -8.08 -1.88
N GLU C 615 -14.24 -8.61 -2.51
CA GLU C 615 -13.62 -7.95 -3.64
C GLU C 615 -14.35 -8.22 -4.95
N LYS C 616 -15.34 -9.11 -4.94
CA LYS C 616 -16.11 -9.41 -6.14
C LYS C 616 -17.31 -8.46 -6.23
N THR C 617 -17.73 -8.18 -7.47
CA THR C 617 -18.72 -7.14 -7.71
C THR C 617 -20.13 -7.61 -7.36
N ALA C 618 -21.02 -6.64 -7.16
CA ALA C 618 -22.43 -6.95 -6.96
C ALA C 618 -23.01 -7.71 -8.14
N ALA C 619 -22.55 -7.43 -9.35
CA ALA C 619 -23.04 -8.14 -10.53
C ALA C 619 -22.67 -9.62 -10.46
N TYR C 620 -21.42 -9.92 -10.10
CA TYR C 620 -21.02 -11.31 -9.88
C TYR C 620 -21.92 -11.97 -8.86
N TRP C 621 -22.14 -11.30 -7.72
CA TRP C 621 -22.89 -11.93 -6.63
C TRP C 621 -24.36 -12.09 -6.99
N CYS C 622 -24.96 -11.09 -7.65
CA CYS C 622 -26.37 -11.21 -8.00
C CYS C 622 -26.59 -12.27 -9.07
N GLN C 623 -25.75 -12.30 -10.10
CA GLN C 623 -25.81 -13.41 -11.06
C GLN C 623 -25.60 -14.74 -10.35
N SER C 624 -24.66 -14.79 -9.40
CA SER C 624 -24.38 -16.02 -8.68
C SER C 624 -25.60 -16.49 -7.89
N VAL C 625 -26.29 -15.56 -7.23
CA VAL C 625 -27.44 -15.93 -6.43
C VAL C 625 -28.53 -16.53 -7.31
N THR C 626 -28.77 -15.92 -8.47
CA THR C 626 -29.73 -16.48 -9.43
C THR C 626 -29.36 -17.90 -9.81
N GLU C 627 -28.09 -18.14 -10.13
CA GLU C 627 -27.63 -19.49 -10.48
C GLU C 627 -27.86 -20.46 -9.33
N LEU C 628 -27.48 -20.07 -8.11
CA LEU C 628 -27.58 -20.98 -6.97
C LEU C 628 -29.04 -21.29 -6.64
N LYS C 629 -29.92 -20.30 -6.72
CA LYS C 629 -31.33 -20.55 -6.42
C LYS C 629 -31.99 -21.37 -7.52
N ALA C 630 -31.54 -21.23 -8.77
CA ALA C 630 -32.08 -22.06 -9.84
C ALA C 630 -31.67 -23.52 -9.65
N ASP C 631 -30.45 -23.74 -9.16
CA ASP C 631 -29.92 -25.09 -9.03
C ASP C 631 -30.21 -25.74 -7.69
N PHE C 632 -30.41 -24.95 -6.64
CA PHE C 632 -30.64 -25.46 -5.28
C PHE C 632 -31.85 -24.77 -4.67
N PRO C 633 -33.04 -25.00 -5.21
CA PRO C 633 -34.23 -24.28 -4.73
C PRO C 633 -34.57 -24.53 -3.28
N ASP C 634 -34.12 -25.65 -2.70
CA ASP C 634 -34.43 -25.94 -1.31
C ASP C 634 -33.38 -25.42 -0.34
N ASN C 635 -32.22 -24.97 -0.84
CA ASN C 635 -31.18 -24.43 0.01
C ASN C 635 -31.37 -22.92 0.09
N ILE C 636 -31.36 -22.37 1.30
CA ILE C 636 -31.62 -20.95 1.49
C ILE C 636 -30.36 -20.16 1.20
N VAL C 637 -30.48 -19.11 0.39
CA VAL C 637 -29.38 -18.21 0.06
C VAL C 637 -29.72 -16.83 0.60
N ILE C 638 -28.87 -16.29 1.46
CA ILE C 638 -29.05 -14.98 2.05
C ILE C 638 -27.96 -14.07 1.51
N ALA C 639 -28.35 -12.93 0.95
CA ALA C 639 -27.40 -11.98 0.38
C ALA C 639 -26.96 -10.99 1.45
N SER C 640 -25.66 -10.98 1.78
CA SER C 640 -25.12 -10.03 2.74
C SER C 640 -24.65 -8.79 1.99
N ILE C 641 -25.11 -7.61 2.42
CA ILE C 641 -24.86 -6.37 1.69
C ILE C 641 -24.43 -5.28 2.68
N MET C 642 -23.68 -4.30 2.15
CA MET C 642 -23.28 -3.16 2.95
C MET C 642 -23.25 -1.90 2.10
N CYS C 643 -23.74 -0.81 2.67
CA CYS C 643 -23.61 0.53 2.12
C CYS C 643 -23.13 1.46 3.21
N SER C 644 -22.68 2.65 2.79
CA SER C 644 -22.48 3.74 3.73
C SER C 644 -23.84 4.28 4.16
N TYR C 645 -23.84 5.22 5.10
CA TYR C 645 -25.09 5.70 5.68
C TYR C 645 -25.80 6.58 4.65
N ASN C 646 -26.45 5.92 3.70
CA ASN C 646 -27.03 6.60 2.55
C ASN C 646 -28.31 5.88 2.14
N LYS C 647 -29.43 6.59 2.20
CA LYS C 647 -30.73 5.96 1.93
C LYS C 647 -30.80 5.38 0.53
N ASN C 648 -30.46 6.18 -0.49
CA ASN C 648 -30.59 5.72 -1.87
C ASN C 648 -29.72 4.50 -2.13
N ASP C 649 -28.53 4.46 -1.53
CA ASP C 649 -27.63 3.33 -1.73
C ASP C 649 -28.20 2.05 -1.15
N TRP C 650 -28.62 2.08 0.12
CA TRP C 650 -29.18 0.88 0.74
C TRP C 650 -30.42 0.40 -0.01
N MET C 651 -31.24 1.33 -0.49
CA MET C 651 -32.43 0.97 -1.25
C MET C 651 -32.05 0.35 -2.59
N GLU C 652 -31.07 0.94 -3.28
CA GLU C 652 -30.64 0.40 -4.57
C GLU C 652 -30.04 -0.99 -4.42
N LEU C 653 -29.14 -1.17 -3.44
CA LEU C 653 -28.43 -2.44 -3.35
C LEU C 653 -29.33 -3.56 -2.87
N SER C 654 -30.22 -3.27 -1.91
CA SER C 654 -31.12 -4.30 -1.42
C SER C 654 -32.09 -4.75 -2.51
N ARG C 655 -32.57 -3.82 -3.33
CA ARG C 655 -33.46 -4.18 -4.42
C ARG C 655 -32.74 -5.04 -5.46
N LYS C 656 -31.48 -4.73 -5.74
CA LYS C 656 -30.71 -5.54 -6.68
C LYS C 656 -30.55 -6.97 -6.18
N ALA C 657 -30.25 -7.13 -4.88
CA ALA C 657 -30.10 -8.48 -4.34
C ALA C 657 -31.43 -9.21 -4.30
N GLU C 658 -32.51 -8.50 -3.94
CA GLU C 658 -33.84 -9.12 -3.98
C GLU C 658 -34.20 -9.57 -5.38
N ALA C 659 -33.95 -8.73 -6.39
CA ALA C 659 -34.30 -9.09 -7.75
C ALA C 659 -33.53 -10.31 -8.23
N SER C 660 -32.36 -10.56 -7.65
CA SER C 660 -31.55 -11.70 -8.08
C SER C 660 -32.10 -13.03 -7.57
N GLY C 661 -33.07 -13.02 -6.67
CA GLY C 661 -33.64 -14.23 -6.15
C GLY C 661 -33.20 -14.64 -4.76
N ALA C 662 -32.49 -13.76 -4.04
CA ALA C 662 -32.12 -14.06 -2.67
C ALA C 662 -33.36 -14.36 -1.84
N ASP C 663 -33.25 -15.38 -0.97
CA ASP C 663 -34.36 -15.70 -0.07
C ASP C 663 -34.56 -14.62 0.97
N ALA C 664 -33.46 -13.96 1.36
CA ALA C 664 -33.45 -12.98 2.43
C ALA C 664 -32.18 -12.16 2.29
N LEU C 665 -32.13 -11.04 3.00
CA LEU C 665 -30.93 -10.22 3.06
C LEU C 665 -30.37 -10.21 4.47
N GLU C 666 -29.07 -10.00 4.56
CA GLU C 666 -28.39 -9.74 5.83
C GLU C 666 -27.64 -8.42 5.66
N LEU C 667 -27.95 -7.46 6.53
CA LEU C 667 -27.35 -6.13 6.46
C LEU C 667 -26.10 -6.11 7.35
N ASN C 668 -24.95 -5.92 6.74
CA ASN C 668 -23.70 -5.87 7.50
C ASN C 668 -23.55 -4.45 8.04
N LEU C 669 -23.65 -4.29 9.35
CA LEU C 669 -23.67 -2.96 9.97
C LEU C 669 -22.29 -2.48 10.38
N SER C 670 -21.23 -2.90 9.68
CA SER C 670 -19.86 -2.51 9.99
C SER C 670 -19.43 -1.22 9.31
N SER C 671 -20.32 -0.58 8.55
CA SER C 671 -19.88 0.56 7.75
C SER C 671 -19.54 1.75 8.66
N PRO C 672 -18.45 2.46 8.38
CA PRO C 672 -18.02 3.54 9.27
C PRO C 672 -18.99 4.70 9.17
N HIS C 673 -19.08 5.45 10.24
CA HIS C 673 -19.77 6.74 10.23
C HIS C 673 -21.24 6.53 10.06
N LEU C 682 -16.37 4.23 14.02
CA LEU C 682 -17.53 4.62 14.82
C LEU C 682 -18.76 3.76 14.50
N ALA C 683 -18.83 3.25 13.27
CA ALA C 683 -19.70 2.13 12.86
C ALA C 683 -21.20 2.27 13.11
N CYS C 684 -22.00 2.08 12.05
CA CYS C 684 -23.44 2.16 12.16
C CYS C 684 -23.99 1.19 13.20
N GLY C 685 -23.44 -0.02 13.25
CA GLY C 685 -23.93 -1.04 14.16
C GLY C 685 -23.79 -0.72 15.64
N GLN C 686 -23.07 0.35 15.98
CA GLN C 686 -22.91 0.76 17.36
C GLN C 686 -23.86 1.87 17.79
N ASP C 687 -24.77 2.29 16.91
CA ASP C 687 -25.71 3.39 17.18
C ASP C 687 -27.13 2.93 16.88
N PRO C 688 -28.00 2.82 17.89
CA PRO C 688 -29.39 2.39 17.62
C PRO C 688 -30.12 3.25 16.59
N GLU C 689 -29.86 4.56 16.53
CA GLU C 689 -30.59 5.40 15.58
C GLU C 689 -30.16 5.11 14.15
N LEU C 690 -28.86 4.90 13.94
CA LEU C 690 -28.39 4.57 12.59
C LEU C 690 -28.96 3.23 12.14
N VAL C 691 -28.97 2.24 13.03
CA VAL C 691 -29.45 0.91 12.70
C VAL C 691 -30.95 0.95 12.38
N ARG C 692 -31.73 1.66 13.20
CA ARG C 692 -33.16 1.77 12.93
C ARG C 692 -33.44 2.39 11.57
N ASN C 693 -32.71 3.45 11.22
CA ASN C 693 -32.94 4.11 9.94
C ASN C 693 -32.56 3.21 8.76
N ILE C 694 -31.43 2.52 8.86
CA ILE C 694 -31.00 1.62 7.78
C ILE C 694 -32.05 0.54 7.57
N CYS C 695 -32.53 -0.07 8.66
CA CYS C 695 -33.48 -1.17 8.54
C CYS C 695 -34.77 -0.73 7.86
N ARG C 696 -35.27 0.44 8.18
CA ARG C 696 -36.52 0.76 7.55
C ARG C 696 -36.34 1.33 6.14
N TRP C 697 -35.15 1.85 5.80
CA TRP C 697 -34.87 2.10 4.39
C TRP C 697 -34.98 0.82 3.59
N VAL C 698 -34.38 -0.26 4.11
CA VAL C 698 -34.43 -1.54 3.43
C VAL C 698 -35.84 -2.11 3.46
N ARG C 699 -36.56 -1.93 4.57
CA ARG C 699 -37.91 -2.46 4.66
C ARG C 699 -38.82 -1.82 3.60
N GLN C 700 -38.65 -0.52 3.35
CA GLN C 700 -39.39 0.15 2.28
C GLN C 700 -39.06 -0.42 0.92
N ALA C 701 -37.82 -0.88 0.74
CA ALA C 701 -37.30 -1.19 -0.58
C ALA C 701 -37.61 -2.60 -1.04
N VAL C 702 -37.62 -3.57 -0.11
CA VAL C 702 -37.78 -4.96 -0.48
C VAL C 702 -38.95 -5.57 0.28
N GLN C 703 -39.52 -6.62 -0.31
CA GLN C 703 -40.58 -7.40 0.32
C GLN C 703 -40.06 -8.64 1.03
N ILE C 704 -38.85 -9.10 0.72
CA ILE C 704 -38.31 -10.34 1.26
C ILE C 704 -37.83 -10.10 2.70
N PRO C 705 -37.68 -11.14 3.51
CA PRO C 705 -37.17 -10.94 4.87
C PRO C 705 -35.75 -10.40 4.86
N PHE C 706 -35.41 -9.64 5.90
CA PHE C 706 -34.02 -9.24 6.06
C PHE C 706 -33.65 -9.21 7.54
N PHE C 707 -32.36 -9.41 7.79
CA PHE C 707 -31.80 -9.57 9.12
C PHE C 707 -30.66 -8.59 9.31
N ALA C 708 -30.60 -7.93 10.46
CA ALA C 708 -29.50 -7.03 10.76
C ALA C 708 -28.40 -7.80 11.48
N LYS C 709 -27.18 -7.74 10.96
CA LYS C 709 -26.06 -8.45 11.59
C LYS C 709 -25.40 -7.51 12.59
N LEU C 710 -25.48 -7.88 13.87
CA LEU C 710 -25.06 -7.02 14.96
C LEU C 710 -23.59 -7.24 15.30
N THR C 711 -22.94 -6.17 15.74
CA THR C 711 -21.60 -6.29 16.28
C THR C 711 -21.68 -6.53 17.79
N PRO C 712 -20.78 -7.38 18.33
CA PRO C 712 -20.69 -7.53 19.78
C PRO C 712 -19.92 -6.41 20.46
N ASN C 713 -19.33 -5.51 19.68
CA ASN C 713 -18.47 -4.45 20.22
C ASN C 713 -19.29 -3.22 20.58
N VAL C 714 -20.28 -3.44 21.44
CA VAL C 714 -21.22 -2.41 21.87
C VAL C 714 -21.52 -2.58 23.35
N THR C 715 -21.82 -1.47 24.01
CA THR C 715 -22.22 -1.52 25.42
C THR C 715 -23.49 -2.33 25.61
N ASP C 716 -24.49 -2.12 24.75
CA ASP C 716 -25.84 -2.66 24.96
C ASP C 716 -26.35 -3.21 23.64
N ILE C 717 -26.06 -4.50 23.37
CA ILE C 717 -26.45 -5.09 22.09
C ILE C 717 -27.96 -5.23 21.99
N VAL C 718 -28.67 -5.32 23.12
CA VAL C 718 -30.11 -5.45 23.08
C VAL C 718 -30.74 -4.19 22.50
N SER C 719 -30.18 -3.02 22.83
CA SER C 719 -30.70 -1.78 22.27
C SER C 719 -30.53 -1.73 20.76
N ILE C 720 -29.49 -2.36 20.22
CA ILE C 720 -29.32 -2.39 18.77
C ILE C 720 -30.32 -3.35 18.14
N ALA C 721 -30.48 -4.53 18.72
CA ALA C 721 -31.46 -5.50 18.20
C ALA C 721 -32.87 -4.93 18.24
N ARG C 722 -33.24 -4.25 19.33
CA ARG C 722 -34.55 -3.61 19.40
C ARG C 722 -34.71 -2.55 18.32
N ALA C 723 -33.66 -1.75 18.09
CA ALA C 723 -33.74 -0.72 17.07
C ALA C 723 -33.91 -1.33 15.68
N ALA C 724 -33.25 -2.46 15.43
CA ALA C 724 -33.45 -3.16 14.16
C ALA C 724 -34.89 -3.63 14.02
N LYS C 725 -35.46 -4.17 15.11
CA LYS C 725 -36.86 -4.62 15.05
C LYS C 725 -37.80 -3.44 14.86
N GLU C 726 -37.53 -2.33 15.52
CA GLU C 726 -38.33 -1.12 15.33
C GLU C 726 -38.26 -0.63 13.89
N GLY C 727 -37.10 -0.78 13.25
CA GLY C 727 -36.95 -0.40 11.86
C GLY C 727 -37.60 -1.33 10.87
N GLY C 728 -38.05 -2.51 11.30
CA GLY C 728 -38.71 -3.44 10.42
C GLY C 728 -37.92 -4.66 10.03
N ALA C 729 -36.76 -4.88 10.65
CA ALA C 729 -36.01 -6.11 10.41
C ALA C 729 -36.83 -7.32 10.86
N ASP C 730 -36.65 -8.44 10.16
CA ASP C 730 -37.35 -9.68 10.49
C ASP C 730 -36.56 -10.56 11.44
N GLY C 731 -35.38 -10.12 11.86
CA GLY C 731 -34.55 -10.88 12.76
C GLY C 731 -33.19 -10.23 12.83
N VAL C 732 -32.34 -10.78 13.69
CA VAL C 732 -30.97 -10.31 13.79
C VAL C 732 -30.01 -11.50 13.72
N THR C 733 -28.84 -11.24 13.18
CA THR C 733 -27.72 -12.17 13.25
C THR C 733 -26.81 -11.73 14.39
N ALA C 734 -26.54 -12.63 15.31
CA ALA C 734 -25.75 -12.34 16.49
C ALA C 734 -24.72 -13.45 16.64
N THR C 735 -23.42 -13.12 16.50
CA THR C 735 -22.91 -11.78 16.24
C THR C 735 -21.75 -11.79 15.25
N ASN C 736 -21.29 -10.61 14.85
CA ASN C 736 -20.06 -10.47 14.08
C ASN C 736 -18.85 -10.71 14.99
N THR C 737 -17.65 -10.42 14.50
CA THR C 737 -16.43 -10.70 15.24
C THR C 737 -16.20 -9.67 16.34
N VAL C 738 -15.40 -10.09 17.32
CA VAL C 738 -15.01 -9.26 18.46
C VAL C 738 -13.71 -8.55 18.11
N SER C 739 -13.67 -7.24 18.32
CA SER C 739 -12.49 -6.47 17.91
C SER C 739 -11.31 -6.78 18.84
N GLY C 740 -10.13 -6.95 18.25
CA GLY C 740 -9.00 -7.38 19.06
C GLY C 740 -7.68 -7.20 18.35
N LEU C 741 -6.62 -7.47 19.11
CA LEU C 741 -5.25 -7.50 18.61
C LEU C 741 -4.65 -8.81 19.09
N MET C 742 -4.31 -9.70 18.16
CA MET C 742 -4.06 -11.08 18.54
C MET C 742 -2.72 -11.26 19.25
N GLY C 743 -1.74 -10.42 18.97
CA GLY C 743 -0.49 -10.50 19.70
C GLY C 743 0.62 -9.80 18.95
N LEU C 744 1.79 -9.81 19.59
CA LEU C 744 2.99 -9.22 19.01
C LEU C 744 4.14 -10.20 19.11
N LYS C 745 5.01 -10.17 18.10
CA LYS C 745 6.33 -10.77 18.21
C LYS C 745 7.10 -10.20 19.39
N ALA C 746 8.14 -10.91 19.81
CA ALA C 746 8.99 -10.44 20.89
C ALA C 746 9.75 -9.16 20.53
N ASP C 747 9.91 -8.87 19.24
CA ASP C 747 10.50 -7.60 18.86
C ASP C 747 9.50 -6.45 18.83
N GLY C 748 8.23 -6.71 19.16
CA GLY C 748 7.22 -5.69 19.19
C GLY C 748 6.41 -5.53 17.92
N THR C 749 6.73 -6.29 16.86
CA THR C 749 5.96 -6.18 15.64
C THR C 749 4.69 -7.04 15.71
N PRO C 750 3.62 -6.62 15.05
CA PRO C 750 2.35 -7.33 15.15
C PRO C 750 2.27 -8.51 14.19
N TRP C 751 1.22 -9.31 14.38
CA TRP C 751 0.86 -10.35 13.42
C TRP C 751 -0.66 -10.39 13.32
N PRO C 752 -1.25 -10.14 12.14
CA PRO C 752 -0.58 -9.93 10.86
C PRO C 752 0.21 -8.62 10.77
N ALA C 753 1.35 -8.66 10.06
CA ALA C 753 2.15 -7.48 9.78
C ALA C 753 2.15 -7.26 8.28
N VAL C 754 1.75 -6.07 7.85
CA VAL C 754 1.56 -5.75 6.44
C VAL C 754 2.68 -4.81 5.99
N GLY C 755 3.39 -5.22 4.93
CA GLY C 755 4.39 -4.37 4.32
C GLY C 755 5.71 -4.36 5.05
N ALA C 756 6.67 -3.62 4.46
CA ALA C 756 7.97 -3.46 5.10
C ALA C 756 7.86 -2.70 6.41
N GLY C 757 6.85 -1.83 6.54
CA GLY C 757 6.61 -1.14 7.80
C GLY C 757 6.08 -2.01 8.91
N LYS C 758 5.69 -3.26 8.61
CA LYS C 758 5.21 -4.21 9.60
C LYS C 758 3.98 -3.68 10.33
N ARG C 759 3.06 -3.06 9.59
CA ARG C 759 1.94 -2.38 10.21
C ARG C 759 0.74 -3.31 10.37
N THR C 760 -0.17 -2.94 11.25
CA THR C 760 -1.41 -3.71 11.40
C THR C 760 -2.52 -2.77 11.82
N THR C 761 -3.73 -3.32 11.90
CA THR C 761 -4.87 -2.62 12.45
C THR C 761 -5.67 -3.62 13.26
N TYR C 762 -6.55 -3.10 14.11
CA TYR C 762 -7.43 -3.97 14.90
C TYR C 762 -8.23 -4.87 13.97
N GLY C 763 -8.30 -6.16 14.34
CA GLY C 763 -8.99 -7.14 13.56
C GLY C 763 -10.17 -7.73 14.33
N GLY C 764 -10.89 -8.61 13.64
CA GLY C 764 -12.02 -9.31 14.24
C GLY C 764 -11.61 -10.70 14.68
N VAL C 765 -11.90 -11.01 15.94
CA VAL C 765 -11.65 -12.34 16.50
C VAL C 765 -12.87 -13.21 16.26
N SER C 766 -12.65 -14.41 15.73
CA SER C 766 -13.67 -15.41 15.46
C SER C 766 -13.28 -16.72 16.14
N GLY C 767 -14.23 -17.65 16.19
CA GLY C 767 -13.93 -19.00 16.66
C GLY C 767 -14.45 -19.27 18.06
N THR C 768 -14.00 -20.39 18.61
CA THR C 768 -14.55 -20.83 19.90
C THR C 768 -14.20 -19.86 21.02
N ALA C 769 -13.10 -19.11 20.89
CA ALA C 769 -12.72 -18.16 21.93
C ALA C 769 -13.77 -17.10 22.17
N ILE C 770 -14.58 -16.76 21.15
CA ILE C 770 -15.63 -15.76 21.29
C ILE C 770 -16.99 -16.37 21.54
N ARG C 771 -17.08 -17.69 21.60
CA ARG C 771 -18.39 -18.31 21.84
C ARG C 771 -19.08 -17.82 23.10
N PRO C 772 -18.41 -17.61 24.24
CA PRO C 772 -19.12 -17.07 25.40
C PRO C 772 -19.73 -15.70 25.15
N ILE C 773 -19.07 -14.88 24.32
CA ILE C 773 -19.59 -13.55 24.00
C ILE C 773 -20.83 -13.67 23.09
N ALA C 774 -20.75 -14.53 22.07
CA ALA C 774 -21.90 -14.69 21.18
C ALA C 774 -23.05 -15.38 21.90
N LEU C 775 -22.74 -16.34 22.77
CA LEU C 775 -23.80 -17.01 23.51
C LEU C 775 -24.53 -16.03 24.42
N ARG C 776 -23.79 -15.18 25.14
N ARG C 776 -23.77 -15.17 25.12
CA ARG C 776 -24.42 -14.16 25.96
CA ARG C 776 -24.40 -14.15 25.97
C ARG C 776 -25.31 -13.23 25.12
C ARG C 776 -25.28 -13.21 25.14
N ALA C 777 -24.80 -12.81 23.96
CA ALA C 777 -25.58 -11.90 23.12
C ALA C 777 -26.88 -12.55 22.64
N VAL C 778 -26.81 -13.81 22.21
CA VAL C 778 -28.00 -14.50 21.73
C VAL C 778 -29.04 -14.63 22.85
N THR C 779 -28.61 -15.05 24.05
CA THR C 779 -29.59 -15.15 25.14
C THR C 779 -30.07 -13.82 25.69
N THR C 780 -29.25 -12.75 25.69
CA THR C 780 -29.82 -11.48 26.16
C THR C 780 -30.88 -10.97 25.19
N ILE C 781 -30.64 -11.10 23.88
CA ILE C 781 -31.62 -10.66 22.89
C ILE C 781 -32.87 -11.53 22.97
N ALA C 782 -32.69 -12.85 23.06
CA ALA C 782 -33.83 -13.76 23.09
C ALA C 782 -34.71 -13.52 24.31
N ARG C 783 -34.11 -13.15 25.44
N ARG C 783 -34.11 -13.15 25.44
CA ARG C 783 -34.89 -12.85 26.63
CA ARG C 783 -34.90 -12.85 26.63
C ARG C 783 -35.58 -11.49 26.51
C ARG C 783 -35.57 -11.49 26.53
N ALA C 784 -34.90 -10.52 25.92
CA ALA C 784 -35.47 -9.18 25.80
C ALA C 784 -36.55 -9.10 24.73
N LEU C 785 -36.41 -9.85 23.66
CA LEU C 785 -37.30 -9.77 22.50
C LEU C 785 -37.85 -11.17 22.19
N PRO C 786 -38.79 -11.65 23.01
CA PRO C 786 -39.23 -13.05 22.88
C PRO C 786 -39.86 -13.31 21.52
N GLY C 787 -39.41 -14.41 20.89
CA GLY C 787 -39.91 -14.78 19.59
C GLY C 787 -39.23 -14.12 18.40
N PHE C 788 -38.43 -13.08 18.63
CA PHE C 788 -37.75 -12.41 17.53
C PHE C 788 -36.68 -13.33 16.94
N PRO C 789 -36.71 -13.63 15.64
CA PRO C 789 -35.77 -14.60 15.07
C PRO C 789 -34.32 -14.17 15.22
N ILE C 790 -33.48 -15.14 15.60
CA ILE C 790 -32.04 -14.92 15.78
C ILE C 790 -31.28 -15.95 14.97
N LEU C 791 -30.33 -15.48 14.17
CA LEU C 791 -29.36 -16.33 13.50
C LEU C 791 -28.05 -16.21 14.28
N ALA C 792 -27.59 -17.31 14.86
CA ALA C 792 -26.42 -17.28 15.73
C ALA C 792 -25.14 -17.48 14.95
N THR C 793 -24.09 -16.70 15.30
CA THR C 793 -22.75 -16.97 14.80
C THR C 793 -21.79 -16.70 15.94
N GLY C 794 -20.74 -17.49 16.04
CA GLY C 794 -19.75 -17.26 17.07
C GLY C 794 -19.29 -18.55 17.71
N GLY C 795 -18.36 -19.23 17.07
CA GLY C 795 -17.77 -20.42 17.65
C GLY C 795 -18.60 -21.67 17.59
N ILE C 796 -19.54 -21.77 16.65
CA ILE C 796 -20.30 -23.01 16.48
C ILE C 796 -19.44 -23.98 15.69
N ASP C 797 -19.16 -25.15 16.28
CA ASP C 797 -18.25 -26.10 15.65
C ASP C 797 -18.69 -27.54 15.84
N SER C 798 -19.95 -27.79 16.18
CA SER C 798 -20.42 -29.14 16.42
C SER C 798 -21.93 -29.09 16.57
N ALA C 799 -22.55 -30.26 16.48
CA ALA C 799 -23.98 -30.33 16.79
C ALA C 799 -24.23 -29.92 18.24
N GLU C 800 -23.34 -30.28 19.18
CA GLU C 800 -23.78 -30.02 20.53
C GLU C 800 -23.72 -28.49 20.77
N SER C 801 -22.74 -27.83 20.18
CA SER C 801 -22.61 -26.40 20.42
C SER C 801 -23.71 -25.65 19.68
N GLY C 802 -24.09 -26.15 18.50
CA GLY C 802 -25.27 -25.61 17.83
C GLY C 802 -26.52 -25.74 18.68
N LEU C 803 -26.68 -26.89 19.35
CA LEU C 803 -27.85 -27.07 20.22
C LEU C 803 -27.82 -26.12 21.40
N GLN C 804 -26.63 -25.78 21.91
CA GLN C 804 -26.55 -24.74 22.94
C GLN C 804 -27.15 -23.42 22.45
N PHE C 805 -26.87 -23.05 21.20
CA PHE C 805 -27.40 -21.78 20.69
C PHE C 805 -28.89 -21.88 20.40
N LEU C 806 -29.36 -23.03 19.91
CA LEU C 806 -30.78 -23.21 19.73
C LEU C 806 -31.51 -23.11 21.07
N HIS C 807 -31.01 -23.81 22.09
CA HIS C 807 -31.58 -23.73 23.43
C HIS C 807 -31.60 -22.29 23.93
N SER C 808 -30.66 -21.47 23.47
CA SER C 808 -30.49 -20.09 23.90
C SER C 808 -31.37 -19.10 23.13
N GLY C 809 -32.11 -19.56 22.14
CA GLY C 809 -33.04 -18.71 21.42
C GLY C 809 -32.79 -18.55 19.94
N ALA C 810 -31.69 -19.06 19.40
CA ALA C 810 -31.49 -18.98 17.96
C ALA C 810 -32.32 -20.03 17.24
N SER C 811 -32.64 -19.76 15.98
CA SER C 811 -33.34 -20.71 15.13
C SER C 811 -32.43 -21.43 14.14
N VAL C 812 -31.40 -20.74 13.65
CA VAL C 812 -30.44 -21.32 12.71
C VAL C 812 -29.04 -20.87 13.13
N LEU C 813 -28.05 -21.52 12.53
CA LEU C 813 -26.70 -21.56 13.08
C LEU C 813 -25.69 -21.31 11.97
N GLN C 814 -25.00 -20.17 12.01
CA GLN C 814 -24.00 -19.83 11.01
C GLN C 814 -22.61 -20.24 11.46
N VAL C 815 -21.78 -20.68 10.51
CA VAL C 815 -20.48 -21.26 10.81
C VAL C 815 -19.43 -20.65 9.88
N CYS C 816 -18.28 -20.26 10.46
CA CYS C 816 -17.14 -19.88 9.63
C CYS C 816 -15.88 -20.61 10.09
N SER C 817 -15.45 -20.34 11.33
CA SER C 817 -14.12 -20.75 11.76
C SER C 817 -13.97 -22.27 11.77
N ALA C 818 -15.03 -23.00 12.13
CA ALA C 818 -14.95 -24.45 12.13
C ALA C 818 -14.67 -25.00 10.74
N VAL C 819 -15.12 -24.30 9.69
CA VAL C 819 -14.80 -24.72 8.33
C VAL C 819 -13.36 -24.34 7.98
N GLN C 820 -12.93 -23.14 8.39
CA GLN C 820 -11.53 -22.76 8.17
C GLN C 820 -10.59 -23.74 8.84
N ASN C 821 -10.99 -24.29 9.99
CA ASN C 821 -10.24 -25.33 10.70
C ASN C 821 -10.30 -26.68 10.01
N GLN C 822 -11.19 -26.86 9.03
CA GLN C 822 -11.41 -28.18 8.47
C GLN C 822 -11.81 -28.08 7.00
N ASP C 823 -13.08 -28.32 6.70
CA ASP C 823 -13.59 -28.32 5.32
C ASP C 823 -15.12 -28.40 5.38
N PHE C 824 -15.75 -28.40 4.20
CA PHE C 824 -17.22 -28.36 4.13
C PHE C 824 -17.87 -29.64 4.65
N THR C 825 -17.16 -30.76 4.67
CA THR C 825 -17.81 -32.03 5.02
C THR C 825 -18.19 -32.12 6.49
N VAL C 826 -17.80 -31.14 7.32
CA VAL C 826 -18.25 -31.16 8.71
C VAL C 826 -19.76 -31.14 8.80
N ILE C 827 -20.47 -30.70 7.74
CA ILE C 827 -21.92 -30.65 7.78
C ILE C 827 -22.51 -32.04 8.07
N GLN C 828 -21.89 -33.09 7.53
CA GLN C 828 -22.47 -34.41 7.79
C GLN C 828 -22.31 -34.80 9.25
N ASP C 829 -21.23 -34.37 9.89
CA ASP C 829 -21.12 -34.54 11.33
C ASP C 829 -22.21 -33.76 12.07
N TYR C 830 -22.41 -32.49 11.70
CA TYR C 830 -23.36 -31.65 12.41
C TYR C 830 -24.77 -32.19 12.29
N CYS C 831 -25.14 -32.71 11.11
CA CYS C 831 -26.51 -33.20 10.92
C CYS C 831 -26.74 -34.50 11.66
N THR C 832 -25.84 -35.48 11.53
CA THR C 832 -26.03 -36.73 12.26
C THR C 832 -25.95 -36.50 13.76
N GLY C 833 -25.07 -35.57 14.19
CA GLY C 833 -24.98 -35.29 15.61
C GLY C 833 -26.24 -34.69 16.19
N LEU C 834 -26.87 -33.77 15.44
CA LEU C 834 -28.09 -33.14 15.94
C LEU C 834 -29.25 -34.14 15.96
N LYS C 835 -29.36 -34.96 14.91
CA LYS C 835 -30.37 -36.03 14.91
C LYS C 835 -30.22 -36.92 16.13
N ALA C 836 -28.98 -37.27 16.48
CA ALA C 836 -28.74 -38.16 17.61
C ALA C 836 -29.11 -37.51 18.92
N LEU C 837 -28.72 -36.25 19.12
CA LEU C 837 -29.07 -35.53 20.33
C LEU C 837 -30.58 -35.44 20.51
N LEU C 838 -31.31 -35.19 19.42
CA LEU C 838 -32.76 -35.11 19.52
C LEU C 838 -33.37 -36.48 19.77
N TYR C 839 -32.84 -37.52 19.09
CA TYR C 839 -33.34 -38.87 19.28
C TYR C 839 -33.17 -39.32 20.73
N LEU C 840 -32.01 -39.06 21.32
CA LEU C 840 -31.73 -39.53 22.67
C LEU C 840 -32.61 -38.86 23.71
N LYS C 841 -33.16 -37.68 23.42
CA LYS C 841 -34.07 -37.05 24.36
C LYS C 841 -35.34 -37.87 24.58
N SER C 842 -35.67 -38.78 23.67
CA SER C 842 -36.88 -39.58 23.79
C SER C 842 -36.66 -40.93 24.47
N ILE C 843 -35.43 -41.27 24.83
CA ILE C 843 -35.10 -42.58 25.36
C ILE C 843 -35.01 -42.48 26.88
N GLU C 844 -36.01 -43.01 27.59
CA GLU C 844 -36.00 -42.92 29.05
C GLU C 844 -34.79 -43.58 29.68
N GLU C 845 -34.32 -44.69 29.10
CA GLU C 845 -33.26 -45.45 29.75
C GLU C 845 -31.92 -44.72 29.73
N LEU C 846 -31.80 -43.64 28.96
CA LEU C 846 -30.53 -42.92 28.83
C LEU C 846 -30.62 -41.50 29.38
N GLN C 847 -31.60 -41.21 30.24
CA GLN C 847 -31.75 -39.84 30.72
C GLN C 847 -30.61 -39.40 31.62
N GLY C 848 -29.82 -40.35 32.15
CA GLY C 848 -28.64 -40.01 32.92
C GLY C 848 -27.44 -39.59 32.10
N TRP C 849 -27.52 -39.68 30.78
CA TRP C 849 -26.46 -39.23 29.91
C TRP C 849 -26.50 -37.71 29.74
N ASP C 850 -25.36 -37.14 29.38
CA ASP C 850 -25.28 -35.73 28.97
C ASP C 850 -25.14 -35.75 27.45
N GLY C 851 -26.28 -35.65 26.77
CA GLY C 851 -26.26 -35.78 25.33
C GLY C 851 -25.80 -37.16 24.93
N GLN C 852 -24.73 -37.23 24.14
CA GLN C 852 -24.21 -38.51 23.69
C GLN C 852 -23.16 -39.09 24.65
N SER C 853 -22.91 -38.43 25.77
CA SER C 853 -21.90 -38.87 26.72
C SER C 853 -22.53 -39.70 27.83
N PRO C 854 -22.18 -40.97 27.97
CA PRO C 854 -22.64 -41.74 29.13
C PRO C 854 -22.16 -41.08 30.43
N GLY C 855 -22.89 -41.37 31.51
CA GLY C 855 -22.39 -40.98 32.82
C GLY C 855 -21.00 -41.54 33.05
N THR C 856 -20.12 -40.73 33.62
CA THR C 856 -18.74 -41.15 33.81
C THR C 856 -18.64 -42.17 34.92
N GLU C 857 -18.13 -43.36 34.60
CA GLU C 857 -17.89 -44.41 35.57
C GLU C 857 -16.48 -44.29 36.13
N SER C 858 -16.30 -44.78 37.36
CA SER C 858 -14.98 -44.80 37.98
C SER C 858 -14.03 -45.63 37.14
N HIS C 859 -12.89 -45.03 36.76
CA HIS C 859 -11.99 -45.65 35.81
C HIS C 859 -10.56 -45.16 36.04
N GLN C 860 -9.61 -45.97 35.57
CA GLN C 860 -8.24 -45.55 35.40
C GLN C 860 -7.81 -45.91 33.98
N LYS C 861 -7.30 -44.92 33.24
CA LYS C 861 -6.97 -45.09 31.82
C LYS C 861 -8.15 -45.63 31.03
N GLY C 862 -9.35 -45.19 31.39
CA GLY C 862 -10.55 -45.59 30.67
C GLY C 862 -10.98 -47.02 30.89
N LYS C 863 -10.32 -47.76 31.78
CA LYS C 863 -10.82 -49.08 32.15
C LYS C 863 -11.49 -48.99 33.50
N PRO C 864 -12.68 -49.56 33.67
CA PRO C 864 -13.41 -49.37 34.93
C PRO C 864 -12.71 -50.04 36.09
N VAL C 865 -12.77 -49.37 37.24
CA VAL C 865 -12.12 -49.88 38.46
C VAL C 865 -12.94 -51.06 38.98
N PRO C 866 -12.30 -52.19 39.35
CA PRO C 866 -13.08 -53.29 39.93
C PRO C 866 -13.78 -52.86 41.20
N ARG C 867 -15.05 -53.27 41.32
CA ARG C 867 -15.83 -52.97 42.53
C ARG C 867 -15.59 -54.11 43.51
N ILE C 868 -14.49 -54.01 44.24
CA ILE C 868 -14.08 -54.98 45.25
C ILE C 868 -14.00 -54.27 46.58
N ALA C 869 -14.67 -54.81 47.60
CA ALA C 869 -14.69 -54.18 48.92
C ALA C 869 -13.29 -53.85 49.41
N GLU C 870 -12.39 -54.83 49.37
CA GLU C 870 -11.05 -54.67 49.93
C GLU C 870 -10.25 -53.59 49.19
N LEU C 871 -10.64 -53.22 47.98
CA LEU C 871 -10.01 -52.09 47.34
C LEU C 871 -10.62 -50.75 47.77
N MET C 872 -11.91 -50.71 48.04
CA MET C 872 -12.61 -49.45 48.18
C MET C 872 -12.28 -48.75 49.49
N GLY C 873 -11.92 -47.49 49.39
CA GLY C 873 -11.71 -46.65 50.57
C GLY C 873 -10.56 -47.07 51.46
N LYS C 874 -9.65 -47.90 50.96
CA LYS C 874 -8.46 -48.27 51.73
C LYS C 874 -7.21 -47.52 51.29
N LYS C 875 -7.37 -46.34 50.69
CA LYS C 875 -6.27 -45.39 50.50
C LYS C 875 -5.11 -46.03 49.74
N LEU C 876 -5.44 -46.73 48.66
CA LEU C 876 -4.41 -47.39 47.85
C LEU C 876 -4.34 -46.72 46.49
N PRO C 877 -3.45 -45.76 46.29
CA PRO C 877 -3.27 -45.17 44.95
C PRO C 877 -2.60 -46.17 44.00
N ASN C 878 -2.61 -45.83 42.73
CA ASN C 878 -2.11 -46.72 41.69
C ASN C 878 -0.61 -46.53 41.43
N PHE C 879 0.20 -46.58 42.48
CA PHE C 879 1.64 -46.51 42.31
C PHE C 879 2.32 -47.13 43.53
N GLY C 880 3.61 -47.46 43.36
CA GLY C 880 4.45 -47.88 44.46
C GLY C 880 3.98 -49.15 45.14
N PRO C 881 4.22 -49.27 46.45
CA PRO C 881 3.74 -50.46 47.16
C PRO C 881 2.23 -50.53 47.25
N TYR C 882 1.54 -49.40 47.11
CA TYR C 882 0.08 -49.41 47.12
C TYR C 882 -0.45 -50.17 45.92
N LEU C 883 0.08 -49.87 44.74
CA LEU C 883 -0.28 -50.60 43.53
C LEU C 883 0.00 -52.08 43.69
N GLU C 884 1.08 -52.42 44.37
CA GLU C 884 1.45 -53.81 44.46
C GLU C 884 0.47 -54.55 45.38
N GLN C 885 -0.08 -53.83 46.36
CA GLN C 885 -1.15 -54.36 47.20
C GLN C 885 -2.47 -54.43 46.43
N ARG C 886 -2.76 -53.43 45.58
CA ARG C 886 -3.94 -53.50 44.74
C ARG C 886 -3.91 -54.76 43.88
N LYS C 887 -2.75 -55.07 43.29
CA LYS C 887 -2.64 -56.23 42.42
C LYS C 887 -2.87 -57.52 43.19
N LYS C 888 -2.40 -57.58 44.44
CA LYS C 888 -2.61 -58.77 45.26
C LYS C 888 -4.09 -58.96 45.57
N ILE C 889 -4.79 -57.87 45.92
CA ILE C 889 -6.22 -57.94 46.21
C ILE C 889 -7.00 -58.40 44.98
N ILE C 890 -6.67 -57.85 43.81
CA ILE C 890 -7.40 -58.21 42.60
C ILE C 890 -7.15 -59.67 42.25
N ALA C 891 -5.90 -60.13 42.37
CA ALA C 891 -5.58 -61.51 42.04
C ALA C 891 -6.35 -62.48 42.95
N GLU C 892 -6.37 -62.20 44.25
CA GLU C 892 -7.09 -63.08 45.17
C GLU C 892 -8.59 -63.06 44.90
N GLU C 893 -9.12 -61.95 44.39
CA GLU C 893 -10.54 -61.90 44.09
C GLU C 893 -10.84 -62.77 42.86
N LYS C 894 -9.96 -62.72 41.84
CA LYS C 894 -10.15 -63.56 40.66
C LYS C 894 -10.08 -65.05 40.99
N MET C 895 -9.17 -65.45 41.89
CA MET C 895 -9.14 -66.83 42.36
C MET C 895 -10.44 -67.20 43.04
N ARG C 896 -11.02 -66.26 43.79
CA ARG C 896 -12.22 -66.54 44.56
C ARG C 896 -13.46 -66.61 43.66
N LEU C 897 -13.51 -65.81 42.59
CA LEU C 897 -14.60 -66.00 41.61
C LEU C 897 -14.46 -67.25 40.78
N LYS C 898 -13.28 -67.90 40.76
CA LYS C 898 -13.17 -69.08 39.93
C LYS C 898 -14.25 -70.10 40.28
N GLU C 899 -14.70 -70.08 41.52
CA GLU C 899 -15.54 -71.10 42.11
C GLU C 899 -17.03 -70.78 42.04
N GLN C 900 -17.42 -69.67 41.43
CA GLN C 900 -18.81 -69.23 41.49
C GLN C 900 -19.38 -69.08 40.07
N ASN C 901 -20.71 -69.09 39.99
CA ASN C 901 -21.38 -68.86 38.72
C ASN C 901 -21.26 -67.42 38.27
N ALA C 902 -21.08 -67.24 36.96
CA ALA C 902 -21.31 -65.97 36.30
C ALA C 902 -22.68 -66.03 35.63
N ALA C 903 -23.42 -64.93 35.73
CA ALA C 903 -24.70 -64.87 35.04
C ALA C 903 -24.47 -64.85 33.53
N PHE C 904 -25.54 -65.12 32.81
CA PHE C 904 -25.58 -65.03 31.35
C PHE C 904 -26.09 -63.66 30.93
N PRO C 905 -25.56 -63.08 29.87
CA PRO C 905 -26.28 -61.98 29.21
C PRO C 905 -27.55 -62.53 28.60
N PRO C 906 -28.59 -61.70 28.47
CA PRO C 906 -29.76 -62.12 27.69
C PRO C 906 -29.31 -62.66 26.33
N LEU C 907 -30.02 -63.67 25.84
CA LEU C 907 -29.72 -64.14 24.48
C LEU C 907 -29.99 -63.04 23.45
N GLU C 908 -30.97 -62.18 23.68
CA GLU C 908 -31.35 -61.16 22.72
C GLU C 908 -31.71 -59.89 23.47
N ARG C 909 -31.02 -58.80 23.15
CA ARG C 909 -31.23 -57.52 23.83
C ARG C 909 -32.27 -56.70 23.08
N LYS C 910 -33.39 -56.45 23.74
CA LYS C 910 -34.34 -55.44 23.28
C LYS C 910 -33.73 -54.06 23.15
N PRO C 911 -33.78 -53.45 21.96
CA PRO C 911 -33.39 -52.05 21.82
C PRO C 911 -34.30 -51.16 22.66
N PHE C 912 -33.78 -49.99 23.00
CA PHE C 912 -34.61 -49.00 23.68
C PHE C 912 -35.59 -48.39 22.69
N ILE C 913 -36.79 -48.10 23.17
CA ILE C 913 -37.90 -47.62 22.35
C ILE C 913 -38.19 -46.17 22.75
N PRO C 914 -38.24 -45.23 21.80
CA PRO C 914 -38.70 -43.88 22.14
C PRO C 914 -40.08 -43.94 22.78
N LYS C 915 -40.24 -43.22 23.88
CA LYS C 915 -41.49 -43.24 24.64
C LYS C 915 -42.33 -41.99 24.44
N LYS C 916 -41.88 -41.09 23.60
CA LYS C 916 -42.46 -39.79 23.36
C LYS C 916 -41.91 -39.29 22.05
N PRO C 917 -42.62 -38.43 21.32
CA PRO C 917 -42.12 -38.03 20.00
C PRO C 917 -40.73 -37.42 20.12
N ILE C 918 -39.92 -37.68 19.10
CA ILE C 918 -38.63 -37.00 19.00
C ILE C 918 -38.89 -35.50 18.93
N PRO C 919 -38.26 -34.68 19.77
CA PRO C 919 -38.47 -33.23 19.65
C PRO C 919 -38.03 -32.72 18.29
N ALA C 920 -38.80 -31.77 17.75
CA ALA C 920 -38.40 -31.02 16.58
C ALA C 920 -37.53 -29.84 17.02
N ILE C 921 -36.86 -29.21 16.06
CA ILE C 921 -36.07 -28.02 16.38
C ILE C 921 -36.94 -26.97 17.07
N LYS C 922 -38.15 -26.75 16.55
CA LYS C 922 -39.06 -25.79 17.16
C LYS C 922 -39.34 -26.11 18.62
N ASP C 923 -39.15 -27.37 19.04
CA ASP C 923 -39.43 -27.77 20.42
C ASP C 923 -38.27 -27.48 21.37
N VAL C 924 -37.07 -27.23 20.86
CA VAL C 924 -35.93 -26.97 21.74
C VAL C 924 -35.53 -25.49 21.78
N ILE C 925 -36.01 -24.68 20.82
CA ILE C 925 -35.57 -23.29 20.74
C ILE C 925 -36.00 -22.53 21.98
N GLY C 926 -35.04 -21.89 22.63
CA GLY C 926 -35.29 -21.05 23.78
C GLY C 926 -35.48 -21.77 25.09
N LYS C 927 -35.37 -23.10 25.13
CA LYS C 927 -35.74 -23.84 26.33
C LYS C 927 -34.77 -23.62 27.50
N ALA C 928 -33.56 -23.13 27.23
CA ALA C 928 -32.63 -22.87 28.33
C ALA C 928 -32.87 -21.53 29.01
N LEU C 929 -33.65 -20.63 28.38
CA LEU C 929 -33.78 -19.27 28.90
C LEU C 929 -34.40 -19.25 30.29
N GLN C 930 -35.19 -20.27 30.64
CA GLN C 930 -35.81 -20.35 31.96
C GLN C 930 -34.79 -20.36 33.09
N TYR C 931 -33.57 -20.83 32.82
CA TYR C 931 -32.54 -20.95 33.85
C TYR C 931 -31.78 -19.65 34.07
N LEU C 932 -31.82 -18.74 33.09
CA LEU C 932 -31.10 -17.48 33.18
C LEU C 932 -31.89 -16.48 34.01
N GLY C 933 -31.16 -15.61 34.68
CA GLY C 933 -31.79 -14.54 35.44
C GLY C 933 -30.75 -13.60 36.00
N THR C 934 -31.23 -12.74 36.90
CA THR C 934 -30.32 -11.83 37.58
C THR C 934 -29.51 -12.59 38.63
N PHE C 935 -28.47 -11.95 39.15
CA PHE C 935 -27.73 -12.57 40.24
C PHE C 935 -28.62 -12.75 41.46
N GLY C 936 -29.52 -11.79 41.72
CA GLY C 936 -30.40 -11.89 42.87
C GLY C 936 -31.31 -13.10 42.83
N GLU C 937 -31.58 -13.65 41.66
CA GLU C 937 -32.44 -14.82 41.53
C GLU C 937 -31.70 -16.13 41.83
N LEU C 938 -30.41 -16.07 42.09
CA LEU C 938 -29.63 -17.25 42.47
C LEU C 938 -29.70 -17.47 43.97
N SER C 939 -29.93 -18.70 44.38
CA SER C 939 -29.92 -19.04 45.79
C SER C 939 -28.52 -18.93 46.37
N ASN C 940 -28.37 -18.19 47.47
CA ASN C 940 -27.11 -18.15 48.18
C ASN C 940 -27.11 -18.99 49.45
N ILE C 941 -28.14 -19.81 49.66
CA ILE C 941 -28.17 -20.73 50.78
C ILE C 941 -28.11 -22.19 50.34
N GLU C 942 -28.42 -22.50 49.08
CA GLU C 942 -28.26 -23.86 48.56
C GLU C 942 -26.85 -23.97 47.98
N GLN C 943 -25.89 -24.19 48.86
CA GLN C 943 -24.47 -24.17 48.53
C GLN C 943 -23.97 -25.57 48.22
N VAL C 944 -22.81 -25.65 47.58
CA VAL C 944 -22.20 -26.93 47.25
C VAL C 944 -20.78 -26.98 47.83
N VAL C 945 -20.23 -28.19 47.88
CA VAL C 945 -18.83 -28.43 48.17
C VAL C 945 -18.29 -29.45 47.17
N ALA C 946 -16.98 -29.45 47.01
CA ALA C 946 -16.32 -30.42 46.13
C ALA C 946 -16.13 -31.75 46.85
N VAL C 947 -16.26 -32.84 46.10
CA VAL C 947 -15.95 -34.18 46.61
C VAL C 947 -15.19 -34.94 45.54
N ILE C 948 -14.13 -35.62 45.95
CA ILE C 948 -13.18 -36.24 45.03
C ILE C 948 -13.34 -37.76 45.09
N ASP C 949 -13.48 -38.38 43.93
CA ASP C 949 -13.48 -39.83 43.82
C ASP C 949 -12.03 -40.29 43.79
N GLU C 950 -11.55 -40.83 44.92
CA GLU C 950 -10.14 -41.23 45.00
C GLU C 950 -9.79 -42.29 43.95
N GLU C 951 -10.77 -43.07 43.49
CA GLU C 951 -10.47 -44.12 42.53
C GLU C 951 -10.22 -43.61 41.13
N MET C 952 -10.67 -42.40 40.80
CA MET C 952 -10.38 -41.79 39.51
C MET C 952 -9.17 -40.86 39.54
N CYS C 953 -8.67 -40.52 40.73
CA CYS C 953 -7.63 -39.53 40.88
C CYS C 953 -6.30 -40.04 40.32
N ILE C 954 -5.54 -39.15 39.69
CA ILE C 954 -4.20 -39.49 39.22
C ILE C 954 -3.12 -38.71 39.99
N ASN C 955 -3.48 -38.17 41.16
CA ASN C 955 -2.54 -37.80 42.22
C ASN C 955 -1.69 -36.58 41.88
N CYS C 956 -2.16 -35.70 40.98
CA CYS C 956 -1.34 -34.61 40.51
C CYS C 956 -1.29 -33.42 41.47
N GLY C 957 -2.29 -33.29 42.36
CA GLY C 957 -2.31 -32.17 43.28
C GLY C 957 -2.73 -30.85 42.71
N LYS C 958 -3.30 -30.81 41.50
CA LYS C 958 -3.69 -29.51 40.96
C LYS C 958 -4.87 -28.93 41.72
N CYS C 959 -5.81 -29.76 42.16
CA CYS C 959 -6.89 -29.28 43.02
C CYS C 959 -6.33 -28.59 44.24
N TYR C 960 -5.34 -29.22 44.86
CA TYR C 960 -4.68 -28.71 46.05
C TYR C 960 -3.99 -27.39 45.78
N MET C 961 -3.28 -27.31 44.67
CA MET C 961 -2.49 -26.12 44.35
C MET C 961 -3.40 -24.93 44.04
N THR C 962 -4.52 -25.19 43.36
CA THR C 962 -5.46 -24.14 43.02
C THR C 962 -6.23 -23.66 44.25
N CYS C 963 -6.64 -24.58 45.13
CA CYS C 963 -7.28 -24.13 46.37
C CYS C 963 -6.29 -23.35 47.23
N ASN C 964 -5.01 -23.72 47.19
CA ASN C 964 -4.02 -23.08 48.06
C ASN C 964 -3.75 -21.65 47.64
N ASP C 965 -3.54 -21.42 46.35
CA ASP C 965 -3.10 -20.12 45.87
C ASP C 965 -4.18 -19.38 45.12
N SER C 966 -5.37 -19.97 44.96
CA SER C 966 -6.51 -19.26 44.35
C SER C 966 -7.81 -19.52 45.11
N GLY C 967 -7.76 -20.14 46.29
CA GLY C 967 -8.97 -20.54 46.98
C GLY C 967 -8.92 -20.39 48.49
N TYR C 968 -9.25 -21.47 49.20
CA TYR C 968 -9.56 -21.39 50.63
C TYR C 968 -8.74 -22.38 51.46
N GLN C 969 -7.67 -22.92 50.89
CA GLN C 969 -6.74 -23.82 51.60
C GLN C 969 -7.49 -24.95 52.29
N ALA C 970 -8.46 -25.53 51.56
CA ALA C 970 -9.41 -26.47 52.14
C ALA C 970 -9.12 -27.92 51.79
N ILE C 971 -8.07 -28.20 51.03
CA ILE C 971 -7.76 -29.57 50.58
C ILE C 971 -6.52 -30.08 51.29
N GLN C 972 -6.62 -31.27 51.89
CA GLN C 972 -5.46 -31.99 52.40
C GLN C 972 -4.89 -32.88 51.29
N PHE C 973 -3.58 -32.79 51.07
CA PHE C 973 -2.89 -33.60 50.07
C PHE C 973 -1.90 -34.49 50.81
N ASP C 974 -2.19 -35.79 50.84
CA ASP C 974 -1.41 -36.69 51.69
C ASP C 974 0.00 -36.85 51.16
N PRO C 975 1.03 -36.73 52.02
CA PRO C 975 2.42 -36.79 51.53
C PRO C 975 2.88 -38.17 51.10
N GLU C 976 2.19 -39.24 51.52
CA GLU C 976 2.60 -40.59 51.15
C GLU C 976 1.83 -41.12 49.95
N THR C 977 0.51 -40.93 49.91
CA THR C 977 -0.33 -41.45 48.84
C THR C 977 -0.60 -40.42 47.74
N HIS C 978 -0.34 -39.14 47.99
CA HIS C 978 -0.70 -38.09 47.04
C HIS C 978 -2.19 -38.14 46.69
N LEU C 979 -3.00 -38.45 47.69
CA LEU C 979 -4.45 -38.41 47.52
C LEU C 979 -5.01 -37.18 48.19
N PRO C 980 -5.84 -36.41 47.49
CA PRO C 980 -6.46 -35.23 48.09
C PRO C 980 -7.78 -35.54 48.79
N THR C 981 -8.06 -34.75 49.82
CA THR C 981 -9.35 -34.79 50.51
C THR C 981 -9.86 -33.38 50.74
N VAL C 982 -11.06 -33.09 50.24
CA VAL C 982 -11.70 -31.81 50.49
C VAL C 982 -12.24 -31.80 51.91
N THR C 983 -11.92 -30.76 52.67
CA THR C 983 -12.37 -30.62 54.05
C THR C 983 -13.58 -29.69 54.15
N ASP C 984 -14.08 -29.52 55.36
CA ASP C 984 -15.32 -28.76 55.56
C ASP C 984 -15.14 -27.26 55.36
N THR C 985 -13.90 -26.77 55.22
CA THR C 985 -13.70 -25.35 54.94
C THR C 985 -13.95 -25.00 53.47
N CYS C 986 -14.25 -25.98 52.63
CA CYS C 986 -14.59 -25.73 51.25
C CYS C 986 -15.77 -24.77 51.16
N THR C 987 -15.70 -23.84 50.19
CA THR C 987 -16.76 -22.88 49.92
C THR C 987 -17.54 -23.20 48.64
N GLY C 988 -17.18 -24.26 47.92
CA GLY C 988 -17.87 -24.56 46.67
C GLY C 988 -17.53 -23.67 45.50
N CYS C 989 -16.41 -22.93 45.57
CA CYS C 989 -16.08 -22.01 44.49
C CYS C 989 -15.97 -22.70 43.14
N THR C 990 -15.53 -23.98 43.13
CA THR C 990 -15.54 -24.91 42.01
C THR C 990 -14.27 -24.78 41.16
N LEU C 991 -13.27 -24.07 41.67
CA LEU C 991 -12.00 -23.98 40.94
C LEU C 991 -11.30 -25.33 40.83
N CYS C 992 -11.28 -26.13 41.90
CA CYS C 992 -10.55 -27.40 41.86
C CYS C 992 -11.11 -28.31 40.76
N LEU C 993 -12.44 -28.46 40.75
CA LEU C 993 -13.09 -29.21 39.66
C LEU C 993 -12.68 -28.67 38.30
N SER C 994 -12.56 -27.35 38.18
CA SER C 994 -12.32 -26.73 36.88
C SER C 994 -10.91 -26.97 36.37
N VAL C 995 -9.96 -27.33 37.23
CA VAL C 995 -8.58 -27.58 36.81
C VAL C 995 -8.22 -29.05 36.82
N CYS C 996 -9.10 -29.92 37.30
CA CYS C 996 -8.74 -31.34 37.43
C CYS C 996 -8.64 -31.99 36.05
N PRO C 997 -7.60 -32.77 35.78
CA PRO C 997 -7.44 -33.35 34.43
C PRO C 997 -8.41 -34.49 34.14
N ILE C 998 -9.05 -35.07 35.15
CA ILE C 998 -9.89 -36.25 34.98
C ILE C 998 -11.34 -35.80 35.02
N ILE C 999 -12.06 -36.01 33.91
CA ILE C 999 -13.45 -35.60 33.81
C ILE C 999 -14.26 -36.30 34.90
N ASP C 1000 -14.97 -35.50 35.71
CA ASP C 1000 -15.89 -35.97 36.73
C ASP C 1000 -15.21 -36.71 37.88
N CYS C 1001 -13.88 -36.60 38.00
CA CYS C 1001 -13.22 -37.08 39.21
C CYS C 1001 -13.68 -36.26 40.41
N ILE C 1002 -13.73 -34.94 40.26
CA ILE C 1002 -14.30 -34.04 41.25
C ILE C 1002 -15.74 -33.73 40.85
N ARG C 1003 -16.63 -33.68 41.84
CA ARG C 1003 -18.02 -33.37 41.61
C ARG C 1003 -18.48 -32.38 42.68
N MET C 1004 -19.37 -31.48 42.32
CA MET C 1004 -19.95 -30.58 43.32
C MET C 1004 -21.24 -31.20 43.85
N VAL C 1005 -21.32 -31.36 45.17
CA VAL C 1005 -22.48 -31.96 45.80
C VAL C 1005 -23.07 -30.98 46.81
N SER C 1006 -24.36 -31.16 47.08
CA SER C 1006 -25.06 -30.27 47.99
C SER C 1006 -24.40 -30.29 49.36
N ARG C 1007 -24.14 -29.11 49.90
CA ARG C 1007 -23.46 -29.02 51.19
C ARG C 1007 -24.41 -29.45 52.30
N THR C 1008 -23.92 -30.32 53.19
CA THR C 1008 -24.74 -30.86 54.26
C THR C 1008 -24.46 -30.24 55.61
N THR C 1009 -23.31 -29.62 55.78
CA THR C 1009 -22.91 -29.02 57.05
C THR C 1009 -23.26 -27.54 57.07
N PRO C 1010 -23.32 -26.93 58.26
CA PRO C 1010 -23.64 -25.49 58.33
C PRO C 1010 -22.63 -24.67 57.54
N TYR C 1011 -23.15 -23.67 56.82
CA TYR C 1011 -22.31 -22.79 56.02
C TYR C 1011 -22.27 -21.39 56.60
N GLU C 1012 -21.08 -20.82 56.62
CA GLU C 1012 -20.67 -19.54 57.18
C GLU C 1012 -19.76 -18.82 56.19
N PRO C 1013 -20.19 -17.73 55.58
CA PRO C 1013 -19.26 -16.94 54.76
C PRO C 1013 -18.07 -16.48 55.60
N LYS C 1014 -16.88 -16.59 55.01
CA LYS C 1014 -15.65 -16.17 55.66
C LYS C 1014 -15.53 -14.65 55.57
N ARG C 1015 -15.71 -13.96 56.70
CA ARG C 1015 -15.69 -12.51 56.78
C ARG C 1015 -14.35 -11.94 57.24
N GLY C 1016 -13.38 -12.79 57.53
CA GLY C 1016 -12.15 -12.33 58.15
C GLY C 1016 -12.13 -12.41 59.65
N LEU C 1017 -13.21 -12.91 60.26
CA LEU C 1017 -13.21 -13.34 61.67
C LEU C 1017 -12.72 -14.77 61.79
N PRO D 3 -20.88 -17.07 -18.83
CA PRO D 3 -20.46 -18.32 -18.19
C PRO D 3 -21.19 -18.53 -16.87
N VAL D 4 -21.17 -19.74 -16.34
CA VAL D 4 -21.79 -20.04 -15.05
C VAL D 4 -20.77 -19.67 -13.98
N LEU D 5 -21.01 -18.56 -13.28
CA LEU D 5 -20.02 -18.02 -12.35
C LEU D 5 -19.86 -18.90 -11.12
N SER D 6 -20.93 -19.56 -10.68
CA SER D 6 -20.95 -20.33 -9.44
C SER D 6 -20.48 -21.77 -9.63
N LYS D 7 -19.67 -22.00 -10.66
CA LYS D 7 -19.41 -23.29 -11.25
C LYS D 7 -17.89 -23.36 -11.41
N ASP D 8 -17.24 -24.38 -10.84
CA ASP D 8 -15.79 -24.46 -10.99
C ASP D 8 -15.43 -24.80 -12.44
N VAL D 9 -14.52 -24.03 -13.03
CA VAL D 9 -14.02 -24.36 -14.37
C VAL D 9 -13.10 -25.57 -14.27
N ALA D 10 -12.72 -26.11 -15.44
CA ALA D 10 -12.13 -27.44 -15.50
C ALA D 10 -10.87 -27.58 -14.66
N ASP D 11 -9.93 -26.64 -14.78
CA ASP D 11 -8.68 -26.88 -14.07
C ASP D 11 -8.79 -26.60 -12.58
N ILE D 12 -9.84 -25.90 -12.15
CA ILE D 12 -10.08 -25.79 -10.71
C ILE D 12 -10.73 -27.06 -10.17
N GLU D 13 -11.63 -27.68 -10.96
CA GLU D 13 -12.14 -29.00 -10.58
C GLU D 13 -11.00 -30.01 -10.46
N SER D 14 -9.99 -29.90 -11.33
CA SER D 14 -8.86 -30.82 -11.25
C SER D 14 -8.03 -30.55 -9.99
N ILE D 15 -7.86 -29.28 -9.63
N ILE D 15 -7.84 -29.27 -9.64
CA ILE D 15 -7.09 -28.97 -8.43
CA ILE D 15 -7.09 -28.97 -8.43
C ILE D 15 -7.83 -29.41 -7.18
C ILE D 15 -7.84 -29.47 -7.19
N LEU D 16 -9.16 -29.48 -7.23
CA LEU D 16 -9.99 -29.93 -6.12
C LEU D 16 -10.14 -31.45 -6.05
N ALA D 17 -9.37 -32.21 -6.84
CA ALA D 17 -9.65 -33.64 -6.99
C ALA D 17 -9.56 -34.40 -5.67
N LEU D 18 -8.64 -34.01 -4.80
CA LEU D 18 -8.43 -34.71 -3.54
C LEU D 18 -9.14 -34.04 -2.36
N ASN D 19 -9.91 -33.00 -2.61
CA ASN D 19 -10.65 -32.32 -1.56
C ASN D 19 -11.71 -33.26 -0.98
N PRO D 20 -11.86 -33.33 0.34
CA PRO D 20 -12.86 -34.23 0.93
C PRO D 20 -14.27 -33.90 0.46
N ARG D 21 -15.03 -34.95 0.18
CA ARG D 21 -16.42 -34.82 -0.19
C ARG D 21 -17.23 -35.84 0.60
N THR D 22 -18.51 -35.54 0.79
CA THR D 22 -19.39 -36.45 1.52
C THR D 22 -19.72 -37.66 0.66
N GLN D 23 -19.69 -38.85 1.27
CA GLN D 23 -19.94 -40.09 0.54
C GLN D 23 -21.33 -40.63 0.86
N SER D 24 -21.97 -41.20 -0.16
CA SER D 24 -23.32 -41.74 -0.05
C SER D 24 -23.36 -43.26 -0.13
N HIS D 25 -22.21 -43.90 -0.31
CA HIS D 25 -22.14 -45.35 -0.46
C HIS D 25 -20.88 -45.84 0.22
N ALA D 26 -20.90 -47.10 0.63
CA ALA D 26 -19.68 -47.75 1.08
C ALA D 26 -18.76 -47.98 -0.11
N ALA D 27 -17.46 -47.94 0.16
CA ALA D 27 -16.46 -48.05 -0.90
C ALA D 27 -16.06 -49.51 -1.10
N LEU D 28 -15.75 -49.85 -2.35
CA LEU D 28 -15.31 -51.19 -2.73
C LEU D 28 -13.83 -51.15 -3.11
N HIS D 29 -13.01 -51.89 -2.37
CA HIS D 29 -11.59 -52.04 -2.66
C HIS D 29 -11.21 -53.46 -2.28
N SER D 30 -10.63 -54.21 -3.22
CA SER D 30 -10.34 -55.62 -2.93
C SER D 30 -9.22 -55.75 -1.91
N THR D 31 -9.26 -56.87 -1.18
CA THR D 31 -8.22 -57.14 -0.18
C THR D 31 -6.85 -57.20 -0.86
N LEU D 32 -6.78 -57.77 -2.06
CA LEU D 32 -5.49 -57.84 -2.76
C LEU D 32 -5.00 -56.44 -3.17
N ALA D 33 -5.89 -55.62 -3.72
CA ALA D 33 -5.52 -54.26 -4.06
C ALA D 33 -5.08 -53.48 -2.82
N LYS D 34 -5.75 -53.70 -1.69
CA LYS D 34 -5.36 -53.00 -0.46
C LYS D 34 -3.98 -53.43 0.01
N LYS D 35 -3.67 -54.73 -0.07
CA LYS D 35 -2.34 -55.19 0.32
C LYS D 35 -1.26 -54.47 -0.47
N LEU D 36 -1.50 -54.22 -1.76
CA LEU D 36 -0.49 -53.57 -2.58
C LEU D 36 -0.37 -52.10 -2.24
N ASP D 37 -1.49 -51.40 -2.06
CA ASP D 37 -1.45 -49.96 -1.86
C ASP D 37 -0.89 -49.59 -0.50
N LYS D 38 -1.02 -50.48 0.49
CA LYS D 38 -0.51 -50.22 1.84
C LYS D 38 0.95 -49.79 1.81
N LYS D 39 1.76 -50.46 0.99
CA LYS D 39 3.19 -50.18 0.92
C LYS D 39 3.48 -48.75 0.46
N HIS D 40 2.57 -48.14 -0.31
CA HIS D 40 2.86 -46.80 -0.84
C HIS D 40 2.87 -45.75 0.26
N TRP D 41 2.11 -45.94 1.34
CA TRP D 41 1.91 -44.93 2.37
C TRP D 41 2.68 -45.21 3.65
N LYS D 42 3.46 -46.29 3.70
CA LYS D 42 3.98 -46.82 4.96
C LYS D 42 4.98 -45.86 5.61
N ARG D 43 4.73 -45.51 6.88
CA ARG D 43 5.58 -44.61 7.64
C ARG D 43 6.49 -45.32 8.63
N ASN D 44 5.97 -46.32 9.34
CA ASN D 44 6.67 -46.95 10.45
C ASN D 44 7.40 -48.21 9.98
N PRO D 45 8.12 -48.93 10.84
CA PRO D 45 8.81 -50.14 10.38
C PRO D 45 7.85 -51.22 9.89
N ASP D 46 8.31 -51.96 8.89
CA ASP D 46 7.59 -53.11 8.34
C ASP D 46 7.97 -54.34 9.16
N LYS D 47 6.98 -54.97 9.78
CA LYS D 47 7.25 -56.14 10.62
C LYS D 47 7.57 -57.40 9.83
N ASN D 48 7.38 -57.39 8.51
CA ASN D 48 7.83 -58.49 7.66
C ASN D 48 9.27 -58.31 7.20
N CYS D 49 9.87 -57.15 7.46
CA CYS D 49 11.20 -56.85 6.95
C CYS D 49 12.22 -57.33 7.97
N PHE D 50 13.15 -58.19 7.52
CA PHE D 50 14.09 -58.85 8.40
C PHE D 50 15.47 -58.19 8.38
N HIS D 51 15.64 -57.13 7.59
CA HIS D 51 16.96 -56.59 7.25
C HIS D 51 16.83 -55.10 7.02
N CYS D 52 17.25 -54.30 8.01
CA CYS D 52 17.09 -52.85 7.93
C CYS D 52 18.27 -52.21 7.21
N GLU D 53 18.06 -50.98 6.76
CA GLU D 53 18.99 -50.29 5.89
C GLU D 53 20.37 -50.19 6.53
N LYS D 54 21.38 -50.00 5.67
CA LYS D 54 22.75 -49.88 6.14
C LYS D 54 22.89 -48.72 7.12
N LEU D 55 23.67 -48.97 8.17
CA LEU D 55 24.00 -47.93 9.14
C LEU D 55 25.50 -47.65 9.19
N GLU D 56 26.25 -48.17 8.22
CA GLU D 56 27.70 -48.00 8.23
C GLU D 56 28.06 -46.51 8.21
N ASN D 57 28.89 -46.10 9.16
CA ASN D 57 29.38 -44.73 9.28
C ASN D 57 28.26 -43.72 9.51
N ASN D 58 27.09 -44.16 9.98
CA ASN D 58 25.96 -43.26 10.22
C ASN D 58 25.86 -43.00 11.73
N PHE D 59 26.31 -41.83 12.16
CA PHE D 59 26.26 -41.47 13.57
C PHE D 59 25.21 -40.42 13.87
N ASP D 60 24.18 -40.33 13.03
CA ASP D 60 23.07 -39.42 13.30
C ASP D 60 22.31 -39.85 14.53
N ASP D 61 21.67 -38.88 15.17
CA ASP D 61 20.92 -39.06 16.41
C ASP D 61 19.82 -40.11 16.25
N ILE D 62 19.86 -41.17 17.07
CA ILE D 62 18.83 -42.21 17.01
C ILE D 62 17.86 -42.13 18.18
N LYS D 63 18.03 -41.17 19.08
CA LYS D 63 17.16 -41.12 20.25
C LYS D 63 15.71 -40.90 19.85
N HIS D 64 14.81 -41.70 20.44
CA HIS D 64 13.39 -41.49 20.25
C HIS D 64 12.87 -40.28 21.01
N THR D 65 13.66 -39.73 21.94
CA THR D 65 13.18 -38.68 22.84
C THR D 65 13.53 -37.27 22.39
N THR D 66 14.36 -37.11 21.35
CA THR D 66 14.74 -35.78 20.90
C THR D 66 13.51 -34.98 20.47
N LEU D 67 13.46 -33.73 20.91
CA LEU D 67 12.34 -32.84 20.60
C LEU D 67 12.83 -31.57 19.91
N GLY D 68 12.08 -31.12 18.90
CA GLY D 68 12.17 -29.77 18.41
C GLY D 68 11.18 -28.86 19.11
N GLU D 69 11.21 -27.57 18.76
CA GLU D 69 10.43 -26.59 19.52
C GLU D 69 8.94 -26.88 19.48
N ARG D 70 8.41 -27.19 18.30
CA ARG D 70 6.98 -27.48 18.18
C ARG D 70 6.57 -28.64 19.10
N GLY D 71 7.30 -29.75 19.03
CA GLY D 71 6.98 -30.88 19.88
C GLY D 71 7.25 -30.64 21.35
N ALA D 72 8.29 -29.86 21.67
CA ALA D 72 8.58 -29.57 23.06
C ALA D 72 7.49 -28.70 23.69
N LEU D 73 6.99 -27.71 22.94
CA LEU D 73 5.91 -26.87 23.47
C LEU D 73 4.67 -27.71 23.74
N ARG D 74 4.36 -28.61 22.83
CA ARG D 74 3.15 -29.43 22.99
C ARG D 74 3.30 -30.38 24.17
N GLU D 75 4.48 -30.97 24.35
CA GLU D 75 4.65 -31.90 25.47
C GLU D 75 4.73 -31.16 26.80
N ALA D 76 5.34 -29.97 26.82
CA ALA D 76 5.40 -29.20 28.05
C ALA D 76 4.01 -28.70 28.46
N MET D 77 3.17 -28.37 27.49
CA MET D 77 1.81 -27.97 27.84
C MET D 77 1.01 -29.15 28.40
N ARG D 78 1.40 -30.37 28.04
CA ARG D 78 0.67 -31.56 28.48
C ARG D 78 0.97 -31.90 29.93
N CYS D 79 2.18 -31.56 30.40
CA CYS D 79 2.59 -31.88 31.75
C CYS D 79 1.64 -31.24 32.76
N LEU D 80 1.21 -32.02 33.75
CA LEU D 80 0.29 -31.49 34.76
C LEU D 80 0.97 -30.54 35.74
N LYS D 81 2.30 -30.49 35.76
CA LYS D 81 3.05 -29.57 36.61
C LYS D 81 2.65 -29.76 38.09
N CYS D 82 2.89 -30.99 38.55
CA CYS D 82 2.25 -31.54 39.73
C CYS D 82 2.85 -30.98 41.03
N ALA D 83 2.04 -30.96 42.08
CA ALA D 83 2.56 -30.66 43.40
C ALA D 83 3.37 -31.82 43.95
N ASP D 84 4.47 -31.50 44.65
CA ASP D 84 5.30 -32.51 45.32
C ASP D 84 5.64 -33.65 44.37
N ALA D 85 6.06 -33.28 43.16
CA ALA D 85 5.91 -34.17 42.00
C ALA D 85 6.72 -35.45 42.17
N PRO D 86 6.17 -36.60 41.80
CA PRO D 86 6.89 -37.88 41.93
C PRO D 86 8.01 -38.05 40.93
N CYS D 87 7.98 -37.34 39.80
CA CYS D 87 9.10 -37.37 38.87
C CYS D 87 10.36 -36.78 39.52
N GLN D 88 10.20 -35.64 40.21
CA GLN D 88 11.33 -35.05 40.91
C GLN D 88 11.82 -35.96 42.04
N LYS D 89 10.89 -36.60 42.77
CA LYS D 89 11.27 -37.56 43.79
C LYS D 89 12.11 -38.68 43.20
N SER D 90 11.82 -39.07 41.96
CA SER D 90 12.49 -40.17 41.28
C SER D 90 13.69 -39.73 40.47
N CYS D 91 14.04 -38.43 40.49
CA CYS D 91 15.25 -37.92 39.83
C CYS D 91 16.40 -37.92 40.82
N PRO D 92 17.53 -38.58 40.50
CA PRO D 92 18.64 -38.61 41.46
C PRO D 92 19.21 -37.25 41.82
N THR D 93 19.11 -36.24 40.95
CA THR D 93 19.59 -34.90 41.29
C THR D 93 18.45 -33.98 41.74
N HIS D 94 17.25 -34.52 41.94
CA HIS D 94 16.12 -33.77 42.51
C HIS D 94 15.75 -32.53 41.67
N LEU D 95 15.86 -32.64 40.34
CA LEU D 95 15.49 -31.50 39.49
C LEU D 95 14.04 -31.10 39.72
N ASP D 96 13.81 -29.78 39.76
CA ASP D 96 12.45 -29.27 39.88
C ASP D 96 11.81 -29.35 38.49
N ILE D 97 11.34 -30.56 38.18
CA ILE D 97 10.81 -30.85 36.86
C ILE D 97 9.54 -30.03 36.60
N LYS D 98 8.67 -29.90 37.61
CA LYS D 98 7.49 -29.07 37.47
C LYS D 98 7.86 -27.65 37.02
N SER D 99 8.88 -27.08 37.65
CA SER D 99 9.25 -25.71 37.33
C SER D 99 9.89 -25.60 35.95
N PHE D 100 10.81 -26.51 35.61
CA PHE D 100 11.49 -26.30 34.33
C PHE D 100 10.55 -26.58 33.17
N ILE D 101 9.61 -27.51 33.34
CA ILE D 101 8.65 -27.77 32.27
C ILE D 101 7.64 -26.63 32.16
N THR D 102 7.24 -26.04 33.28
CA THR D 102 6.38 -24.86 33.23
C THR D 102 7.05 -23.75 32.43
N SER D 103 8.35 -23.54 32.67
CA SER D 103 9.07 -22.52 31.92
C SER D 103 9.07 -22.82 30.41
N ILE D 104 9.30 -24.07 30.03
CA ILE D 104 9.25 -24.42 28.61
C ILE D 104 7.88 -24.11 28.02
N SER D 105 6.81 -24.52 28.73
CA SER D 105 5.46 -24.27 28.23
C SER D 105 5.19 -22.77 28.07
N ASN D 106 5.86 -21.94 28.88
CA ASN D 106 5.77 -20.49 28.77
C ASN D 106 6.82 -19.91 27.82
N LYS D 107 7.52 -20.76 27.05
CA LYS D 107 8.53 -20.35 26.08
C LYS D 107 9.74 -19.68 26.73
N ASN D 108 9.94 -19.91 28.03
CA ASN D 108 11.08 -19.35 28.76
C ASN D 108 12.15 -20.43 28.86
N TYR D 109 12.85 -20.63 27.74
CA TYR D 109 13.82 -21.71 27.68
C TYR D 109 15.04 -21.43 28.56
N TYR D 110 15.43 -20.16 28.71
CA TYR D 110 16.51 -19.82 29.62
C TYR D 110 16.19 -20.22 31.05
N GLY D 111 15.00 -19.82 31.54
CA GLY D 111 14.62 -20.16 32.90
C GLY D 111 14.57 -21.66 33.12
N ALA D 112 14.14 -22.40 32.10
CA ALA D 112 14.15 -23.86 32.19
C ALA D 112 15.57 -24.39 32.33
N ALA D 113 16.46 -23.95 31.46
CA ALA D 113 17.86 -24.40 31.52
C ALA D 113 18.49 -24.02 32.85
N LYS D 114 18.23 -22.81 33.33
CA LYS D 114 18.78 -22.38 34.61
C LYS D 114 18.32 -23.29 35.74
N MET D 115 17.04 -23.65 35.74
CA MET D 115 16.51 -24.56 36.75
C MET D 115 17.18 -25.93 36.64
N ILE D 116 17.35 -26.41 35.41
CA ILE D 116 17.99 -27.71 35.18
C ILE D 116 19.42 -27.70 35.69
N PHE D 117 20.21 -26.72 35.25
CA PHE D 117 21.63 -26.71 35.60
C PHE D 117 21.86 -26.32 37.06
N SER D 118 20.89 -25.69 37.72
CA SER D 118 21.03 -25.42 39.15
C SER D 118 21.23 -26.70 39.94
N ASP D 119 20.50 -27.76 39.60
CA ASP D 119 20.63 -29.02 40.33
C ASP D 119 21.45 -30.07 39.61
N ASN D 120 21.77 -29.88 38.33
CA ASN D 120 22.53 -30.87 37.58
C ASN D 120 23.41 -30.13 36.58
N PRO D 121 24.70 -29.96 36.91
CA PRO D 121 25.60 -29.24 35.98
C PRO D 121 25.87 -29.98 34.69
N LEU D 122 25.42 -31.23 34.55
CA LEU D 122 25.51 -31.94 33.29
C LEU D 122 24.11 -32.15 32.75
N GLY D 123 23.30 -31.09 32.76
CA GLY D 123 21.88 -31.24 32.48
C GLY D 123 21.58 -31.64 31.05
N LEU D 124 22.40 -31.19 30.10
CA LEU D 124 22.15 -31.55 28.71
C LEU D 124 22.54 -33.01 28.45
N THR D 125 23.71 -33.42 28.94
CA THR D 125 24.08 -34.83 28.83
C THR D 125 22.99 -35.73 29.40
N CYS D 126 22.48 -35.38 30.59
CA CYS D 126 21.53 -36.27 31.25
C CYS D 126 20.19 -36.29 30.52
N GLY D 127 19.74 -35.15 30.02
CA GLY D 127 18.53 -35.14 29.20
C GLY D 127 18.63 -36.13 28.05
N MET D 128 19.82 -36.28 27.47
CA MET D 128 20.01 -37.21 26.37
C MET D 128 20.13 -38.66 26.82
N VAL D 129 20.78 -38.93 27.96
CA VAL D 129 21.19 -40.31 28.27
C VAL D 129 20.50 -40.92 29.50
N CYS D 130 19.82 -40.15 30.35
CA CYS D 130 19.18 -40.79 31.50
C CYS D 130 18.22 -41.89 31.05
N PRO D 131 18.28 -43.06 31.68
CA PRO D 131 17.28 -44.12 31.48
C PRO D 131 16.00 -43.76 32.23
N THR D 132 15.27 -42.79 31.69
CA THR D 132 14.19 -42.15 32.45
C THR D 132 13.09 -43.13 32.84
N SER D 133 12.94 -44.24 32.12
CA SER D 133 11.90 -45.20 32.48
C SER D 133 12.17 -45.85 33.83
N ASP D 134 13.42 -45.79 34.30
CA ASP D 134 13.80 -46.32 35.61
C ASP D 134 14.10 -45.21 36.60
N LEU D 135 13.86 -43.95 36.21
CA LEU D 135 14.10 -42.78 37.06
C LEU D 135 12.87 -41.87 37.09
N CYS D 136 13.02 -40.63 36.60
CA CYS D 136 11.95 -39.63 36.74
C CYS D 136 10.67 -40.08 36.04
N VAL D 137 10.77 -40.51 34.78
CA VAL D 137 9.56 -40.84 34.02
C VAL D 137 8.85 -42.04 34.65
N GLY D 138 9.59 -42.90 35.35
CA GLY D 138 9.00 -44.04 36.01
C GLY D 138 8.02 -43.68 37.11
N GLY D 139 8.09 -42.46 37.63
CA GLY D 139 7.16 -41.99 38.63
C GLY D 139 6.08 -41.02 38.14
N CYS D 140 6.05 -40.73 36.83
CA CYS D 140 5.18 -39.69 36.31
C CYS D 140 3.70 -40.03 36.49
N ASN D 141 2.93 -39.07 37.01
CA ASN D 141 1.50 -39.28 37.25
C ASN D 141 0.74 -39.52 35.94
N LEU D 142 1.22 -38.97 34.83
CA LEU D 142 0.51 -39.16 33.57
C LEU D 142 0.64 -40.56 33.01
N TYR D 143 1.44 -41.43 33.64
CA TYR D 143 1.36 -42.85 33.33
C TYR D 143 -0.05 -43.38 33.52
N ALA D 144 -0.82 -42.76 34.41
CA ALA D 144 -2.19 -43.15 34.66
C ALA D 144 -3.16 -42.59 33.63
N THR D 145 -2.67 -42.10 32.49
CA THR D 145 -3.51 -41.75 31.37
C THR D 145 -3.12 -42.56 30.14
N GLU D 146 -4.09 -42.75 29.24
CA GLU D 146 -3.84 -43.50 28.02
C GLU D 146 -2.68 -42.92 27.23
N GLU D 147 -2.60 -41.60 27.15
CA GLU D 147 -1.54 -40.97 26.35
C GLU D 147 -0.17 -41.09 27.00
N GLY D 148 -0.10 -41.35 28.31
CA GLY D 148 1.13 -41.81 28.93
C GLY D 148 2.00 -40.72 29.53
N SER D 149 3.13 -41.15 30.07
CA SER D 149 4.01 -40.29 30.83
C SER D 149 4.68 -39.24 29.95
N ILE D 150 5.21 -38.22 30.60
CA ILE D 150 5.85 -37.09 29.95
C ILE D 150 7.27 -37.46 29.54
N ASN D 151 7.67 -37.02 28.34
CA ASN D 151 9.04 -37.15 27.84
C ASN D 151 9.90 -36.11 28.54
N ILE D 152 10.26 -36.40 29.81
CA ILE D 152 11.00 -35.44 30.62
C ILE D 152 12.40 -35.22 30.06
N GLY D 153 13.08 -36.31 29.67
CA GLY D 153 14.44 -36.17 29.17
C GLY D 153 14.51 -35.33 27.91
N GLY D 154 13.59 -35.57 26.98
CA GLY D 154 13.55 -34.76 25.77
C GLY D 154 13.31 -33.30 26.04
N LEU D 155 12.42 -32.99 26.99
CA LEU D 155 12.19 -31.60 27.35
C LEU D 155 13.44 -30.97 27.96
N GLN D 156 14.11 -31.72 28.83
CA GLN D 156 15.35 -31.21 29.44
C GLN D 156 16.41 -30.99 28.38
N GLN D 157 16.53 -31.92 27.44
CA GLN D 157 17.47 -31.76 26.33
C GLN D 157 17.13 -30.52 25.51
N PHE D 158 15.84 -30.33 25.17
CA PHE D 158 15.46 -29.19 24.35
C PHE D 158 15.85 -27.87 25.00
N ALA D 159 15.44 -27.66 26.25
CA ALA D 159 15.74 -26.39 26.90
C ALA D 159 17.24 -26.18 27.03
N SER D 160 17.99 -27.24 27.32
CA SER D 160 19.43 -27.12 27.46
C SER D 160 20.11 -26.86 26.13
N GLU D 161 19.57 -27.41 25.04
CA GLU D 161 20.11 -27.11 23.70
C GLU D 161 19.89 -25.65 23.33
N VAL D 162 18.71 -25.10 23.64
CA VAL D 162 18.46 -23.70 23.33
C VAL D 162 19.40 -22.80 24.12
N PHE D 163 19.58 -23.09 25.40
CA PHE D 163 20.53 -22.32 26.20
C PHE D 163 21.94 -22.44 25.64
N LYS D 164 22.34 -23.63 25.21
CA LYS D 164 23.65 -23.78 24.57
C LYS D 164 23.78 -22.89 23.35
N ALA D 165 22.76 -22.87 22.48
CA ALA D 165 22.83 -22.03 21.28
C ALA D 165 22.94 -20.55 21.61
N MET D 166 22.62 -20.17 22.85
CA MET D 166 22.61 -18.79 23.28
C MET D 166 24.01 -18.18 23.45
N ASN D 167 25.09 -18.99 23.49
CA ASN D 167 26.36 -18.56 24.09
C ASN D 167 26.25 -17.59 25.23
N ILE D 168 25.67 -18.01 26.34
CA ILE D 168 25.70 -17.26 27.58
C ILE D 168 26.57 -18.01 28.57
N PRO D 169 27.56 -17.37 29.18
CA PRO D 169 28.44 -18.09 30.10
C PRO D 169 27.83 -18.20 31.48
N GLN D 170 28.31 -19.19 32.24
CA GLN D 170 28.07 -19.18 33.67
C GLN D 170 28.87 -18.06 34.31
N ILE D 171 28.33 -17.48 35.38
CA ILE D 171 29.07 -16.48 36.14
C ILE D 171 29.33 -17.01 37.54
N ARG D 172 30.34 -16.42 38.16
CA ARG D 172 30.58 -16.61 39.58
C ARG D 172 29.33 -16.23 40.37
N ASN D 173 29.01 -17.06 41.37
CA ASN D 173 27.88 -16.89 42.28
C ASN D 173 27.75 -15.44 42.72
N PRO D 174 26.69 -14.73 42.33
CA PRO D 174 26.62 -13.28 42.60
C PRO D 174 26.28 -12.93 44.04
N CYS D 175 25.96 -13.89 44.89
CA CYS D 175 25.77 -13.63 46.31
C CYS D 175 27.07 -13.72 47.10
N LEU D 176 28.18 -14.08 46.46
CA LEU D 176 29.43 -14.17 47.18
C LEU D 176 30.04 -12.79 47.36
N PRO D 177 30.79 -12.57 48.44
CA PRO D 177 31.64 -11.39 48.50
C PRO D 177 32.63 -11.39 47.34
N SER D 178 33.20 -10.23 47.09
CA SER D 178 34.32 -10.15 46.17
C SER D 178 35.43 -11.10 46.60
N GLN D 179 36.12 -11.67 45.61
CA GLN D 179 37.19 -12.63 45.89
C GLN D 179 38.37 -12.02 46.62
N GLU D 180 38.41 -10.70 46.82
CA GLU D 180 39.36 -10.21 47.81
C GLU D 180 38.80 -10.30 49.22
N LYS D 181 37.47 -10.32 49.39
CA LYS D 181 36.85 -10.41 50.71
C LYS D 181 36.69 -11.84 51.21
N MET D 182 37.01 -12.83 50.39
CA MET D 182 36.69 -14.21 50.77
C MET D 182 37.60 -14.64 51.91
N PRO D 183 37.07 -15.39 52.89
CA PRO D 183 37.93 -15.95 53.94
C PRO D 183 39.02 -16.84 53.37
N GLU D 184 40.09 -16.99 54.17
CA GLU D 184 41.25 -17.77 53.74
C GLU D 184 40.89 -19.21 53.41
N ALA D 185 39.87 -19.77 54.07
CA ALA D 185 39.53 -21.18 53.88
C ALA D 185 39.18 -21.47 52.42
N TYR D 186 38.65 -20.50 51.70
CA TYR D 186 38.21 -20.75 50.33
C TYR D 186 39.37 -20.75 49.34
N SER D 187 40.59 -20.46 49.80
CA SER D 187 41.79 -20.66 48.99
C SER D 187 42.41 -22.04 49.18
N ALA D 188 41.80 -22.90 49.99
CA ALA D 188 42.34 -24.24 50.23
C ALA D 188 42.52 -24.98 48.92
N LYS D 189 43.65 -25.67 48.79
CA LYS D 189 43.95 -26.40 47.56
C LYS D 189 43.15 -27.69 47.53
N ILE D 190 42.34 -27.85 46.49
CA ILE D 190 41.44 -28.99 46.34
C ILE D 190 41.83 -29.74 45.08
N ALA D 191 41.97 -31.05 45.21
CA ALA D 191 42.30 -31.93 44.09
C ALA D 191 41.12 -32.87 43.81
N LEU D 192 40.80 -33.04 42.54
CA LEU D 192 39.85 -34.06 42.12
C LEU D 192 40.56 -34.96 41.11
N LEU D 193 40.28 -36.25 41.18
CA LEU D 193 40.98 -37.23 40.36
C LEU D 193 39.99 -37.76 39.33
N GLY D 194 40.32 -37.56 38.05
CA GLY D 194 39.46 -38.02 36.97
C GLY D 194 38.43 -36.97 36.56
N ALA D 195 38.34 -36.69 35.27
CA ALA D 195 37.44 -35.64 34.78
C ALA D 195 36.16 -36.23 34.17
N GLY D 196 35.46 -37.06 34.93
CA GLY D 196 34.19 -37.59 34.52
C GLY D 196 33.04 -36.87 35.19
N PRO D 197 31.81 -37.34 34.98
CA PRO D 197 30.64 -36.66 35.55
C PRO D 197 30.73 -36.41 37.06
N ALA D 198 31.26 -37.37 37.82
CA ALA D 198 31.31 -37.19 39.28
C ALA D 198 32.17 -35.99 39.67
N SER D 199 33.38 -35.91 39.10
CA SER D 199 34.28 -34.82 39.48
C SER D 199 33.85 -33.48 38.89
N ILE D 200 33.33 -33.48 37.65
CA ILE D 200 32.85 -32.24 37.04
C ILE D 200 31.76 -31.64 37.91
N SER D 201 30.82 -32.47 38.38
CA SER D 201 29.78 -31.98 39.28
C SER D 201 30.37 -31.48 40.59
N CYS D 202 31.20 -32.30 41.23
CA CYS D 202 31.78 -31.91 42.50
C CYS D 202 32.53 -30.58 42.38
N ALA D 203 33.41 -30.49 41.38
CA ALA D 203 34.18 -29.26 41.18
C ALA D 203 33.28 -28.06 40.91
N SER D 204 32.22 -28.25 40.12
CA SER D 204 31.31 -27.15 39.83
C SER D 204 30.66 -26.61 41.10
N PHE D 205 30.17 -27.50 41.96
CA PHE D 205 29.49 -27.05 43.17
C PHE D 205 30.46 -26.44 44.17
N LEU D 206 31.69 -26.97 44.25
CA LEU D 206 32.70 -26.35 45.10
C LEU D 206 33.02 -24.93 44.63
N ALA D 207 33.08 -24.73 43.31
CA ALA D 207 33.35 -23.39 42.79
C ALA D 207 32.18 -22.45 43.07
N ARG D 208 30.95 -22.97 42.99
CA ARG D 208 29.78 -22.16 43.32
C ARG D 208 29.87 -21.61 44.74
N LEU D 209 30.34 -22.44 45.68
CA LEU D 209 30.48 -22.05 47.08
C LEU D 209 31.59 -21.03 47.30
N GLY D 210 32.47 -20.83 46.32
CA GLY D 210 33.50 -19.81 46.41
C GLY D 210 34.92 -20.32 46.45
N TYR D 211 35.16 -21.63 46.34
CA TYR D 211 36.53 -22.13 46.36
C TYR D 211 37.24 -21.76 45.07
N SER D 212 38.45 -21.19 45.20
CA SER D 212 39.14 -20.55 44.11
C SER D 212 40.38 -21.31 43.62
N ASP D 213 40.68 -22.48 44.21
CA ASP D 213 41.86 -23.25 43.83
C ASP D 213 41.47 -24.73 43.70
N ILE D 214 40.83 -25.05 42.57
CA ILE D 214 40.28 -26.37 42.32
C ILE D 214 40.93 -26.92 41.06
N THR D 215 41.47 -28.13 41.14
CA THR D 215 42.18 -28.76 40.03
C THR D 215 41.67 -30.18 39.85
N ILE D 216 41.21 -30.51 38.64
CA ILE D 216 40.91 -31.88 38.25
C ILE D 216 42.11 -32.45 37.52
N PHE D 217 42.61 -33.60 37.98
CA PHE D 217 43.71 -34.30 37.33
C PHE D 217 43.14 -35.47 36.53
N GLU D 218 43.32 -35.44 35.21
CA GLU D 218 42.76 -36.44 34.32
C GLU D 218 43.88 -37.26 33.68
N LYS D 219 43.73 -38.59 33.71
CA LYS D 219 44.74 -39.48 33.13
C LYS D 219 44.87 -39.28 31.63
N GLN D 220 43.74 -39.22 30.93
CA GLN D 220 43.75 -39.21 29.47
C GLN D 220 44.01 -37.80 28.94
N GLU D 221 44.16 -37.68 27.62
CA GLU D 221 44.27 -36.37 26.97
C GLU D 221 42.92 -35.78 26.63
N TYR D 222 41.83 -36.48 26.92
CA TYR D 222 40.48 -36.00 26.69
C TYR D 222 39.74 -35.91 28.02
N VAL D 223 38.69 -35.10 28.06
CA VAL D 223 37.91 -34.91 29.29
C VAL D 223 36.49 -35.38 29.03
N GLY D 224 35.77 -35.64 30.13
CA GLY D 224 34.38 -36.05 30.08
C GLY D 224 34.12 -37.47 30.53
N GLY D 225 35.15 -38.29 30.70
CA GLY D 225 34.94 -39.64 31.19
C GLY D 225 34.22 -40.51 30.17
N LEU D 226 33.32 -41.38 30.66
CA LEU D 226 32.64 -42.32 29.76
C LEU D 226 31.73 -41.60 28.78
N SER D 227 31.22 -40.41 29.14
CA SER D 227 30.43 -39.62 28.21
C SER D 227 31.19 -39.34 26.92
N THR D 228 32.51 -39.21 27.01
CA THR D 228 33.36 -38.99 25.85
C THR D 228 33.89 -40.31 25.28
N SER D 229 34.47 -41.15 26.13
CA SER D 229 35.23 -42.28 25.64
C SER D 229 34.38 -43.47 25.21
N GLU D 230 33.11 -43.55 25.62
CA GLU D 230 32.36 -44.78 25.32
C GLU D 230 30.91 -44.57 24.90
N ILE D 231 30.20 -43.60 25.49
CA ILE D 231 28.80 -43.44 25.06
C ILE D 231 28.78 -43.00 23.60
N PRO D 232 28.02 -43.67 22.73
CA PRO D 232 28.14 -43.42 21.30
C PRO D 232 27.69 -42.02 20.89
N GLN D 233 28.33 -41.52 19.84
CA GLN D 233 27.98 -40.21 19.30
C GLN D 233 26.52 -40.15 18.86
N PHE D 234 25.94 -41.28 18.44
CA PHE D 234 24.56 -41.26 17.98
C PHE D 234 23.55 -41.23 19.12
N ARG D 235 24.00 -41.27 20.37
CA ARG D 235 23.17 -40.98 21.53
C ARG D 235 23.56 -39.70 22.22
N LEU D 236 24.86 -39.42 22.34
CA LEU D 236 25.38 -38.23 23.00
C LEU D 236 26.45 -37.59 22.13
N PRO D 237 26.11 -36.53 21.40
CA PRO D 237 27.12 -35.84 20.59
C PRO D 237 28.19 -35.22 21.47
N TYR D 238 29.44 -35.26 20.99
CA TYR D 238 30.55 -34.83 21.82
C TYR D 238 30.48 -33.34 22.14
N ASP D 239 29.88 -32.52 21.26
CA ASP D 239 29.82 -31.09 21.55
C ASP D 239 29.00 -30.78 22.79
N VAL D 240 28.12 -31.70 23.21
CA VAL D 240 27.42 -31.52 24.48
C VAL D 240 28.42 -31.54 25.64
N VAL D 241 29.34 -32.50 25.61
CA VAL D 241 30.32 -32.64 26.68
C VAL D 241 31.19 -31.39 26.78
N ASN D 242 31.70 -30.92 25.64
CA ASN D 242 32.53 -29.71 25.62
C ASN D 242 31.78 -28.51 26.19
N PHE D 243 30.50 -28.37 25.83
CA PHE D 243 29.68 -27.29 26.34
C PHE D 243 29.63 -27.30 27.87
N GLU D 244 29.39 -28.47 28.46
CA GLU D 244 29.24 -28.56 29.90
C GLU D 244 30.57 -28.34 30.61
N ILE D 245 31.66 -28.79 30.01
CA ILE D 245 32.98 -28.56 30.59
C ILE D 245 33.31 -27.07 30.58
N GLU D 246 32.97 -26.37 29.50
CA GLU D 246 33.26 -24.95 29.40
C GLU D 246 32.45 -24.14 30.40
N LEU D 247 31.20 -24.55 30.67
CA LEU D 247 30.44 -23.89 31.72
C LEU D 247 31.16 -24.00 33.05
N MET D 248 31.72 -25.17 33.36
CA MET D 248 32.42 -25.35 34.62
C MET D 248 33.72 -24.55 34.65
N LYS D 249 34.39 -24.44 33.50
CA LYS D 249 35.63 -23.65 33.45
C LYS D 249 35.35 -22.17 33.66
N ASP D 250 34.15 -21.71 33.30
CA ASP D 250 33.74 -20.33 33.61
C ASP D 250 33.86 -20.01 35.09
N LEU D 251 33.83 -21.02 35.95
CA LEU D 251 33.90 -20.81 37.39
C LEU D 251 35.33 -20.84 37.92
N GLY D 252 36.32 -21.05 37.05
CA GLY D 252 37.71 -21.06 37.47
C GLY D 252 38.30 -22.43 37.76
N VAL D 253 37.52 -23.50 37.62
CA VAL D 253 38.05 -24.84 37.82
C VAL D 253 39.11 -25.13 36.76
N LYS D 254 40.26 -25.65 37.21
CA LYS D 254 41.35 -26.00 36.32
C LYS D 254 41.34 -27.50 36.05
N ILE D 255 41.69 -27.88 34.82
CA ILE D 255 41.83 -29.28 34.44
C ILE D 255 43.25 -29.48 33.93
N ILE D 256 43.93 -30.51 34.41
CA ILE D 256 45.25 -30.89 33.92
C ILE D 256 45.18 -32.32 33.41
N CYS D 257 45.36 -32.48 32.10
CA CYS D 257 45.27 -33.77 31.44
C CYS D 257 46.65 -34.44 31.44
N GLY D 258 46.64 -35.76 31.23
CA GLY D 258 47.87 -36.51 31.24
C GLY D 258 48.49 -36.72 32.61
N LYS D 259 47.71 -36.56 33.68
CA LYS D 259 48.16 -36.78 35.04
C LYS D 259 47.35 -37.89 35.67
N SER D 260 48.02 -38.92 36.20
CA SER D 260 47.36 -40.11 36.72
C SER D 260 47.52 -40.21 38.23
N LEU D 261 46.44 -40.64 38.90
CA LEU D 261 46.52 -41.18 40.24
C LEU D 261 47.07 -42.59 40.14
N SER D 262 48.30 -42.79 40.58
CA SER D 262 49.00 -44.06 40.44
C SER D 262 50.29 -43.98 41.26
N GLU D 263 50.72 -45.13 41.79
CA GLU D 263 51.95 -45.15 42.55
C GLU D 263 53.10 -44.68 41.66
N ASN D 264 53.97 -43.84 42.22
CA ASN D 264 55.05 -43.17 41.50
C ASN D 264 54.53 -42.13 40.51
N GLU D 265 53.26 -41.74 40.59
CA GLU D 265 52.77 -40.54 39.91
C GLU D 265 52.07 -39.66 40.94
N ILE D 266 50.77 -39.44 40.81
CA ILE D 266 50.01 -38.74 41.85
C ILE D 266 49.49 -39.77 42.84
N THR D 267 49.71 -39.54 44.12
CA THR D 267 49.16 -40.37 45.18
C THR D 267 48.49 -39.48 46.22
N LEU D 268 47.70 -40.09 47.10
CA LEU D 268 47.17 -39.33 48.22
C LEU D 268 48.32 -38.76 49.06
N ASN D 269 49.40 -39.52 49.20
CA ASN D 269 50.56 -39.04 49.94
C ASN D 269 51.22 -37.84 49.27
N THR D 270 51.40 -37.88 47.94
CA THR D 270 52.01 -36.73 47.27
C THR D 270 51.10 -35.52 47.32
N LEU D 271 49.77 -35.73 47.24
CA LEU D 271 48.84 -34.61 47.35
C LEU D 271 48.94 -33.96 48.74
N LYS D 272 48.95 -34.79 49.78
CA LYS D 272 49.07 -34.27 51.14
C LYS D 272 50.37 -33.49 51.32
N GLU D 273 51.48 -34.03 50.79
CA GLU D 273 52.78 -33.37 50.95
C GLU D 273 52.79 -32.00 50.27
N GLU D 274 52.06 -31.85 49.16
CA GLU D 274 52.03 -30.59 48.43
C GLU D 274 51.01 -29.60 48.98
N GLY D 275 50.33 -29.91 50.07
CA GLY D 275 49.44 -28.96 50.70
C GLY D 275 47.99 -28.98 50.24
N TYR D 276 47.58 -30.02 49.52
CA TYR D 276 46.15 -30.15 49.20
C TYR D 276 45.38 -30.48 50.47
N LYS D 277 44.27 -29.77 50.67
CA LYS D 277 43.47 -29.91 51.88
C LYS D 277 42.37 -30.95 51.76
N ALA D 278 41.90 -31.24 50.54
CA ALA D 278 40.87 -32.23 50.34
C ALA D 278 41.03 -32.82 48.96
N ALA D 279 40.57 -34.06 48.81
CA ALA D 279 40.65 -34.77 47.54
C ALA D 279 39.33 -35.49 47.27
N PHE D 280 38.92 -35.49 46.01
CA PHE D 280 37.74 -36.24 45.57
C PHE D 280 38.21 -37.25 44.53
N ILE D 281 37.90 -38.52 44.77
CA ILE D 281 38.28 -39.61 43.86
C ILE D 281 37.09 -39.87 42.94
N GLY D 282 37.25 -39.56 41.67
CA GLY D 282 36.22 -39.82 40.67
C GLY D 282 36.77 -40.47 39.42
N ILE D 283 37.61 -41.50 39.59
CA ILE D 283 38.31 -42.12 38.48
C ILE D 283 37.51 -43.24 37.82
N GLY D 284 36.32 -43.55 38.33
CA GLY D 284 35.50 -44.57 37.71
C GLY D 284 36.11 -45.97 37.86
N LEU D 285 35.78 -46.82 36.89
CA LEU D 285 36.20 -48.22 36.86
C LEU D 285 36.99 -48.40 35.57
N PRO D 286 38.30 -48.20 35.60
CA PRO D 286 39.07 -47.97 34.36
C PRO D 286 39.42 -49.23 33.58
N GLU D 287 39.08 -50.42 34.08
CA GLU D 287 39.59 -51.65 33.52
C GLU D 287 38.46 -52.60 33.19
N PRO D 288 38.55 -53.35 32.10
CA PRO D 288 37.45 -54.25 31.73
C PRO D 288 37.42 -55.46 32.65
N LYS D 289 36.22 -55.95 32.90
CA LYS D 289 36.07 -57.27 33.50
C LYS D 289 36.45 -58.31 32.45
N THR D 290 37.38 -59.19 32.79
CA THR D 290 37.91 -60.15 31.83
C THR D 290 37.55 -61.57 32.23
N ASP D 291 37.65 -62.47 31.25
CA ASP D 291 37.40 -63.89 31.45
C ASP D 291 38.57 -64.68 30.90
N ASP D 292 38.93 -65.76 31.61
CA ASP D 292 40.07 -66.58 31.21
C ASP D 292 39.91 -67.14 29.81
N ILE D 293 38.68 -67.37 29.33
CA ILE D 293 38.55 -67.99 28.02
C ILE D 293 39.02 -67.07 26.90
N PHE D 294 39.11 -65.76 27.15
CA PHE D 294 39.59 -64.84 26.14
C PHE D 294 41.06 -64.47 26.33
N GLN D 295 41.74 -65.14 27.27
CA GLN D 295 43.17 -64.96 27.49
C GLN D 295 43.95 -65.02 26.19
N GLY D 296 44.77 -64.01 25.96
CA GLY D 296 45.70 -63.99 24.84
C GLY D 296 45.11 -63.60 23.51
N LEU D 297 43.80 -63.40 23.41
CA LEU D 297 43.20 -63.04 22.13
C LEU D 297 43.44 -61.57 21.81
N THR D 298 43.74 -61.31 20.55
CA THR D 298 44.09 -59.97 20.08
C THR D 298 42.98 -59.41 19.20
N GLN D 299 43.03 -58.09 18.98
CA GLN D 299 42.08 -57.44 18.10
C GLN D 299 42.20 -57.93 16.67
N ASP D 300 43.42 -58.22 16.21
CA ASP D 300 43.55 -58.71 14.85
C ASP D 300 43.00 -60.13 14.68
N GLN D 301 42.97 -60.93 15.75
CA GLN D 301 42.20 -62.17 15.70
C GLN D 301 40.71 -61.91 15.75
N GLY D 302 40.29 -60.72 16.18
CA GLY D 302 38.90 -60.36 16.23
C GLY D 302 38.31 -60.17 17.62
N PHE D 303 39.12 -60.14 18.67
CA PHE D 303 38.60 -60.02 20.03
C PHE D 303 38.77 -58.62 20.59
N TYR D 304 37.70 -58.11 21.21
CA TYR D 304 37.70 -56.87 21.95
C TYR D 304 36.96 -57.05 23.27
N THR D 305 37.43 -56.35 24.30
CA THR D 305 36.51 -56.00 25.38
C THR D 305 35.86 -54.67 25.03
N SER D 306 34.76 -54.36 25.73
CA SER D 306 34.10 -53.09 25.48
C SER D 306 35.04 -51.91 25.70
N LYS D 307 36.01 -52.09 26.61
CA LYS D 307 36.99 -51.05 26.91
C LYS D 307 37.98 -50.84 25.78
N ASP D 308 38.17 -51.84 24.91
CA ASP D 308 38.94 -51.69 23.69
C ASP D 308 38.11 -51.12 22.55
N PHE D 309 36.89 -51.61 22.41
CA PHE D 309 36.10 -51.34 21.20
C PHE D 309 35.47 -49.95 21.24
N LEU D 310 34.68 -49.65 22.27
CA LEU D 310 33.96 -48.39 22.27
C LEU D 310 34.87 -47.17 22.22
N PRO D 311 36.02 -47.13 22.89
CA PRO D 311 36.91 -45.97 22.72
C PRO D 311 37.49 -45.83 21.33
N LEU D 312 37.69 -46.94 20.60
CA LEU D 312 38.12 -46.82 19.21
C LEU D 312 37.06 -46.14 18.37
N VAL D 313 35.79 -46.53 18.55
CA VAL D 313 34.71 -45.92 17.77
C VAL D 313 34.56 -44.46 18.16
N ALA D 314 34.67 -44.15 19.45
CA ALA D 314 34.51 -42.77 19.91
C ALA D 314 35.62 -41.89 19.35
N LYS D 315 36.88 -42.37 19.41
CA LYS D 315 37.99 -41.59 18.88
C LYS D 315 37.81 -41.31 17.40
N SER D 316 37.23 -42.25 16.66
CA SER D 316 37.05 -42.05 15.22
C SER D 316 35.90 -41.09 14.93
N SER D 317 34.79 -41.23 15.65
CA SER D 317 33.54 -40.56 15.28
C SER D 317 33.32 -39.23 15.98
N LYS D 318 34.11 -38.91 17.02
CA LYS D 318 33.90 -37.69 17.79
C LYS D 318 35.02 -36.71 17.46
N ALA D 319 34.72 -35.77 16.55
CA ALA D 319 35.71 -34.78 16.14
C ALA D 319 36.09 -33.89 17.31
N GLY D 320 37.40 -33.77 17.56
CA GLY D 320 37.89 -32.96 18.65
C GLY D 320 38.12 -33.72 19.95
N MET D 321 37.70 -34.98 20.04
CA MET D 321 37.99 -35.77 21.23
C MET D 321 39.48 -36.06 21.35
N CYS D 322 40.09 -36.53 20.26
CA CYS D 322 41.44 -37.07 20.28
C CYS D 322 42.33 -36.27 19.34
N ALA D 323 43.61 -36.19 19.68
CA ALA D 323 44.56 -35.42 18.86
C ALA D 323 44.85 -36.09 17.53
N CYS D 324 44.59 -37.39 17.40
CA CYS D 324 44.74 -38.09 16.14
C CYS D 324 43.37 -38.48 15.58
N HIS D 325 43.18 -38.19 14.29
CA HIS D 325 42.03 -38.67 13.55
C HIS D 325 42.22 -40.15 13.24
N SER D 326 41.12 -40.89 13.16
CA SER D 326 41.24 -42.30 12.80
C SER D 326 39.97 -42.75 12.10
N PRO D 327 40.06 -43.75 11.23
CA PRO D 327 38.86 -44.37 10.69
C PRO D 327 38.26 -45.34 11.69
N LEU D 328 37.09 -45.86 11.33
CA LEU D 328 36.40 -46.80 12.20
C LEU D 328 37.09 -48.15 12.18
N PRO D 329 36.97 -48.93 13.26
CA PRO D 329 37.46 -50.31 13.23
C PRO D 329 36.81 -51.08 12.08
N SER D 330 37.60 -51.91 11.42
CA SER D 330 37.09 -52.75 10.34
C SER D 330 36.40 -53.95 10.98
N ILE D 331 35.10 -53.80 11.19
CA ILE D 331 34.31 -54.85 11.80
C ILE D 331 33.48 -55.50 10.70
N ARG D 332 34.06 -56.44 9.97
CA ARG D 332 33.37 -57.11 8.89
C ARG D 332 33.03 -58.54 9.29
N GLY D 333 31.81 -58.95 8.98
CA GLY D 333 31.35 -60.30 9.24
C GLY D 333 30.29 -60.35 10.33
N ALA D 334 30.19 -61.52 10.95
CA ALA D 334 29.27 -61.74 12.05
C ALA D 334 29.95 -61.34 13.36
N VAL D 335 29.25 -60.55 14.16
CA VAL D 335 29.78 -60.04 15.42
C VAL D 335 28.99 -60.64 16.56
N ILE D 336 29.71 -61.18 17.56
CA ILE D 336 29.10 -61.67 18.78
C ILE D 336 29.42 -60.67 19.89
N VAL D 337 28.39 -60.14 20.52
CA VAL D 337 28.53 -59.29 21.70
C VAL D 337 28.04 -60.10 22.90
N LEU D 338 28.88 -60.21 23.92
CA LEU D 338 28.61 -61.05 25.09
C LEU D 338 28.19 -60.16 26.25
N GLY D 339 27.00 -60.38 26.78
CA GLY D 339 26.47 -59.59 27.88
C GLY D 339 25.13 -58.96 27.54
N ALA D 340 24.52 -58.38 28.58
CA ALA D 340 23.19 -57.80 28.43
C ALA D 340 22.99 -56.57 29.33
N GLY D 341 24.06 -55.88 29.68
CA GLY D 341 23.95 -54.58 30.32
C GLY D 341 23.94 -53.46 29.29
N ASP D 342 23.91 -52.21 29.80
CA ASP D 342 23.97 -51.04 28.92
C ASP D 342 25.08 -51.16 27.89
N THR D 343 26.25 -51.64 28.31
CA THR D 343 27.40 -51.60 27.43
C THR D 343 27.22 -52.52 26.23
N ALA D 344 26.65 -53.71 26.45
CA ALA D 344 26.47 -54.66 25.35
C ALA D 344 25.65 -54.05 24.23
N PHE D 345 24.61 -53.28 24.57
CA PHE D 345 23.76 -52.75 23.51
C PHE D 345 24.44 -51.59 22.77
N ASP D 346 25.27 -50.81 23.46
CA ASP D 346 26.06 -49.82 22.73
C ASP D 346 27.15 -50.48 21.88
N CYS D 347 27.67 -51.63 22.29
CA CYS D 347 28.60 -52.36 21.42
C CYS D 347 27.90 -52.88 20.17
N ALA D 348 26.67 -53.37 20.33
CA ALA D 348 25.94 -53.95 19.21
C ALA D 348 25.60 -52.89 18.16
N THR D 349 25.04 -51.76 18.59
CA THR D 349 24.68 -50.71 17.64
C THR D 349 25.93 -50.08 17.03
N SER D 350 26.99 -49.91 17.83
CA SER D 350 28.22 -49.33 17.29
C SER D 350 28.87 -50.25 16.27
N ALA D 351 28.81 -51.57 16.50
CA ALA D 351 29.38 -52.51 15.54
C ALA D 351 28.72 -52.37 14.18
N LEU D 352 27.43 -52.06 14.14
CA LEU D 352 26.74 -51.83 12.88
C LEU D 352 27.32 -50.63 12.14
N ARG D 353 27.68 -49.58 12.88
CA ARG D 353 28.29 -48.42 12.23
C ARG D 353 29.67 -48.75 11.66
N CYS D 354 30.33 -49.77 12.19
CA CYS D 354 31.64 -50.19 11.73
C CYS D 354 31.57 -51.15 10.55
N GLY D 355 30.37 -51.52 10.10
CA GLY D 355 30.22 -52.34 8.92
C GLY D 355 29.87 -53.80 9.16
N ALA D 356 29.45 -54.17 10.37
CA ALA D 356 29.10 -55.56 10.64
C ALA D 356 27.92 -56.01 9.79
N ARG D 357 27.99 -57.26 9.30
CA ARG D 357 26.92 -57.84 8.50
C ARG D 357 25.73 -58.28 9.35
N ARG D 358 26.01 -58.84 10.52
CA ARG D 358 24.99 -59.19 11.49
C ARG D 358 25.61 -59.21 12.88
N VAL D 359 24.78 -58.90 13.88
CA VAL D 359 25.24 -58.79 15.26
C VAL D 359 24.38 -59.69 16.12
N PHE D 360 25.03 -60.48 16.98
CA PHE D 360 24.37 -61.38 17.91
C PHE D 360 24.68 -60.91 19.32
N LEU D 361 23.66 -60.58 20.08
CA LEU D 361 23.78 -60.36 21.51
C LEU D 361 23.53 -61.68 22.23
N VAL D 362 24.54 -62.17 22.94
CA VAL D 362 24.48 -63.49 23.55
C VAL D 362 24.71 -63.31 25.05
N PHE D 363 23.81 -63.88 25.84
CA PHE D 363 23.75 -63.68 27.28
C PHE D 363 23.31 -64.94 28.02
N ARG D 364 23.86 -65.10 29.23
CA ARG D 364 23.81 -66.32 30.01
C ARG D 364 22.54 -66.47 30.83
N LYS D 365 21.66 -65.46 30.83
CA LYS D 365 20.36 -65.60 31.47
C LYS D 365 19.28 -65.42 30.40
N GLY D 366 18.01 -65.37 30.81
CA GLY D 366 16.90 -65.23 29.88
C GLY D 366 16.62 -63.77 29.56
N PHE D 367 15.59 -63.53 28.72
CA PHE D 367 15.33 -62.13 28.43
C PHE D 367 14.81 -61.37 29.64
N VAL D 368 14.08 -62.06 30.53
CA VAL D 368 13.53 -61.34 31.67
C VAL D 368 14.65 -60.76 32.50
N ASN D 369 15.88 -61.24 32.32
CA ASN D 369 17.00 -60.88 33.18
C ASN D 369 17.89 -59.80 32.57
N ILE D 370 17.54 -59.26 31.41
CA ILE D 370 18.36 -58.23 30.78
C ILE D 370 18.45 -57.02 31.71
N ARG D 371 19.65 -56.44 31.81
CA ARG D 371 19.87 -55.36 32.76
C ARG D 371 19.44 -54.01 32.22
N ALA D 372 19.77 -53.72 30.96
CA ALA D 372 19.55 -52.41 30.40
C ALA D 372 18.06 -52.07 30.35
N VAL D 373 17.76 -50.78 30.45
CA VAL D 373 16.38 -50.32 30.38
C VAL D 373 15.83 -50.66 29.01
N PRO D 374 14.53 -50.93 28.89
CA PRO D 374 13.98 -51.38 27.59
C PRO D 374 14.23 -50.41 26.45
N GLU D 375 14.40 -49.11 26.75
CA GLU D 375 14.61 -48.13 25.70
C GLU D 375 15.97 -48.30 25.04
N GLU D 376 16.99 -48.72 25.81
CA GLU D 376 18.28 -49.10 25.21
C GLU D 376 18.15 -50.40 24.43
N VAL D 377 17.42 -51.38 24.95
CA VAL D 377 17.23 -52.63 24.22
C VAL D 377 16.50 -52.37 22.91
N GLU D 378 15.56 -51.42 22.90
CA GLU D 378 14.76 -51.18 21.71
C GLU D 378 15.59 -50.62 20.57
N LEU D 379 16.65 -49.87 20.86
CA LEU D 379 17.51 -49.37 19.79
C LEU D 379 18.21 -50.51 19.07
N ALA D 380 18.77 -51.46 19.82
CA ALA D 380 19.39 -52.62 19.18
C ALA D 380 18.35 -53.47 18.46
N LYS D 381 17.15 -53.60 19.04
CA LYS D 381 16.12 -54.43 18.43
C LYS D 381 15.68 -53.87 17.08
N GLU D 382 15.38 -52.56 17.03
CA GLU D 382 14.90 -51.96 15.80
C GLU D 382 15.96 -51.94 14.71
N GLU D 383 17.24 -52.04 15.08
CA GLU D 383 18.32 -52.13 14.12
C GLU D 383 18.64 -53.59 13.75
N LYS D 384 17.80 -54.53 14.18
CA LYS D 384 17.82 -55.92 13.74
C LYS D 384 19.02 -56.70 14.28
N CYS D 385 19.46 -56.39 15.50
CA CYS D 385 20.36 -57.29 16.18
C CYS D 385 19.61 -58.53 16.62
N GLU D 386 20.32 -59.65 16.63
CA GLU D 386 19.77 -60.93 17.07
C GLU D 386 20.07 -61.13 18.55
N PHE D 387 19.19 -61.87 19.23
CA PHE D 387 19.31 -62.10 20.66
C PHE D 387 19.33 -63.60 20.93
N LEU D 388 20.34 -64.05 21.67
CA LEU D 388 20.50 -65.46 22.03
C LEU D 388 20.61 -65.57 23.54
N PRO D 389 19.55 -65.99 24.23
CA PRO D 389 19.58 -66.11 25.70
C PRO D 389 20.08 -67.48 26.16
N PHE D 390 20.32 -67.55 27.48
CA PHE D 390 20.61 -68.82 28.16
C PHE D 390 21.85 -69.50 27.60
N LEU D 391 22.88 -68.71 27.27
CA LEU D 391 24.12 -69.23 26.71
C LEU D 391 25.32 -68.64 27.44
N SER D 392 26.18 -69.52 27.94
CA SER D 392 27.40 -69.13 28.64
C SER D 392 28.62 -69.53 27.84
N PRO D 393 29.52 -68.60 27.53
CA PRO D 393 30.67 -68.95 26.68
C PRO D 393 31.59 -69.95 27.34
N ARG D 394 32.07 -70.91 26.53
CA ARG D 394 33.02 -71.93 26.97
C ARG D 394 34.36 -71.87 26.27
N LYS D 395 34.39 -71.59 24.96
CA LYS D 395 35.68 -71.61 24.29
C LYS D 395 35.56 -70.83 22.98
N VAL D 396 36.64 -70.13 22.63
CA VAL D 396 36.74 -69.41 21.36
C VAL D 396 37.53 -70.26 20.39
N ILE D 397 36.98 -70.46 19.20
CA ILE D 397 37.63 -71.26 18.15
C ILE D 397 38.42 -70.33 17.25
N VAL D 398 39.72 -70.60 17.12
CA VAL D 398 40.63 -69.77 16.31
C VAL D 398 41.25 -70.67 15.25
N LYS D 399 41.12 -70.29 13.98
CA LYS D 399 41.76 -70.98 12.87
C LYS D 399 42.38 -69.95 11.92
N GLY D 400 43.58 -70.27 11.44
CA GLY D 400 44.28 -69.37 10.53
C GLY D 400 44.58 -68.02 11.12
N GLY D 401 44.79 -67.95 12.44
CA GLY D 401 45.08 -66.70 13.09
C GLY D 401 43.90 -65.82 13.38
N ARG D 402 42.67 -66.36 13.33
CA ARG D 402 41.54 -65.50 13.70
C ARG D 402 40.31 -66.32 14.07
N ILE D 403 39.43 -65.64 14.79
CA ILE D 403 38.25 -66.29 15.36
C ILE D 403 37.33 -66.76 14.24
N VAL D 404 36.82 -67.98 14.37
CA VAL D 404 35.81 -68.50 13.46
C VAL D 404 34.53 -68.92 14.16
N ALA D 405 34.52 -69.04 15.49
CA ALA D 405 33.33 -69.44 16.22
C ALA D 405 33.56 -69.25 17.71
N VAL D 406 32.47 -69.29 18.46
CA VAL D 406 32.50 -69.38 19.92
C VAL D 406 31.63 -70.55 20.33
N GLN D 407 32.10 -71.35 21.29
CA GLN D 407 31.31 -72.45 21.81
C GLN D 407 30.71 -72.07 23.15
N PHE D 408 29.43 -72.39 23.32
CA PHE D 408 28.67 -72.04 24.51
C PHE D 408 28.07 -73.30 25.11
N VAL D 409 27.68 -73.22 26.38
CA VAL D 409 26.81 -74.22 26.99
C VAL D 409 25.52 -73.55 27.39
N ARG D 410 24.41 -74.30 27.33
CA ARG D 410 23.13 -73.78 27.80
C ARG D 410 23.15 -73.59 29.31
N THR D 411 22.45 -72.56 29.77
CA THR D 411 22.22 -72.33 31.19
C THR D 411 20.74 -72.49 31.51
N GLU D 412 20.45 -72.74 32.79
CA GLU D 412 19.08 -72.79 33.28
C GLU D 412 19.08 -72.58 34.78
N GLN D 413 17.90 -72.24 35.30
CA GLN D 413 17.72 -71.88 36.70
C GLN D 413 17.05 -73.03 37.43
N ASP D 414 17.73 -73.59 38.43
CA ASP D 414 17.22 -74.80 39.08
C ASP D 414 15.98 -74.47 39.92
N GLU D 415 15.43 -75.51 40.55
CA GLU D 415 14.09 -75.41 41.13
C GLU D 415 14.01 -74.31 42.18
N THR D 416 15.06 -74.16 42.99
CA THR D 416 15.09 -73.06 43.95
C THR D 416 15.16 -71.74 43.20
N GLY D 417 16.31 -71.46 42.59
CA GLY D 417 16.42 -70.28 41.77
C GLY D 417 17.84 -69.97 41.33
N LYS D 418 18.72 -70.96 41.31
CA LYS D 418 20.10 -70.68 40.94
C LYS D 418 20.41 -71.29 39.58
N TRP D 419 21.49 -70.79 38.97
CA TRP D 419 21.80 -70.99 37.57
C TRP D 419 22.81 -72.11 37.40
N ASN D 420 22.42 -73.14 36.66
CA ASN D 420 23.29 -74.26 36.34
C ASN D 420 23.80 -74.15 34.91
N GLU D 421 24.76 -75.01 34.60
CA GLU D 421 25.28 -75.12 33.24
C GLU D 421 25.21 -76.56 32.78
N ASP D 422 24.70 -76.74 31.57
CA ASP D 422 24.40 -78.04 30.97
C ASP D 422 25.55 -78.37 30.04
N GLU D 423 26.52 -79.15 30.54
CA GLU D 423 27.75 -79.40 29.80
C GLU D 423 27.49 -80.11 28.48
N ASP D 424 26.40 -80.84 28.36
CA ASP D 424 26.11 -81.64 27.17
C ASP D 424 25.15 -80.96 26.21
N GLN D 425 24.76 -79.71 26.48
CA GLN D 425 23.91 -78.93 25.59
C GLN D 425 24.74 -77.74 25.11
N ILE D 426 25.31 -77.87 23.90
CA ILE D 426 26.33 -76.95 23.42
C ILE D 426 25.78 -76.17 22.24
N VAL D 427 26.36 -74.99 22.00
CA VAL D 427 26.14 -74.23 20.78
C VAL D 427 27.48 -73.85 20.19
N HIS D 428 27.64 -74.11 18.90
CA HIS D 428 28.80 -73.71 18.12
C HIS D 428 28.35 -72.60 17.19
N LEU D 429 28.60 -71.34 17.59
CA LEU D 429 28.09 -70.19 16.86
C LEU D 429 29.20 -69.55 16.04
N LYS D 430 28.99 -69.48 14.73
CA LYS D 430 29.89 -68.80 13.80
C LYS D 430 30.13 -67.36 14.24
N ALA D 431 31.37 -66.90 14.11
CA ALA D 431 31.65 -65.50 14.38
C ALA D 431 33.01 -65.13 13.81
N ASP D 432 33.14 -63.86 13.44
CA ASP D 432 34.41 -63.27 13.04
C ASP D 432 34.97 -62.30 14.07
N VAL D 433 34.10 -61.71 14.89
CA VAL D 433 34.44 -60.69 15.85
C VAL D 433 33.69 -61.01 17.14
N VAL D 434 34.37 -60.89 18.27
CA VAL D 434 33.79 -61.15 19.58
C VAL D 434 34.09 -59.96 20.47
N ILE D 435 33.05 -59.40 21.10
CA ILE D 435 33.19 -58.23 21.97
C ILE D 435 32.58 -58.58 23.32
N SER D 436 33.41 -58.66 24.35
CA SER D 436 32.91 -58.95 25.68
C SER D 436 32.45 -57.65 26.35
N ALA D 437 31.23 -57.66 26.88
CA ALA D 437 30.71 -56.50 27.60
C ALA D 437 30.34 -56.92 29.01
N PHE D 438 31.32 -57.44 29.75
CA PHE D 438 31.09 -58.00 31.07
C PHE D 438 31.15 -56.97 32.18
N GLY D 439 31.32 -55.69 31.86
CA GLY D 439 31.45 -54.66 32.85
C GLY D 439 32.88 -54.20 33.03
N SER D 440 33.09 -53.44 34.10
CA SER D 440 34.35 -52.80 34.36
C SER D 440 34.68 -52.91 35.85
N VAL D 441 35.96 -52.79 36.17
CA VAL D 441 36.45 -52.97 37.54
C VAL D 441 37.63 -52.03 37.77
N LEU D 442 37.99 -51.86 39.05
CA LEU D 442 39.27 -51.25 39.40
C LEU D 442 40.20 -52.37 39.83
N ARG D 443 41.29 -52.55 39.08
CA ARG D 443 42.12 -53.73 39.26
C ARG D 443 43.61 -53.42 39.35
N ASP D 444 44.03 -52.33 38.72
CA ASP D 444 45.44 -51.96 38.65
C ASP D 444 46.00 -51.76 40.05
N PRO D 445 46.94 -52.61 40.49
CA PRO D 445 47.47 -52.47 41.86
C PRO D 445 48.24 -51.18 42.08
N LYS D 446 48.79 -50.57 41.03
CA LYS D 446 49.47 -49.28 41.16
C LYS D 446 48.48 -48.17 41.50
N VAL D 447 47.28 -48.22 40.95
CA VAL D 447 46.25 -47.24 41.27
C VAL D 447 45.70 -47.50 42.66
N LYS D 448 45.49 -48.77 43.01
CA LYS D 448 44.98 -49.10 44.32
C LYS D 448 45.97 -48.70 45.41
N GLU D 449 47.27 -48.90 45.17
CA GLU D 449 48.27 -48.50 46.14
C GLU D 449 48.36 -46.99 46.28
N ALA D 450 48.07 -46.24 45.21
CA ALA D 450 48.06 -44.78 45.30
C ALA D 450 46.94 -44.26 46.19
N LEU D 451 45.94 -45.08 46.48
CA LEU D 451 44.84 -44.73 47.37
C LEU D 451 45.09 -45.16 48.81
N SER D 452 46.30 -45.62 49.13
CA SER D 452 46.64 -45.92 50.51
C SER D 452 46.52 -44.66 51.36
N PRO D 453 45.98 -44.75 52.58
CA PRO D 453 45.51 -45.98 53.21
C PRO D 453 44.00 -46.09 53.39
N ILE D 454 43.19 -45.64 52.42
CA ILE D 454 41.75 -45.70 52.60
C ILE D 454 41.29 -47.16 52.59
N LYS D 455 40.20 -47.43 53.31
CA LYS D 455 39.66 -48.78 53.41
C LYS D 455 38.87 -49.13 52.16
N PHE D 456 39.02 -50.37 51.69
CA PHE D 456 38.23 -50.94 50.62
C PHE D 456 37.29 -51.99 51.18
N ASN D 457 36.16 -52.20 50.50
CA ASN D 457 35.16 -53.16 50.94
C ASN D 457 35.31 -54.48 50.19
N ARG D 458 34.38 -55.40 50.46
CA ARG D 458 34.44 -56.73 49.86
C ARG D 458 34.06 -56.73 48.38
N TRP D 459 33.62 -55.60 47.84
CA TRP D 459 33.49 -55.44 46.39
C TRP D 459 34.74 -54.88 45.75
N ASP D 460 35.82 -54.69 46.53
CA ASP D 460 37.09 -54.17 46.04
C ASP D 460 36.99 -52.70 45.64
N LEU D 461 36.15 -51.94 46.34
CA LEU D 461 35.95 -50.54 46.02
C LEU D 461 36.15 -49.69 47.27
N PRO D 462 36.55 -48.43 47.12
CA PRO D 462 36.70 -47.58 48.31
C PRO D 462 35.38 -47.43 49.05
N GLU D 463 35.44 -47.58 50.37
CA GLU D 463 34.25 -47.47 51.21
C GLU D 463 34.00 -46.01 51.55
N VAL D 464 32.74 -45.58 51.42
CA VAL D 464 32.37 -44.23 51.81
C VAL D 464 31.15 -44.30 52.72
N ASP D 465 31.03 -43.30 53.58
CA ASP D 465 29.76 -42.99 54.22
C ASP D 465 28.78 -42.58 53.12
N PRO D 466 27.64 -43.26 52.96
CA PRO D 466 26.76 -42.94 51.82
C PRO D 466 26.05 -41.61 51.93
N GLU D 467 26.10 -40.94 53.09
CA GLU D 467 25.52 -39.61 53.23
C GLU D 467 26.51 -38.50 52.97
N THR D 468 27.78 -38.67 53.33
CA THR D 468 28.79 -37.63 53.19
C THR D 468 29.76 -37.87 52.05
N MET D 469 29.85 -39.09 51.55
CA MET D 469 30.76 -39.54 50.51
C MET D 469 32.21 -39.51 50.98
N GLN D 470 32.41 -39.47 52.30
CA GLN D 470 33.75 -39.44 52.88
C GLN D 470 34.29 -40.87 53.01
N THR D 471 35.58 -41.04 52.67
CA THR D 471 36.25 -42.33 52.85
C THR D 471 36.68 -42.46 54.31
N SER D 472 37.48 -43.48 54.61
CA SER D 472 37.99 -43.65 55.96
C SER D 472 39.03 -42.58 56.30
N GLU D 473 39.62 -41.93 55.31
CA GLU D 473 40.46 -40.76 55.54
C GLU D 473 39.59 -39.50 55.47
N PRO D 474 39.55 -38.68 56.53
CA PRO D 474 38.57 -37.58 56.55
C PRO D 474 38.73 -36.56 55.44
N TRP D 475 39.93 -36.41 54.89
CA TRP D 475 40.13 -35.41 53.85
C TRP D 475 39.88 -35.95 52.45
N VAL D 476 39.53 -37.22 52.31
CA VAL D 476 39.40 -37.86 51.00
C VAL D 476 37.96 -38.31 50.83
N PHE D 477 37.35 -37.91 49.72
CA PHE D 477 35.98 -38.24 49.36
C PHE D 477 36.01 -38.99 48.04
N ALA D 478 34.93 -39.69 47.72
CA ALA D 478 34.85 -40.39 46.44
C ALA D 478 33.40 -40.53 46.00
N GLY D 479 33.19 -40.74 44.71
CA GLY D 479 31.86 -40.85 44.14
C GLY D 479 31.91 -41.25 42.68
N GLY D 480 30.75 -41.68 42.16
CA GLY D 480 30.65 -42.21 40.78
C GLY D 480 30.74 -43.72 40.75
N ASP D 481 30.90 -44.28 39.54
CA ASP D 481 31.38 -45.69 39.36
C ASP D 481 32.33 -46.21 40.40
N ILE D 482 33.32 -45.41 40.84
CA ILE D 482 34.36 -46.00 41.70
C ILE D 482 33.75 -46.45 43.02
N VAL D 483 32.65 -45.83 43.44
CA VAL D 483 32.01 -46.21 44.70
C VAL D 483 31.02 -47.36 44.52
N GLY D 484 30.51 -47.57 43.31
CA GLY D 484 29.73 -48.75 43.01
C GLY D 484 28.26 -48.65 43.31
N MET D 485 27.77 -47.49 43.71
CA MET D 485 26.33 -47.31 43.87
C MET D 485 25.69 -46.73 42.62
N ALA D 486 26.28 -45.68 42.05
CA ALA D 486 25.75 -45.07 40.86
C ALA D 486 25.76 -46.07 39.70
N ASN D 487 24.65 -46.11 38.95
CA ASN D 487 24.56 -46.89 37.73
C ASN D 487 24.36 -45.99 36.51
N THR D 488 24.39 -44.67 36.70
CA THR D 488 23.99 -43.70 35.68
C THR D 488 24.85 -42.45 35.81
N THR D 489 24.85 -41.67 34.73
CA THR D 489 25.49 -40.37 34.74
C THR D 489 24.89 -39.46 35.82
N VAL D 490 23.56 -39.45 35.93
CA VAL D 490 22.91 -38.53 36.85
C VAL D 490 23.22 -38.89 38.30
N GLU D 491 23.33 -40.19 38.61
CA GLU D 491 23.72 -40.59 39.96
C GLU D 491 25.17 -40.27 40.24
N SER D 492 26.03 -40.38 39.23
CA SER D 492 27.43 -39.96 39.41
C SER D 492 27.51 -38.46 39.63
N VAL D 493 26.74 -37.69 38.85
CA VAL D 493 26.63 -36.25 39.10
C VAL D 493 26.15 -36.00 40.52
N ASN D 494 25.16 -36.77 40.99
CA ASN D 494 24.64 -36.53 42.32
C ASN D 494 25.66 -36.88 43.39
N ASP D 495 26.47 -37.93 43.17
CA ASP D 495 27.53 -38.28 44.11
C ASP D 495 28.49 -37.12 44.31
N GLY D 496 28.88 -36.45 43.23
CA GLY D 496 29.77 -35.30 43.35
C GLY D 496 29.10 -34.12 44.00
N LYS D 497 27.81 -33.93 43.72
CA LYS D 497 27.03 -32.88 44.36
C LYS D 497 26.96 -33.12 45.86
N GLN D 498 26.59 -34.34 46.26
CA GLN D 498 26.56 -34.70 47.67
C GLN D 498 27.92 -34.47 48.33
N ALA D 499 28.99 -34.92 47.67
CA ALA D 499 30.32 -34.79 48.25
C ALA D 499 30.73 -33.33 48.45
N SER D 500 30.31 -32.45 47.54
CA SER D 500 30.77 -31.07 47.58
C SER D 500 30.38 -30.38 48.88
N TRP D 501 29.16 -30.63 49.38
CA TRP D 501 28.76 -29.97 50.63
C TRP D 501 29.62 -30.42 51.80
N TYR D 502 29.91 -31.72 51.90
CA TYR D 502 30.66 -32.23 53.04
C TYR D 502 32.16 -32.02 52.90
N ILE D 503 32.67 -31.87 51.69
CA ILE D 503 34.03 -31.37 51.51
C ILE D 503 34.12 -29.96 52.04
N HIS D 504 33.15 -29.12 51.64
CA HIS D 504 33.04 -27.74 52.12
C HIS D 504 33.02 -27.70 53.65
N LYS D 505 32.18 -28.52 54.27
CA LYS D 505 32.15 -28.57 55.73
C LYS D 505 33.49 -28.98 56.31
N TYR D 506 34.14 -29.99 55.72
CA TYR D 506 35.41 -30.46 56.28
C TYR D 506 36.47 -29.38 56.18
N ILE D 507 36.57 -28.73 55.03
CA ILE D 507 37.59 -27.70 54.83
C ILE D 507 37.37 -26.54 55.78
N GLN D 508 36.11 -26.08 55.87
CA GLN D 508 35.81 -24.96 56.77
C GLN D 508 36.22 -25.28 58.19
N ALA D 509 35.90 -26.49 58.65
CA ALA D 509 36.26 -26.90 60.01
C ALA D 509 37.77 -26.93 60.20
N GLN D 510 38.51 -27.38 59.19
CA GLN D 510 39.97 -27.35 59.27
C GLN D 510 40.50 -25.95 59.50
N TYR D 511 39.81 -24.94 58.95
CA TYR D 511 40.15 -23.54 59.16
C TYR D 511 39.42 -22.93 60.34
N GLY D 512 38.74 -23.74 61.15
CA GLY D 512 38.09 -23.24 62.34
C GLY D 512 36.79 -22.52 62.11
N ALA D 513 36.10 -22.80 60.99
CA ALA D 513 34.82 -22.17 60.68
C ALA D 513 33.74 -23.23 60.61
N SER D 514 32.55 -22.88 61.08
CA SER D 514 31.42 -23.79 61.01
C SER D 514 30.60 -23.48 59.77
N VAL D 515 29.78 -24.47 59.37
CA VAL D 515 28.81 -24.27 58.31
C VAL D 515 27.44 -24.61 58.87
N SER D 516 26.40 -24.08 58.23
CA SER D 516 25.04 -24.29 58.69
C SER D 516 24.72 -25.79 58.70
N ALA D 517 23.90 -26.20 59.67
CA ALA D 517 23.45 -27.59 59.70
C ALA D 517 22.46 -27.88 58.58
N LYS D 518 21.91 -26.85 57.93
CA LYS D 518 21.20 -26.98 56.67
C LYS D 518 22.12 -26.88 55.47
N PRO D 519 22.32 -27.96 54.71
CA PRO D 519 23.08 -27.86 53.46
C PRO D 519 22.49 -26.83 52.51
N GLU D 520 23.38 -26.08 51.85
CA GLU D 520 23.05 -24.81 51.20
C GLU D 520 23.79 -24.69 49.86
N LEU D 521 23.53 -25.58 48.92
CA LEU D 521 24.34 -25.40 47.72
C LEU D 521 23.74 -24.31 46.82
N PRO D 522 24.58 -23.47 46.22
CA PRO D 522 24.06 -22.36 45.40
C PRO D 522 23.47 -22.85 44.08
N LEU D 523 22.60 -22.01 43.53
CA LEU D 523 22.02 -22.24 42.21
C LEU D 523 23.01 -21.88 41.12
N PHE D 524 22.57 -22.04 39.87
CA PHE D 524 23.35 -21.76 38.67
C PHE D 524 22.97 -20.37 38.16
N TYR D 525 23.97 -19.54 37.85
CA TYR D 525 23.74 -18.14 37.49
C TYR D 525 24.48 -17.78 36.20
N THR D 526 23.90 -16.82 35.45
CA THR D 526 24.49 -16.28 34.23
C THR D 526 24.30 -14.76 34.26
N PRO D 527 24.89 -13.98 33.32
CA PRO D 527 24.65 -12.53 33.35
C PRO D 527 23.20 -12.13 33.15
N VAL D 528 22.37 -13.04 32.60
CA VAL D 528 20.94 -12.77 32.49
C VAL D 528 20.34 -12.45 33.85
N ASP D 529 20.81 -13.15 34.89
CA ASP D 529 20.20 -13.00 36.20
C ASP D 529 20.49 -11.64 36.83
N LEU D 530 21.45 -10.88 36.30
CA LEU D 530 21.75 -9.55 36.81
C LEU D 530 20.91 -8.46 36.13
N VAL D 531 20.07 -8.81 35.16
CA VAL D 531 19.29 -7.82 34.43
C VAL D 531 18.24 -7.21 35.36
N ASP D 532 18.09 -5.89 35.28
CA ASP D 532 17.20 -5.13 36.14
C ASP D 532 15.82 -5.05 35.48
N ILE D 533 14.78 -5.56 36.18
CA ILE D 533 13.43 -5.52 35.64
C ILE D 533 12.51 -4.66 36.51
N SER D 534 13.06 -3.72 37.25
CA SER D 534 12.22 -2.79 38.01
C SER D 534 11.62 -1.75 37.07
N VAL D 535 10.56 -1.08 37.55
CA VAL D 535 9.86 -0.08 36.75
C VAL D 535 9.19 0.89 37.70
N GLU D 536 9.15 2.17 37.30
CA GLU D 536 8.45 3.21 38.02
C GLU D 536 7.18 3.61 37.26
N MET D 537 6.09 3.77 38.01
CA MET D 537 4.80 4.13 37.44
C MET D 537 4.02 4.95 38.45
N ALA D 538 3.53 6.12 38.02
CA ALA D 538 2.70 7.00 38.85
C ALA D 538 3.39 7.30 40.18
N GLY D 539 4.72 7.44 40.12
CA GLY D 539 5.50 7.72 41.31
C GLY D 539 5.75 6.54 42.22
N LEU D 540 5.33 5.33 41.82
CA LEU D 540 5.53 4.13 42.61
C LEU D 540 6.67 3.30 42.03
N LYS D 541 7.45 2.67 42.92
CA LYS D 541 8.54 1.77 42.53
C LYS D 541 8.08 0.32 42.58
N PHE D 542 8.19 -0.38 41.46
CA PHE D 542 7.88 -1.80 41.37
C PHE D 542 9.19 -2.56 41.18
N ILE D 543 9.49 -3.50 42.09
CA ILE D 543 10.74 -4.25 41.97
C ILE D 543 10.70 -5.17 40.75
N ASN D 544 9.51 -5.59 40.33
CA ASN D 544 9.31 -6.19 39.02
C ASN D 544 7.88 -5.87 38.59
N PRO D 545 7.57 -5.99 37.29
CA PRO D 545 6.27 -5.52 36.81
C PRO D 545 5.11 -6.48 37.02
N PHE D 546 5.32 -7.63 37.69
CA PHE D 546 4.29 -8.65 37.80
C PHE D 546 3.57 -8.56 39.13
N GLY D 547 2.25 -8.57 39.10
CA GLY D 547 1.45 -8.48 40.31
C GLY D 547 0.18 -9.29 40.21
N LEU D 548 -0.42 -9.54 41.38
CA LEU D 548 -1.67 -10.30 41.45
C LEU D 548 -2.84 -9.36 41.22
N ALA D 549 -3.70 -9.69 40.26
CA ALA D 549 -4.92 -8.95 40.04
C ALA D 549 -5.85 -9.06 41.26
N SER D 550 -6.81 -8.14 41.34
CA SER D 550 -7.87 -8.26 42.34
C SER D 550 -8.78 -9.42 41.96
N ALA D 551 -8.64 -10.56 42.65
CA ALA D 551 -9.30 -11.78 42.18
C ALA D 551 -9.17 -12.94 43.16
N ALA D 552 -9.48 -14.15 42.70
CA ALA D 552 -9.43 -15.30 43.59
C ALA D 552 -8.06 -15.51 44.22
N PRO D 553 -6.92 -15.35 43.53
CA PRO D 553 -5.62 -15.49 44.20
C PRO D 553 -5.36 -14.46 45.29
N THR D 554 -6.19 -13.42 45.42
CA THR D 554 -6.06 -12.48 46.54
C THR D 554 -7.30 -12.53 47.44
N THR D 555 -7.89 -13.72 47.56
CA THR D 555 -9.04 -13.93 48.43
C THR D 555 -8.70 -13.57 49.87
N SER D 556 -7.50 -13.90 50.32
CA SER D 556 -7.06 -13.65 51.68
C SER D 556 -5.73 -12.93 51.65
N SER D 557 -5.49 -12.10 52.67
CA SER D 557 -4.22 -11.39 52.73
C SER D 557 -3.06 -12.34 53.03
N SER D 558 -3.34 -13.47 53.68
CA SER D 558 -2.31 -14.48 53.90
C SER D 558 -1.78 -15.04 52.60
N MET D 559 -2.63 -15.05 51.57
CA MET D 559 -2.22 -15.47 50.23
C MET D 559 -1.27 -14.44 49.61
N ILE D 560 -1.60 -13.16 49.75
CA ILE D 560 -0.73 -12.09 49.27
C ILE D 560 0.64 -12.18 49.96
N ARG D 561 0.64 -12.43 51.26
CA ARG D 561 1.91 -12.61 51.97
C ARG D 561 2.77 -13.67 51.29
N ARG D 562 2.20 -14.85 51.04
CA ARG D 562 2.98 -15.92 50.42
C ARG D 562 3.39 -15.55 49.00
N ALA D 563 2.57 -14.77 48.28
CA ALA D 563 2.95 -14.35 46.94
C ALA D 563 4.13 -13.40 46.99
N PHE D 564 4.15 -12.46 47.95
CA PHE D 564 5.31 -11.60 48.10
C PHE D 564 6.53 -12.42 48.47
N GLU D 565 6.36 -13.43 49.34
CA GLU D 565 7.49 -14.28 49.70
C GLU D 565 7.99 -15.07 48.49
N ALA D 566 7.11 -15.38 47.55
CA ALA D 566 7.52 -16.07 46.34
C ALA D 566 8.20 -15.15 45.33
N GLY D 567 7.96 -13.85 45.41
CA GLY D 567 8.68 -12.91 44.57
C GLY D 567 7.83 -11.94 43.77
N TRP D 568 6.51 -11.99 43.94
CA TRP D 568 5.63 -11.12 43.16
C TRP D 568 5.89 -9.66 43.51
N GLY D 569 5.90 -8.82 42.47
CA GLY D 569 6.27 -7.43 42.65
C GLY D 569 5.19 -6.61 43.34
N PHE D 570 3.93 -6.90 43.05
CA PHE D 570 2.85 -6.15 43.68
C PHE D 570 1.60 -7.02 43.78
N ALA D 571 0.59 -6.52 44.50
CA ALA D 571 -0.64 -7.27 44.63
C ALA D 571 -1.80 -6.32 44.88
N LEU D 572 -2.94 -6.68 44.30
CA LEU D 572 -4.22 -6.04 44.58
C LEU D 572 -4.91 -6.79 45.69
N THR D 573 -5.59 -6.06 46.57
CA THR D 573 -6.57 -6.76 47.40
C THR D 573 -7.74 -7.16 46.52
N LYS D 574 -8.40 -8.24 46.92
CA LYS D 574 -9.76 -8.48 46.46
C LYS D 574 -10.60 -7.23 46.74
N THR D 575 -11.50 -6.88 45.82
CA THR D 575 -12.29 -5.66 46.00
C THR D 575 -13.09 -5.72 47.29
N PHE D 576 -13.02 -4.67 48.09
CA PHE D 576 -13.79 -4.63 49.33
C PHE D 576 -14.61 -3.34 49.41
N SER D 577 -15.60 -3.36 50.30
CA SER D 577 -16.59 -2.29 50.40
C SER D 577 -16.93 -2.02 51.86
N LEU D 578 -17.73 -0.98 52.05
CA LEU D 578 -18.24 -0.61 53.36
C LEU D 578 -19.18 -1.69 53.88
N ASP D 579 -19.40 -1.68 55.20
CA ASP D 579 -20.19 -2.72 55.86
C ASP D 579 -21.60 -2.80 55.29
N LYS D 580 -22.20 -1.66 54.97
CA LYS D 580 -23.57 -1.68 54.45
C LYS D 580 -23.66 -2.35 53.09
N ASP D 581 -22.53 -2.54 52.41
CA ASP D 581 -22.51 -3.13 51.07
C ASP D 581 -22.08 -4.60 51.09
N ILE D 582 -22.21 -5.26 52.25
CA ILE D 582 -21.78 -6.64 52.40
C ILE D 582 -22.49 -7.55 51.41
N VAL D 583 -21.76 -8.54 50.89
CA VAL D 583 -22.29 -9.47 49.89
C VAL D 583 -22.09 -10.91 50.39
N THR D 584 -22.78 -11.83 49.71
CA THR D 584 -22.69 -13.25 50.00
C THR D 584 -22.60 -14.00 48.67
N ASN D 585 -21.51 -14.73 48.46
CA ASN D 585 -21.31 -15.48 47.23
C ASN D 585 -22.24 -16.69 47.15
N VAL D 586 -22.51 -17.10 45.92
CA VAL D 586 -23.19 -18.36 45.64
C VAL D 586 -22.14 -19.40 45.26
N SER D 587 -22.56 -20.66 45.19
CA SER D 587 -21.71 -21.74 44.69
C SER D 587 -22.57 -22.72 43.89
N PRO D 588 -22.05 -23.30 42.81
CA PRO D 588 -20.75 -23.09 42.16
C PRO D 588 -20.63 -21.69 41.55
N ARG D 589 -19.40 -21.17 41.38
CA ARG D 589 -19.27 -19.83 40.85
C ARG D 589 -18.05 -19.58 39.97
N ILE D 590 -17.14 -20.53 39.82
CA ILE D 590 -16.00 -20.39 38.92
C ILE D 590 -15.88 -21.70 38.14
N VAL D 591 -15.96 -21.61 36.82
CA VAL D 591 -15.96 -22.80 35.96
C VAL D 591 -14.87 -22.67 34.92
N ARG D 592 -14.45 -23.80 34.39
CA ARG D 592 -13.44 -23.80 33.34
C ARG D 592 -14.03 -23.30 32.03
N GLY D 593 -13.17 -22.74 31.18
CA GLY D 593 -13.60 -22.32 29.88
C GLY D 593 -13.84 -23.49 28.94
N THR D 594 -14.80 -23.30 28.04
CA THR D 594 -15.03 -24.19 26.92
C THR D 594 -14.46 -23.61 25.64
N THR D 595 -13.63 -22.57 25.76
CA THR D 595 -13.15 -21.78 24.64
C THR D 595 -12.13 -22.52 23.78
N SER D 596 -11.56 -23.63 24.24
CA SER D 596 -10.64 -24.40 23.41
C SER D 596 -10.99 -25.88 23.41
N GLY D 597 -12.26 -26.22 23.60
CA GLY D 597 -12.71 -27.58 23.49
C GLY D 597 -12.52 -28.38 24.76
N PRO D 598 -12.82 -29.69 24.68
CA PRO D 598 -12.76 -30.59 25.86
C PRO D 598 -11.35 -31.03 26.19
N MET D 599 -10.51 -30.06 26.54
CA MET D 599 -9.16 -30.29 27.02
C MET D 599 -9.10 -29.89 28.49
N TYR D 600 -8.81 -30.85 29.35
CA TYR D 600 -8.93 -30.69 30.78
C TYR D 600 -7.54 -30.66 31.41
N GLY D 601 -7.47 -30.09 32.61
CA GLY D 601 -6.23 -30.03 33.34
C GLY D 601 -5.47 -28.74 33.09
N PRO D 602 -4.17 -28.84 32.85
CA PRO D 602 -3.33 -27.63 32.78
C PRO D 602 -3.73 -26.73 31.62
N GLY D 603 -3.49 -25.44 31.81
CA GLY D 603 -3.59 -24.47 30.73
C GLY D 603 -4.98 -24.25 30.18
N GLN D 604 -5.99 -24.18 31.04
CA GLN D 604 -7.32 -23.77 30.60
C GLN D 604 -7.25 -22.42 29.90
N SER D 605 -7.91 -22.32 28.74
CA SER D 605 -7.83 -21.10 27.94
C SER D 605 -8.72 -19.99 28.45
N SER D 606 -9.59 -20.27 29.42
CA SER D 606 -10.38 -19.24 30.07
C SER D 606 -10.99 -19.81 31.32
N PHE D 607 -11.54 -18.93 32.14
CA PHE D 607 -12.50 -19.27 33.18
C PHE D 607 -13.67 -18.30 33.05
N LEU D 608 -14.80 -18.68 33.62
CA LEU D 608 -15.92 -17.78 33.82
C LEU D 608 -16.25 -17.75 35.29
N ASN D 609 -16.51 -16.56 35.83
CA ASN D 609 -16.87 -16.44 37.23
C ASN D 609 -18.14 -15.61 37.39
N ILE D 610 -18.95 -16.00 38.37
CA ILE D 610 -20.04 -15.15 38.83
C ILE D 610 -19.77 -14.78 40.29
N GLU D 611 -18.50 -14.49 40.59
CA GLU D 611 -18.12 -14.13 41.94
C GLU D 611 -18.40 -12.64 42.19
N LEU D 612 -18.66 -12.30 43.44
CA LEU D 612 -18.91 -10.93 43.84
C LEU D 612 -17.60 -10.30 44.34
N ILE D 613 -17.72 -9.14 44.98
CA ILE D 613 -16.59 -8.53 45.66
C ILE D 613 -16.23 -9.38 46.87
N SER D 614 -15.21 -8.98 47.61
CA SER D 614 -14.76 -9.75 48.77
C SER D 614 -15.89 -9.91 49.78
N GLU D 615 -16.00 -11.10 50.35
CA GLU D 615 -16.88 -11.30 51.49
C GLU D 615 -16.23 -10.87 52.80
N LYS D 616 -14.95 -10.51 52.78
CA LYS D 616 -14.27 -10.07 53.99
C LYS D 616 -14.43 -8.58 54.17
N THR D 617 -14.44 -8.14 55.44
CA THR D 617 -14.84 -6.77 55.76
C THR D 617 -13.73 -5.79 55.44
N ALA D 618 -14.13 -4.51 55.35
CA ALA D 618 -13.14 -3.45 55.16
C ALA D 618 -12.17 -3.38 56.34
N ALA D 619 -12.64 -3.73 57.53
CA ALA D 619 -11.73 -3.76 58.69
C ALA D 619 -10.66 -4.82 58.51
N TYR D 620 -11.04 -6.00 57.99
CA TYR D 620 -10.06 -7.04 57.72
C TYR D 620 -9.04 -6.57 56.70
N TRP D 621 -9.50 -5.95 55.61
CA TRP D 621 -8.57 -5.60 54.54
C TRP D 621 -7.66 -4.44 54.95
N CYS D 622 -8.20 -3.47 55.69
CA CYS D 622 -7.36 -2.34 56.08
C CYS D 622 -6.31 -2.75 57.11
N GLN D 623 -6.68 -3.59 58.08
CA GLN D 623 -5.67 -4.14 58.98
C GLN D 623 -4.66 -4.99 58.22
N SER D 624 -5.13 -5.73 57.22
CA SER D 624 -4.23 -6.56 56.42
C SER D 624 -3.24 -5.74 55.63
N VAL D 625 -3.69 -4.64 55.01
CA VAL D 625 -2.79 -3.77 54.25
C VAL D 625 -1.72 -3.19 55.17
N THR D 626 -2.11 -2.76 56.37
CA THR D 626 -1.12 -2.26 57.33
C THR D 626 -0.08 -3.33 57.65
N GLU D 627 -0.53 -4.57 57.89
CA GLU D 627 0.40 -5.66 58.19
C GLU D 627 1.31 -5.95 57.01
N LEU D 628 0.75 -6.03 55.81
CA LEU D 628 1.55 -6.38 54.64
C LEU D 628 2.56 -5.28 54.31
N LYS D 629 2.17 -4.01 54.47
CA LYS D 629 3.11 -2.94 54.19
C LYS D 629 4.16 -2.83 55.28
N ALA D 630 3.82 -3.19 56.52
CA ALA D 630 4.82 -3.23 57.57
C ALA D 630 5.90 -4.28 57.28
N ASP D 631 5.49 -5.45 56.80
CA ASP D 631 6.42 -6.57 56.59
C ASP D 631 7.05 -6.61 55.20
N PHE D 632 6.45 -5.95 54.20
CA PHE D 632 6.94 -5.99 52.83
C PHE D 632 6.97 -4.58 52.25
N PRO D 633 7.83 -3.70 52.79
CA PRO D 633 7.79 -2.29 52.37
C PRO D 633 8.12 -2.07 50.89
N ASP D 634 8.87 -2.96 50.26
CA ASP D 634 9.25 -2.77 48.87
C ASP D 634 8.25 -3.40 47.89
N ASN D 635 7.31 -4.20 48.38
CA ASN D 635 6.27 -4.74 47.53
C ASN D 635 5.06 -3.81 47.54
N ILE D 636 4.57 -3.46 46.35
CA ILE D 636 3.47 -2.51 46.23
C ILE D 636 2.16 -3.21 46.57
N VAL D 637 1.33 -2.57 47.39
CA VAL D 637 0.00 -3.08 47.72
C VAL D 637 -1.01 -2.04 47.29
N ILE D 638 -1.94 -2.44 46.42
CA ILE D 638 -2.98 -1.55 45.88
C ILE D 638 -4.32 -2.04 46.43
N ALA D 639 -5.04 -1.15 47.10
CA ALA D 639 -6.32 -1.50 47.68
C ALA D 639 -7.39 -1.32 46.61
N SER D 640 -8.09 -2.41 46.27
CA SER D 640 -9.22 -2.34 45.35
C SER D 640 -10.49 -2.14 46.16
N ILE D 641 -11.28 -1.13 45.78
CA ILE D 641 -12.44 -0.71 46.55
C ILE D 641 -13.61 -0.47 45.60
N MET D 642 -14.82 -0.62 46.13
CA MET D 642 -16.04 -0.40 45.36
C MET D 642 -17.09 0.23 46.24
N CYS D 643 -17.74 1.28 45.73
CA CYS D 643 -18.92 1.85 46.35
C CYS D 643 -20.00 1.95 45.29
N SER D 644 -21.24 2.18 45.75
CA SER D 644 -22.28 2.62 44.85
C SER D 644 -22.01 4.06 44.43
N TYR D 645 -22.84 4.58 43.53
CA TYR D 645 -22.63 5.92 43.00
C TYR D 645 -23.05 6.95 44.05
N ASN D 646 -22.15 7.16 45.01
CA ASN D 646 -22.43 8.05 46.13
C ASN D 646 -21.13 8.71 46.56
N LYS D 647 -21.12 10.05 46.58
CA LYS D 647 -19.88 10.79 46.85
C LYS D 647 -19.33 10.49 48.25
N ASN D 648 -20.19 10.53 49.26
CA ASN D 648 -19.71 10.38 50.63
C ASN D 648 -19.11 8.99 50.84
N ASP D 649 -19.72 7.96 50.23
CA ASP D 649 -19.22 6.61 50.35
C ASP D 649 -17.83 6.46 49.76
N TRP D 650 -17.66 6.91 48.50
CA TRP D 650 -16.36 6.78 47.86
C TRP D 650 -15.29 7.53 48.63
N MET D 651 -15.63 8.68 49.19
CA MET D 651 -14.66 9.46 49.94
C MET D 651 -14.33 8.78 51.26
N GLU D 652 -15.34 8.17 51.91
CA GLU D 652 -15.10 7.47 53.17
C GLU D 652 -14.21 6.25 52.96
N LEU D 653 -14.53 5.44 51.96
CA LEU D 653 -13.81 4.18 51.76
C LEU D 653 -12.39 4.43 51.25
N SER D 654 -12.23 5.35 50.30
CA SER D 654 -10.88 5.62 49.80
C SER D 654 -9.99 6.17 50.92
N ARG D 655 -10.55 6.98 51.82
CA ARG D 655 -9.75 7.53 52.91
C ARG D 655 -9.37 6.45 53.91
N LYS D 656 -10.27 5.49 54.16
CA LYS D 656 -9.95 4.37 55.05
C LYS D 656 -8.81 3.54 54.48
N ALA D 657 -8.86 3.25 53.18
CA ALA D 657 -7.81 2.43 52.58
C ALA D 657 -6.49 3.20 52.51
N GLU D 658 -6.54 4.51 52.25
CA GLU D 658 -5.32 5.30 52.26
C GLU D 658 -4.68 5.30 53.65
N ALA D 659 -5.49 5.47 54.70
CA ALA D 659 -4.97 5.55 56.06
C ALA D 659 -4.34 4.24 56.52
N SER D 660 -4.77 3.11 55.95
CA SER D 660 -4.19 1.81 56.28
C SER D 660 -2.82 1.61 55.66
N GLY D 661 -2.38 2.49 54.79
CA GLY D 661 -1.05 2.39 54.21
C GLY D 661 -0.98 1.89 52.79
N ALA D 662 -2.11 1.76 52.10
CA ALA D 662 -2.10 1.37 50.69
C ALA D 662 -1.22 2.31 49.87
N ASP D 663 -0.40 1.73 49.00
CA ASP D 663 0.44 2.54 48.12
C ASP D 663 -0.40 3.27 47.10
N ALA D 664 -1.52 2.68 46.70
CA ALA D 664 -2.42 3.23 45.70
C ALA D 664 -3.77 2.56 45.89
N LEU D 665 -4.77 3.11 45.23
CA LEU D 665 -6.11 2.53 45.18
C LEU D 665 -6.43 2.13 43.74
N GLU D 666 -7.26 1.10 43.61
CA GLU D 666 -7.87 0.74 42.34
C GLU D 666 -9.37 0.82 42.52
N LEU D 667 -10.04 1.59 41.66
CA LEU D 667 -11.48 1.77 41.79
C LEU D 667 -12.17 0.73 40.90
N ASN D 668 -12.90 -0.19 41.53
CA ASN D 668 -13.66 -1.16 40.77
C ASN D 668 -14.97 -0.50 40.33
N LEU D 669 -15.22 -0.49 39.01
CA LEU D 669 -16.34 0.26 38.44
C LEU D 669 -17.51 -0.63 38.07
N SER D 670 -17.67 -1.76 38.76
CA SER D 670 -18.71 -2.74 38.43
C SER D 670 -20.04 -2.47 39.12
N SER D 671 -20.13 -1.45 39.96
CA SER D 671 -21.37 -1.23 40.71
C SER D 671 -22.50 -0.85 39.74
N PRO D 672 -23.66 -1.48 39.84
CA PRO D 672 -24.78 -1.08 38.98
C PRO D 672 -25.32 0.28 39.40
N HIS D 673 -25.39 1.20 38.44
CA HIS D 673 -25.83 2.55 38.79
C HIS D 673 -27.33 2.61 39.06
N GLY D 674 -28.09 1.64 38.57
CA GLY D 674 -29.53 1.60 38.78
C GLY D 674 -30.22 2.84 38.25
N MET D 675 -29.99 3.17 36.99
CA MET D 675 -30.48 4.42 36.42
C MET D 675 -31.28 4.24 35.13
N GLY D 676 -31.44 3.01 34.66
CA GLY D 676 -32.23 2.77 33.46
C GLY D 676 -31.74 3.57 32.27
N GLU D 677 -32.68 4.19 31.56
CA GLU D 677 -32.35 4.99 30.38
C GLU D 677 -31.31 6.06 30.69
N ARG D 678 -31.33 6.61 31.89
CA ARG D 678 -30.43 7.71 32.24
C ARG D 678 -28.98 7.27 32.34
N GLY D 679 -28.70 5.97 32.38
CA GLY D 679 -27.33 5.49 32.43
C GLY D 679 -26.98 4.54 31.31
N MET D 680 -25.85 4.79 30.64
CA MET D 680 -25.37 3.88 29.59
C MET D 680 -25.03 2.53 30.20
N GLY D 681 -25.47 1.46 29.55
CA GLY D 681 -25.30 0.15 30.11
C GLY D 681 -25.95 0.05 31.48
N LEU D 682 -25.41 -0.82 32.31
CA LEU D 682 -25.91 -1.00 33.68
C LEU D 682 -24.90 -0.62 34.74
N ALA D 683 -23.60 -0.70 34.46
CA ALA D 683 -22.56 -0.51 35.47
C ALA D 683 -21.93 0.88 35.35
N CYS D 684 -21.37 1.33 36.47
CA CYS D 684 -20.80 2.67 36.53
C CYS D 684 -19.70 2.84 35.49
N GLY D 685 -18.89 1.81 35.29
CA GLY D 685 -17.79 1.87 34.34
C GLY D 685 -18.19 1.86 32.88
N GLN D 686 -19.48 1.79 32.58
CA GLN D 686 -19.96 1.84 31.21
C GLN D 686 -20.42 3.24 30.80
N ASP D 687 -20.24 4.22 31.67
CA ASP D 687 -20.75 5.58 31.45
C ASP D 687 -19.66 6.58 31.79
N PRO D 688 -19.15 7.33 30.81
CA PRO D 688 -18.03 8.25 31.09
C PRO D 688 -18.36 9.31 32.12
N GLU D 689 -19.59 9.81 32.16
CA GLU D 689 -19.94 10.85 33.12
C GLU D 689 -19.85 10.33 34.55
N LEU D 690 -20.29 9.09 34.78
CA LEU D 690 -20.23 8.52 36.12
C LEU D 690 -18.78 8.28 36.54
N VAL D 691 -17.96 7.77 35.62
CA VAL D 691 -16.54 7.52 35.93
C VAL D 691 -15.82 8.82 36.26
N ARG D 692 -16.06 9.88 35.47
CA ARG D 692 -15.40 11.15 35.72
C ARG D 692 -15.71 11.66 37.12
N ASN D 693 -16.97 11.56 37.53
CA ASN D 693 -17.38 12.05 38.84
C ASN D 693 -16.81 11.19 39.96
N ILE D 694 -16.80 9.86 39.79
CA ILE D 694 -16.22 8.99 40.82
C ILE D 694 -14.75 9.34 41.04
N CYS D 695 -13.99 9.48 39.95
CA CYS D 695 -12.59 9.84 40.07
C CYS D 695 -12.41 11.21 40.72
N ARG D 696 -13.29 12.16 40.40
CA ARG D 696 -13.22 13.47 41.02
C ARG D 696 -13.45 13.38 42.53
N TRP D 697 -14.39 12.53 42.95
CA TRP D 697 -14.67 12.36 44.36
C TRP D 697 -13.47 11.76 45.09
N VAL D 698 -12.85 10.74 44.48
CA VAL D 698 -11.70 10.09 45.13
C VAL D 698 -10.50 11.01 45.14
N ARG D 699 -10.28 11.75 44.05
CA ARG D 699 -9.13 12.65 43.97
C ARG D 699 -9.21 13.72 45.05
N GLN D 700 -10.42 14.20 45.32
CA GLN D 700 -10.65 15.15 46.41
C GLN D 700 -10.35 14.52 47.77
N ALA D 701 -10.54 13.21 47.89
CA ALA D 701 -10.52 12.57 49.21
C ALA D 701 -9.11 12.16 49.63
N VAL D 702 -8.28 11.68 48.69
CA VAL D 702 -7.01 11.07 49.04
C VAL D 702 -5.87 11.73 48.27
N GLN D 703 -4.65 11.55 48.80
CA GLN D 703 -3.45 12.08 48.16
C GLN D 703 -2.64 11.03 47.43
N ILE D 704 -2.83 9.75 47.73
CA ILE D 704 -2.07 8.67 47.08
C ILE D 704 -2.58 8.50 45.65
N PRO D 705 -1.81 7.87 44.76
CA PRO D 705 -2.33 7.63 43.40
C PRO D 705 -3.49 6.64 43.42
N PHE D 706 -4.36 6.76 42.42
CA PHE D 706 -5.42 5.78 42.28
C PHE D 706 -5.67 5.55 40.80
N PHE D 707 -6.21 4.36 40.51
CA PHE D 707 -6.39 3.89 39.15
C PHE D 707 -7.83 3.40 38.98
N ALA D 708 -8.45 3.76 37.86
CA ALA D 708 -9.79 3.31 37.55
C ALA D 708 -9.70 1.99 36.79
N LYS D 709 -10.34 0.94 37.29
CA LYS D 709 -10.38 -0.33 36.58
C LYS D 709 -11.51 -0.30 35.56
N LEU D 710 -11.15 -0.42 34.29
CA LEU D 710 -12.11 -0.27 33.21
C LEU D 710 -12.73 -1.62 32.87
N THR D 711 -14.00 -1.57 32.46
CA THR D 711 -14.63 -2.74 31.88
C THR D 711 -14.46 -2.74 30.37
N PRO D 712 -14.18 -3.89 29.77
CA PRO D 712 -14.13 -3.97 28.30
C PRO D 712 -15.49 -4.05 27.66
N ASN D 713 -16.55 -4.16 28.45
CA ASN D 713 -17.91 -4.32 27.93
C ASN D 713 -18.51 -2.95 27.63
N VAL D 714 -17.84 -2.20 26.77
CA VAL D 714 -18.25 -0.86 26.38
C VAL D 714 -17.95 -0.65 24.90
N THR D 715 -18.77 0.20 24.28
CA THR D 715 -18.55 0.57 22.88
C THR D 715 -17.19 1.22 22.68
N ASP D 716 -16.81 2.14 23.57
CA ASP D 716 -15.62 2.99 23.38
C ASP D 716 -14.88 3.10 24.71
N ILE D 717 -13.95 2.18 24.95
CA ILE D 717 -13.22 2.19 26.22
C ILE D 717 -12.33 3.42 26.35
N VAL D 718 -11.92 4.03 25.24
CA VAL D 718 -11.08 5.22 25.31
C VAL D 718 -11.84 6.37 25.97
N SER D 719 -13.13 6.51 25.66
CA SER D 719 -13.91 7.58 26.27
C SER D 719 -14.00 7.41 27.79
N ILE D 720 -14.03 6.17 28.27
CA ILE D 720 -14.05 5.94 29.71
C ILE D 720 -12.69 6.29 30.31
N ALA D 721 -11.61 5.85 29.67
CA ALA D 721 -10.26 6.16 30.18
C ALA D 721 -10.03 7.67 30.22
N ARG D 722 -10.46 8.38 29.19
CA ARG D 722 -10.30 9.83 29.15
C ARG D 722 -11.11 10.50 30.26
N ALA D 723 -12.31 9.98 30.53
CA ALA D 723 -13.11 10.54 31.63
C ALA D 723 -12.43 10.31 32.98
N ALA D 724 -11.85 9.12 33.16
CA ALA D 724 -11.09 8.86 34.38
C ALA D 724 -9.93 9.83 34.51
N LYS D 725 -9.18 10.04 33.42
CA LYS D 725 -8.08 10.98 33.45
C LYS D 725 -8.55 12.40 33.74
N GLU D 726 -9.65 12.81 33.10
CA GLU D 726 -10.20 14.15 33.34
C GLU D 726 -10.67 14.32 34.78
N GLY D 727 -11.17 13.25 35.40
CA GLY D 727 -11.61 13.32 36.78
C GLY D 727 -10.51 13.33 37.81
N GLY D 728 -9.28 13.03 37.41
CA GLY D 728 -8.15 13.07 38.32
C GLY D 728 -7.43 11.75 38.54
N ALA D 729 -7.82 10.67 37.87
CA ALA D 729 -7.14 9.39 38.07
C ALA D 729 -5.69 9.49 37.61
N ASP D 730 -4.83 8.70 38.25
CA ASP D 730 -3.42 8.66 37.93
C ASP D 730 -3.08 7.59 36.91
N GLY D 731 -4.07 6.79 36.52
CA GLY D 731 -3.89 5.74 35.56
C GLY D 731 -5.15 4.93 35.45
N VAL D 732 -5.12 3.94 34.56
CA VAL D 732 -6.24 3.03 34.41
C VAL D 732 -5.72 1.59 34.40
N THR D 733 -6.54 0.70 34.93
CA THR D 733 -6.33 -0.74 34.80
C THR D 733 -7.22 -1.25 33.68
N ALA D 734 -6.61 -1.90 32.69
CA ALA D 734 -7.32 -2.40 31.51
C ALA D 734 -6.90 -3.86 31.30
N THR D 735 -7.84 -4.80 31.45
CA THR D 735 -9.25 -4.55 31.76
C THR D 735 -9.82 -5.62 32.71
N ASN D 736 -11.05 -5.38 33.16
CA ASN D 736 -11.82 -6.38 33.89
C ASN D 736 -12.29 -7.46 32.92
N THR D 737 -13.14 -8.37 33.39
CA THR D 737 -13.55 -9.52 32.60
C THR D 737 -14.59 -9.14 31.55
N VAL D 738 -14.71 -10.00 30.55
CA VAL D 738 -15.64 -9.83 29.43
C VAL D 738 -16.95 -10.56 29.77
N SER D 739 -18.09 -9.90 29.55
CA SER D 739 -19.37 -10.52 29.86
C SER D 739 -19.64 -11.70 28.92
N GLY D 740 -20.01 -12.85 29.49
CA GLY D 740 -20.24 -14.02 28.68
C GLY D 740 -21.06 -15.08 29.38
N LEU D 741 -21.38 -16.12 28.62
CA LEU D 741 -21.96 -17.36 29.13
C LEU D 741 -21.13 -18.51 28.60
N MET D 742 -20.61 -19.35 29.50
CA MET D 742 -19.67 -20.38 29.09
C MET D 742 -20.31 -21.62 28.49
N GLY D 743 -21.62 -21.79 28.62
CA GLY D 743 -22.25 -22.86 27.89
C GLY D 743 -23.32 -23.62 28.66
N LEU D 744 -23.98 -24.52 27.96
CA LEU D 744 -25.06 -25.33 28.51
C LEU D 744 -24.77 -26.79 28.29
N LYS D 745 -25.32 -27.62 29.17
CA LYS D 745 -25.36 -29.05 28.92
C LYS D 745 -26.39 -29.36 27.83
N ALA D 746 -26.35 -30.60 27.34
CA ALA D 746 -27.25 -30.99 26.26
C ALA D 746 -28.71 -30.93 26.67
N ASP D 747 -29.03 -30.99 27.96
CA ASP D 747 -30.40 -30.86 28.41
C ASP D 747 -30.82 -29.41 28.62
N GLY D 748 -29.95 -28.44 28.30
CA GLY D 748 -30.27 -27.04 28.40
C GLY D 748 -29.89 -26.37 29.70
N THR D 749 -29.44 -27.14 30.70
CA THR D 749 -29.08 -26.52 31.97
C THR D 749 -27.70 -25.88 31.89
N PRO D 750 -27.49 -24.77 32.59
CA PRO D 750 -26.23 -24.03 32.48
C PRO D 750 -25.14 -24.58 33.39
N TRP D 751 -23.94 -24.09 33.14
CA TRP D 751 -22.81 -24.31 34.03
C TRP D 751 -22.04 -23.00 34.12
N PRO D 752 -21.92 -22.40 35.32
CA PRO D 752 -22.38 -22.93 36.60
C PRO D 752 -23.90 -22.97 36.77
N ALA D 753 -24.37 -23.97 37.49
CA ALA D 753 -25.78 -24.14 37.82
C ALA D 753 -25.93 -24.02 39.33
N VAL D 754 -26.76 -23.07 39.77
CA VAL D 754 -26.86 -22.71 41.18
C VAL D 754 -28.25 -23.08 41.69
N GLY D 755 -28.29 -23.83 42.80
CA GLY D 755 -29.53 -24.08 43.49
C GLY D 755 -30.34 -25.22 42.90
N ALA D 756 -31.51 -25.45 43.51
CA ALA D 756 -32.37 -26.51 43.03
C ALA D 756 -32.90 -26.20 41.63
N GLY D 757 -33.10 -24.93 41.31
CA GLY D 757 -33.53 -24.52 39.99
C GLY D 757 -32.47 -24.56 38.91
N LYS D 758 -31.22 -24.90 39.26
CA LYS D 758 -30.12 -24.96 38.31
C LYS D 758 -30.02 -23.66 37.51
N ARG D 759 -29.98 -22.56 38.24
CA ARG D 759 -30.02 -21.23 37.65
C ARG D 759 -28.60 -20.70 37.42
N THR D 760 -28.50 -19.70 36.54
CA THR D 760 -27.23 -19.01 36.35
C THR D 760 -27.51 -17.57 35.98
N THR D 761 -26.44 -16.80 35.87
CA THR D 761 -26.48 -15.43 35.38
C THR D 761 -25.25 -15.20 34.53
N TYR D 762 -25.25 -14.08 33.82
CA TYR D 762 -24.08 -13.73 33.01
C TYR D 762 -22.87 -13.53 33.91
N GLY D 763 -21.73 -14.08 33.50
CA GLY D 763 -20.50 -14.00 34.27
C GLY D 763 -19.40 -13.31 33.49
N GLY D 764 -18.22 -13.32 34.10
CA GLY D 764 -17.05 -12.67 33.51
C GLY D 764 -16.07 -13.71 33.00
N VAL D 765 -15.66 -13.56 31.75
CA VAL D 765 -14.65 -14.42 31.14
C VAL D 765 -13.27 -13.83 31.40
N SER D 766 -12.36 -14.65 31.89
CA SER D 766 -10.96 -14.29 32.13
C SER D 766 -10.06 -15.24 31.36
N GLY D 767 -8.77 -14.91 31.30
CA GLY D 767 -7.78 -15.83 30.77
C GLY D 767 -7.35 -15.50 29.35
N THR D 768 -6.66 -16.47 28.74
CA THR D 768 -6.03 -16.18 27.46
C THR D 768 -7.04 -15.97 26.35
N ALA D 769 -8.27 -16.49 26.53
CA ALA D 769 -9.32 -16.24 25.54
C ALA D 769 -9.64 -14.76 25.40
N ILE D 770 -9.41 -13.96 26.45
CA ILE D 770 -9.74 -12.53 26.36
C ILE D 770 -8.51 -11.67 26.12
N ARG D 771 -7.33 -12.26 25.97
CA ARG D 771 -6.15 -11.45 25.73
C ARG D 771 -6.25 -10.55 24.49
N PRO D 772 -6.80 -10.99 23.35
CA PRO D 772 -6.93 -10.03 22.23
C PRO D 772 -7.77 -8.81 22.58
N ILE D 773 -8.80 -8.98 23.41
CA ILE D 773 -9.64 -7.86 23.81
C ILE D 773 -8.87 -6.90 24.70
N ALA D 774 -8.11 -7.45 25.66
CA ALA D 774 -7.34 -6.61 26.56
C ALA D 774 -6.19 -5.93 25.82
N LEU D 775 -5.55 -6.63 24.88
CA LEU D 775 -4.47 -6.02 24.13
C LEU D 775 -4.97 -4.86 23.28
N ARG D 776 -6.16 -5.01 22.69
CA ARG D 776 -6.72 -3.90 21.94
C ARG D 776 -7.00 -2.72 22.86
N ALA D 777 -7.59 -2.98 24.03
CA ALA D 777 -7.90 -1.91 24.97
C ALA D 777 -6.63 -1.17 25.40
N VAL D 778 -5.58 -1.92 25.77
CA VAL D 778 -4.36 -1.28 26.23
C VAL D 778 -3.74 -0.43 25.12
N THR D 779 -3.64 -0.97 23.91
CA THR D 779 -3.02 -0.22 22.81
C THR D 779 -3.85 0.99 22.42
N THR D 780 -5.18 0.88 22.43
CA THR D 780 -5.97 2.01 21.94
C THR D 780 -6.00 3.13 22.98
N ILE D 781 -5.92 2.79 24.27
CA ILE D 781 -5.80 3.80 25.31
C ILE D 781 -4.42 4.46 25.27
N ALA D 782 -3.37 3.66 25.07
CA ALA D 782 -2.02 4.19 25.09
C ALA D 782 -1.77 5.14 23.91
N ARG D 783 -2.46 4.91 22.79
CA ARG D 783 -2.32 5.81 21.65
C ARG D 783 -3.13 7.08 21.84
N ALA D 784 -4.30 6.98 22.46
CA ALA D 784 -5.16 8.15 22.64
C ALA D 784 -4.63 9.05 23.74
N LEU D 785 -4.08 8.46 24.80
CA LEU D 785 -3.62 9.20 25.99
C LEU D 785 -2.15 8.88 26.20
N PRO D 786 -1.26 9.46 25.39
CA PRO D 786 0.16 9.08 25.46
C PRO D 786 0.75 9.37 26.83
N GLY D 787 1.38 8.35 27.41
CA GLY D 787 2.05 8.48 28.68
C GLY D 787 1.19 8.26 29.91
N PHE D 788 -0.12 8.18 29.75
CA PHE D 788 -1.02 7.90 30.87
C PHE D 788 -0.79 6.48 31.36
N PRO D 789 -0.45 6.28 32.64
CA PRO D 789 -0.13 4.93 33.11
C PRO D 789 -1.25 3.93 32.92
N ILE D 790 -0.90 2.73 32.46
CA ILE D 790 -1.83 1.63 32.26
C ILE D 790 -1.32 0.40 33.00
N LEU D 791 -2.16 -0.18 33.85
CA LEU D 791 -1.94 -1.50 34.42
C LEU D 791 -2.73 -2.50 33.60
N ALA D 792 -2.06 -3.49 33.02
CA ALA D 792 -2.72 -4.43 32.12
C ALA D 792 -3.23 -5.65 32.89
N THR D 793 -4.41 -6.14 32.50
CA THR D 793 -4.87 -7.45 32.94
C THR D 793 -5.64 -8.09 31.79
N GLY D 794 -5.54 -9.41 31.68
CA GLY D 794 -6.29 -10.13 30.67
C GLY D 794 -5.44 -11.14 29.92
N GLY D 795 -5.31 -12.34 30.48
CA GLY D 795 -4.60 -13.42 29.81
C GLY D 795 -3.09 -13.36 29.86
N ILE D 796 -2.52 -12.63 30.81
CA ILE D 796 -1.07 -12.62 30.96
C ILE D 796 -0.64 -13.90 31.68
N ASP D 797 0.20 -14.70 31.01
CA ASP D 797 0.56 -16.01 31.55
C ASP D 797 2.02 -16.39 31.29
N SER D 798 2.88 -15.42 31.00
CA SER D 798 4.27 -15.69 30.67
C SER D 798 5.00 -14.36 30.58
N ALA D 799 6.32 -14.41 30.66
CA ALA D 799 7.12 -13.22 30.40
C ALA D 799 6.87 -12.71 28.99
N GLU D 800 6.73 -13.62 28.03
CA GLU D 800 6.54 -13.22 26.64
C GLU D 800 5.24 -12.46 26.46
N SER D 801 4.14 -12.99 27.00
CA SER D 801 2.86 -12.29 26.88
C SER D 801 2.86 -11.01 27.69
N GLY D 802 3.53 -11.00 28.84
CA GLY D 802 3.70 -9.75 29.57
C GLY D 802 4.43 -8.69 28.76
N LEU D 803 5.50 -9.08 28.06
CA LEU D 803 6.23 -8.14 27.22
C LEU D 803 5.36 -7.61 26.08
N GLN D 804 4.39 -8.40 25.61
CA GLN D 804 3.46 -7.88 24.61
C GLN D 804 2.66 -6.70 25.18
N PHE D 805 2.24 -6.80 26.44
CA PHE D 805 1.48 -5.71 27.06
C PHE D 805 2.37 -4.51 27.35
N LEU D 806 3.61 -4.74 27.79
CA LEU D 806 4.55 -3.63 27.95
C LEU D 806 4.77 -2.92 26.63
N HIS D 807 5.01 -3.69 25.56
CA HIS D 807 5.16 -3.11 24.23
C HIS D 807 3.91 -2.35 23.81
N SER D 808 2.75 -2.75 24.32
CA SER D 808 1.49 -2.11 23.97
C SER D 808 1.21 -0.85 24.78
N GLY D 809 2.03 -0.51 25.76
CA GLY D 809 1.89 0.74 26.50
C GLY D 809 1.61 0.59 27.98
N ALA D 810 1.46 -0.63 28.49
CA ALA D 810 1.31 -0.80 29.93
C ALA D 810 2.67 -0.78 30.61
N SER D 811 2.66 -0.40 31.89
CA SER D 811 3.88 -0.35 32.70
C SER D 811 4.01 -1.54 33.64
N VAL D 812 2.88 -2.07 34.13
CA VAL D 812 2.87 -3.22 35.02
C VAL D 812 1.79 -4.18 34.56
N LEU D 813 1.83 -5.39 35.12
CA LEU D 813 1.15 -6.56 34.55
C LEU D 813 0.45 -7.32 35.65
N GLN D 814 -0.88 -7.32 35.66
CA GLN D 814 -1.67 -8.03 36.64
C GLN D 814 -2.05 -9.43 36.13
N VAL D 815 -2.10 -10.39 37.04
CA VAL D 815 -2.27 -11.80 36.70
C VAL D 815 -3.30 -12.44 37.64
N CYS D 816 -4.27 -13.15 37.06
CA CYS D 816 -5.19 -14.00 37.82
C CYS D 816 -5.22 -15.42 37.27
N SER D 817 -5.75 -15.56 36.04
CA SER D 817 -6.08 -16.88 35.54
C SER D 817 -4.86 -17.80 35.46
N ALA D 818 -3.67 -17.24 35.17
CA ALA D 818 -2.48 -18.08 35.09
C ALA D 818 -2.10 -18.65 36.45
N VAL D 819 -2.40 -17.96 37.54
CA VAL D 819 -2.19 -18.53 38.86
C VAL D 819 -3.27 -19.55 39.18
N GLN D 820 -4.52 -19.27 38.78
CA GLN D 820 -5.58 -20.26 38.95
C GLN D 820 -5.23 -21.57 38.26
N ASN D 821 -4.57 -21.47 37.10
CA ASN D 821 -4.12 -22.63 36.34
C ASN D 821 -2.90 -23.31 36.95
N GLN D 822 -2.30 -22.71 37.98
CA GLN D 822 -1.03 -23.21 38.49
C GLN D 822 -0.87 -22.89 39.98
N ASP D 823 0.00 -21.94 40.30
CA ASP D 823 0.28 -21.55 41.69
C ASP D 823 1.19 -20.32 41.65
N PHE D 824 1.52 -19.80 42.84
CA PHE D 824 2.26 -18.55 42.93
C PHE D 824 3.69 -18.63 42.39
N THR D 825 4.28 -19.83 42.31
CA THR D 825 5.69 -19.89 41.91
C THR D 825 5.92 -19.53 40.45
N VAL D 826 4.86 -19.35 39.65
CA VAL D 826 5.08 -18.90 38.27
C VAL D 826 5.81 -17.57 38.23
N ILE D 827 5.82 -16.82 39.32
CA ILE D 827 6.54 -15.53 39.33
C ILE D 827 8.02 -15.72 39.00
N GLN D 828 8.63 -16.83 39.45
CA GLN D 828 10.05 -17.02 39.14
C GLN D 828 10.25 -17.27 37.65
N ASP D 829 9.32 -17.96 37.01
CA ASP D 829 9.36 -18.09 35.55
C ASP D 829 9.24 -16.74 34.87
N TYR D 830 8.30 -15.91 35.34
CA TYR D 830 8.06 -14.63 34.67
C TYR D 830 9.26 -13.70 34.79
N CYS D 831 9.90 -13.65 35.97
CA CYS D 831 11.05 -12.77 36.14
C CYS D 831 12.27 -13.26 35.36
N THR D 832 12.61 -14.55 35.44
CA THR D 832 13.73 -15.01 34.63
C THR D 832 13.43 -14.89 33.15
N GLY D 833 12.18 -15.15 32.76
CA GLY D 833 11.82 -15.01 31.36
C GLY D 833 11.96 -13.58 30.87
N LEU D 834 11.53 -12.60 31.66
CA LEU D 834 11.63 -11.22 31.22
C LEU D 834 13.08 -10.76 31.19
N LYS D 835 13.88 -11.18 32.18
CA LYS D 835 15.31 -10.90 32.15
C LYS D 835 15.96 -11.43 30.87
N ALA D 836 15.62 -12.66 30.50
CA ALA D 836 16.25 -13.26 29.33
C ALA D 836 15.83 -12.55 28.04
N LEU D 837 14.55 -12.19 27.94
CA LEU D 837 14.06 -11.47 26.76
C LEU D 837 14.76 -10.12 26.60
N LEU D 838 14.96 -9.40 27.71
CA LEU D 838 15.66 -8.13 27.63
C LEU D 838 17.14 -8.32 27.33
N TYR D 839 17.78 -9.29 28.00
CA TYR D 839 19.19 -9.56 27.75
C TYR D 839 19.45 -9.87 26.28
N LEU D 840 18.60 -10.70 25.67
CA LEU D 840 18.88 -11.14 24.31
C LEU D 840 18.78 -10.00 23.31
N LYS D 841 18.04 -8.95 23.63
CA LYS D 841 17.94 -7.80 22.73
C LYS D 841 19.27 -7.08 22.55
N SER D 842 20.26 -7.35 23.41
CA SER D 842 21.57 -6.74 23.28
C SER D 842 22.57 -7.60 22.50
N ILE D 843 22.18 -8.79 22.09
CA ILE D 843 23.10 -9.75 21.49
C ILE D 843 22.91 -9.69 19.97
N GLU D 844 23.88 -9.09 19.26
CA GLU D 844 23.75 -8.94 17.82
C GLU D 844 23.68 -10.29 17.11
N GLU D 845 24.45 -11.27 17.59
CA GLU D 845 24.50 -12.56 16.93
C GLU D 845 23.18 -13.32 16.97
N LEU D 846 22.19 -12.83 17.72
CA LEU D 846 20.92 -13.51 17.86
C LEU D 846 19.73 -12.66 17.40
N GLN D 847 19.96 -11.63 16.56
CA GLN D 847 18.83 -10.87 16.00
C GLN D 847 17.83 -11.76 15.29
N GLY D 848 18.28 -12.87 14.72
CA GLY D 848 17.38 -13.72 13.94
C GLY D 848 16.38 -14.51 14.77
N TRP D 849 16.58 -14.57 16.08
CA TRP D 849 15.65 -15.26 16.96
C TRP D 849 14.41 -14.40 17.19
N ASP D 850 13.30 -15.07 17.47
CA ASP D 850 12.08 -14.41 17.95
C ASP D 850 12.04 -14.61 19.46
N GLY D 851 12.53 -13.62 20.20
CA GLY D 851 12.64 -13.78 21.64
C GLY D 851 13.61 -14.90 21.96
N GLN D 852 13.16 -15.87 22.75
CA GLN D 852 14.01 -16.99 23.11
C GLN D 852 13.93 -18.14 22.10
N SER D 853 13.22 -17.98 20.99
CA SER D 853 13.08 -19.06 20.01
C SER D 853 14.11 -18.91 18.91
N PRO D 854 14.98 -19.91 18.70
CA PRO D 854 15.86 -19.88 17.52
C PRO D 854 15.02 -19.87 16.25
N GLY D 855 15.61 -19.34 15.18
CA GLY D 855 14.98 -19.46 13.88
C GLY D 855 14.72 -20.91 13.54
N THR D 856 13.53 -21.23 13.05
CA THR D 856 13.19 -22.61 12.75
C THR D 856 13.92 -23.08 11.51
N GLU D 857 14.67 -24.17 11.62
CA GLU D 857 15.32 -24.77 10.47
C GLU D 857 14.61 -26.07 10.07
N SER D 858 14.84 -26.47 8.82
CA SER D 858 14.23 -27.66 8.26
C SER D 858 14.49 -28.87 9.15
N HIS D 859 13.41 -29.53 9.55
CA HIS D 859 13.52 -30.66 10.47
C HIS D 859 12.37 -31.62 10.21
N GLN D 860 12.60 -32.88 10.57
CA GLN D 860 11.52 -33.86 10.70
C GLN D 860 11.64 -34.45 12.10
N LYS D 861 10.62 -34.22 12.93
CA LYS D 861 10.62 -34.58 14.35
C LYS D 861 11.67 -33.82 15.14
N GLY D 862 11.91 -32.56 14.79
CA GLY D 862 12.95 -31.83 15.49
C GLY D 862 14.32 -32.44 15.38
N LYS D 863 14.55 -33.25 14.33
CA LYS D 863 15.88 -33.60 13.91
C LYS D 863 16.13 -32.97 12.56
N PRO D 864 17.22 -32.22 12.40
CA PRO D 864 17.43 -31.46 11.16
C PRO D 864 17.52 -32.39 9.97
N VAL D 865 16.98 -31.94 8.84
CA VAL D 865 17.05 -32.77 7.63
C VAL D 865 18.47 -32.74 7.09
N PRO D 866 18.97 -33.84 6.54
CA PRO D 866 20.31 -33.82 5.94
C PRO D 866 20.36 -32.86 4.75
N ARG D 867 21.46 -32.11 4.65
CA ARG D 867 21.66 -31.20 3.52
C ARG D 867 22.43 -31.96 2.45
N ILE D 868 21.68 -32.69 1.62
CA ILE D 868 22.24 -33.52 0.56
C ILE D 868 21.58 -33.14 -0.75
N ALA D 869 22.40 -32.87 -1.77
CA ALA D 869 21.86 -32.42 -3.05
C ALA D 869 20.91 -33.44 -3.66
N GLU D 870 21.27 -34.72 -3.58
CA GLU D 870 20.45 -35.78 -4.16
C GLU D 870 19.16 -36.03 -3.40
N LEU D 871 18.92 -35.35 -2.27
CA LEU D 871 17.68 -35.50 -1.52
C LEU D 871 16.69 -34.35 -1.73
N MET D 872 17.14 -33.21 -2.22
CA MET D 872 16.35 -31.98 -2.16
C MET D 872 15.97 -31.50 -3.56
N GLY D 873 14.75 -30.99 -3.68
CA GLY D 873 14.17 -30.76 -5.00
C GLY D 873 13.81 -32.04 -5.72
N LYS D 874 13.90 -33.18 -5.03
CA LYS D 874 13.59 -34.47 -5.62
C LYS D 874 12.22 -34.96 -5.20
N LYS D 875 11.58 -34.25 -4.27
CA LYS D 875 10.18 -34.47 -3.91
C LYS D 875 9.99 -35.92 -3.47
N LEU D 876 10.79 -36.28 -2.47
CA LEU D 876 10.77 -37.57 -1.82
C LEU D 876 10.19 -37.34 -0.42
N PRO D 877 8.90 -37.55 -0.23
CA PRO D 877 8.33 -37.41 1.11
C PRO D 877 8.81 -38.55 2.01
N ASN D 878 8.52 -38.41 3.29
CA ASN D 878 9.09 -39.32 4.29
C ASN D 878 8.19 -40.53 4.55
N PHE D 879 7.74 -41.19 3.48
CA PHE D 879 6.94 -42.41 3.62
C PHE D 879 7.10 -43.27 2.38
N GLY D 880 6.66 -44.52 2.50
CA GLY D 880 6.55 -45.42 1.37
C GLY D 880 7.86 -45.63 0.62
N PRO D 881 7.76 -45.83 -0.70
CA PRO D 881 8.98 -46.03 -1.50
C PRO D 881 9.88 -44.82 -1.53
N TYR D 882 9.33 -43.62 -1.32
CA TYR D 882 10.15 -42.43 -1.27
C TYR D 882 11.08 -42.47 -0.07
N LEU D 883 10.55 -42.92 1.08
CA LEU D 883 11.37 -43.10 2.27
C LEU D 883 12.51 -44.09 2.04
N GLU D 884 12.20 -45.23 1.39
CA GLU D 884 13.25 -46.20 1.07
C GLU D 884 14.33 -45.56 0.22
N GLN D 885 13.94 -44.75 -0.78
CA GLN D 885 14.92 -44.05 -1.60
C GLN D 885 15.73 -43.05 -0.78
N ARG D 886 15.06 -42.34 0.13
CA ARG D 886 15.78 -41.41 1.00
C ARG D 886 16.83 -42.13 1.84
N LYS D 887 16.48 -43.30 2.39
CA LYS D 887 17.44 -44.03 3.21
C LYS D 887 18.61 -44.54 2.37
N LYS D 888 18.35 -44.93 1.12
CA LYS D 888 19.41 -45.34 0.22
C LYS D 888 20.37 -44.18 -0.06
N ILE D 889 19.81 -42.97 -0.26
CA ILE D 889 20.65 -41.81 -0.55
C ILE D 889 21.47 -41.41 0.67
N ILE D 890 20.84 -41.40 1.86
CA ILE D 890 21.56 -41.03 3.07
C ILE D 890 22.71 -42.01 3.33
N ALA D 891 22.45 -43.31 3.15
CA ALA D 891 23.48 -44.32 3.41
C ALA D 891 24.63 -44.20 2.42
N GLU D 892 24.34 -43.90 1.15
CA GLU D 892 25.39 -43.71 0.17
C GLU D 892 26.22 -42.48 0.51
N GLU D 893 25.60 -41.44 1.06
CA GLU D 893 26.34 -40.24 1.45
C GLU D 893 27.26 -40.53 2.63
N LYS D 894 26.80 -41.34 3.60
CA LYS D 894 27.67 -41.68 4.73
C LYS D 894 28.90 -42.44 4.27
N MET D 895 28.77 -43.29 3.24
CA MET D 895 29.94 -43.99 2.72
C MET D 895 30.87 -43.05 1.97
N ARG D 896 30.33 -41.97 1.41
CA ARG D 896 31.15 -40.93 0.81
C ARG D 896 31.89 -40.11 1.86
N LEU D 897 31.23 -39.80 2.98
CA LEU D 897 31.88 -39.04 4.04
C LEU D 897 33.00 -39.84 4.69
N LYS D 898 32.88 -41.17 4.71
CA LYS D 898 34.01 -42.00 5.09
C LYS D 898 35.17 -41.84 4.12
N GLU D 899 34.86 -41.59 2.84
CA GLU D 899 35.84 -41.57 1.78
C GLU D 899 36.13 -40.16 1.26
N GLN D 900 36.11 -39.16 2.16
CA GLN D 900 36.63 -37.85 1.78
C GLN D 900 37.16 -37.20 3.05
N ASN D 901 37.57 -35.94 2.96
CA ASN D 901 38.41 -35.18 3.88
C ASN D 901 37.73 -34.89 5.28
N ALA D 902 36.55 -35.39 5.64
CA ALA D 902 35.87 -34.99 6.88
C ALA D 902 36.78 -35.09 8.11
N ALA D 903 37.15 -33.94 8.68
CA ALA D 903 37.94 -33.87 9.91
C ALA D 903 38.22 -32.43 10.31
N PHE D 904 37.32 -31.81 11.07
CA PHE D 904 37.60 -30.50 11.65
C PHE D 904 36.84 -30.35 12.96
N PRO D 905 37.54 -30.34 14.10
CA PRO D 905 36.85 -30.11 15.37
C PRO D 905 36.14 -28.78 15.36
N PRO D 906 35.06 -28.65 16.13
CA PRO D 906 34.31 -27.40 16.12
C PRO D 906 35.15 -26.24 16.63
N LEU D 907 34.95 -25.07 16.04
CA LEU D 907 35.60 -23.86 16.53
C LEU D 907 35.25 -23.64 17.99
N GLU D 908 36.21 -23.13 18.76
CA GLU D 908 36.08 -23.06 20.20
C GLU D 908 35.13 -21.94 20.61
N ARG D 909 34.14 -22.29 21.45
CA ARG D 909 33.10 -21.37 21.85
C ARG D 909 33.67 -20.13 22.55
N LYS D 910 33.30 -18.96 22.06
CA LYS D 910 33.51 -17.70 22.75
C LYS D 910 32.15 -17.07 23.00
N PRO D 911 31.78 -16.74 24.24
CA PRO D 911 30.43 -16.26 24.52
C PRO D 911 30.14 -14.95 23.79
N PHE D 912 28.88 -14.79 23.36
CA PHE D 912 28.47 -13.52 22.79
C PHE D 912 28.50 -12.42 23.83
N ILE D 913 28.91 -11.23 23.40
CA ILE D 913 29.04 -10.06 24.25
C ILE D 913 27.90 -9.11 23.91
N PRO D 914 27.20 -8.54 24.90
CA PRO D 914 26.25 -7.46 24.60
C PRO D 914 26.97 -6.31 23.90
N LYS D 915 26.36 -5.81 22.84
CA LYS D 915 26.98 -4.79 22.01
C LYS D 915 26.16 -3.49 22.00
N LYS D 916 25.31 -3.32 22.99
CA LYS D 916 24.47 -2.15 23.23
C LYS D 916 23.79 -2.38 24.56
N PRO D 917 23.50 -1.33 25.34
CA PRO D 917 22.98 -1.52 26.69
C PRO D 917 21.72 -2.39 26.73
N ILE D 918 21.61 -3.17 27.79
CA ILE D 918 20.40 -3.95 28.03
C ILE D 918 19.22 -3.00 28.21
N PRO D 919 18.12 -3.16 27.48
CA PRO D 919 16.98 -2.26 27.70
C PRO D 919 16.41 -2.44 29.11
N ALA D 920 16.04 -1.32 29.72
CA ALA D 920 15.21 -1.34 30.90
C ALA D 920 13.75 -1.42 30.50
N ILE D 921 12.87 -1.69 31.47
CA ILE D 921 11.44 -1.75 31.19
C ILE D 921 10.96 -0.45 30.56
N LYS D 922 11.42 0.69 31.09
CA LYS D 922 10.96 1.98 30.55
C LYS D 922 11.35 2.13 29.08
N ASP D 923 12.42 1.44 28.64
CA ASP D 923 12.86 1.54 27.26
C ASP D 923 11.97 0.75 26.28
N VAL D 924 11.19 -0.21 26.77
CA VAL D 924 10.36 -1.00 25.86
C VAL D 924 8.88 -0.60 25.87
N ILE D 925 8.43 0.14 26.89
CA ILE D 925 7.01 0.47 27.00
C ILE D 925 6.54 1.23 25.77
N GLY D 926 5.48 0.74 25.16
CA GLY D 926 4.83 1.41 24.05
C GLY D 926 5.53 1.29 22.72
N LYS D 927 6.55 0.44 22.59
CA LYS D 927 7.28 0.42 21.32
C LYS D 927 6.51 -0.26 20.19
N ALA D 928 5.41 -0.96 20.49
CA ALA D 928 4.61 -1.52 19.41
C ALA D 928 3.65 -0.50 18.80
N LEU D 929 3.45 0.65 19.44
CA LEU D 929 2.36 1.54 19.02
C LEU D 929 2.64 2.14 17.65
N GLN D 930 3.92 2.26 17.26
CA GLN D 930 4.27 2.80 15.95
C GLN D 930 3.72 1.95 14.81
N TYR D 931 3.47 0.66 15.04
CA TYR D 931 3.01 -0.24 14.00
C TYR D 931 1.50 -0.25 13.85
N LEU D 932 0.77 0.38 14.77
CA LEU D 932 -0.68 0.29 14.81
C LEU D 932 -1.33 1.53 14.23
N GLY D 933 -2.42 1.34 13.52
CA GLY D 933 -3.18 2.45 13.00
C GLY D 933 -4.46 1.97 12.34
N THR D 934 -4.98 2.82 11.45
CA THR D 934 -6.20 2.50 10.72
C THR D 934 -5.91 1.53 9.58
N PHE D 935 -6.98 1.00 8.99
CA PHE D 935 -6.79 0.14 7.83
C PHE D 935 -6.20 0.93 6.67
N GLY D 936 -6.58 2.21 6.54
CA GLY D 936 -6.06 3.05 5.47
C GLY D 936 -4.56 3.27 5.53
N GLU D 937 -3.93 3.03 6.69
CA GLU D 937 -2.49 3.15 6.82
C GLU D 937 -1.75 1.86 6.45
N LEU D 938 -2.45 0.85 5.94
CA LEU D 938 -1.84 -0.39 5.50
C LEU D 938 -1.67 -0.38 3.99
N SER D 939 -0.54 -0.91 3.52
CA SER D 939 -0.23 -0.92 2.10
C SER D 939 -0.90 -2.10 1.41
N ASN D 940 -1.63 -1.84 0.32
CA ASN D 940 -2.20 -2.91 -0.49
C ASN D 940 -1.39 -3.19 -1.76
N ILE D 941 -0.25 -2.53 -1.94
CA ILE D 941 0.65 -2.90 -3.02
C ILE D 941 1.66 -3.95 -2.56
N GLU D 942 1.95 -4.00 -1.25
CA GLU D 942 2.93 -4.93 -0.70
C GLU D 942 2.23 -6.24 -0.34
N GLN D 943 1.84 -6.97 -1.38
CA GLN D 943 1.14 -8.23 -1.19
C GLN D 943 2.14 -9.37 -1.00
N VAL D 944 1.67 -10.44 -0.34
CA VAL D 944 2.48 -11.60 -0.05
C VAL D 944 1.81 -12.84 -0.62
N VAL D 945 2.59 -13.91 -0.72
CA VAL D 945 2.09 -15.23 -1.08
C VAL D 945 2.72 -16.25 -0.13
N ALA D 946 2.06 -17.39 0.01
CA ALA D 946 2.60 -18.47 0.83
C ALA D 946 3.59 -19.30 0.02
N VAL D 947 4.61 -19.82 0.71
CA VAL D 947 5.53 -20.79 0.13
C VAL D 947 5.82 -21.86 1.18
N ILE D 948 5.86 -23.10 0.74
CA ILE D 948 5.92 -24.27 1.61
C ILE D 948 7.30 -24.90 1.51
N ASP D 949 7.92 -25.15 2.67
CA ASP D 949 9.17 -25.89 2.72
C ASP D 949 8.82 -27.38 2.70
N GLU D 950 9.05 -28.03 1.56
CA GLU D 950 8.64 -29.42 1.40
C GLU D 950 9.36 -30.35 2.37
N GLU D 951 10.59 -30.03 2.77
CA GLU D 951 11.29 -30.92 3.67
C GLU D 951 10.75 -30.87 5.09
N MET D 952 9.95 -29.87 5.43
CA MET D 952 9.34 -29.77 6.75
C MET D 952 7.91 -30.31 6.78
N CYS D 953 7.32 -30.53 5.61
CA CYS D 953 5.91 -30.88 5.50
C CYS D 953 5.65 -32.30 6.02
N ILE D 954 4.50 -32.51 6.65
CA ILE D 954 4.12 -33.85 7.06
C ILE D 954 2.85 -34.34 6.34
N ASN D 955 2.52 -33.70 5.21
CA ASN D 955 1.71 -34.30 4.15
C ASN D 955 0.24 -34.41 4.49
N CYS D 956 -0.24 -33.59 5.44
CA CYS D 956 -1.60 -33.70 5.95
C CYS D 956 -2.64 -33.07 5.02
N GLY D 957 -2.24 -32.13 4.17
CA GLY D 957 -3.18 -31.49 3.28
C GLY D 957 -4.11 -30.49 3.92
N LYS D 958 -3.83 -30.04 5.15
CA LYS D 958 -4.72 -29.06 5.77
C LYS D 958 -4.63 -27.71 5.06
N CYS D 959 -3.42 -27.32 4.63
CA CYS D 959 -3.30 -26.12 3.82
C CYS D 959 -4.20 -26.22 2.59
N TYR D 960 -4.22 -27.40 1.97
CA TYR D 960 -5.03 -27.66 0.78
C TYR D 960 -6.52 -27.53 1.07
N MET D 961 -6.99 -28.16 2.14
CA MET D 961 -8.42 -28.13 2.45
C MET D 961 -8.87 -26.74 2.87
N THR D 962 -8.02 -26.00 3.57
CA THR D 962 -8.41 -24.66 4.01
C THR D 962 -8.45 -23.68 2.84
N CYS D 963 -7.48 -23.78 1.92
CA CYS D 963 -7.57 -22.95 0.73
C CYS D 963 -8.75 -23.37 -0.14
N ASN D 964 -9.11 -24.65 -0.14
CA ASN D 964 -10.18 -25.09 -1.02
C ASN D 964 -11.55 -24.62 -0.53
N ASP D 965 -11.84 -24.78 0.76
CA ASP D 965 -13.16 -24.49 1.28
C ASP D 965 -13.21 -23.21 2.09
N SER D 966 -12.10 -22.49 2.22
CA SER D 966 -12.08 -21.20 2.89
C SER D 966 -11.20 -20.19 2.17
N GLY D 967 -10.75 -20.49 0.95
CA GLY D 967 -9.84 -19.60 0.27
C GLY D 967 -9.99 -19.56 -1.23
N TYR D 968 -8.91 -19.81 -1.96
CA TYR D 968 -8.85 -19.47 -3.38
C TYR D 968 -8.43 -20.65 -4.26
N GLN D 969 -8.52 -21.87 -3.73
CA GLN D 969 -8.25 -23.08 -4.51
C GLN D 969 -6.89 -22.97 -5.21
N ALA D 970 -5.89 -22.50 -4.48
CA ALA D 970 -4.62 -22.10 -5.04
C ALA D 970 -3.52 -23.11 -4.82
N ILE D 971 -3.78 -24.20 -4.09
CA ILE D 971 -2.76 -25.19 -3.74
C ILE D 971 -3.02 -26.47 -4.51
N GLN D 972 -1.98 -26.98 -5.18
CA GLN D 972 -1.98 -28.34 -5.73
C GLN D 972 -1.51 -29.31 -4.67
N PHE D 973 -2.21 -30.43 -4.52
CA PHE D 973 -1.86 -31.47 -3.56
C PHE D 973 -1.60 -32.74 -4.33
N ASP D 974 -0.34 -33.19 -4.38
CA ASP D 974 0.01 -34.31 -5.26
C ASP D 974 -0.60 -35.62 -4.76
N PRO D 975 -1.27 -36.38 -5.63
CA PRO D 975 -1.93 -37.61 -5.17
C PRO D 975 -0.98 -38.76 -4.85
N GLU D 976 0.28 -38.70 -5.31
CA GLU D 976 1.25 -39.76 -5.02
C GLU D 976 2.14 -39.42 -3.83
N THR D 977 2.63 -38.19 -3.76
CA THR D 977 3.55 -37.79 -2.68
C THR D 977 2.85 -37.09 -1.52
N HIS D 978 1.61 -36.64 -1.71
CA HIS D 978 0.92 -35.81 -0.72
C HIS D 978 1.76 -34.58 -0.36
N LEU D 979 2.44 -34.02 -1.37
CA LEU D 979 3.13 -32.75 -1.18
C LEU D 979 2.31 -31.62 -1.76
N PRO D 980 2.17 -30.52 -1.03
CA PRO D 980 1.48 -29.34 -1.54
C PRO D 980 2.42 -28.37 -2.23
N THR D 981 1.89 -27.66 -3.22
CA THR D 981 2.58 -26.56 -3.87
C THR D 981 1.62 -25.38 -4.02
N VAL D 982 2.05 -24.22 -3.56
CA VAL D 982 1.25 -23.01 -3.72
C VAL D 982 1.45 -22.48 -5.14
N THR D 983 0.35 -22.17 -5.83
CA THR D 983 0.42 -21.68 -7.19
C THR D 983 0.30 -20.15 -7.19
N ASP D 984 0.31 -19.58 -8.40
CA ASP D 984 0.32 -18.12 -8.53
C ASP D 984 -1.03 -17.48 -8.22
N THR D 985 -2.12 -18.26 -8.13
CA THR D 985 -3.41 -17.70 -7.76
C THR D 985 -3.52 -17.39 -6.27
N CYS D 986 -2.46 -17.59 -5.50
CA CYS D 986 -2.47 -17.26 -4.09
C CYS D 986 -2.71 -15.77 -3.92
N THR D 987 -3.52 -15.42 -2.91
CA THR D 987 -3.78 -14.03 -2.57
C THR D 987 -3.08 -13.60 -1.28
N GLY D 988 -2.36 -14.50 -0.63
CA GLY D 988 -1.71 -14.18 0.63
C GLY D 988 -2.63 -14.04 1.82
N CYS D 989 -3.83 -14.61 1.75
CA CYS D 989 -4.79 -14.49 2.85
C CYS D 989 -4.20 -14.98 4.18
N THR D 990 -3.39 -16.04 4.14
CA THR D 990 -2.55 -16.56 5.23
C THR D 990 -3.30 -17.62 6.07
N LEU D 991 -4.47 -18.08 5.62
CA LEU D 991 -5.11 -19.20 6.31
C LEU D 991 -4.28 -20.47 6.30
N CYS D 992 -3.61 -20.78 5.20
CA CYS D 992 -2.89 -22.06 5.14
C CYS D 992 -1.79 -22.10 6.21
N LEU D 993 -1.00 -21.04 6.28
CA LEU D 993 0.02 -20.94 7.33
C LEU D 993 -0.61 -21.05 8.71
N SER D 994 -1.81 -20.49 8.87
CA SER D 994 -2.46 -20.42 10.16
C SER D 994 -2.96 -21.78 10.65
N VAL D 995 -3.21 -22.73 9.76
CA VAL D 995 -3.70 -24.05 10.14
C VAL D 995 -2.63 -25.13 10.03
N CYS D 996 -1.45 -24.81 9.52
CA CYS D 996 -0.41 -25.83 9.34
C CYS D 996 0.10 -26.32 10.70
N PRO D 997 0.21 -27.64 10.90
CA PRO D 997 0.69 -28.14 12.20
C PRO D 997 2.17 -27.91 12.46
N ILE D 998 2.97 -27.63 11.44
CA ILE D 998 4.41 -27.50 11.56
C ILE D 998 4.77 -26.02 11.59
N ILE D 999 5.37 -25.58 12.70
CA ILE D 999 5.76 -24.19 12.84
C ILE D 999 6.74 -23.81 11.74
N ASP D 1000 6.42 -22.75 11.00
CA ASP D 1000 7.28 -22.16 9.98
C ASP D 1000 7.54 -23.07 8.79
N CYS D 1001 6.72 -24.12 8.60
CA CYS D 1001 6.78 -24.87 7.36
C CYS D 1001 6.27 -24.02 6.19
N ILE D 1002 5.19 -23.28 6.42
CA ILE D 1002 4.68 -22.29 5.48
C ILE D 1002 5.15 -20.92 5.94
N ARG D 1003 5.58 -20.10 4.99
CA ARG D 1003 6.02 -18.74 5.26
C ARG D 1003 5.40 -17.80 4.23
N MET D 1004 5.08 -16.58 4.66
CA MET D 1004 4.61 -15.55 3.73
C MET D 1004 5.80 -14.76 3.21
N VAL D 1005 5.89 -14.62 1.89
CA VAL D 1005 6.98 -13.91 1.24
C VAL D 1005 6.39 -12.92 0.25
N SER D 1006 7.19 -11.89 -0.08
CA SER D 1006 6.73 -10.86 -1.00
C SER D 1006 6.35 -11.47 -2.35
N ARG D 1007 5.22 -11.02 -2.89
CA ARG D 1007 4.84 -11.35 -4.26
C ARG D 1007 5.95 -10.91 -5.22
N THR D 1008 6.27 -11.79 -6.18
CA THR D 1008 7.17 -11.43 -7.26
C THR D 1008 6.47 -11.32 -8.61
N THR D 1009 5.18 -11.65 -8.68
CA THR D 1009 4.41 -11.63 -9.90
C THR D 1009 3.31 -10.58 -9.84
N PRO D 1010 2.78 -10.15 -10.98
CA PRO D 1010 1.72 -9.13 -10.96
C PRO D 1010 0.54 -9.56 -10.11
N TYR D 1011 -0.06 -8.59 -9.41
CA TYR D 1011 -1.19 -8.84 -8.53
C TYR D 1011 -2.44 -8.18 -9.08
N GLU D 1012 -3.51 -8.96 -9.21
CA GLU D 1012 -4.82 -8.47 -9.62
C GLU D 1012 -5.85 -9.02 -8.65
N PRO D 1013 -6.62 -8.17 -7.97
CA PRO D 1013 -7.73 -8.69 -7.16
C PRO D 1013 -8.72 -9.46 -8.02
N LYS D 1014 -9.25 -10.54 -7.45
CA LYS D 1014 -10.22 -11.40 -8.13
C LYS D 1014 -11.60 -10.78 -7.97
N ARG D 1015 -12.16 -10.22 -9.04
CA ARG D 1015 -13.39 -9.46 -8.93
C ARG D 1015 -14.63 -10.19 -9.48
N GLY D 1016 -14.46 -11.42 -9.97
CA GLY D 1016 -15.60 -12.22 -10.35
C GLY D 1016 -16.17 -11.94 -11.72
N LEU D 1017 -16.52 -10.68 -11.98
CA LEU D 1017 -17.01 -10.17 -13.25
C LEU D 1017 -16.36 -8.82 -13.48
N PRO D 1018 -16.18 -8.41 -14.74
CA PRO D 1018 -15.60 -7.08 -15.00
C PRO D 1018 -16.49 -5.98 -14.45
N LEU D 1019 -15.86 -4.90 -14.00
CA LEU D 1019 -16.58 -3.73 -13.52
C LEU D 1019 -17.17 -2.96 -14.70
#